data_8VGJ
#
_entry.id   8VGJ
#
_cell.length_a   1.00
_cell.length_b   1.00
_cell.length_c   1.00
_cell.angle_alpha   90.00
_cell.angle_beta   90.00
_cell.angle_gamma   90.00
#
_symmetry.space_group_name_H-M   'P 1'
#
loop_
_entity.id
_entity.type
_entity.pdbx_description
1 polymer 'Tryptase alpha/beta-1'
2 polymer 'Fab E104.v1.4DS light chain'
3 polymer 'Fab E104.v1.4DS heavy chain'
4 water water
#
loop_
_entity_poly.entity_id
_entity_poly.type
_entity_poly.pdbx_seq_one_letter_code
_entity_poly.pdbx_strand_id
1 'polypeptide(L)'
;AGSTHHHHHHDDDDKIVGGQEAPRSKWPWQVSLRVHGPYWMHFCGGSLIHPQWVLTAAHCVGPDVKDLAALRVQLREQHL
YYQDQLLPVSRIIVHPQFYTAQIGADIALLELEEPVNVSSHVHTVTLPPASETFPPGMPCWVTGWGDVDNDERLPPPFPL
KQVKVPIMENHICDAKYHLGAYTGDDVRIVRDDMLCAGNTRRDSCQGDSGGPLVCKVNGTWLQAGVVSWGEGCAQPNRPG
IYTRVTYYLDWIHHYVPKKP
;
A,B,C,D
2 'polypeptide(L)'
;DIQMTQSPSSLSASVGDRVTITCQSIKSVYNNRLGWYQQKCGKAPKLLIYETSILTSGVPSRFSGSGSGTDFTLTISSLQ
CEDFATYYCAGGFDRSGDTTFGQGTKVEIKRTVAAPSVFIFPPSDEQLKSGTASVVCLLNNFYPREAKVQWKVDNALQSG
NSQESVTCQDSKDCTYSLSSTLTLSKADYEKHKVYACEVTHQGLSSPVTKSFNRGEC
;
E,G,I,L
3 'polypeptide(L)'
;EVQLVESGPGCVKPSETLSLTCTVSRFSLIGYAITWIRQPPGKGLEWIGGISSAATTFYSSWAKSRVTISVDTSKNQFSL
KLSSVTAADTAVYYCARDPRGYGAALDRLDLWGQGTCVTVSSFSTKGPSVFPLAPSSKSTSGGTAALGCLVKDYFCECPV
TVSWNSGALTSGVHTFPAVLQSSGLYSLSSVVTVPSSSLGTQTYICNVNHKPSNTKVDKKVEPKSCDKTHTHHHHHHP
;
F,H,J,K
#
# COMPACT_ATOMS: atom_id res chain seq x y z
N ILE A 16 -9.36 20.05 -4.31
CA ILE A 16 -9.80 20.97 -5.33
C ILE A 16 -9.10 20.63 -6.62
N VAL A 17 -9.87 20.36 -7.66
CA VAL A 17 -9.38 20.06 -8.99
C VAL A 17 -9.45 21.33 -9.80
N GLY A 18 -8.37 21.70 -10.43
CA GLY A 18 -8.25 22.99 -11.05
C GLY A 18 -7.97 24.06 -10.01
N GLY A 19 -8.11 25.30 -10.44
CA GLY A 19 -7.99 26.43 -9.55
C GLY A 19 -6.61 26.75 -8.99
N GLN A 20 -6.50 27.92 -8.39
CA GLN A 20 -5.26 28.48 -7.89
C GLN A 20 -5.07 28.15 -6.40
N GLU A 21 -4.16 28.85 -5.77
CA GLU A 21 -4.02 28.87 -4.33
C GLU A 21 -4.79 30.08 -3.84
N ALA A 22 -4.97 30.16 -2.61
CA ALA A 22 -5.87 31.21 -2.21
C ALA A 22 -5.14 32.40 -1.62
N PRO A 23 -5.59 33.61 -1.95
CA PRO A 23 -5.08 34.81 -1.28
C PRO A 23 -5.11 34.67 0.24
N ARG A 24 -4.22 35.36 0.91
CA ARG A 24 -4.10 35.19 2.33
C ARG A 24 -5.16 35.91 3.10
N SER A 25 -6.22 36.35 2.46
CA SER A 25 -7.32 36.99 3.18
C SER A 25 -8.64 36.75 2.50
N LYS A 26 -8.86 35.60 1.90
CA LYS A 26 -10.04 35.53 1.08
C LYS A 26 -11.16 34.65 1.56
N TRP A 27 -10.96 33.76 2.53
CA TRP A 27 -12.09 32.95 2.99
C TRP A 27 -11.95 32.82 4.49
N PRO A 28 -12.23 33.88 5.23
CA PRO A 28 -11.96 33.88 6.66
C PRO A 28 -12.82 32.92 7.45
N TRP A 29 -13.67 32.13 6.80
CA TRP A 29 -14.63 31.29 7.49
C TRP A 29 -14.29 29.81 7.34
N GLN A 30 -13.22 29.48 6.61
CA GLN A 30 -12.87 28.11 6.31
C GLN A 30 -12.36 27.42 7.57
N VAL A 31 -12.81 26.19 7.78
CA VAL A 31 -12.47 25.38 8.94
C VAL A 31 -11.87 24.05 8.50
N SER A 32 -10.91 23.56 9.26
CA SER A 32 -10.36 22.23 9.08
C SER A 32 -10.76 21.34 10.26
N LEU A 33 -11.28 20.15 9.99
CA LEU A 33 -11.56 19.15 11.02
C LEU A 33 -10.42 18.15 11.13
N ARG A 34 -9.97 17.89 12.36
CA ARG A 34 -8.82 17.03 12.66
C ARG A 34 -9.24 15.80 13.45
N VAL A 35 -8.63 14.67 13.12
CA VAL A 35 -8.85 13.42 13.84
C VAL A 35 -7.56 12.98 14.51
N HIS A 36 -7.67 12.44 15.71
CA HIS A 36 -6.51 11.99 16.46
C HIS A 36 -5.86 10.75 15.84
N GLY A 37 -4.56 10.61 16.05
CA GLY A 37 -3.77 9.53 15.54
C GLY A 37 -2.31 9.73 15.87
N PRO A 38 -1.42 9.34 14.96
CA PRO A 38 -0.01 9.75 15.09
C PRO A 38 0.17 11.25 15.04
N TYR A 39 -0.77 11.97 14.45
CA TYR A 39 -0.81 13.42 14.50
C TYR A 39 -2.24 13.79 14.19
N TRP A 40 -2.58 15.03 14.47
CA TRP A 40 -3.91 15.59 14.26
C TRP A 40 -4.16 15.84 12.77
N MET A 41 -4.52 14.77 12.07
CA MET A 41 -4.71 14.78 10.62
C MET A 41 -6.01 15.44 10.16
N HIS A 42 -5.90 16.27 9.13
CA HIS A 42 -7.07 16.82 8.45
C HIS A 42 -7.88 15.74 7.74
N PHE A 43 -9.19 15.76 7.93
CA PHE A 43 -10.04 14.84 7.20
C PHE A 43 -11.29 15.46 6.61
N CYS A 44 -11.72 16.65 7.03
CA CYS A 44 -12.97 17.19 6.55
C CYS A 44 -12.96 18.71 6.68
N GLY A 45 -13.80 19.38 5.88
CA GLY A 45 -13.93 20.83 5.95
C GLY A 45 -15.16 21.28 6.75
N GLY A 46 -15.25 22.59 6.93
CA GLY A 46 -16.43 23.21 7.51
C GLY A 46 -16.38 24.71 7.33
N SER A 47 -17.41 25.39 7.83
CA SER A 47 -17.44 26.85 7.84
C SER A 47 -17.94 27.36 9.18
N LEU A 48 -17.33 28.44 9.66
CA LEU A 48 -17.76 29.12 10.88
C LEU A 48 -18.92 30.04 10.54
N ILE A 49 -20.09 29.71 11.06
CA ILE A 49 -21.30 30.46 10.76
C ILE A 49 -21.76 31.32 11.92
N HIS A 50 -21.25 31.09 13.12
CA HIS A 50 -21.56 31.87 14.29
C HIS A 50 -20.34 31.72 15.16
N PRO A 51 -20.04 32.68 16.04
CA PRO A 51 -18.82 32.58 16.84
C PRO A 51 -18.69 31.31 17.65
N GLN A 52 -19.72 30.49 17.74
CA GLN A 52 -19.63 29.25 18.49
C GLN A 52 -20.10 28.03 17.70
N TRP A 53 -20.41 28.18 16.43
CA TRP A 53 -20.99 27.10 15.65
C TRP A 53 -20.28 26.92 14.32
N VAL A 54 -20.02 25.66 13.99
CA VAL A 54 -19.45 25.26 12.70
C VAL A 54 -20.48 24.44 11.96
N LEU A 55 -20.61 24.71 10.66
CA LEU A 55 -21.49 23.97 9.78
C LEU A 55 -20.67 23.01 8.95
N THR A 56 -21.13 21.77 8.82
CA THR A 56 -20.38 20.73 8.13
C THR A 56 -21.33 19.66 7.60
N ALA A 57 -20.76 18.71 6.87
CA ALA A 57 -21.44 17.54 6.32
C ALA A 57 -21.71 16.45 7.35
N ALA A 58 -22.86 15.80 7.23
CA ALA A 58 -23.20 14.74 8.17
C ALA A 58 -22.32 13.49 8.01
N HIS A 59 -21.99 13.12 6.78
CA HIS A 59 -21.22 11.90 6.57
C HIS A 59 -19.78 11.98 7.05
N CYS A 60 -19.27 13.17 7.41
CA CYS A 60 -17.96 13.28 8.04
C CYS A 60 -17.96 12.82 9.48
N VAL A 61 -19.10 12.87 10.16
CA VAL A 61 -19.19 12.65 11.59
C VAL A 61 -20.19 11.59 11.96
N GLY A 62 -21.11 11.20 11.09
CA GLY A 62 -22.04 10.16 11.40
C GLY A 62 -22.04 9.12 10.31
N PRO A 63 -23.03 8.25 10.30
CA PRO A 63 -24.21 8.18 11.19
C PRO A 63 -23.87 7.60 12.56
N ASP A 64 -22.78 6.88 12.73
CA ASP A 64 -22.41 6.35 14.03
C ASP A 64 -21.82 7.43 14.94
N VAL A 65 -22.08 7.32 16.23
CA VAL A 65 -21.63 8.32 17.20
C VAL A 65 -20.12 8.24 17.39
N LYS A 66 -19.50 9.40 17.56
CA LYS A 66 -18.06 9.53 17.72
C LYS A 66 -17.69 10.01 19.12
N ASP A 67 -16.57 9.54 19.62
CA ASP A 67 -16.00 10.08 20.84
C ASP A 67 -15.43 11.47 20.57
N LEU A 68 -15.90 12.48 21.29
CA LEU A 68 -15.40 13.83 21.11
C LEU A 68 -13.93 13.97 21.49
N ALA A 69 -13.36 13.05 22.26
CA ALA A 69 -11.93 13.07 22.53
C ALA A 69 -11.10 13.03 21.24
N ALA A 70 -11.62 12.39 20.20
CA ALA A 70 -10.89 12.19 18.96
C ALA A 70 -10.98 13.33 17.95
N LEU A 71 -11.65 14.43 18.25
CA LEU A 71 -11.93 15.48 17.27
C LEU A 71 -11.42 16.85 17.69
N ARG A 72 -10.93 17.64 16.74
CA ARG A 72 -10.58 19.04 16.97
C ARG A 72 -10.93 19.87 15.74
N VAL A 73 -11.09 21.17 15.95
CA VAL A 73 -11.36 22.16 14.91
C VAL A 73 -10.15 23.08 14.80
N GLN A 74 -9.79 23.43 13.58
CA GLN A 74 -8.73 24.39 13.35
C GLN A 74 -9.26 25.49 12.44
N LEU A 75 -9.06 26.75 12.82
CA LEU A 75 -9.59 27.86 12.04
C LEU A 75 -8.67 28.18 10.87
N ARG A 76 -9.01 29.23 10.12
CA ARG A 76 -8.32 29.53 8.86
C ARG A 76 -6.82 29.65 9.07
N GLU A 77 -6.06 29.01 8.20
CA GLU A 77 -4.62 29.10 8.19
C GLU A 77 -4.24 28.83 6.75
N GLN A 78 -3.15 29.43 6.31
CA GLN A 78 -2.80 29.31 4.90
C GLN A 78 -2.31 27.91 4.56
N HIS A 79 -1.54 27.28 5.46
CA HIS A 79 -0.95 25.96 5.27
C HIS A 79 -1.33 25.06 6.42
N LEU A 80 -1.89 23.88 6.12
CA LEU A 80 -2.18 22.87 7.14
C LEU A 80 -0.94 22.53 7.95
N TYR A 81 -1.14 22.38 9.25
CA TYR A 81 -0.21 21.83 10.25
C TYR A 81 0.86 22.81 10.70
N TYR A 82 1.16 23.81 9.90
CA TYR A 82 2.31 24.67 10.17
C TYR A 82 2.18 25.44 11.48
N GLN A 83 1.04 26.04 11.74
CA GLN A 83 0.88 26.74 13.02
C GLN A 83 -0.53 26.45 13.53
N ASP A 84 -0.66 25.40 14.32
CA ASP A 84 -1.94 24.90 14.76
C ASP A 84 -2.33 25.39 16.14
N GLN A 85 -3.63 25.56 16.32
CA GLN A 85 -4.28 26.00 17.54
C GLN A 85 -5.62 25.26 17.65
N LEU A 86 -5.57 24.02 18.09
CA LEU A 86 -6.71 23.10 17.99
C LEU A 86 -7.81 23.43 19.01
N LEU A 87 -8.97 23.82 18.56
CA LEU A 87 -10.12 24.10 19.42
C LEU A 87 -10.88 22.82 19.79
N PRO A 88 -11.31 22.69 21.04
CA PRO A 88 -12.15 21.54 21.41
C PRO A 88 -13.64 21.76 21.12
N VAL A 89 -14.32 20.65 20.89
CA VAL A 89 -15.71 20.60 20.48
C VAL A 89 -16.59 20.15 21.64
N SER A 90 -17.68 20.85 21.90
CA SER A 90 -18.53 20.50 23.02
C SER A 90 -19.66 19.56 22.64
N ARG A 91 -20.19 19.65 21.42
CA ARG A 91 -21.36 18.88 21.06
C ARG A 91 -21.42 18.73 19.54
N ILE A 92 -21.96 17.61 19.07
CA ILE A 92 -22.17 17.33 17.65
C ILE A 92 -23.66 17.13 17.42
N ILE A 93 -24.20 17.77 16.39
CA ILE A 93 -25.60 17.62 16.06
C ILE A 93 -25.69 17.23 14.60
N VAL A 94 -26.34 16.11 14.32
CA VAL A 94 -26.50 15.61 12.97
C VAL A 94 -27.99 15.62 12.69
N HIS A 95 -28.36 15.96 11.48
CA HIS A 95 -29.77 16.02 11.11
C HIS A 95 -30.44 14.66 11.32
N PRO A 96 -31.59 14.60 11.99
CA PRO A 96 -32.17 13.29 12.34
C PRO A 96 -32.47 12.40 11.16
N GLN A 97 -32.58 12.93 9.95
CA GLN A 97 -32.97 12.15 8.79
C GLN A 97 -31.79 11.72 7.95
N PHE A 98 -30.59 11.60 8.51
CA PHE A 98 -29.43 11.28 7.72
C PHE A 98 -29.02 9.84 7.98
N TYR A 99 -28.80 9.11 6.90
CA TYR A 99 -28.18 7.82 7.08
C TYR A 99 -27.04 7.72 6.06
N THR A 100 -27.30 8.07 4.81
CA THR A 100 -26.25 8.14 3.79
C THR A 100 -26.48 9.38 2.96
N ALA A 101 -25.42 9.81 2.27
CA ALA A 101 -25.40 11.07 1.53
C ALA A 101 -26.38 11.05 0.37
N GLN A 102 -26.41 9.96 -0.39
CA GLN A 102 -27.25 9.90 -1.57
C GLN A 102 -28.72 10.00 -1.21
N ILE A 103 -29.10 9.76 0.03
CA ILE A 103 -30.51 9.82 0.40
C ILE A 103 -30.90 11.24 0.80
N GLY A 104 -30.00 12.00 1.42
CA GLY A 104 -30.24 13.39 1.71
C GLY A 104 -29.94 13.73 3.15
N ALA A 105 -30.23 14.99 3.49
CA ALA A 105 -30.07 15.55 4.84
C ALA A 105 -28.63 15.47 5.35
N ASP A 106 -27.67 15.50 4.43
CA ASP A 106 -26.26 15.44 4.77
C ASP A 106 -25.81 16.81 5.29
N ILE A 107 -26.13 17.09 6.54
CA ILE A 107 -25.83 18.38 7.18
C ILE A 107 -25.63 18.15 8.67
N ALA A 108 -24.70 18.90 9.26
CA ALA A 108 -24.40 18.72 10.68
C ALA A 108 -23.87 20.01 11.30
N LEU A 109 -23.95 20.08 12.61
CA LEU A 109 -23.48 21.23 13.37
C LEU A 109 -22.51 20.79 14.45
N LEU A 110 -21.45 21.57 14.63
CA LEU A 110 -20.53 21.40 15.75
C LEU A 110 -20.63 22.62 16.64
N GLU A 111 -20.74 22.40 17.92
CA GLU A 111 -20.73 23.48 18.89
C GLU A 111 -19.38 23.51 19.58
N LEU A 112 -18.69 24.64 19.46
CA LEU A 112 -17.39 24.82 20.08
C LEU A 112 -17.51 25.00 21.58
N GLU A 113 -16.52 24.48 22.29
CA GLU A 113 -16.46 24.63 23.74
C GLU A 113 -16.36 26.11 24.13
N GLU A 114 -15.43 26.83 23.52
CA GLU A 114 -15.12 28.23 23.75
C GLU A 114 -15.47 29.06 22.53
N PRO A 115 -16.10 30.22 22.69
CA PRO A 115 -16.38 31.08 21.53
C PRO A 115 -15.12 31.71 20.96
N VAL A 116 -15.22 32.15 19.71
CA VAL A 116 -14.09 32.64 18.95
C VAL A 116 -14.15 34.17 18.90
N ASN A 117 -13.01 34.84 19.12
CA ASN A 117 -12.87 36.27 18.84
C ASN A 117 -12.92 36.54 17.36
N VAL A 118 -13.98 37.22 16.89
CA VAL A 118 -13.96 37.72 15.54
C VAL A 118 -12.83 38.74 15.40
N SER A 119 -12.14 38.67 14.27
CA SER A 119 -10.87 39.34 14.04
C SER A 119 -10.74 39.54 12.55
N SER A 120 -9.80 40.42 12.16
CA SER A 120 -9.51 40.62 10.75
C SER A 120 -9.04 39.36 10.04
N HIS A 121 -8.66 38.31 10.78
CA HIS A 121 -8.29 37.04 10.16
C HIS A 121 -9.41 36.01 10.18
N VAL A 122 -10.47 36.21 10.96
CA VAL A 122 -11.48 35.19 11.19
C VAL A 122 -12.84 35.83 11.33
N HIS A 123 -13.75 35.56 10.40
CA HIS A 123 -15.06 36.19 10.40
C HIS A 123 -16.05 35.16 9.87
N THR A 124 -17.30 35.30 10.26
CA THR A 124 -18.33 34.33 9.92
C THR A 124 -18.89 34.56 8.52
N VAL A 125 -19.23 33.48 7.85
CA VAL A 125 -20.00 33.56 6.60
C VAL A 125 -21.48 33.80 6.90
N THR A 126 -22.17 34.39 5.92
CA THR A 126 -23.60 34.68 6.01
C THR A 126 -24.43 33.61 5.30
N LEU A 127 -25.50 33.15 5.94
CA LEU A 127 -26.47 32.22 5.38
C LEU A 127 -27.51 32.93 4.52
N PRO A 128 -27.95 32.31 3.43
CA PRO A 128 -28.90 32.94 2.50
C PRO A 128 -30.30 33.06 3.08
N PRO A 129 -31.08 34.02 2.58
CA PRO A 129 -32.52 34.03 2.84
C PRO A 129 -33.24 32.88 2.14
N ALA A 130 -34.32 32.42 2.77
CA ALA A 130 -34.99 31.21 2.28
C ALA A 130 -35.50 31.31 0.85
N SER A 131 -35.64 32.52 0.32
CA SER A 131 -36.13 32.72 -1.04
C SER A 131 -35.06 32.60 -2.13
N GLU A 132 -33.78 32.56 -1.78
CA GLU A 132 -32.72 32.53 -2.80
C GLU A 132 -32.67 31.16 -3.49
N THR A 133 -32.46 31.18 -4.80
CA THR A 133 -32.46 29.94 -5.58
C THR A 133 -31.12 29.61 -6.19
N PHE A 134 -30.24 30.58 -6.35
CA PHE A 134 -28.95 30.46 -6.99
C PHE A 134 -29.10 29.90 -8.40
N PRO A 135 -29.68 30.65 -9.33
CA PRO A 135 -29.81 30.18 -10.70
C PRO A 135 -28.46 30.10 -11.38
N PRO A 136 -28.36 29.34 -12.48
CA PRO A 136 -27.11 29.31 -13.23
C PRO A 136 -26.63 30.70 -13.65
N GLY A 137 -25.33 30.80 -13.86
CA GLY A 137 -24.63 32.01 -14.24
C GLY A 137 -24.05 32.81 -13.11
N MET A 138 -24.44 32.53 -11.86
CA MET A 138 -23.89 33.22 -10.71
C MET A 138 -22.41 32.88 -10.51
N PRO A 139 -21.64 33.76 -9.90
CA PRO A 139 -20.25 33.47 -9.54
C PRO A 139 -20.02 32.74 -8.21
N CYS A 140 -19.77 31.43 -8.24
CA CYS A 140 -19.61 30.63 -7.02
C CYS A 140 -18.25 29.94 -6.95
N TRP A 141 -17.72 29.83 -5.73
CA TRP A 141 -16.43 29.21 -5.45
C TRP A 141 -16.55 28.11 -4.40
N VAL A 142 -15.64 27.15 -4.47
CA VAL A 142 -15.47 26.15 -3.42
C VAL A 142 -13.99 26.08 -3.05
N THR A 143 -13.69 25.87 -1.76
CA THR A 143 -12.35 26.01 -1.21
C THR A 143 -12.10 24.84 -0.27
N GLY A 144 -10.88 24.36 -0.24
CA GLY A 144 -10.58 23.24 0.63
C GLY A 144 -9.14 22.78 0.53
N TRP A 145 -8.84 21.78 1.36
CA TRP A 145 -7.54 21.11 1.38
C TRP A 145 -7.57 19.68 0.89
N GLY A 146 -8.56 19.31 0.14
CA GLY A 146 -8.68 17.98 -0.41
C GLY A 146 -7.78 17.68 -1.59
N ASP A 147 -7.82 16.42 -2.01
CA ASP A 147 -7.00 15.90 -3.10
C ASP A 147 -7.09 16.76 -4.35
N VAL A 148 -5.98 16.84 -5.08
CA VAL A 148 -5.91 17.75 -6.21
C VAL A 148 -6.26 17.03 -7.50
N ASP A 149 -6.21 15.71 -7.51
CA ASP A 149 -6.68 14.93 -8.63
C ASP A 149 -7.12 13.58 -8.13
N ASN A 150 -7.65 12.77 -9.05
CA ASN A 150 -8.52 11.65 -8.73
C ASN A 150 -7.88 10.70 -7.73
N ASP A 151 -6.56 10.54 -7.74
CA ASP A 151 -5.89 9.74 -6.72
C ASP A 151 -4.72 10.47 -6.08
N GLU A 152 -4.61 11.78 -6.26
CA GLU A 152 -3.41 12.54 -5.91
C GLU A 152 -3.62 13.37 -4.65
N ARG A 153 -2.86 13.05 -3.60
CA ARG A 153 -2.89 13.84 -2.38
C ARG A 153 -2.35 15.24 -2.63
N LEU A 154 -2.83 16.21 -1.86
CA LEU A 154 -2.28 17.54 -1.90
C LEU A 154 -0.84 17.54 -1.39
N PRO A 155 0.09 18.20 -2.09
CA PRO A 155 1.51 18.10 -1.72
C PRO A 155 1.87 18.72 -0.37
N PRO A 156 2.89 18.17 0.29
CA PRO A 156 3.42 18.56 1.61
C PRO A 156 3.49 20.02 2.04
N PRO A 157 3.46 21.03 1.20
CA PRO A 157 3.24 22.36 1.80
C PRO A 157 1.79 22.58 2.28
N PHE A 158 0.79 21.98 1.64
CA PHE A 158 -0.64 21.99 1.95
C PHE A 158 -1.35 23.35 1.93
N PRO A 159 -1.24 24.12 0.86
CA PRO A 159 -2.00 25.38 0.77
C PRO A 159 -3.50 25.18 0.61
N LEU A 160 -4.26 26.13 1.12
CA LEU A 160 -5.69 26.21 0.85
C LEU A 160 -5.93 26.58 -0.62
N LYS A 161 -6.64 25.75 -1.35
CA LYS A 161 -6.95 25.98 -2.75
C LYS A 161 -8.39 26.44 -2.94
N GLN A 162 -8.61 27.09 -4.08
CA GLN A 162 -9.91 27.62 -4.45
C GLN A 162 -10.16 27.41 -5.93
N VAL A 163 -11.42 27.25 -6.30
CA VAL A 163 -11.82 27.19 -7.71
C VAL A 163 -13.22 27.76 -7.84
N LYS A 164 -13.45 28.46 -8.94
CA LYS A 164 -14.76 28.96 -9.30
C LYS A 164 -15.46 27.89 -10.14
N VAL A 165 -16.67 27.52 -9.74
CA VAL A 165 -17.43 26.47 -10.40
C VAL A 165 -18.68 27.03 -11.07
N PRO A 166 -19.17 26.41 -12.15
CA PRO A 166 -20.52 26.67 -12.63
C PRO A 166 -21.63 25.96 -11.86
N ILE A 167 -22.82 26.52 -11.98
CA ILE A 167 -24.03 25.98 -11.37
C ILE A 167 -24.94 25.44 -12.46
N MET A 168 -25.63 24.35 -12.16
CA MET A 168 -26.58 23.71 -13.04
C MET A 168 -27.93 23.66 -12.35
N GLU A 169 -28.99 23.73 -13.14
CA GLU A 169 -30.31 23.43 -12.61
C GLU A 169 -30.41 21.95 -12.30
N ASN A 170 -31.21 21.61 -11.28
CA ASN A 170 -31.32 20.22 -10.82
C ASN A 170 -31.77 19.27 -11.92
N HIS A 171 -32.78 19.64 -12.69
CA HIS A 171 -33.28 18.70 -13.69
C HIS A 171 -32.23 18.44 -14.77
N ILE A 172 -31.45 19.45 -15.16
CA ILE A 172 -30.39 19.19 -16.13
C ILE A 172 -29.31 18.32 -15.52
N CYS A 173 -29.06 18.47 -14.23
CA CYS A 173 -28.09 17.65 -13.53
C CYS A 173 -28.56 16.22 -13.39
N ASP A 174 -29.83 16.04 -13.02
CA ASP A 174 -30.36 14.70 -12.89
C ASP A 174 -30.28 13.95 -14.22
N ALA A 175 -30.58 14.63 -15.32
CA ALA A 175 -30.50 13.99 -16.63
C ALA A 175 -29.09 13.50 -16.94
N LYS A 176 -28.07 14.29 -16.60
CA LYS A 176 -26.71 13.87 -16.90
C LYS A 176 -26.31 12.64 -16.10
N TYR A 177 -26.77 12.53 -14.87
CA TYR A 177 -26.47 11.35 -14.08
C TYR A 177 -27.09 10.09 -14.64
N HIS A 178 -28.16 10.21 -15.43
CA HIS A 178 -28.71 9.06 -16.11
C HIS A 178 -27.92 8.63 -17.34
N LEU A 179 -27.07 9.48 -17.91
CA LEU A 179 -26.27 9.08 -19.06
C LEU A 179 -25.24 8.02 -18.69
N GLY A 180 -25.26 6.91 -19.41
CA GLY A 180 -24.32 5.84 -19.13
C GLY A 180 -24.63 5.04 -17.90
N ALA A 181 -25.88 5.04 -17.44
CA ALA A 181 -26.29 4.29 -16.27
C ALA A 181 -27.50 3.42 -16.58
N TYR A 182 -27.66 2.36 -15.81
CA TYR A 182 -28.82 1.48 -15.95
C TYR A 182 -30.06 2.04 -15.29
N THR A 183 -29.92 3.04 -14.44
CA THR A 183 -31.04 3.59 -13.68
C THR A 183 -32.12 4.11 -14.60
N GLY A 184 -33.37 3.78 -14.31
CA GLY A 184 -34.47 4.28 -15.11
C GLY A 184 -34.65 5.78 -14.88
N ASP A 185 -34.90 6.50 -15.97
CA ASP A 185 -34.95 7.96 -15.84
C ASP A 185 -36.21 8.50 -15.20
N ASP A 186 -37.15 7.67 -14.79
CA ASP A 186 -38.15 8.09 -13.81
C ASP A 186 -37.60 8.21 -12.40
N VAL A 187 -36.51 7.53 -12.07
CA VAL A 187 -36.00 7.44 -10.71
C VAL A 187 -35.10 8.65 -10.46
N ARG A 188 -35.58 9.60 -9.67
CA ARG A 188 -34.81 10.79 -9.30
C ARG A 188 -33.56 10.47 -8.51
N ILE A 189 -32.39 10.85 -9.04
CA ILE A 189 -31.13 10.74 -8.33
C ILE A 189 -30.82 12.00 -7.52
N VAL A 190 -30.80 13.15 -8.18
CA VAL A 190 -30.54 14.42 -7.50
C VAL A 190 -31.86 14.90 -6.88
N ARG A 191 -31.97 14.83 -5.57
CA ARG A 191 -33.17 15.32 -4.86
C ARG A 191 -33.22 16.84 -4.80
N ASP A 192 -34.33 17.36 -4.24
CA ASP A 192 -34.56 18.80 -4.17
C ASP A 192 -33.82 19.50 -3.03
N ASP A 193 -33.39 18.77 -2.03
CA ASP A 193 -32.53 19.32 -1.01
C ASP A 193 -31.07 19.34 -1.42
N MET A 194 -30.81 19.18 -2.71
CA MET A 194 -29.47 19.09 -3.25
C MET A 194 -29.28 20.16 -4.32
N LEU A 195 -28.01 20.36 -4.68
CA LEU A 195 -27.59 21.36 -5.65
C LEU A 195 -26.39 20.81 -6.41
N CYS A 196 -26.25 21.19 -7.68
CA CYS A 196 -25.20 20.68 -8.55
C CYS A 196 -24.26 21.79 -9.02
N ALA A 197 -22.97 21.48 -9.09
CA ALA A 197 -21.99 22.44 -9.57
C ALA A 197 -20.78 21.71 -10.12
N GLY A 198 -19.95 22.43 -10.87
CA GLY A 198 -18.70 21.90 -11.37
C GLY A 198 -18.77 21.30 -12.77
N ASN A 199 -17.59 20.94 -13.26
CA ASN A 199 -17.41 20.31 -14.56
C ASN A 199 -16.07 19.58 -14.58
N THR A 200 -15.82 18.93 -15.70
CA THR A 200 -14.64 18.08 -15.90
C THR A 200 -13.32 18.80 -15.65
N ARG A 201 -13.28 20.12 -15.64
CA ARG A 201 -12.03 20.79 -15.33
C ARG A 201 -11.97 21.35 -13.92
N ARG A 202 -13.07 21.36 -13.18
CA ARG A 202 -13.16 22.17 -11.98
C ARG A 202 -14.12 21.50 -11.01
N ASP A 203 -13.61 21.03 -9.88
CA ASP A 203 -14.48 20.32 -8.96
C ASP A 203 -13.84 20.31 -7.57
N SER A 204 -14.67 20.08 -6.57
CA SER A 204 -14.23 19.55 -5.28
C SER A 204 -13.73 18.10 -5.44
N CYS A 205 -13.04 17.59 -4.42
CA CYS A 205 -12.63 16.19 -4.45
C CYS A 205 -12.54 15.66 -3.02
N GLN A 206 -12.00 14.45 -2.86
CA GLN A 206 -11.87 13.84 -1.55
C GLN A 206 -11.12 14.75 -0.60
N GLY A 207 -11.63 14.83 0.63
CA GLY A 207 -11.14 15.71 1.66
C GLY A 207 -11.63 17.14 1.60
N ASP A 208 -12.32 17.55 0.55
CA ASP A 208 -13.05 18.80 0.57
C ASP A 208 -14.43 18.67 1.15
N SER A 209 -14.92 17.46 1.35
CA SER A 209 -16.25 17.23 1.89
C SER A 209 -16.50 18.07 3.14
N GLY A 210 -17.72 18.55 3.26
CA GLY A 210 -18.14 19.44 4.31
C GLY A 210 -17.80 20.89 4.15
N GLY A 211 -16.95 21.24 3.22
CA GLY A 211 -16.60 22.59 2.92
C GLY A 211 -17.71 23.43 2.31
N PRO A 212 -17.57 24.75 2.43
CA PRO A 212 -18.59 25.65 1.90
C PRO A 212 -18.46 25.89 0.40
N LEU A 213 -19.61 26.06 -0.21
CA LEU A 213 -19.79 26.66 -1.53
C LEU A 213 -20.41 28.03 -1.35
N VAL A 214 -19.72 29.06 -1.83
CA VAL A 214 -20.17 30.43 -1.62
C VAL A 214 -20.39 31.12 -2.95
N CYS A 215 -21.37 32.01 -2.97
CA CYS A 215 -21.68 32.80 -4.15
C CYS A 215 -21.75 34.26 -3.74
N LYS A 216 -21.27 35.14 -4.60
CA LYS A 216 -21.26 36.58 -4.36
C LYS A 216 -22.56 37.16 -4.91
N VAL A 217 -23.51 37.46 -4.04
CA VAL A 217 -24.79 38.04 -4.43
C VAL A 217 -24.90 39.47 -3.92
N ASN A 218 -25.15 40.41 -4.83
CA ASN A 218 -25.31 41.82 -4.48
C ASN A 218 -24.16 42.31 -3.59
N GLY A 219 -22.94 41.95 -3.96
CA GLY A 219 -21.75 42.27 -3.20
C GLY A 219 -21.47 41.44 -1.96
N THR A 220 -22.41 40.63 -1.48
CA THR A 220 -22.25 39.85 -0.25
C THR A 220 -22.00 38.38 -0.55
N TRP A 221 -21.07 37.76 0.17
CA TRP A 221 -20.84 36.31 0.08
C TRP A 221 -21.92 35.56 0.86
N LEU A 222 -22.64 34.66 0.20
CA LEU A 222 -23.58 33.76 0.84
C LEU A 222 -23.16 32.31 0.62
N GLN A 223 -23.32 31.48 1.64
CA GLN A 223 -23.07 30.05 1.51
C GLN A 223 -24.26 29.33 0.87
N ALA A 224 -24.10 28.93 -0.39
CA ALA A 224 -25.14 28.21 -1.10
C ALA A 224 -25.21 26.73 -0.68
N GLY A 225 -24.08 26.11 -0.43
CA GLY A 225 -24.09 24.66 -0.28
C GLY A 225 -22.96 24.13 0.57
N VAL A 226 -23.01 22.83 0.79
CA VAL A 226 -21.98 22.08 1.50
C VAL A 226 -21.57 20.93 0.60
N VAL A 227 -20.26 20.72 0.45
CA VAL A 227 -19.74 19.62 -0.36
C VAL A 227 -20.24 18.30 0.21
N SER A 228 -20.94 17.51 -0.61
CA SER A 228 -21.59 16.30 -0.12
C SER A 228 -21.10 15.04 -0.82
N TRP A 229 -21.36 14.84 -2.11
CA TRP A 229 -21.01 13.58 -2.74
C TRP A 229 -20.92 13.75 -4.25
N GLY A 230 -20.33 12.77 -4.89
CA GLY A 230 -20.27 12.71 -6.34
C GLY A 230 -19.62 11.43 -6.79
N GLU A 231 -19.85 11.09 -8.06
CA GLU A 231 -19.22 9.93 -8.70
C GLU A 231 -17.81 10.23 -9.22
N GLY A 232 -16.86 10.29 -8.31
CA GLY A 232 -15.48 10.60 -8.64
C GLY A 232 -15.27 12.07 -8.90
N CYS A 233 -14.03 12.45 -9.14
CA CYS A 233 -13.69 13.86 -9.32
C CYS A 233 -13.53 14.18 -10.80
N ALA A 234 -14.20 15.24 -11.23
CA ALA A 234 -14.10 15.79 -12.57
C ALA A 234 -14.46 14.78 -13.68
N GLN A 235 -15.21 13.73 -13.38
CA GLN A 235 -15.60 12.74 -14.39
C GLN A 235 -16.67 13.29 -15.33
N PRO A 236 -16.67 12.87 -16.60
CA PRO A 236 -17.70 13.35 -17.55
C PRO A 236 -19.12 13.01 -17.15
N ASN A 237 -20.00 14.01 -17.29
CA ASN A 237 -21.42 13.94 -16.95
C ASN A 237 -21.66 13.61 -15.49
N ARG A 238 -20.73 13.91 -14.60
CA ARG A 238 -20.92 13.72 -13.17
C ARG A 238 -20.53 14.98 -12.42
N PRO A 239 -21.38 16.00 -12.43
CA PRO A 239 -21.17 17.15 -11.56
C PRO A 239 -21.19 16.77 -10.09
N GLY A 240 -20.51 17.57 -9.28
CA GLY A 240 -20.58 17.39 -7.83
C GLY A 240 -21.92 17.79 -7.24
N ILE A 241 -22.29 17.07 -6.19
CA ILE A 241 -23.55 17.27 -5.49
C ILE A 241 -23.27 17.96 -4.16
N TYR A 242 -24.05 18.98 -3.85
CA TYR A 242 -23.91 19.78 -2.66
C TYR A 242 -25.22 19.77 -1.89
N THR A 243 -25.16 19.76 -0.58
CA THR A 243 -26.36 19.94 0.24
C THR A 243 -26.81 21.38 0.13
N ARG A 244 -28.07 21.58 -0.22
CA ARG A 244 -28.67 22.90 -0.45
C ARG A 244 -29.03 23.57 0.87
N VAL A 245 -28.29 24.60 1.26
CA VAL A 245 -28.41 25.16 2.61
C VAL A 245 -29.79 25.75 2.88
N THR A 246 -30.42 26.39 1.89
CA THR A 246 -31.73 27.00 2.12
C THR A 246 -32.80 26.01 2.54
N TYR A 247 -32.64 24.74 2.19
CA TYR A 247 -33.59 23.71 2.54
C TYR A 247 -33.59 23.40 4.02
N TYR A 248 -32.57 23.81 4.76
CA TYR A 248 -32.40 23.38 6.14
C TYR A 248 -32.35 24.54 7.12
N LEU A 249 -32.69 25.75 6.68
CA LEU A 249 -32.59 26.93 7.53
C LEU A 249 -33.38 26.78 8.82
N ASP A 250 -34.61 26.27 8.74
CA ASP A 250 -35.41 26.12 9.94
C ASP A 250 -34.77 25.19 10.94
N TRP A 251 -34.11 24.13 10.47
CA TRP A 251 -33.42 23.21 11.36
C TRP A 251 -32.16 23.83 11.94
N ILE A 252 -31.44 24.64 11.16
CA ILE A 252 -30.24 25.29 11.67
C ILE A 252 -30.62 26.31 12.73
N HIS A 253 -31.63 27.12 12.48
CA HIS A 253 -32.00 28.12 13.45
C HIS A 253 -32.66 27.58 14.62
N HIS A 254 -32.77 26.28 14.84
CA HIS A 254 -33.29 25.78 16.09
C HIS A 254 -32.20 25.61 17.13
N TYR A 255 -30.94 25.72 16.72
CA TYR A 255 -29.81 25.54 17.61
C TYR A 255 -28.89 26.72 17.62
N VAL A 256 -28.77 27.42 16.50
CA VAL A 256 -27.79 28.49 16.34
C VAL A 256 -28.52 29.81 16.58
N PRO A 257 -28.07 30.63 17.51
CA PRO A 257 -28.79 31.85 17.88
C PRO A 257 -28.83 32.94 16.83
N LYS A 258 -29.91 33.10 16.10
CA LYS A 258 -29.99 34.18 15.11
C LYS A 258 -30.45 35.47 15.78
N ILE B 16 15.23 10.11 13.19
CA ILE B 16 15.86 10.15 14.49
C ILE B 16 14.95 9.44 15.49
N VAL B 17 15.47 8.42 16.13
CA VAL B 17 14.77 7.66 17.15
C VAL B 17 15.20 8.20 18.51
N GLY B 18 14.25 8.53 19.33
CA GLY B 18 14.51 9.26 20.54
C GLY B 18 14.74 10.73 20.25
N GLY B 19 15.26 11.42 21.25
CA GLY B 19 15.62 12.80 21.10
C GLY B 19 14.51 13.82 20.93
N GLN B 20 14.88 15.09 21.04
CA GLN B 20 13.97 16.21 21.03
C GLN B 20 13.82 16.81 19.63
N GLU B 21 13.28 18.00 19.58
CA GLU B 21 13.30 18.82 18.38
C GLU B 21 14.50 19.74 18.52
N ALA B 22 14.80 20.43 17.51
CA ALA B 22 16.04 21.12 17.62
C ALA B 22 15.84 22.61 17.82
N PRO B 23 16.64 23.23 18.68
CA PRO B 23 16.65 24.68 18.80
C PRO B 23 16.79 25.35 17.45
N ARG B 24 16.27 26.55 17.32
CA ARG B 24 16.24 27.20 16.04
C ARG B 24 17.56 27.81 15.65
N SER B 25 18.63 27.42 16.31
CA SER B 25 19.95 27.92 15.91
C SER B 25 21.03 26.93 16.24
N LYS B 26 20.78 25.64 16.13
CA LYS B 26 21.76 24.75 16.67
C LYS B 26 22.55 23.92 15.68
N TRP B 27 22.17 23.81 14.43
CA TRP B 27 22.98 23.03 13.49
C TRP B 27 22.96 23.76 12.17
N PRO B 28 23.68 24.88 12.07
CA PRO B 28 23.55 25.72 10.88
C PRO B 28 24.12 25.09 9.63
N TRP B 29 24.56 23.85 9.67
CA TRP B 29 25.23 23.22 8.55
C TRP B 29 24.39 22.11 7.94
N GLN B 30 23.21 21.84 8.50
CA GLN B 30 22.37 20.74 8.07
C GLN B 30 21.78 21.03 6.70
N VAL B 31 21.80 20.03 5.83
CA VAL B 31 21.32 20.12 4.46
C VAL B 31 20.26 19.06 4.20
N SER B 32 19.27 19.42 3.40
CA SER B 32 18.28 18.47 2.90
C SER B 32 18.47 18.26 1.40
N LEU B 33 18.51 17.02 0.95
CA LEU B 33 18.54 16.68 -0.47
C LEU B 33 17.13 16.35 -0.97
N ARG B 34 16.75 16.94 -2.11
CA ARG B 34 15.41 16.84 -2.69
C ARG B 34 15.45 16.15 -4.04
N VAL B 35 14.46 15.30 -4.31
CA VAL B 35 14.31 14.62 -5.58
C VAL B 35 13.01 15.08 -6.24
N HIS B 36 13.05 15.25 -7.56
CA HIS B 36 11.88 15.69 -8.31
C HIS B 36 10.78 14.63 -8.36
N GLY B 37 9.54 15.09 -8.48
CA GLY B 37 8.39 14.25 -8.53
C GLY B 37 7.13 15.10 -8.55
N PRO B 38 6.06 14.63 -7.90
CA PRO B 38 4.92 15.52 -7.66
C PRO B 38 5.28 16.73 -6.83
N TYR B 39 6.32 16.63 -6.03
CA TYR B 39 6.86 17.76 -5.28
C TYR B 39 8.31 17.39 -5.01
N TRP B 40 9.09 18.39 -4.64
CA TRP B 40 10.51 18.23 -4.30
C TRP B 40 10.67 17.58 -2.93
N MET B 41 10.56 16.26 -2.92
CA MET B 41 10.58 15.45 -1.72
C MET B 41 11.98 15.26 -1.12
N HIS B 42 12.07 15.40 0.19
CA HIS B 42 13.28 15.07 0.94
C HIS B 42 13.58 13.58 0.91
N PHE B 43 14.84 13.24 0.61
CA PHE B 43 15.23 11.85 0.66
C PHE B 43 16.55 11.59 1.36
N CYS B 44 17.41 12.58 1.58
CA CYS B 44 18.71 12.32 2.15
C CYS B 44 19.24 13.58 2.83
N GLY B 45 20.17 13.39 3.77
CA GLY B 45 20.81 14.51 4.45
C GLY B 45 22.19 14.85 3.89
N GLY B 46 22.75 15.94 4.41
CA GLY B 46 24.13 16.31 4.13
C GLY B 46 24.57 17.40 5.07
N SER B 47 25.82 17.84 4.90
CA SER B 47 26.35 18.98 5.65
C SER B 47 27.14 19.90 4.74
N LEU B 48 26.99 21.20 4.96
CA LEU B 48 27.75 22.22 4.23
C LEU B 48 29.11 22.36 4.88
N ILE B 49 30.14 21.97 4.15
CA ILE B 49 31.50 21.97 4.67
C ILE B 49 32.34 23.09 4.10
N HIS B 50 31.92 23.72 3.02
CA HIS B 50 32.59 24.83 2.41
C HIS B 50 31.49 25.59 1.72
N PRO B 51 31.64 26.90 1.51
CA PRO B 51 30.54 27.66 0.90
C PRO B 51 30.07 27.15 -0.44
N GLN B 52 30.75 26.20 -1.05
CA GLN B 52 30.31 25.66 -2.32
C GLN B 52 30.26 24.13 -2.34
N TRP B 53 30.46 23.48 -1.22
CA TRP B 53 30.55 22.03 -1.18
C TRP B 53 29.69 21.44 -0.08
N VAL B 54 28.98 20.37 -0.43
CA VAL B 54 28.17 19.59 0.50
C VAL B 54 28.77 18.20 0.60
N LEU B 55 28.86 17.68 1.82
CA LEU B 55 29.34 16.35 2.09
C LEU B 55 28.15 15.44 2.37
N THR B 56 28.14 14.25 1.79
CA THR B 56 27.01 13.33 1.90
C THR B 56 27.47 11.90 1.69
N ALA B 57 26.54 10.98 1.87
CA ALA B 57 26.72 9.54 1.67
C ALA B 57 26.69 9.14 0.19
N ALA B 58 27.51 8.17 -0.17
CA ALA B 58 27.57 7.72 -1.56
C ALA B 58 26.31 6.97 -1.99
N HIS B 59 25.74 6.15 -1.10
CA HIS B 59 24.58 5.36 -1.49
C HIS B 59 23.31 6.18 -1.70
N CYS B 60 23.29 7.46 -1.32
CA CYS B 60 22.17 8.33 -1.67
C CYS B 60 22.15 8.73 -3.13
N VAL B 61 23.30 8.73 -3.80
CA VAL B 61 23.45 9.28 -5.13
C VAL B 61 24.07 8.30 -6.10
N GLY B 62 24.69 7.22 -5.67
CA GLY B 62 25.23 6.25 -6.57
C GLY B 62 24.76 4.87 -6.19
N PRO B 63 25.38 3.84 -6.75
CA PRO B 63 26.55 3.85 -7.65
C PRO B 63 26.17 4.23 -9.08
N ASP B 64 24.92 4.14 -9.49
CA ASP B 64 24.52 4.53 -10.83
C ASP B 64 24.44 6.05 -10.97
N VAL B 65 24.78 6.56 -12.15
CA VAL B 65 24.81 7.99 -12.40
C VAL B 65 23.39 8.56 -12.45
N LYS B 66 23.23 9.76 -11.92
CA LYS B 66 21.94 10.44 -11.84
C LYS B 66 21.91 11.68 -12.73
N ASP B 67 20.75 11.96 -13.29
CA ASP B 67 20.54 13.23 -13.98
C ASP B 67 20.46 14.36 -12.97
N LEU B 68 21.32 15.36 -13.10
CA LEU B 68 21.30 16.49 -12.19
C LEU B 68 20.01 17.31 -12.28
N ALA B 69 19.25 17.19 -13.36
CA ALA B 69 17.95 17.84 -13.42
C ALA B 69 17.03 17.42 -12.27
N ALA B 70 17.18 16.20 -11.78
CA ALA B 70 16.30 15.65 -10.77
C ALA B 70 16.68 15.98 -9.33
N LEU B 71 17.72 16.76 -9.07
CA LEU B 71 18.24 16.96 -7.72
C LEU B 71 18.29 18.43 -7.31
N ARG B 72 18.00 18.71 -6.04
CA ARG B 72 18.18 20.04 -5.46
C ARG B 72 18.68 19.93 -4.02
N VAL B 73 19.29 21.00 -3.54
CA VAL B 73 19.78 21.12 -2.17
C VAL B 73 18.96 22.20 -1.47
N GLN B 74 18.62 21.96 -0.22
CA GLN B 74 17.94 22.95 0.59
C GLN B 74 18.73 23.15 1.88
N LEU B 75 19.01 24.40 2.24
CA LEU B 75 19.81 24.68 3.43
C LEU B 75 18.94 24.63 4.69
N ARG B 76 19.55 24.94 5.82
CA ARG B 76 18.90 24.74 7.12
C ARG B 76 17.56 25.47 7.19
N GLU B 77 16.53 24.75 7.59
CA GLU B 77 15.21 25.30 7.81
C GLU B 77 14.66 24.51 8.97
N GLN B 78 13.78 25.12 9.75
CA GLN B 78 13.27 24.42 10.91
C GLN B 78 12.28 23.33 10.52
N HIS B 79 11.45 23.56 9.50
CA HIS B 79 10.42 22.65 9.05
C HIS B 79 10.56 22.41 7.55
N LEU B 80 10.65 21.15 7.14
CA LEU B 80 10.68 20.80 5.72
C LEU B 80 9.49 21.39 4.99
N TYR B 81 9.75 21.91 3.80
CA TYR B 81 8.80 22.31 2.75
C TYR B 81 8.17 23.68 2.97
N TYR B 82 8.12 24.18 4.20
CA TYR B 82 7.33 25.37 4.47
C TYR B 82 7.93 26.63 3.85
N GLN B 83 9.23 26.79 3.85
CA GLN B 83 9.81 27.95 3.14
C GLN B 83 11.05 27.49 2.40
N ASP B 84 10.86 27.05 1.15
CA ASP B 84 11.92 26.43 0.38
C ASP B 84 12.60 27.41 -0.57
N GLN B 85 13.88 27.20 -0.77
CA GLN B 85 14.76 27.94 -1.64
C GLN B 85 15.76 26.96 -2.27
N LEU B 86 15.34 26.23 -3.28
CA LEU B 86 16.09 25.08 -3.81
C LEU B 86 17.33 25.49 -4.61
N LEU B 87 18.50 25.16 -4.14
CA LEU B 87 19.75 25.43 -4.84
C LEU B 87 20.06 24.36 -5.90
N PRO B 88 20.54 24.76 -7.07
CA PRO B 88 20.97 23.78 -8.07
C PRO B 88 22.40 23.28 -7.86
N VAL B 89 22.63 22.06 -8.31
CA VAL B 89 23.87 21.32 -8.14
C VAL B 89 24.65 21.27 -9.44
N SER B 90 25.94 21.59 -9.40
CA SER B 90 26.73 21.60 -10.63
C SER B 90 27.42 20.27 -10.91
N ARG B 91 27.81 19.52 -9.89
CA ARG B 91 28.60 18.33 -10.10
C ARG B 91 28.46 17.40 -8.90
N ILE B 92 28.52 16.09 -9.15
CA ILE B 92 28.47 15.06 -8.11
C ILE B 92 29.77 14.27 -8.18
N ILE B 93 30.39 14.04 -7.02
CA ILE B 93 31.61 13.27 -6.96
C ILE B 93 31.42 12.17 -5.94
N VAL B 94 31.60 10.93 -6.36
CA VAL B 94 31.45 9.77 -5.50
C VAL B 94 32.80 9.12 -5.41
N HIS B 95 33.14 8.61 -4.25
CA HIS B 95 34.44 7.99 -4.04
C HIS B 95 34.61 6.80 -4.99
N PRO B 96 35.73 6.71 -5.71
CA PRO B 96 35.86 5.68 -6.75
C PRO B 96 35.71 4.25 -6.26
N GLN B 97 35.87 4.00 -4.96
CA GLN B 97 35.85 2.65 -4.43
C GLN B 97 34.51 2.29 -3.82
N PHE B 98 33.42 2.90 -4.24
CA PHE B 98 32.13 2.64 -3.62
C PHE B 98 31.28 1.79 -4.55
N TYR B 99 30.71 0.75 -4.00
CA TYR B 99 29.71 0.04 -4.76
C TYR B 99 28.51 -0.18 -3.84
N THR B 100 28.73 -0.64 -2.63
CA THR B 100 27.69 -0.77 -1.62
C THR B 100 28.24 -0.31 -0.29
N ALA B 101 27.33 0.03 0.62
CA ALA B 101 27.69 0.62 1.91
C ALA B 101 28.47 -0.35 2.78
N GLN B 102 28.03 -1.59 2.86
CA GLN B 102 28.68 -2.56 3.73
C GLN B 102 30.12 -2.80 3.33
N ILE B 103 30.52 -2.46 2.12
CA ILE B 103 31.89 -2.71 1.70
C ILE B 103 32.80 -1.53 2.06
N GLY B 104 32.27 -0.30 2.03
CA GLY B 104 33.01 0.85 2.48
C GLY B 104 33.00 1.98 1.48
N ALA B 105 33.73 3.04 1.81
CA ALA B 105 33.92 4.23 0.99
C ALA B 105 32.60 4.93 0.66
N ASP B 106 31.62 4.81 1.54
CA ASP B 106 30.32 5.43 1.38
C ASP B 106 30.43 6.93 1.70
N ILE B 107 30.95 7.69 0.75
CA ILE B 107 31.18 9.12 0.92
C ILE B 107 31.07 9.80 -0.44
N ALA B 108 30.52 11.01 -0.45
CA ALA B 108 30.32 11.72 -1.72
C ALA B 108 30.34 13.23 -1.51
N LEU B 109 30.57 13.94 -2.59
CA LEU B 109 30.61 15.40 -2.59
C LEU B 109 29.66 15.96 -3.63
N LEU B 110 28.96 17.02 -3.27
CA LEU B 110 28.16 17.80 -4.21
C LEU B 110 28.77 19.18 -4.33
N GLU B 111 28.92 19.64 -5.54
CA GLU B 111 29.39 20.99 -5.80
C GLU B 111 28.20 21.85 -6.22
N LEU B 112 27.95 22.90 -5.46
CA LEU B 112 26.86 23.82 -5.76
C LEU B 112 27.18 24.70 -6.94
N GLU B 113 26.15 25.01 -7.72
CA GLU B 113 26.30 25.91 -8.86
C GLU B 113 26.75 27.30 -8.41
N GLU B 114 26.07 27.86 -7.42
CA GLU B 114 26.29 29.18 -6.85
C GLU B 114 26.78 29.07 -5.42
N PRO B 115 27.78 29.83 -5.01
CA PRO B 115 28.23 29.80 -3.61
C PRO B 115 27.21 30.43 -2.66
N VAL B 116 27.33 30.08 -1.39
CA VAL B 116 26.37 30.46 -0.37
C VAL B 116 26.95 31.59 0.47
N ASN B 117 26.14 32.62 0.75
CA ASN B 117 26.48 33.64 1.74
C ASN B 117 26.47 33.07 3.14
N VAL B 118 27.64 32.98 3.78
CA VAL B 118 27.65 32.67 5.19
C VAL B 118 26.94 33.78 5.95
N SER B 119 26.16 33.37 6.94
CA SER B 119 25.19 34.21 7.61
C SER B 119 24.98 33.63 9.00
N SER B 120 24.37 34.44 9.88
CA SER B 120 24.03 33.95 11.21
C SER B 120 23.07 32.76 11.20
N HIS B 121 22.43 32.47 10.06
CA HIS B 121 21.59 31.29 9.95
C HIS B 121 22.28 30.10 9.28
N VAL B 122 23.41 30.31 8.62
CA VAL B 122 24.03 29.28 7.79
C VAL B 122 25.53 29.38 7.87
N HIS B 123 26.19 28.37 8.42
CA HIS B 123 27.63 28.41 8.62
C HIS B 123 28.14 26.98 8.43
N THR B 124 29.40 26.86 8.04
CA THR B 124 29.98 25.57 7.72
C THR B 124 30.44 24.83 8.97
N VAL B 125 30.33 23.51 8.93
CA VAL B 125 30.94 22.66 9.95
C VAL B 125 32.44 22.49 9.68
N THR B 126 33.18 22.19 10.74
CA THR B 126 34.63 21.97 10.67
C THR B 126 34.96 20.48 10.64
N LEU B 127 35.86 20.09 9.73
CA LEU B 127 36.39 18.74 9.63
C LEU B 127 37.52 18.48 10.62
N PRO B 128 37.60 17.27 11.17
CA PRO B 128 38.60 16.95 12.19
C PRO B 128 40.01 16.86 11.62
N PRO B 129 41.02 17.07 12.47
CA PRO B 129 42.39 16.72 12.10
C PRO B 129 42.59 15.21 12.02
N ALA B 130 43.51 14.80 11.14
CA ALA B 130 43.66 13.38 10.85
C ALA B 130 44.03 12.53 12.07
N SER B 131 44.53 13.14 13.12
CA SER B 131 44.91 12.43 14.33
C SER B 131 43.76 12.13 15.30
N GLU B 132 42.59 12.72 15.11
CA GLU B 132 41.49 12.53 16.07
C GLU B 132 40.90 11.12 15.94
N THR B 133 40.57 10.51 17.07
CA THR B 133 40.07 9.15 17.09
C THR B 133 38.64 9.03 17.57
N PHE B 134 38.15 10.01 18.30
CA PHE B 134 36.83 10.03 18.92
C PHE B 134 36.63 8.80 19.80
N PRO B 135 37.34 8.71 20.92
CA PRO B 135 37.15 7.57 21.82
C PRO B 135 35.80 7.62 22.49
N PRO B 136 35.34 6.50 23.03
CA PRO B 136 34.07 6.50 23.78
C PRO B 136 34.07 7.53 24.91
N GLY B 137 32.87 7.95 25.27
CA GLY B 137 32.60 8.93 26.30
C GLY B 137 32.44 10.35 25.81
N MET B 138 32.85 10.66 24.57
CA MET B 138 32.69 11.98 24.02
C MET B 138 31.21 12.33 23.82
N PRO B 139 30.86 13.61 23.85
CA PRO B 139 29.50 14.05 23.54
C PRO B 139 29.16 14.26 22.05
N CYS B 140 28.47 13.31 21.42
CA CYS B 140 28.18 13.38 19.98
C CYS B 140 26.68 13.36 19.70
N TRP B 141 26.26 14.09 18.67
CA TRP B 141 24.87 14.20 18.23
C TRP B 141 24.71 13.85 16.76
N VAL B 142 23.53 13.38 16.40
CA VAL B 142 23.13 13.21 15.01
C VAL B 142 21.77 13.86 14.81
N THR B 143 21.54 14.46 13.64
CA THR B 143 20.40 15.34 13.38
C THR B 143 19.85 15.01 12.00
N GLY B 144 18.54 15.08 11.85
CA GLY B 144 17.97 14.76 10.56
C GLY B 144 16.46 14.85 10.54
N TRP B 145 15.92 14.60 9.36
CA TRP B 145 14.48 14.55 9.12
C TRP B 145 13.97 13.17 8.78
N GLY B 146 14.68 12.14 9.12
CA GLY B 146 14.28 10.78 8.88
C GLY B 146 13.21 10.23 9.82
N ASP B 147 12.77 9.02 9.50
CA ASP B 147 11.72 8.33 10.25
C ASP B 147 11.97 8.32 11.74
N VAL B 148 10.89 8.38 12.51
CA VAL B 148 11.02 8.52 13.95
C VAL B 148 10.97 7.16 14.63
N ASP B 149 10.46 6.15 13.94
CA ASP B 149 10.51 4.79 14.44
C ASP B 149 10.51 3.85 13.26
N ASN B 150 10.63 2.56 13.57
CA ASN B 150 11.08 1.55 12.62
C ASN B 150 10.26 1.56 11.33
N ASP B 151 8.97 1.89 11.41
CA ASP B 151 8.18 2.03 10.18
C ASP B 151 7.40 3.33 10.15
N GLU B 152 7.72 4.31 10.99
CA GLU B 152 6.89 5.48 11.22
C GLU B 152 7.50 6.71 10.56
N ARG B 153 6.79 7.29 9.59
CA ARG B 153 7.23 8.54 8.98
C ARG B 153 7.20 9.68 9.98
N LEU B 154 8.06 10.65 9.78
CA LEU B 154 8.00 11.91 10.53
C LEU B 154 6.69 12.65 10.25
N PRO B 155 5.97 13.08 11.29
CA PRO B 155 4.66 13.69 11.10
C PRO B 155 4.68 15.01 10.33
N PRO B 156 3.64 15.26 9.56
CA PRO B 156 3.40 16.45 8.71
C PRO B 156 3.88 17.84 9.12
N PRO B 157 4.17 18.18 10.36
CA PRO B 157 4.90 19.46 10.52
C PRO B 157 6.36 19.39 10.08
N PHE B 158 7.02 18.23 10.18
CA PHE B 158 8.40 17.90 9.78
C PHE B 158 9.53 18.71 10.44
N PRO B 159 9.59 18.79 11.77
CA PRO B 159 10.72 19.46 12.43
C PRO B 159 12.04 18.70 12.31
N LEU B 160 13.13 19.45 12.31
CA LEU B 160 14.47 18.88 12.43
C LEU B 160 14.66 18.32 13.84
N LYS B 161 14.96 17.04 13.95
CA LYS B 161 15.19 16.38 15.22
C LYS B 161 16.67 16.14 15.48
N GLN B 162 16.99 15.97 16.76
CA GLN B 162 18.35 15.74 17.22
C GLN B 162 18.36 14.72 18.34
N VAL B 163 19.44 13.96 18.44
CA VAL B 163 19.64 13.04 19.55
C VAL B 163 21.14 12.92 19.82
N LYS B 164 21.48 12.82 21.09
CA LYS B 164 22.83 12.57 21.53
C LYS B 164 23.04 11.05 21.61
N VAL B 165 24.08 10.56 20.94
CA VAL B 165 24.36 9.12 20.88
C VAL B 165 25.65 8.78 21.62
N PRO B 166 25.77 7.56 22.14
CA PRO B 166 27.08 7.06 22.56
C PRO B 166 27.95 6.51 21.43
N ILE B 167 29.24 6.47 21.70
CA ILE B 167 30.25 5.95 20.77
C ILE B 167 30.80 4.64 21.32
N MET B 168 31.09 3.72 20.42
CA MET B 168 31.66 2.43 20.73
C MET B 168 32.98 2.29 19.99
N GLU B 169 33.92 1.56 20.59
CA GLU B 169 35.10 1.14 19.85
C GLU B 169 34.70 0.12 18.80
N ASN B 170 35.44 0.11 17.69
CA ASN B 170 35.10 -0.76 16.55
C ASN B 170 35.08 -2.24 16.93
N HIS B 171 36.07 -2.70 17.68
CA HIS B 171 36.10 -4.13 17.99
C HIS B 171 34.93 -4.54 18.87
N ILE B 172 34.52 -3.69 19.81
CA ILE B 172 33.34 -4.02 20.60
C ILE B 172 32.09 -4.01 19.74
N CYS B 173 32.04 -3.13 18.74
CA CYS B 173 30.92 -3.06 17.83
C CYS B 173 30.89 -4.27 16.91
N ASP B 174 32.04 -4.65 16.37
CA ASP B 174 32.09 -5.81 15.51
C ASP B 174 31.62 -7.07 16.25
N ALA B 175 32.02 -7.22 17.50
CA ALA B 175 31.59 -8.37 18.28
C ALA B 175 30.08 -8.43 18.43
N LYS B 176 29.43 -7.29 18.66
CA LYS B 176 27.98 -7.29 18.83
C LYS B 176 27.27 -7.70 17.56
N TYR B 177 27.78 -7.30 16.41
CA TYR B 177 27.18 -7.70 15.16
C TYR B 177 27.27 -9.19 14.91
N HIS B 178 28.21 -9.87 15.53
CA HIS B 178 28.26 -11.32 15.44
C HIS B 178 27.26 -12.04 16.34
N LEU B 179 26.71 -11.37 17.35
CA LEU B 179 25.70 -12.01 18.20
C LEU B 179 24.41 -12.28 17.43
N GLY B 180 23.97 -13.53 17.46
CA GLY B 180 22.76 -13.89 16.76
C GLY B 180 22.89 -13.98 15.27
N ALA B 181 24.10 -14.17 14.74
CA ALA B 181 24.35 -14.27 13.33
C ALA B 181 25.14 -15.54 13.01
N TYR B 182 25.00 -16.01 11.79
CA TYR B 182 25.77 -17.17 11.32
C TYR B 182 27.19 -16.82 10.92
N THR B 183 27.50 -15.55 10.76
CA THR B 183 28.79 -15.11 10.28
C THR B 183 29.89 -15.56 11.23
N GLY B 184 30.97 -16.10 10.68
CA GLY B 184 32.10 -16.50 11.51
C GLY B 184 32.80 -15.29 12.08
N ASP B 185 33.18 -15.38 13.35
CA ASP B 185 33.74 -14.20 14.00
C ASP B 185 35.16 -13.87 13.62
N ASP B 186 35.79 -14.63 12.74
CA ASP B 186 36.97 -14.14 12.03
C ASP B 186 36.64 -13.11 10.95
N VAL B 187 35.42 -13.10 10.44
CA VAL B 187 35.06 -12.27 9.28
C VAL B 187 34.66 -10.89 9.80
N ARG B 188 35.52 -9.91 9.59
CA ARG B 188 35.25 -8.52 9.97
C ARG B 188 34.05 -7.92 9.25
N ILE B 189 33.05 -7.50 10.03
CA ILE B 189 31.89 -6.78 9.50
C ILE B 189 32.13 -5.26 9.50
N VAL B 190 32.44 -4.70 10.67
CA VAL B 190 32.71 -3.28 10.79
C VAL B 190 34.16 -3.03 10.38
N ARG B 191 34.38 -2.43 9.22
CA ARG B 191 35.74 -2.10 8.76
C ARG B 191 36.32 -0.91 9.50
N ASP B 192 37.59 -0.59 9.18
CA ASP B 192 38.31 0.49 9.85
C ASP B 192 37.99 1.88 9.33
N ASP B 193 37.43 1.99 8.15
CA ASP B 193 36.92 3.25 7.66
C ASP B 193 35.53 3.56 8.16
N MET B 194 35.09 2.84 9.19
CA MET B 194 33.76 2.96 9.75
C MET B 194 33.84 3.30 11.22
N LEU B 195 32.69 3.70 11.77
CA LEU B 195 32.55 4.12 13.15
C LEU B 195 31.17 3.71 13.63
N CYS B 196 31.04 3.40 14.91
CA CYS B 196 29.78 2.90 15.49
C CYS B 196 29.24 3.84 16.57
N ALA B 197 27.92 4.02 16.60
CA ALA B 197 27.30 4.85 17.60
C ALA B 197 25.87 4.41 17.81
N GLY B 198 25.26 4.86 18.91
CA GLY B 198 23.86 4.62 19.17
C GLY B 198 23.57 3.40 20.04
N ASN B 199 22.30 3.27 20.39
CA ASN B 199 21.79 2.16 21.16
C ASN B 199 20.28 2.05 20.95
N THR B 200 19.69 1.04 21.58
CA THR B 200 18.29 0.68 21.42
C THR B 200 17.33 1.83 21.72
N ARG B 201 17.75 2.87 22.41
CA ARG B 201 16.85 3.99 22.63
C ARG B 201 17.13 5.19 21.74
N ARG B 202 18.24 5.21 21.00
CA ARG B 202 18.73 6.43 20.40
C ARG B 202 19.49 6.09 19.14
N ASP B 203 18.97 6.49 17.98
CA ASP B 203 19.62 6.12 16.74
C ASP B 203 19.17 7.05 15.63
N SER B 204 19.96 7.12 14.57
CA SER B 204 19.50 7.53 13.26
C SER B 204 18.52 6.49 12.68
N CYS B 205 17.80 6.86 11.63
CA CYS B 205 16.93 5.90 10.95
C CYS B 205 16.80 6.27 9.48
N GLN B 206 15.90 5.60 8.77
CA GLN B 206 15.71 5.85 7.35
C GLN B 206 15.42 7.32 7.10
N GLY B 207 16.04 7.85 6.05
CA GLY B 207 16.00 9.24 5.69
C GLY B 207 16.94 10.15 6.43
N ASP B 208 17.61 9.67 7.47
CA ASP B 208 18.73 10.41 8.04
C ASP B 208 20.04 10.14 7.34
N SER B 209 20.10 9.13 6.48
CA SER B 209 21.31 8.78 5.77
C SER B 209 21.95 10.00 5.12
N GLY B 210 23.28 10.02 5.15
CA GLY B 210 24.08 11.11 4.68
C GLY B 210 24.25 12.28 5.62
N GLY B 211 23.48 12.35 6.67
CA GLY B 211 23.60 13.37 7.67
C GLY B 211 24.86 13.32 8.51
N PRO B 212 25.20 14.46 9.11
CA PRO B 212 26.40 14.52 9.93
C PRO B 212 26.22 13.98 11.34
N LEU B 213 27.29 13.39 11.83
CA LEU B 213 27.52 13.10 13.24
C LEU B 213 28.59 14.04 13.75
N VAL B 214 28.26 14.84 14.75
CA VAL B 214 29.18 15.85 15.25
C VAL B 214 29.48 15.63 16.71
N CYS B 215 30.71 15.97 17.10
CA CYS B 215 31.15 15.85 18.48
C CYS B 215 31.76 17.19 18.89
N LYS B 216 31.53 17.59 20.13
CA LYS B 216 32.04 18.83 20.68
C LYS B 216 33.40 18.55 21.31
N VAL B 217 34.48 18.92 20.64
CA VAL B 217 35.84 18.71 21.14
C VAL B 217 36.49 20.05 21.44
N ASN B 218 36.94 20.23 22.68
CA ASN B 218 37.62 21.45 23.11
C ASN B 218 36.81 22.70 22.73
N GLY B 219 35.51 22.64 22.98
CA GLY B 219 34.58 23.70 22.63
C GLY B 219 34.16 23.80 21.17
N THR B 220 34.81 23.10 20.24
CA THR B 220 34.52 23.19 18.81
C THR B 220 33.74 21.97 18.32
N TRP B 221 32.73 22.19 17.49
CA TRP B 221 32.01 21.09 16.83
C TRP B 221 32.83 20.55 15.66
N LEU B 222 33.13 19.25 15.68
CA LEU B 222 33.76 18.55 14.56
C LEU B 222 32.84 17.46 14.04
N GLN B 223 32.81 17.28 12.72
CA GLN B 223 32.07 16.18 12.11
C GLN B 223 32.87 14.89 12.15
N ALA B 224 32.45 13.98 13.02
CA ALA B 224 33.11 12.68 13.14
C ALA B 224 32.70 11.73 12.02
N GLY B 225 31.45 11.75 11.58
CA GLY B 225 30.97 10.72 10.69
C GLY B 225 29.82 11.13 9.82
N VAL B 226 29.44 10.22 8.94
CA VAL B 226 28.29 10.36 8.05
C VAL B 226 27.42 9.15 8.26
N VAL B 227 26.11 9.36 8.40
CA VAL B 227 25.17 8.25 8.57
C VAL B 227 25.23 7.35 7.34
N SER B 228 25.53 6.06 7.56
CA SER B 228 25.76 5.15 6.45
C SER B 228 24.79 3.97 6.42
N TRP B 229 24.84 3.05 7.38
CA TRP B 229 24.01 1.86 7.29
C TRP B 229 23.84 1.24 8.66
N GLY B 230 22.88 0.34 8.75
CA GLY B 230 22.66 -0.44 9.96
C GLY B 230 21.56 -1.44 9.73
N GLU B 231 21.53 -2.46 10.60
CA GLU B 231 20.47 -3.48 10.60
C GLU B 231 19.22 -3.03 11.33
N GLY B 232 18.43 -2.18 10.69
CA GLY B 232 17.23 -1.63 11.29
C GLY B 232 17.51 -0.55 12.30
N CYS B 233 16.45 0.05 12.82
CA CYS B 233 16.62 1.17 13.74
C CYS B 233 16.42 0.70 15.18
N ALA B 234 17.38 1.07 16.03
CA ALA B 234 17.34 0.83 17.46
C ALA B 234 17.21 -0.66 17.84
N GLN B 235 17.58 -1.59 16.96
CA GLN B 235 17.49 -3.01 17.26
C GLN B 235 18.59 -3.45 18.23
N PRO B 236 18.31 -4.44 19.08
CA PRO B 236 19.34 -4.92 20.04
C PRO B 236 20.59 -5.47 19.37
N ASN B 237 21.74 -5.07 19.93
CA ASN B 237 23.07 -5.44 19.45
C ASN B 237 23.33 -5.01 18.02
N ARG B 238 22.66 -3.99 17.52
CA ARG B 238 22.92 -3.46 16.19
C ARG B 238 23.07 -1.95 16.26
N PRO B 239 24.21 -1.46 16.72
CA PRO B 239 24.50 -0.03 16.61
C PRO B 239 24.54 0.43 15.16
N GLY B 240 24.27 1.72 14.96
CA GLY B 240 24.42 2.31 13.64
C GLY B 240 25.86 2.47 13.20
N ILE B 241 26.06 2.34 11.90
CA ILE B 241 27.38 2.42 11.28
C ILE B 241 27.50 3.75 10.55
N TYR B 242 28.61 4.43 10.74
CA TYR B 242 28.87 5.74 10.16
C TYR B 242 30.17 5.67 9.39
N THR B 243 30.24 6.37 8.28
CA THR B 243 31.50 6.52 7.55
C THR B 243 32.42 7.43 8.36
N ARG B 244 33.63 6.97 8.63
CA ARG B 244 34.62 7.67 9.45
C ARG B 244 35.33 8.75 8.65
N VAL B 245 35.03 10.02 8.94
CA VAL B 245 35.47 11.12 8.08
C VAL B 245 36.99 11.24 8.00
N THR B 246 37.70 11.01 9.12
CA THR B 246 39.15 11.15 9.11
C THR B 246 39.85 10.22 8.13
N TYR B 247 39.22 9.11 7.77
CA TYR B 247 39.79 8.16 6.85
C TYR B 247 39.84 8.70 5.43
N TYR B 248 39.10 9.76 5.13
CA TYR B 248 38.93 10.20 3.75
C TYR B 248 39.39 11.63 3.53
N LEU B 249 40.08 12.23 4.50
CA LEU B 249 40.48 13.63 4.41
C LEU B 249 41.30 13.91 3.16
N ASP B 250 42.26 13.05 2.84
CA ASP B 250 43.08 13.28 1.66
C ASP B 250 42.26 13.31 0.38
N TRP B 251 41.23 12.46 0.30
CA TRP B 251 40.36 12.45 -0.86
C TRP B 251 39.46 13.68 -0.90
N ILE B 252 38.97 14.14 0.26
CA ILE B 252 38.15 15.33 0.29
C ILE B 252 38.96 16.55 -0.11
N HIS B 253 40.15 16.69 0.42
CA HIS B 253 40.94 17.85 0.08
C HIS B 253 41.49 17.82 -1.24
N HIS B 254 41.17 16.89 -2.13
CA HIS B 254 41.61 16.96 -3.51
C HIS B 254 40.64 17.76 -4.35
N TYR B 255 39.46 18.07 -3.83
CA TYR B 255 38.44 18.78 -4.56
C TYR B 255 37.98 20.03 -3.85
N VAL B 256 38.00 20.03 -2.53
CA VAL B 256 37.44 21.11 -1.73
C VAL B 256 38.60 22.02 -1.32
N PRO B 257 38.57 23.30 -1.63
CA PRO B 257 39.70 24.20 -1.38
C PRO B 257 40.00 24.48 0.08
N LYS B 258 40.99 23.84 0.67
CA LYS B 258 41.33 24.14 2.06
C LYS B 258 42.27 25.34 2.12
N ILE C 16 10.51 -15.20 -12.91
CA ILE C 16 11.10 -15.48 -14.19
C ILE C 16 10.55 -14.50 -15.21
N VAL C 17 11.44 -13.75 -15.85
CA VAL C 17 11.09 -12.80 -16.88
C VAL C 17 11.32 -13.48 -18.23
N GLY C 18 10.31 -13.44 -19.08
CA GLY C 18 10.32 -14.25 -20.28
C GLY C 18 9.96 -15.68 -19.96
N GLY C 19 10.19 -16.54 -20.93
CA GLY C 19 10.00 -17.96 -20.75
C GLY C 19 8.59 -18.50 -20.58
N GLN C 20 8.45 -19.81 -20.65
CA GLN C 20 7.17 -20.49 -20.62
C GLN C 20 6.77 -20.95 -19.23
N GLU C 21 5.61 -21.59 -19.16
CA GLU C 21 5.34 -22.54 -18.10
C GLU C 21 6.18 -23.80 -18.33
N ALA C 22 6.53 -24.42 -17.30
CA ALA C 22 7.36 -25.61 -17.30
C ALA C 22 6.52 -26.87 -17.54
N PRO C 23 6.99 -27.78 -18.38
CA PRO C 23 6.34 -29.09 -18.51
C PRO C 23 6.18 -29.80 -17.19
N ARG C 24 5.31 -30.79 -17.11
CA ARG C 24 5.00 -31.40 -15.83
C ARG C 24 5.98 -32.45 -15.43
N SER C 25 7.15 -32.50 -16.03
CA SER C 25 8.16 -33.47 -15.62
C SER C 25 9.55 -32.97 -15.90
N LYS C 26 9.80 -31.68 -15.81
CA LYS C 26 11.07 -31.22 -16.32
C LYS C 26 12.09 -30.79 -15.30
N TRP C 27 11.74 -30.51 -14.06
CA TRP C 27 12.76 -30.10 -13.10
C TRP C 27 12.42 -30.76 -11.79
N PRO C 28 12.67 -32.07 -11.67
CA PRO C 28 12.20 -32.80 -10.49
C PRO C 28 12.93 -32.42 -9.22
N TRP C 29 13.83 -31.44 -9.26
CA TRP C 29 14.67 -31.11 -8.12
C TRP C 29 14.30 -29.76 -7.52
N GLN C 30 13.32 -29.07 -8.09
CA GLN C 30 12.96 -27.73 -7.68
C GLN C 30 12.27 -27.77 -6.32
N VAL C 31 12.65 -26.85 -5.45
CA VAL C 31 12.14 -26.75 -4.09
C VAL C 31 11.56 -25.36 -3.86
N SER C 32 10.48 -25.30 -3.07
CA SER C 32 9.93 -24.06 -2.59
C SER C 32 10.15 -23.93 -1.08
N LEU C 33 10.66 -22.79 -0.63
CA LEU C 33 10.77 -22.48 0.79
C LEU C 33 9.59 -21.64 1.26
N ARG C 34 8.99 -22.03 2.39
CA ARG C 34 7.78 -21.43 2.94
C ARG C 34 8.04 -20.80 4.30
N VAL C 35 7.44 -19.64 4.54
CA VAL C 35 7.54 -18.94 5.82
C VAL C 35 6.15 -18.88 6.45
N HIS C 36 6.10 -19.04 7.77
CA HIS C 36 4.84 -19.00 8.51
C HIS C 36 4.23 -17.59 8.55
N GLY C 37 2.91 -17.56 8.64
CA GLY C 37 2.15 -16.33 8.67
C GLY C 37 0.67 -16.66 8.67
N PRO C 38 -0.13 -15.86 7.97
CA PRO C 38 -1.52 -16.26 7.75
C PRO C 38 -1.65 -17.48 6.87
N TYR C 39 -0.64 -17.77 6.06
CA TYR C 39 -0.55 -19.01 5.31
C TYR C 39 0.94 -19.23 5.11
N TRP C 40 1.29 -20.45 4.74
CA TRP C 40 2.67 -20.84 4.44
C TRP C 40 3.10 -20.30 3.08
N MET C 41 3.51 -19.04 3.08
CA MET C 41 3.86 -18.31 1.88
C MET C 41 5.24 -18.68 1.31
N HIS C 42 5.29 -18.84 -0.01
CA HIS C 42 6.56 -19.00 -0.72
C HIS C 42 7.41 -17.74 -0.67
N PHE C 43 8.69 -17.90 -0.36
CA PHE C 43 9.58 -16.76 -0.39
C PHE C 43 10.92 -17.02 -1.05
N CYS C 44 11.33 -18.27 -1.26
CA CYS C 44 12.65 -18.53 -1.80
C CYS C 44 12.68 -19.89 -2.47
N GLY C 45 13.63 -20.08 -3.40
CA GLY C 45 13.81 -21.36 -4.07
C GLY C 45 14.94 -22.20 -3.48
N GLY C 46 15.05 -23.42 -3.99
CA GLY C 46 16.18 -24.29 -3.69
C GLY C 46 16.19 -25.48 -4.62
N SER C 47 17.18 -26.35 -4.43
CA SER C 47 17.26 -27.61 -5.17
C SER C 47 17.61 -28.75 -4.24
N LEU C 48 16.98 -29.90 -4.47
CA LEU C 48 17.28 -31.13 -3.74
C LEU C 48 18.50 -31.78 -4.36
N ILE C 49 19.59 -31.81 -3.61
CA ILE C 49 20.86 -32.33 -4.10
C ILE C 49 21.19 -33.69 -3.51
N HIS C 50 20.54 -34.10 -2.44
CA HIS C 50 20.73 -35.38 -1.82
C HIS C 50 19.40 -35.66 -1.16
N PRO C 51 19.04 -36.93 -0.95
CA PRO C 51 17.72 -37.21 -0.37
C PRO C 51 17.45 -36.55 0.96
N GLN C 52 18.43 -35.93 1.59
CA GLN C 52 18.20 -35.26 2.85
C GLN C 52 18.73 -33.83 2.88
N TRP C 53 19.19 -33.30 1.77
CA TRP C 53 19.83 -32.00 1.74
C TRP C 53 19.28 -31.13 0.62
N VAL C 54 19.02 -29.87 0.96
CA VAL C 54 18.60 -28.84 0.01
C VAL C 54 19.68 -27.79 -0.06
N LEU C 55 19.99 -27.35 -1.29
CA LEU C 55 20.94 -26.30 -1.54
C LEU C 55 20.19 -25.01 -1.84
N THR C 56 20.63 -23.90 -1.25
CA THR C 56 19.93 -22.62 -1.38
C THR C 56 20.90 -21.47 -1.16
N ALA C 57 20.39 -20.27 -1.36
CA ALA C 57 21.10 -19.00 -1.14
C ALA C 57 21.20 -18.62 0.34
N ALA C 58 22.33 -18.03 0.71
CA ALA C 58 22.51 -17.63 2.11
C ALA C 58 21.62 -16.46 2.51
N HIS C 59 21.43 -15.49 1.62
CA HIS C 59 20.66 -14.31 1.98
C HIS C 59 19.16 -14.58 2.17
N CYS C 60 18.66 -15.76 1.79
CA CYS C 60 17.28 -16.14 2.11
C CYS C 60 17.09 -16.50 3.56
N VAL C 61 18.13 -16.92 4.25
CA VAL C 61 18.04 -17.49 5.59
C VAL C 61 18.96 -16.81 6.58
N GLY C 62 19.96 -16.06 6.16
CA GLY C 62 20.81 -15.36 7.08
C GLY C 62 20.91 -13.91 6.69
N PRO C 63 21.86 -13.19 7.27
CA PRO C 63 22.91 -13.64 8.18
C PRO C 63 22.39 -13.84 9.61
N ASP C 64 21.26 -13.28 10.00
CA ASP C 64 20.72 -13.49 11.33
C ASP C 64 20.05 -14.86 11.46
N VAL C 65 20.15 -15.45 12.64
CA VAL C 65 19.63 -16.79 12.89
C VAL C 65 18.10 -16.77 12.90
N LYS C 66 17.50 -17.82 12.37
CA LYS C 66 16.06 -17.96 12.25
C LYS C 66 15.54 -19.09 13.14
N ASP C 67 14.35 -18.91 13.68
CA ASP C 67 13.65 -19.99 14.35
C ASP C 67 13.17 -21.02 13.34
N LEU C 68 13.58 -22.27 13.48
CA LEU C 68 13.15 -23.31 12.56
C LEU C 68 11.65 -23.58 12.63
N ALA C 69 10.96 -23.16 13.69
CA ALA C 69 9.52 -23.28 13.73
C ALA C 69 8.85 -22.55 12.56
N ALA C 70 9.46 -21.47 12.08
CA ALA C 70 8.88 -20.63 11.05
C ALA C 70 9.14 -21.09 9.60
N LEU C 71 9.80 -22.21 9.37
CA LEU C 71 10.24 -22.60 8.03
C LEU C 71 9.73 -23.98 7.62
N ARG C 72 9.39 -24.13 6.34
CA ARG C 72 9.06 -25.43 5.76
C ARG C 72 9.59 -25.52 4.34
N VAL C 73 9.76 -26.75 3.86
CA VAL C 73 10.20 -27.06 2.50
C VAL C 73 9.04 -27.74 1.78
N GLN C 74 8.84 -27.40 0.52
CA GLN C 74 7.86 -28.07 -0.31
C GLN C 74 8.54 -28.55 -1.58
N LEU C 75 8.33 -29.81 -1.94
CA LEU C 75 8.99 -30.38 -3.11
C LEU C 75 8.24 -30.01 -4.38
N ARG C 76 8.70 -30.53 -5.51
CA ARG C 76 8.19 -30.10 -6.82
C ARG C 76 6.68 -30.27 -6.90
N GLU C 77 6.01 -29.24 -7.39
CA GLU C 77 4.58 -29.26 -7.63
C GLU C 77 4.36 -28.26 -8.75
N GLN C 78 3.35 -28.52 -9.56
CA GLN C 78 3.19 -27.67 -10.74
C GLN C 78 2.68 -26.27 -10.36
N HIS C 79 1.81 -26.18 -9.36
CA HIS C 79 1.20 -24.94 -8.92
C HIS C 79 1.40 -24.77 -7.42
N LEU C 80 1.95 -23.63 -7.00
CA LEU C 80 2.07 -23.32 -5.57
C LEU C 80 0.73 -23.40 -4.86
N TYR C 81 0.75 -23.97 -3.67
CA TYR C 81 -0.30 -23.97 -2.64
C TYR C 81 -1.38 -25.01 -2.90
N TYR C 82 -1.54 -25.45 -4.14
CA TYR C 82 -2.69 -26.27 -4.50
C TYR C 82 -2.69 -27.62 -3.78
N GLN C 83 -1.58 -28.31 -3.72
CA GLN C 83 -1.54 -29.57 -2.98
C GLN C 83 -0.21 -29.63 -2.23
N ASP C 84 -0.22 -29.16 -1.00
CA ASP C 84 0.98 -29.00 -0.21
C ASP C 84 1.21 -30.15 0.76
N GLN C 85 2.48 -30.44 0.97
CA GLN C 85 2.98 -31.47 1.86
C GLN C 85 4.27 -30.93 2.50
N LEU C 86 4.12 -30.10 3.50
CA LEU C 86 5.24 -29.30 4.04
C LEU C 86 6.21 -30.15 4.87
N LEU C 87 7.43 -30.29 4.42
CA LEU C 87 8.48 -31.01 5.15
C LEU C 87 9.15 -30.15 6.22
N PRO C 88 9.42 -30.69 7.40
CA PRO C 88 10.16 -29.94 8.41
C PRO C 88 11.67 -30.03 8.23
N VAL C 89 12.34 -28.99 8.71
CA VAL C 89 13.78 -28.77 8.55
C VAL C 89 14.49 -29.01 9.87
N SER C 90 15.56 -29.80 9.86
CA SER C 90 16.26 -30.10 11.10
C SER C 90 17.39 -29.14 11.40
N ARG C 91 18.06 -28.60 10.39
CA ARG C 91 19.25 -27.80 10.63
C ARG C 91 19.49 -26.89 9.43
N ILE C 92 20.04 -25.70 9.69
CA ILE C 92 20.41 -24.74 8.65
C ILE C 92 21.91 -24.50 8.75
N ILE C 93 22.60 -24.53 7.61
CA ILE C 93 24.02 -24.28 7.57
C ILE C 93 24.28 -23.19 6.55
N VAL C 94 24.92 -22.11 6.98
CA VAL C 94 25.22 -20.99 6.12
C VAL C 94 26.74 -20.90 6.06
N HIS C 95 27.26 -20.57 4.91
CA HIS C 95 28.71 -20.48 4.74
C HIS C 95 29.30 -19.45 5.69
N PRO C 96 30.36 -19.79 6.44
CA PRO C 96 30.84 -18.88 7.49
C PRO C 96 31.26 -17.52 6.99
N GLN C 97 31.53 -17.34 5.71
CA GLN C 97 32.03 -16.08 5.18
C GLN C 97 30.94 -15.24 4.54
N PHE C 98 29.70 -15.39 4.94
CA PHE C 98 28.62 -14.66 4.29
C PHE C 98 28.14 -13.55 5.20
N TYR C 99 28.03 -12.36 4.65
CA TYR C 99 27.34 -11.33 5.39
C TYR C 99 26.35 -10.68 4.45
N THR C 100 26.76 -10.34 3.24
CA THR C 100 25.85 -9.83 2.21
C THR C 100 26.22 -10.47 0.89
N ALA C 101 25.27 -10.44 -0.05
CA ALA C 101 25.40 -11.13 -1.32
C ALA C 101 26.50 -10.53 -2.17
N GLN C 102 26.58 -9.22 -2.26
CA GLN C 102 27.56 -8.57 -3.11
C GLN C 102 28.99 -8.89 -2.68
N ILE C 103 29.20 -9.36 -1.47
CA ILE C 103 30.55 -9.65 -1.01
C ILE C 103 30.93 -11.08 -1.36
N GLY C 104 29.99 -12.02 -1.34
CA GLY C 104 30.24 -13.37 -1.79
C GLY C 104 29.78 -14.40 -0.79
N ALA C 105 30.07 -15.66 -1.11
CA ALA C 105 29.76 -16.83 -0.29
C ALA C 105 28.27 -16.97 0.01
N ASP C 106 27.43 -16.50 -0.89
CA ASP C 106 25.99 -16.57 -0.76
C ASP C 106 25.52 -18.00 -1.08
N ILE C 107 25.70 -18.90 -0.13
CA ILE C 107 25.37 -20.31 -0.30
C ILE C 107 24.98 -20.89 1.05
N ALA C 108 24.01 -21.80 1.06
CA ALA C 108 23.53 -22.38 2.31
C ALA C 108 22.98 -23.79 2.09
N LEU C 109 22.89 -24.52 3.18
CA LEU C 109 22.38 -25.88 3.17
C LEU C 109 21.27 -26.04 4.19
N LEU C 110 20.22 -26.77 3.81
CA LEU C 110 19.16 -27.17 4.73
C LEU C 110 19.20 -28.67 4.85
N GLU C 111 19.14 -29.15 6.07
CA GLU C 111 19.04 -30.57 6.33
C GLU C 111 17.61 -30.91 6.73
N LEU C 112 17.00 -31.80 5.97
CA LEU C 112 15.64 -32.23 6.22
C LEU C 112 15.57 -33.16 7.42
N GLU C 113 14.48 -33.05 8.17
CA GLU C 113 14.25 -33.94 9.30
C GLU C 113 14.17 -35.39 8.87
N GLU C 114 13.37 -35.68 7.88
CA GLU C 114 13.07 -36.96 7.28
C GLU C 114 13.60 -37.04 5.86
N PRO C 115 14.23 -38.14 5.46
CA PRO C 115 14.67 -38.30 4.08
C PRO C 115 13.51 -38.49 3.10
N VAL C 116 13.79 -38.22 1.84
CA VAL C 116 12.78 -38.20 0.79
C VAL C 116 12.89 -39.48 -0.03
N ASN C 117 11.75 -40.11 -0.33
CA ASN C 117 11.69 -41.20 -1.32
C ASN C 117 11.94 -40.67 -2.72
N VAL C 118 13.07 -41.05 -3.32
CA VAL C 118 13.23 -40.76 -4.74
C VAL C 118 12.17 -41.52 -5.51
N SER C 119 11.62 -40.85 -6.53
CA SER C 119 10.41 -41.26 -7.22
C SER C 119 10.46 -40.65 -8.61
N SER C 120 9.63 -41.16 -9.51
CA SER C 120 9.52 -40.59 -10.84
C SER C 120 9.10 -39.13 -10.84
N HIS C 121 8.58 -38.61 -9.72
CA HIS C 121 8.25 -37.19 -9.63
C HIS C 121 9.33 -36.35 -8.93
N VAL C 122 10.29 -36.98 -8.25
CA VAL C 122 11.23 -36.25 -7.40
C VAL C 122 12.59 -36.93 -7.45
N HIS C 123 13.59 -36.24 -7.98
CA HIS C 123 14.91 -36.82 -8.15
C HIS C 123 15.92 -35.70 -7.95
N THR C 124 17.12 -36.07 -7.53
CA THR C 124 18.14 -35.09 -7.19
C THR C 124 18.88 -34.59 -8.42
N VAL C 125 19.27 -33.33 -8.39
CA VAL C 125 20.18 -32.78 -9.39
C VAL C 125 21.63 -33.19 -9.09
N THR C 126 22.45 -33.20 -10.13
CA THR C 126 23.87 -33.55 -10.03
C THR C 126 24.74 -32.29 -9.98
N LEU C 127 25.70 -32.27 -9.06
CA LEU C 127 26.71 -31.22 -8.93
C LEU C 127 27.87 -31.42 -9.90
N PRO C 128 28.42 -30.34 -10.44
CA PRO C 128 29.49 -30.42 -11.44
C PRO C 128 30.81 -30.88 -10.84
N PRO C 129 31.68 -31.46 -11.67
CA PRO C 129 33.08 -31.66 -11.27
C PRO C 129 33.84 -30.34 -11.17
N ALA C 130 34.82 -30.31 -10.28
CA ALA C 130 35.50 -29.04 -9.98
C ALA C 130 36.19 -28.41 -11.18
N SER C 131 36.44 -29.16 -12.23
CA SER C 131 37.09 -28.65 -13.43
C SER C 131 36.16 -27.95 -14.42
N GLU C 132 34.85 -28.04 -14.26
CA GLU C 132 33.92 -27.45 -15.24
C GLU C 132 33.91 -25.93 -15.11
N THR C 133 33.86 -25.24 -16.25
CA THR C 133 33.91 -23.79 -16.28
C THR C 133 32.65 -23.14 -16.79
N PHE C 134 31.85 -23.86 -17.53
CA PHE C 134 30.63 -23.38 -18.17
C PHE C 134 30.93 -22.17 -19.05
N PRO C 135 31.64 -22.35 -20.16
CA PRO C 135 31.93 -21.26 -21.06
C PRO C 135 30.67 -20.77 -21.76
N PRO C 136 30.68 -19.57 -22.29
CA PRO C 136 29.53 -19.09 -23.08
C PRO C 136 29.16 -20.04 -24.21
N GLY C 137 27.89 -19.98 -24.60
CA GLY C 137 27.29 -20.79 -25.64
C GLY C 137 26.60 -22.03 -25.16
N MET C 138 26.83 -22.46 -23.92
CA MET C 138 26.16 -23.63 -23.37
C MET C 138 24.66 -23.39 -23.21
N PRO C 139 23.85 -24.44 -23.24
CA PRO C 139 22.41 -24.32 -22.96
C PRO C 139 22.00 -24.38 -21.49
N CYS C 140 21.71 -23.24 -20.86
CA CYS C 140 21.38 -23.19 -19.44
C CYS C 140 19.99 -22.59 -19.18
N TRP C 141 19.31 -23.11 -18.17
CA TRP C 141 17.97 -22.68 -17.76
C TRP C 141 17.92 -22.29 -16.29
N VAL C 142 17.00 -21.40 -15.96
CA VAL C 142 16.67 -21.09 -14.57
C VAL C 142 15.16 -21.17 -14.40
N THR C 143 14.69 -21.63 -13.24
CA THR C 143 13.30 -22.01 -13.01
C THR C 143 12.89 -21.49 -11.64
N GLY C 144 11.65 -21.05 -11.52
CA GLY C 144 11.22 -20.54 -10.24
C GLY C 144 9.79 -20.04 -10.26
N TRP C 145 9.35 -19.60 -9.08
CA TRP C 145 8.04 -19.01 -8.87
C TRP C 145 8.08 -17.53 -8.54
N GLY C 146 9.14 -16.86 -8.86
CA GLY C 146 9.28 -15.44 -8.62
C GLY C 146 8.52 -14.53 -9.58
N ASP C 147 8.57 -13.25 -9.27
CA ASP C 147 7.88 -12.21 -10.03
C ASP C 147 8.14 -12.30 -11.52
N VAL C 148 7.14 -11.95 -12.31
CA VAL C 148 7.24 -12.13 -13.75
C VAL C 148 7.73 -10.85 -14.43
N ASP C 149 7.63 -9.73 -13.74
CA ASP C 149 8.20 -8.50 -14.23
C ASP C 149 8.53 -7.62 -13.05
N ASN C 150 9.14 -6.47 -13.35
CA ASN C 150 9.91 -5.71 -12.39
C ASN C 150 9.13 -5.40 -11.11
N ASP C 151 7.82 -5.22 -11.22
CA ASP C 151 7.00 -5.03 -10.02
C ASP C 151 5.78 -5.94 -10.00
N GLU C 152 5.73 -6.97 -10.84
CA GLU C 152 4.52 -7.74 -11.09
C GLU C 152 4.60 -9.11 -10.43
N ARG C 153 3.71 -9.36 -9.48
CA ARG C 153 3.62 -10.68 -8.87
C ARG C 153 3.18 -11.73 -9.88
N LEU C 154 3.60 -12.96 -9.65
CA LEU C 154 3.08 -14.10 -10.40
C LEU C 154 1.58 -14.28 -10.16
N PRO C 155 0.78 -14.42 -11.22
CA PRO C 155 -0.68 -14.48 -11.05
C PRO C 155 -1.17 -15.70 -10.30
N PRO C 156 -2.25 -15.54 -9.54
CA PRO C 156 -2.93 -16.55 -8.71
C PRO C 156 -3.02 -18.01 -9.11
N PRO C 157 -2.85 -18.45 -10.35
CA PRO C 157 -2.66 -19.90 -10.50
C PRO C 157 -1.29 -20.40 -10.02
N PHE C 158 -0.24 -19.58 -10.12
CA PHE C 158 1.15 -19.80 -9.69
C PHE C 158 1.91 -20.97 -10.31
N PRO C 159 1.96 -21.08 -11.64
CA PRO C 159 2.76 -22.13 -12.28
C PRO C 159 4.27 -21.93 -12.13
N LEU C 160 4.99 -23.04 -12.11
CA LEU C 160 6.45 -23.02 -12.20
C LEU C 160 6.86 -22.58 -13.60
N LYS C 161 7.64 -21.52 -13.70
CA LYS C 161 8.13 -20.99 -14.96
C LYS C 161 9.59 -21.34 -15.19
N GLN C 162 9.98 -21.31 -16.45
CA GLN C 162 11.33 -21.62 -16.89
C GLN C 162 11.75 -20.68 -18.01
N VAL C 163 13.05 -20.39 -18.08
CA VAL C 163 13.61 -19.62 -19.19
C VAL C 163 15.03 -20.08 -19.42
N LYS C 164 15.42 -20.12 -20.69
CA LYS C 164 16.78 -20.41 -21.09
C LYS C 164 17.55 -19.08 -21.16
N VAL C 165 18.69 -19.02 -20.48
CA VAL C 165 19.49 -17.80 -20.40
C VAL C 165 20.83 -17.98 -21.11
N PRO C 166 21.42 -16.90 -21.62
CA PRO C 166 22.83 -16.92 -22.01
C PRO C 166 23.81 -16.75 -20.86
N ILE C 167 25.03 -17.20 -21.10
CA ILE C 167 26.14 -17.11 -20.15
C ILE C 167 27.15 -16.11 -20.68
N MET C 168 27.76 -15.36 -19.77
CA MET C 168 28.78 -14.39 -20.07
C MET C 168 30.04 -14.75 -19.30
N GLU C 169 31.20 -14.44 -19.87
CA GLU C 169 32.43 -14.50 -19.12
C GLU C 169 32.43 -13.40 -18.06
N ASN C 170 33.09 -13.67 -16.93
CA ASN C 170 33.09 -12.73 -15.80
C ASN C 170 33.64 -11.36 -16.17
N HIS C 171 34.75 -11.31 -16.91
CA HIS C 171 35.33 -10.01 -17.20
C HIS C 171 34.42 -9.18 -18.11
N ILE C 172 33.73 -9.82 -19.06
CA ILE C 172 32.79 -9.06 -19.87
C ILE C 172 31.61 -8.60 -19.04
N CYS C 173 31.21 -9.38 -18.05
CA CYS C 173 30.13 -9.02 -17.15
C CYS C 173 30.54 -7.89 -16.24
N ASP C 174 31.74 -7.97 -15.67
CA ASP C 174 32.20 -6.91 -14.80
C ASP C 174 32.26 -5.57 -15.54
N ALA C 175 32.72 -5.59 -16.79
CA ALA C 175 32.78 -4.37 -17.57
C ALA C 175 31.40 -3.74 -17.76
N LYS C 176 30.38 -4.56 -18.00
CA LYS C 176 29.04 -3.99 -18.21
C LYS C 176 28.51 -3.34 -16.94
N TYR C 177 28.81 -3.90 -15.79
CA TYR C 177 28.38 -3.30 -14.55
C TYR C 177 29.02 -1.95 -14.29
N HIS C 178 30.18 -1.68 -14.89
CA HIS C 178 30.77 -0.36 -14.79
C HIS C 178 30.13 0.68 -15.70
N LEU C 179 29.38 0.27 -16.73
CA LEU C 179 28.72 1.24 -17.60
C LEU C 179 27.61 1.99 -16.86
N GLY C 180 27.68 3.31 -16.89
CA GLY C 180 26.68 4.11 -16.22
C GLY C 180 26.80 4.14 -14.71
N ALA C 181 27.99 3.86 -14.17
CA ALA C 181 28.23 3.88 -12.74
C ALA C 181 29.44 4.74 -12.41
N TYR C 182 29.46 5.25 -11.18
CA TYR C 182 30.60 6.02 -10.70
C TYR C 182 31.77 5.16 -10.27
N THR C 183 31.56 3.86 -10.11
CA THR C 183 32.59 2.97 -9.61
C THR C 183 33.79 2.96 -10.53
N GLY C 184 34.99 3.05 -9.96
CA GLY C 184 36.20 2.98 -10.76
C GLY C 184 36.40 1.59 -11.32
N ASP C 185 36.81 1.54 -12.58
CA ASP C 185 36.89 0.22 -13.23
C ASP C 185 38.07 -0.62 -12.81
N ASP C 186 38.93 -0.16 -11.92
CA ASP C 186 39.82 -1.05 -11.18
C ASP C 186 39.10 -1.87 -10.12
N VAL C 187 37.95 -1.43 -9.62
CA VAL C 187 37.28 -2.04 -8.49
C VAL C 187 36.40 -3.17 -9.02
N ARG C 188 36.81 -4.41 -8.79
CA ARG C 188 36.04 -5.58 -9.18
C ARG C 188 34.69 -5.68 -8.50
N ILE C 189 33.62 -5.69 -9.29
CA ILE C 189 32.26 -5.92 -8.79
C ILE C 189 31.91 -7.41 -8.79
N VAL C 190 32.01 -8.05 -9.96
CA VAL C 190 31.71 -9.47 -10.08
C VAL C 190 32.96 -10.25 -9.64
N ARG C 191 32.91 -10.88 -8.48
CA ARG C 191 34.02 -11.70 -7.99
C ARG C 191 34.12 -13.04 -8.72
N ASP C 192 35.17 -13.81 -8.38
CA ASP C 192 35.43 -15.09 -9.03
C ASP C 192 34.59 -16.25 -8.53
N ASP C 193 34.02 -16.13 -7.36
CA ASP C 193 33.06 -17.10 -6.89
C ASP C 193 31.66 -16.85 -7.42
N MET C 194 31.55 -16.04 -8.46
CA MET C 194 30.29 -15.63 -9.04
C MET C 194 30.27 -15.99 -10.52
N LEU C 195 29.06 -15.92 -11.09
CA LEU C 195 28.80 -16.26 -12.47
C LEU C 195 27.69 -15.35 -12.98
N CYS C 196 27.72 -15.01 -14.26
CA CYS C 196 26.76 -14.09 -14.87
C CYS C 196 25.92 -14.76 -15.96
N ALA C 197 24.64 -14.42 -16.02
CA ALA C 197 23.76 -14.95 -17.04
C ALA C 197 22.61 -14.00 -17.28
N GLY C 198 21.90 -14.19 -18.39
CA GLY C 198 20.71 -13.44 -18.68
C GLY C 198 20.92 -12.21 -19.55
N ASN C 199 19.80 -11.60 -19.92
CA ASN C 199 19.77 -10.38 -20.71
C ASN C 199 18.41 -9.70 -20.52
N THR C 200 18.27 -8.55 -21.17
CA THR C 200 17.10 -7.69 -21.03
C THR C 200 15.78 -8.39 -21.36
N ARG C 201 15.78 -9.51 -22.04
CA ARG C 201 14.54 -10.20 -22.28
C ARG C 201 14.32 -11.41 -21.39
N ARG C 202 15.32 -11.85 -20.63
CA ARG C 202 15.29 -13.17 -20.03
C ARG C 202 16.10 -13.13 -18.75
N ASP C 203 15.44 -13.30 -17.60
CA ASP C 203 16.16 -13.20 -16.35
C ASP C 203 15.36 -13.89 -15.25
N SER C 204 16.04 -14.24 -14.18
CA SER C 204 15.44 -14.45 -12.88
C SER C 204 14.91 -13.11 -12.31
N CYS C 205 14.08 -13.17 -11.28
CA CYS C 205 13.64 -11.95 -10.61
C CYS C 205 13.35 -12.24 -9.14
N GLN C 206 12.76 -11.26 -8.46
CA GLN C 206 12.45 -11.42 -7.04
C GLN C 206 11.62 -12.67 -6.80
N GLY C 207 11.97 -13.39 -5.74
CA GLY C 207 11.39 -14.66 -5.39
C GLY C 207 11.93 -15.87 -6.12
N ASP C 208 12.75 -15.69 -7.14
CA ASP C 208 13.52 -16.80 -7.69
C ASP C 208 14.82 -17.04 -6.94
N SER C 209 15.24 -16.12 -6.09
CA SER C 209 16.47 -16.27 -5.35
C SER C 209 16.61 -17.63 -4.70
N GLY C 210 17.82 -18.15 -4.70
CA GLY C 210 18.13 -19.47 -4.22
C GLY C 210 17.86 -20.61 -5.15
N GLY C 211 17.15 -20.39 -6.22
CA GLY C 211 16.89 -21.38 -7.22
C GLY C 211 18.08 -21.83 -8.04
N PRO C 212 17.98 -23.00 -8.64
CA PRO C 212 19.09 -23.53 -9.43
C PRO C 212 19.16 -22.96 -10.84
N LEU C 213 20.38 -22.82 -11.30
CA LEU C 213 20.74 -22.65 -12.71
C LEU C 213 21.37 -23.93 -13.20
N VAL C 214 20.79 -24.55 -14.22
CA VAL C 214 21.26 -25.84 -14.69
C VAL C 214 21.66 -25.75 -16.15
N CYS C 215 22.67 -26.53 -16.51
CA CYS C 215 23.15 -26.60 -17.88
C CYS C 215 23.21 -28.07 -18.28
N LYS C 216 22.87 -28.35 -19.53
CA LYS C 216 22.89 -29.70 -20.07
C LYS C 216 24.27 -29.96 -20.68
N VAL C 217 25.11 -30.71 -19.98
CA VAL C 217 26.45 -31.04 -20.45
C VAL C 217 26.55 -32.53 -20.75
N ASN C 218 26.93 -32.87 -21.98
CA ASN C 218 27.10 -34.26 -22.40
C ASN C 218 25.87 -35.10 -22.04
N GLY C 219 24.69 -34.56 -22.32
CA GLY C 219 23.43 -35.18 -21.99
C GLY C 219 22.97 -35.10 -20.54
N THR C 220 23.81 -34.70 -19.60
CA THR C 220 23.47 -34.67 -18.18
C THR C 220 23.21 -33.24 -17.70
N TRP C 221 22.18 -33.06 -16.88
CA TRP C 221 21.92 -31.77 -16.23
C TRP C 221 22.86 -31.57 -15.04
N LEU C 222 23.63 -30.49 -15.05
CA LEU C 222 24.45 -30.08 -13.92
C LEU C 222 24.01 -28.71 -13.41
N GLN C 223 24.02 -28.54 -12.09
CA GLN C 223 23.74 -27.23 -11.49
C GLN C 223 24.97 -26.34 -11.51
N ALA C 224 24.95 -25.33 -12.39
CA ALA C 224 26.06 -24.39 -12.49
C ALA C 224 26.02 -23.34 -11.36
N GLY C 225 24.84 -22.90 -10.96
CA GLY C 225 24.78 -21.75 -10.08
C GLY C 225 23.54 -21.69 -9.23
N VAL C 226 23.51 -20.70 -8.36
CA VAL C 226 22.38 -20.40 -7.50
C VAL C 226 22.04 -18.93 -7.71
N VAL C 227 20.75 -18.63 -7.89
CA VAL C 227 20.32 -17.25 -8.07
C VAL C 227 20.68 -16.43 -6.84
N SER C 228 21.45 -15.36 -7.05
CA SER C 228 21.99 -14.59 -5.92
C SER C 228 21.54 -13.14 -5.91
N TRP C 229 21.96 -12.31 -6.86
CA TRP C 229 21.63 -10.90 -6.79
C TRP C 229 21.75 -10.26 -8.16
N GLY C 230 21.20 -9.06 -8.27
CA GLY C 230 21.32 -8.27 -9.47
C GLY C 230 20.68 -6.91 -9.26
N GLU C 231 21.06 -5.97 -10.13
CA GLU C 231 20.47 -4.62 -10.15
C GLU C 231 19.16 -4.57 -10.91
N GLY C 232 18.10 -5.05 -10.29
CA GLY C 232 16.79 -5.10 -10.90
C GLY C 232 16.66 -6.21 -11.92
N CYS C 233 15.46 -6.37 -12.47
CA CYS C 233 15.20 -7.47 -13.39
C CYS C 233 15.24 -6.97 -14.82
N ALA C 234 15.99 -7.68 -15.66
CA ALA C 234 16.09 -7.44 -17.09
C ALA C 234 16.54 -6.02 -17.47
N GLN C 235 17.21 -5.30 -16.57
CA GLN C 235 17.68 -3.95 -16.87
C GLN C 235 18.88 -3.97 -17.81
N PRO C 236 19.02 -2.95 -18.67
CA PRO C 236 20.18 -2.89 -19.60
C PRO C 236 21.53 -2.86 -18.91
N ASN C 237 22.44 -3.67 -19.44
CA ASN C 237 23.81 -3.84 -18.94
C ASN C 237 23.86 -4.33 -17.50
N ARG C 238 22.84 -5.01 -17.02
CA ARG C 238 22.85 -5.60 -15.69
C ARG C 238 22.41 -7.05 -15.76
N PRO C 239 23.29 -7.94 -16.20
CA PRO C 239 23.01 -9.37 -16.08
C PRO C 239 22.83 -9.81 -14.63
N GLY C 240 22.09 -10.89 -14.45
CA GLY C 240 21.98 -11.49 -13.14
C GLY C 240 23.24 -12.19 -12.66
N ILE C 241 23.45 -12.13 -11.36
CA ILE C 241 24.63 -12.71 -10.71
C ILE C 241 24.22 -13.98 -9.98
N TYR C 242 24.99 -15.03 -10.15
CA TYR C 242 24.72 -16.34 -9.57
C TYR C 242 25.93 -16.77 -8.77
N THR C 243 25.71 -17.45 -7.65
CA THR C 243 26.79 -18.06 -6.91
C THR C 243 27.32 -19.26 -7.69
N ARG C 244 28.62 -19.29 -7.94
CA ARG C 244 29.28 -20.31 -8.75
C ARG C 244 29.51 -21.58 -7.94
N VAL C 245 28.75 -22.64 -8.23
CA VAL C 245 28.72 -23.81 -7.37
C VAL C 245 30.08 -24.51 -7.28
N THR C 246 30.85 -24.57 -8.37
CA THR C 246 32.14 -25.26 -8.33
C THR C 246 33.11 -24.67 -7.33
N TYR C 247 32.95 -23.39 -6.98
CA TYR C 247 33.82 -22.73 -6.04
C TYR C 247 33.63 -23.24 -4.62
N TYR C 248 32.54 -23.93 -4.34
CA TYR C 248 32.18 -24.28 -2.97
C TYR C 248 32.06 -25.77 -2.74
N LEU C 249 32.49 -26.59 -3.70
CA LEU C 249 32.32 -28.04 -3.61
C LEU C 249 32.95 -28.61 -2.35
N ASP C 250 34.15 -28.17 -2.00
CA ASP C 250 34.80 -28.69 -0.80
C ASP C 250 34.01 -28.40 0.46
N TRP C 251 33.38 -27.22 0.52
CA TRP C 251 32.55 -26.88 1.66
C TRP C 251 31.25 -27.67 1.68
N ILE C 252 30.66 -27.92 0.51
CA ILE C 252 29.43 -28.70 0.45
C ILE C 252 29.71 -30.14 0.87
N HIS C 253 30.77 -30.73 0.36
CA HIS C 253 31.05 -32.10 0.71
C HIS C 253 31.55 -32.27 2.05
N HIS C 254 31.58 -31.28 2.93
CA HIS C 254 31.93 -31.51 4.31
C HIS C 254 30.71 -31.88 5.14
N TYR C 255 29.52 -31.72 4.59
CA TYR C 255 28.28 -31.98 5.29
C TYR C 255 27.40 -32.97 4.57
N VAL C 256 27.45 -32.98 3.25
CA VAL C 256 26.53 -33.77 2.43
C VAL C 256 27.27 -35.05 2.04
N PRO C 257 26.74 -36.23 2.35
CA PRO C 257 27.45 -37.48 2.12
C PRO C 257 27.66 -37.87 0.67
N LYS C 258 28.83 -37.66 0.10
CA LYS C 258 29.06 -38.07 -1.28
C LYS C 258 29.47 -39.53 -1.33
N ILE D 16 -16.38 -14.96 4.03
CA ILE D 16 -17.16 -15.64 5.03
C ILE D 16 -16.41 -15.60 6.35
N VAL D 17 -17.05 -15.05 7.37
CA VAL D 17 -16.49 -14.97 8.71
C VAL D 17 -17.08 -16.12 9.51
N GLY D 18 -16.22 -16.88 10.15
CA GLY D 18 -16.62 -18.14 10.74
C GLY D 18 -16.75 -19.21 9.69
N GLY D 19 -17.36 -20.31 10.08
CA GLY D 19 -17.67 -21.38 9.17
C GLY D 19 -16.51 -22.21 8.62
N GLN D 20 -16.84 -23.31 7.96
CA GLN D 20 -15.88 -24.28 7.46
C GLN D 20 -15.52 -24.04 6.00
N GLU D 21 -14.66 -24.90 5.48
CA GLU D 21 -14.64 -25.16 4.07
C GLU D 21 -15.88 -25.95 3.67
N ALA D 22 -16.20 -25.91 2.42
CA ALA D 22 -17.43 -26.54 1.99
C ALA D 22 -17.14 -27.92 1.41
N PRO D 23 -18.02 -28.89 1.68
CA PRO D 23 -17.92 -30.19 1.04
C PRO D 23 -17.88 -30.09 -0.48
N ARG D 24 -17.35 -31.09 -1.14
CA ARG D 24 -17.16 -30.99 -2.58
C ARG D 24 -18.40 -31.29 -3.36
N SER D 25 -19.56 -31.23 -2.75
CA SER D 25 -20.80 -31.43 -3.48
C SER D 25 -21.96 -30.71 -2.83
N LYS D 26 -21.73 -29.55 -2.24
CA LYS D 26 -22.80 -29.01 -1.43
C LYS D 26 -23.50 -27.79 -1.97
N TRP D 27 -22.95 -27.05 -2.90
CA TRP D 27 -23.63 -25.85 -3.38
C TRP D 27 -23.43 -25.79 -4.88
N PRO D 28 -24.04 -26.70 -5.62
CA PRO D 28 -23.74 -26.82 -7.05
C PRO D 28 -24.10 -25.58 -7.85
N TRP D 29 -24.85 -24.64 -7.28
CA TRP D 29 -25.32 -23.45 -7.97
C TRP D 29 -24.41 -22.23 -7.79
N GLN D 30 -23.36 -22.32 -6.98
CA GLN D 30 -22.50 -21.17 -6.69
C GLN D 30 -21.73 -20.72 -7.93
N VAL D 31 -21.67 -19.41 -8.14
CA VAL D 31 -21.03 -18.78 -9.28
C VAL D 31 -19.98 -17.78 -8.82
N SER D 32 -18.88 -17.69 -9.57
CA SER D 32 -17.87 -16.65 -9.39
C SER D 32 -17.88 -15.68 -10.57
N LEU D 33 -17.90 -14.38 -10.30
CA LEU D 33 -17.75 -13.36 -11.33
C LEU D 33 -16.30 -12.86 -11.41
N ARG D 34 -15.78 -12.80 -12.64
CA ARG D 34 -14.38 -12.45 -12.92
C ARG D 34 -14.27 -11.15 -13.70
N VAL D 35 -13.29 -10.34 -13.36
CA VAL D 35 -13.00 -9.09 -14.08
C VAL D 35 -11.63 -9.19 -14.72
N HIS D 36 -11.50 -8.65 -15.92
CA HIS D 36 -10.23 -8.68 -16.65
C HIS D 36 -9.17 -7.78 -16.01
N GLY D 37 -7.92 -8.15 -16.20
CA GLY D 37 -6.79 -7.44 -15.65
C GLY D 37 -5.50 -8.19 -15.95
N PRO D 38 -4.55 -8.16 -15.03
CA PRO D 38 -3.40 -9.07 -15.13
C PRO D 38 -3.81 -10.54 -15.08
N TYR D 39 -4.96 -10.84 -14.51
CA TYR D 39 -5.55 -12.16 -14.57
C TYR D 39 -7.02 -11.95 -14.30
N TRP D 40 -7.80 -12.98 -14.58
CA TRP D 40 -9.25 -12.98 -14.40
C TRP D 40 -9.61 -13.12 -12.92
N MET D 41 -9.55 -11.99 -12.22
CA MET D 41 -9.75 -11.92 -10.78
C MET D 41 -11.22 -12.03 -10.36
N HIS D 42 -11.46 -12.83 -9.32
CA HIS D 42 -12.76 -12.90 -8.67
C HIS D 42 -13.11 -11.59 -7.97
N PHE D 43 -14.33 -11.11 -8.18
CA PHE D 43 -14.78 -9.93 -7.47
C PHE D 43 -16.18 -10.02 -6.91
N CYS D 44 -17.02 -10.96 -7.34
CA CYS D 44 -18.40 -10.99 -6.89
C CYS D 44 -18.96 -12.39 -7.03
N GLY D 45 -20.01 -12.70 -6.25
CA GLY D 45 -20.68 -13.98 -6.34
C GLY D 45 -21.98 -13.93 -7.16
N GLY D 46 -22.55 -15.11 -7.35
CA GLY D 46 -23.88 -15.24 -7.95
C GLY D 46 -24.39 -16.64 -7.78
N SER D 47 -25.60 -16.88 -8.30
CA SER D 47 -26.18 -18.22 -8.32
C SER D 47 -26.80 -18.51 -9.67
N LEU D 48 -26.64 -19.74 -10.14
CA LEU D 48 -27.27 -20.21 -11.38
C LEU D 48 -28.70 -20.62 -11.07
N ILE D 49 -29.65 -19.88 -11.61
CA ILE D 49 -31.06 -20.10 -11.34
C ILE D 49 -31.78 -20.72 -12.52
N HIS D 50 -31.21 -20.71 -13.70
CA HIS D 50 -31.76 -21.32 -14.87
C HIS D 50 -30.56 -21.65 -15.72
N PRO D 51 -30.63 -22.65 -16.60
CA PRO D 51 -29.44 -23.03 -17.37
C PRO D 51 -28.83 -21.91 -18.18
N GLN D 52 -29.46 -20.76 -18.28
CA GLN D 52 -28.89 -19.66 -19.03
C GLN D 52 -28.88 -18.34 -18.24
N TRP D 53 -29.25 -18.36 -16.98
CA TRP D 53 -29.39 -17.13 -16.20
C TRP D 53 -28.70 -17.23 -14.86
N VAL D 54 -27.99 -16.17 -14.52
CA VAL D 54 -27.33 -16.01 -13.22
C VAL D 54 -27.98 -14.85 -12.49
N LEU D 55 -28.24 -15.05 -11.20
CA LEU D 55 -28.79 -14.03 -10.33
C LEU D 55 -27.68 -13.45 -9.48
N THR D 56 -27.64 -12.12 -9.36
CA THR D 56 -26.56 -11.44 -8.64
C THR D 56 -27.05 -10.08 -8.13
N ALA D 57 -26.17 -9.42 -7.39
CA ALA D 57 -26.37 -8.08 -6.83
C ALA D 57 -26.18 -6.98 -7.87
N ALA D 58 -26.99 -5.93 -7.78
CA ALA D 58 -26.89 -4.83 -8.72
C ALA D 58 -25.61 -4.02 -8.54
N HIS D 59 -25.18 -3.79 -7.30
CA HIS D 59 -24.01 -2.95 -7.06
C HIS D 59 -22.70 -3.58 -7.52
N CYS D 60 -22.67 -4.87 -7.86
CA CYS D 60 -21.49 -5.48 -8.47
C CYS D 60 -21.28 -5.06 -9.91
N VAL D 61 -22.35 -4.67 -10.61
CA VAL D 61 -22.31 -4.45 -12.05
C VAL D 61 -22.83 -3.08 -12.44
N GLY D 62 -23.54 -2.37 -11.59
CA GLY D 62 -24.00 -1.05 -11.91
C GLY D 62 -23.63 -0.09 -10.81
N PRO D 63 -24.21 1.10 -10.82
CA PRO D 63 -25.25 1.60 -11.73
C PRO D 63 -24.69 2.01 -13.09
N ASP D 64 -23.41 2.26 -13.24
CA ASP D 64 -22.83 2.60 -14.53
C ASP D 64 -22.68 1.37 -15.43
N VAL D 65 -22.85 1.57 -16.73
CA VAL D 65 -22.80 0.47 -17.69
C VAL D 65 -21.37 -0.03 -17.85
N LYS D 66 -21.23 -1.34 -18.01
CA LYS D 66 -19.95 -2.01 -18.14
C LYS D 66 -19.76 -2.60 -19.53
N ASP D 67 -18.53 -2.59 -20.01
CA ASP D 67 -18.19 -3.32 -21.22
C ASP D 67 -18.20 -4.82 -20.94
N LEU D 68 -19.00 -5.57 -21.68
CA LEU D 68 -19.05 -7.02 -21.49
C LEU D 68 -17.74 -7.71 -21.84
N ALA D 69 -16.85 -7.07 -22.59
CA ALA D 69 -15.53 -7.64 -22.83
C ALA D 69 -14.78 -7.91 -21.52
N ALA D 70 -15.03 -7.12 -20.49
CA ALA D 70 -14.30 -7.20 -19.24
C ALA D 70 -14.84 -8.22 -18.23
N LEU D 71 -15.88 -8.99 -18.56
CA LEU D 71 -16.56 -9.84 -17.58
C LEU D 71 -16.60 -11.30 -18.01
N ARG D 72 -16.46 -12.21 -17.05
CA ARG D 72 -16.67 -13.64 -17.27
C ARG D 72 -17.34 -14.28 -16.05
N VAL D 73 -17.97 -15.42 -16.27
CA VAL D 73 -18.62 -16.23 -15.24
C VAL D 73 -17.85 -17.54 -15.11
N GLN D 74 -17.68 -18.00 -13.89
CA GLN D 74 -17.07 -19.28 -13.63
C GLN D 74 -18.01 -20.09 -12.74
N LEU D 75 -18.29 -21.34 -13.12
CA LEU D 75 -19.22 -22.15 -12.36
C LEU D 75 -18.52 -22.80 -11.17
N ARG D 76 -19.25 -23.64 -10.44
CA ARG D 76 -18.77 -24.17 -9.16
C ARG D 76 -17.43 -24.88 -9.32
N GLU D 77 -16.49 -24.51 -8.47
CA GLU D 77 -15.19 -25.14 -8.41
C GLU D 77 -14.81 -25.07 -6.94
N GLN D 78 -14.00 -26.03 -6.50
CA GLN D 78 -13.66 -26.06 -5.09
C GLN D 78 -12.66 -24.94 -4.74
N HIS D 79 -11.70 -24.67 -5.61
CA HIS D 79 -10.65 -23.68 -5.40
C HIS D 79 -10.63 -22.70 -6.56
N LEU D 80 -10.71 -21.40 -6.26
CA LEU D 80 -10.58 -20.37 -7.28
C LEU D 80 -9.29 -20.54 -8.07
N TYR D 81 -9.38 -20.35 -9.37
CA TYR D 81 -8.29 -20.18 -10.34
C TYR D 81 -7.64 -21.49 -10.78
N TYR D 82 -7.74 -22.55 -10.01
CA TYR D 82 -6.94 -23.73 -10.31
C TYR D 82 -7.42 -24.47 -11.56
N GLN D 83 -8.71 -24.56 -11.80
CA GLN D 83 -9.13 -25.15 -13.07
C GLN D 83 -10.30 -24.32 -13.62
N ASP D 84 -9.97 -23.31 -14.41
CA ASP D 84 -10.95 -22.35 -14.88
C ASP D 84 -11.46 -22.67 -16.28
N GLN D 85 -12.72 -22.33 -16.50
CA GLN D 85 -13.47 -22.48 -17.73
C GLN D 85 -14.43 -21.30 -17.87
N LEU D 86 -13.90 -20.16 -18.30
CA LEU D 86 -14.62 -18.88 -18.23
C LEU D 86 -15.74 -18.77 -19.27
N LEU D 87 -16.97 -18.69 -18.84
CA LEU D 87 -18.12 -18.51 -19.73
C LEU D 87 -18.33 -17.04 -20.11
N PRO D 88 -18.65 -16.76 -21.37
CA PRO D 88 -18.98 -15.38 -21.75
C PRO D 88 -20.44 -15.02 -21.50
N VAL D 89 -20.66 -13.73 -21.28
CA VAL D 89 -21.94 -13.15 -20.89
C VAL D 89 -22.55 -12.40 -22.07
N SER D 90 -23.82 -12.64 -22.35
CA SER D 90 -24.45 -11.99 -23.49
C SER D 90 -25.15 -10.69 -23.13
N ARG D 91 -25.69 -10.57 -21.93
CA ARG D 91 -26.49 -9.41 -21.58
C ARG D 91 -26.52 -9.25 -20.07
N ILE D 92 -26.60 -8.00 -19.61
CA ILE D 92 -26.72 -7.66 -18.19
C ILE D 92 -28.02 -6.91 -17.99
N ILE D 93 -28.79 -7.29 -16.97
CA ILE D 93 -30.04 -6.62 -16.67
C ILE D 93 -30.01 -6.21 -15.21
N VAL D 94 -30.18 -4.93 -14.95
CA VAL D 94 -30.16 -4.40 -13.60
C VAL D 94 -31.55 -3.84 -13.35
N HIS D 95 -32.05 -4.00 -12.14
CA HIS D 95 -33.38 -3.53 -11.81
C HIS D 95 -33.48 -2.01 -12.02
N PRO D 96 -34.51 -1.52 -12.71
CA PRO D 96 -34.54 -0.10 -13.07
C PRO D 96 -34.50 0.85 -11.90
N GLN D 97 -34.83 0.40 -10.69
CA GLN D 97 -34.92 1.28 -9.54
C GLN D 97 -33.68 1.23 -8.67
N PHE D 98 -32.52 0.88 -9.21
CA PHE D 98 -31.33 0.74 -8.39
C PHE D 98 -30.41 1.91 -8.63
N TYR D 99 -29.94 2.51 -7.54
CA TYR D 99 -28.88 3.47 -7.71
C TYR D 99 -27.82 3.13 -6.67
N THR D 100 -28.21 2.91 -5.42
CA THR D 100 -27.29 2.45 -4.38
C THR D 100 -27.99 1.39 -3.56
N ALA D 101 -27.18 0.59 -2.85
CA ALA D 101 -27.68 -0.57 -2.12
C ALA D 101 -28.59 -0.16 -0.97
N GLN D 102 -28.21 0.84 -0.21
CA GLN D 102 -28.99 1.24 0.95
C GLN D 102 -30.39 1.71 0.57
N ILE D 103 -30.62 2.06 -0.68
CA ILE D 103 -31.94 2.54 -1.08
C ILE D 103 -32.82 1.37 -1.50
N GLY D 104 -32.27 0.32 -2.10
CA GLY D 104 -33.01 -0.87 -2.41
C GLY D 104 -32.84 -1.31 -3.84
N ALA D 105 -33.58 -2.37 -4.20
CA ALA D 105 -33.61 -2.95 -5.54
C ALA D 105 -32.25 -3.43 -6.02
N ASP D 106 -31.38 -3.81 -5.09
CA ASP D 106 -30.05 -4.30 -5.39
C ASP D 106 -30.15 -5.75 -5.91
N ILE D 107 -30.53 -5.88 -7.17
CA ILE D 107 -30.73 -7.19 -7.80
C ILE D 107 -30.42 -7.06 -9.28
N ALA D 108 -29.84 -8.11 -9.86
CA ALA D 108 -29.46 -8.07 -11.27
C ALA D 108 -29.45 -9.47 -11.88
N LEU D 109 -29.51 -9.50 -13.20
CA LEU D 109 -29.51 -10.74 -13.95
C LEU D 109 -28.42 -10.72 -15.01
N LEU D 110 -27.73 -11.84 -15.18
CA LEU D 110 -26.79 -12.04 -16.27
C LEU D 110 -27.33 -13.13 -17.17
N GLU D 111 -27.32 -12.89 -18.45
CA GLU D 111 -27.71 -13.89 -19.43
C GLU D 111 -26.45 -14.44 -20.08
N LEU D 112 -26.25 -15.75 -19.96
CA LEU D 112 -25.10 -16.41 -20.55
C LEU D 112 -25.24 -16.54 -22.05
N GLU D 113 -24.12 -16.44 -22.74
CA GLU D 113 -24.09 -16.61 -24.19
C GLU D 113 -24.55 -18.02 -24.58
N GLU D 114 -23.98 -19.03 -23.96
CA GLU D 114 -24.22 -20.45 -24.18
C GLU D 114 -24.89 -21.07 -22.98
N PRO D 115 -25.91 -21.91 -23.15
CA PRO D 115 -26.52 -22.59 -22.00
C PRO D 115 -25.61 -23.66 -21.41
N VAL D 116 -25.90 -24.02 -20.17
CA VAL D 116 -25.05 -24.90 -19.38
C VAL D 116 -25.69 -26.29 -19.33
N ASN D 117 -24.89 -27.34 -19.54
CA ASN D 117 -25.31 -28.71 -19.26
C ASN D 117 -25.49 -28.95 -17.78
N VAL D 118 -26.73 -29.16 -17.34
CA VAL D 118 -26.94 -29.63 -15.99
C VAL D 118 -26.29 -31.00 -15.83
N SER D 119 -25.65 -31.20 -14.69
CA SER D 119 -24.73 -32.29 -14.44
C SER D 119 -24.72 -32.53 -12.94
N SER D 120 -24.20 -33.69 -12.53
CA SER D 120 -24.03 -33.98 -11.11
C SER D 120 -23.13 -32.99 -10.39
N HIS D 121 -22.36 -32.17 -11.12
CA HIS D 121 -21.56 -31.14 -10.49
C HIS D 121 -22.19 -29.75 -10.53
N VAL D 122 -23.24 -29.54 -11.33
CA VAL D 122 -23.77 -28.21 -11.58
C VAL D 122 -25.29 -28.29 -11.75
N HIS D 123 -26.03 -27.69 -10.84
CA HIS D 123 -27.48 -27.77 -10.87
C HIS D 123 -28.02 -26.44 -10.35
N THR D 124 -29.22 -26.10 -10.77
CA THR D 124 -29.80 -24.81 -10.45
C THR D 124 -30.44 -24.80 -9.06
N VAL D 125 -30.36 -23.67 -8.40
CA VAL D 125 -31.13 -23.45 -7.17
C VAL D 125 -32.59 -23.11 -7.49
N THR D 126 -33.47 -23.38 -6.54
CA THR D 126 -34.90 -23.11 -6.66
C THR D 126 -35.27 -21.80 -5.96
N LEU D 127 -36.07 -20.97 -6.62
CA LEU D 127 -36.62 -19.74 -6.07
C LEU D 127 -37.88 -19.99 -5.24
N PRO D 128 -38.07 -19.25 -4.16
CA PRO D 128 -39.20 -19.46 -3.25
C PRO D 128 -40.53 -19.05 -3.86
N PRO D 129 -41.63 -19.63 -3.38
CA PRO D 129 -42.96 -19.09 -3.68
C PRO D 129 -43.20 -17.76 -2.99
N ALA D 130 -44.01 -16.91 -3.63
CA ALA D 130 -44.18 -15.55 -3.15
C ALA D 130 -44.72 -15.44 -1.73
N SER D 131 -45.33 -16.49 -1.21
CA SER D 131 -45.88 -16.50 0.13
C SER D 131 -44.87 -16.79 1.24
N GLU D 132 -43.66 -17.24 0.93
CA GLU D 132 -42.69 -17.60 1.97
C GLU D 132 -42.14 -16.36 2.66
N THR D 133 -41.98 -16.44 3.98
CA THR D 133 -41.53 -15.31 4.77
C THR D 133 -40.17 -15.50 5.41
N PHE D 134 -39.75 -16.73 5.58
CA PHE D 134 -38.51 -17.11 6.25
C PHE D 134 -38.47 -16.53 7.66
N PRO D 135 -39.30 -17.01 8.57
CA PRO D 135 -39.27 -16.52 9.94
C PRO D 135 -38.01 -16.95 10.65
N PRO D 136 -37.65 -16.28 11.74
CA PRO D 136 -36.50 -16.73 12.53
C PRO D 136 -36.60 -18.19 12.96
N GLY D 137 -35.43 -18.78 13.19
CA GLY D 137 -35.26 -20.15 13.59
C GLY D 137 -35.00 -21.12 12.46
N MET D 138 -35.24 -20.73 11.20
CA MET D 138 -34.96 -21.58 10.06
C MET D 138 -33.46 -21.82 9.90
N PRO D 139 -33.08 -22.94 9.29
CA PRO D 139 -31.66 -23.20 8.97
C PRO D 139 -31.16 -22.62 7.65
N CYS D 140 -30.42 -21.50 7.68
CA CYS D 140 -29.94 -20.83 6.47
C CYS D 140 -28.42 -20.71 6.42
N TRP D 141 -27.86 -20.82 5.23
CA TRP D 141 -26.42 -20.74 4.98
C TRP D 141 -26.09 -19.68 3.93
N VAL D 142 -24.89 -19.12 4.02
CA VAL D 142 -24.33 -18.27 2.98
C VAL D 142 -22.93 -18.78 2.64
N THR D 143 -22.54 -18.69 1.37
CA THR D 143 -21.35 -19.35 0.83
C THR D 143 -20.65 -18.36 -0.09
N GLY D 144 -19.33 -18.39 -0.09
CA GLY D 144 -18.62 -17.47 -0.95
C GLY D 144 -17.11 -17.58 -0.82
N TRP D 145 -16.43 -16.78 -1.63
CA TRP D 145 -14.98 -16.67 -1.63
C TRP D 145 -14.48 -15.32 -1.14
N GLY D 146 -15.26 -14.60 -0.41
CA GLY D 146 -14.88 -13.32 0.14
C GLY D 146 -13.96 -13.39 1.35
N ASP D 147 -13.52 -12.19 1.77
CA ASP D 147 -12.60 -12.03 2.89
C ASP D 147 -13.04 -12.78 4.13
N VAL D 148 -12.07 -13.27 4.88
CA VAL D 148 -12.37 -14.13 6.02
C VAL D 148 -12.44 -13.33 7.31
N ASP D 149 -11.84 -12.15 7.34
CA ASP D 149 -12.00 -11.24 8.44
C ASP D 149 -11.92 -9.81 7.93
N ASN D 150 -12.13 -8.87 8.84
CA ASN D 150 -12.50 -7.51 8.50
C ASN D 150 -11.54 -6.87 7.51
N ASP D 151 -10.25 -7.21 7.57
CA ASP D 151 -9.31 -6.73 6.56
C ASP D 151 -8.48 -7.84 5.94
N GLU D 152 -8.86 -9.10 6.11
CA GLU D 152 -8.03 -10.25 5.79
C GLU D 152 -8.49 -10.94 4.52
N ARG D 153 -7.66 -10.95 3.49
CA ARG D 153 -7.97 -11.67 2.27
C ARG D 153 -8.02 -13.17 2.53
N LEU D 154 -8.82 -13.88 1.75
CA LEU D 154 -8.84 -15.34 1.78
C LEU D 154 -7.53 -15.91 1.28
N PRO D 155 -6.88 -16.79 2.05
CA PRO D 155 -5.52 -17.25 1.71
C PRO D 155 -5.42 -17.97 0.38
N PRO D 156 -4.25 -17.85 -0.26
CA PRO D 156 -3.89 -18.43 -1.57
C PRO D 156 -4.36 -19.81 -2.01
N PRO D 157 -4.78 -20.74 -1.18
CA PRO D 157 -5.47 -21.89 -1.81
C PRO D 157 -6.88 -21.56 -2.33
N PHE D 158 -7.60 -20.63 -1.71
CA PHE D 158 -8.92 -20.08 -2.07
C PHE D 158 -10.08 -21.08 -2.10
N PRO D 159 -10.36 -21.77 -1.00
CA PRO D 159 -11.50 -22.69 -0.95
C PRO D 159 -12.83 -21.98 -0.72
N LEU D 160 -13.88 -22.54 -1.33
CA LEU D 160 -15.23 -22.06 -1.08
C LEU D 160 -15.63 -22.33 0.37
N LYS D 161 -15.98 -21.27 1.09
CA LYS D 161 -16.39 -21.36 2.48
C LYS D 161 -17.88 -21.25 2.65
N GLN D 162 -18.36 -21.76 3.77
CA GLN D 162 -19.77 -21.75 4.11
C GLN D 162 -19.96 -21.46 5.60
N VAL D 163 -21.07 -20.82 5.94
CA VAL D 163 -21.44 -20.61 7.34
C VAL D 163 -22.96 -20.60 7.44
N LYS D 164 -23.46 -21.16 8.53
CA LYS D 164 -24.86 -21.13 8.87
C LYS D 164 -25.13 -19.86 9.69
N VAL D 165 -26.10 -19.06 9.27
CA VAL D 165 -26.41 -17.79 9.92
C VAL D 165 -27.80 -17.84 10.56
N PRO D 166 -28.02 -17.07 11.63
CA PRO D 166 -29.39 -16.81 12.08
C PRO D 166 -30.13 -15.72 11.29
N ILE D 167 -31.45 -15.78 11.39
CA ILE D 167 -32.35 -14.82 10.75
C ILE D 167 -33.01 -13.97 11.82
N MET D 168 -33.23 -12.71 11.51
CA MET D 168 -33.87 -11.75 12.37
C MET D 168 -35.09 -11.20 11.65
N GLU D 169 -36.11 -10.85 12.42
CA GLU D 169 -37.21 -10.07 11.87
C GLU D 169 -36.73 -8.66 11.56
N ASN D 170 -37.32 -8.06 10.54
CA ASN D 170 -36.88 -6.73 10.07
C ASN D 170 -36.96 -5.67 11.16
N HIS D 171 -38.05 -5.63 11.92
CA HIS D 171 -38.17 -4.57 12.91
C HIS D 171 -37.13 -4.72 14.02
N ILE D 172 -36.80 -5.95 14.41
CA ILE D 172 -35.74 -6.11 15.41
C ILE D 172 -34.40 -5.72 14.82
N CYS D 173 -34.19 -5.95 13.53
CA CYS D 173 -32.97 -5.57 12.86
C CYS D 173 -32.87 -4.07 12.71
N ASP D 174 -33.96 -3.42 12.31
CA ASP D 174 -33.93 -1.98 12.18
C ASP D 174 -33.60 -1.31 13.51
N ALA D 175 -34.16 -1.82 14.60
CA ALA D 175 -33.87 -1.26 15.92
C ALA D 175 -32.39 -1.34 16.26
N LYS D 176 -31.73 -2.45 15.94
CA LYS D 176 -30.32 -2.59 16.27
C LYS D 176 -29.47 -1.61 15.50
N TYR D 177 -29.83 -1.33 14.25
CA TYR D 177 -29.09 -0.36 13.47
C TYR D 177 -29.20 1.04 14.02
N HIS D 178 -30.25 1.34 14.79
CA HIS D 178 -30.33 2.62 15.45
C HIS D 178 -29.46 2.72 16.71
N LEU D 179 -29.02 1.62 17.28
CA LEU D 179 -28.15 1.69 18.45
C LEU D 179 -26.79 2.28 18.11
N GLY D 180 -26.39 3.31 18.84
CA GLY D 180 -25.12 3.94 18.59
C GLY D 180 -25.07 4.79 17.35
N ALA D 181 -26.21 5.27 16.86
CA ALA D 181 -26.28 6.12 15.69
C ALA D 181 -27.08 7.38 15.98
N TYR D 182 -26.80 8.42 15.21
CA TYR D 182 -27.54 9.67 15.32
C TYR D 182 -28.89 9.63 14.63
N THR D 183 -29.13 8.64 13.79
CA THR D 183 -30.35 8.56 13.00
C THR D 183 -31.57 8.49 13.90
N GLY D 184 -32.59 9.27 13.58
CA GLY D 184 -33.82 9.23 14.35
C GLY D 184 -34.55 7.91 14.12
N ASP D 185 -35.08 7.35 15.20
CA ASP D 185 -35.67 6.01 15.06
C ASP D 185 -37.03 5.99 14.39
N ASP D 186 -37.58 7.11 13.97
CA ASP D 186 -38.64 7.11 12.97
C ASP D 186 -38.15 6.78 11.56
N VAL D 187 -36.87 6.99 11.26
CA VAL D 187 -36.34 6.87 9.91
C VAL D 187 -35.96 5.41 9.68
N ARG D 188 -36.75 4.71 8.88
CA ARG D 188 -36.48 3.32 8.52
C ARG D 188 -35.19 3.13 7.75
N ILE D 189 -34.27 2.34 8.30
CA ILE D 189 -33.03 1.96 7.61
C ILE D 189 -33.22 0.67 6.81
N VAL D 190 -33.65 -0.40 7.47
CA VAL D 190 -33.89 -1.67 6.79
C VAL D 190 -35.27 -1.62 6.15
N ARG D 191 -35.32 -1.52 4.83
CA ARG D 191 -36.60 -1.52 4.10
C ARG D 191 -37.23 -2.90 4.03
N ASP D 192 -38.44 -2.96 3.44
CA ASP D 192 -39.19 -4.21 3.35
C ASP D 192 -38.76 -5.14 2.23
N ASP D 193 -38.06 -4.64 1.25
CA ASP D 193 -37.45 -5.48 0.24
C ASP D 193 -36.12 -6.04 0.68
N MET D 194 -35.84 -5.99 1.97
CA MET D 194 -34.58 -6.42 2.55
C MET D 194 -34.84 -7.48 3.61
N LEU D 195 -33.75 -8.14 4.00
CA LEU D 195 -33.76 -9.22 4.97
C LEU D 195 -32.45 -9.17 5.76
N CYS D 196 -32.49 -9.56 7.03
CA CYS D 196 -31.35 -9.49 7.93
C CYS D 196 -30.91 -10.86 8.41
N ALA D 197 -29.61 -11.08 8.51
CA ALA D 197 -29.08 -12.34 9.01
C ALA D 197 -27.69 -12.11 9.59
N GLY D 198 -27.21 -13.10 10.35
CA GLY D 198 -25.87 -13.08 10.87
C GLY D 198 -25.73 -12.50 12.28
N ASN D 199 -24.51 -12.61 12.79
CA ASN D 199 -24.14 -12.08 14.09
C ASN D 199 -22.62 -11.93 14.15
N THR D 200 -22.16 -11.42 15.28
CA THR D 200 -20.75 -11.08 15.51
C THR D 200 -19.80 -12.25 15.28
N ARG D 201 -20.27 -13.48 15.27
CA ARG D 201 -19.36 -14.58 14.99
C ARG D 201 -19.48 -15.13 13.58
N ARG D 202 -20.50 -14.72 12.81
CA ARG D 202 -20.86 -15.44 11.60
C ARG D 202 -21.47 -14.46 10.62
N ASP D 203 -20.80 -14.22 9.50
CA ASP D 203 -21.31 -13.24 8.56
C ASP D 203 -20.69 -13.48 7.19
N SER D 204 -21.35 -12.96 6.17
CA SER D 204 -20.71 -12.64 4.90
C SER D 204 -19.70 -11.49 5.07
N CYS D 205 -18.85 -11.29 4.08
CA CYS D 205 -17.93 -10.14 4.11
C CYS D 205 -17.62 -9.70 2.69
N GLN D 206 -16.66 -8.78 2.56
CA GLN D 206 -16.28 -8.27 1.24
C GLN D 206 -15.91 -9.40 0.30
N GLY D 207 -16.38 -9.28 -0.94
CA GLY D 207 -16.25 -10.29 -1.96
C GLY D 207 -17.25 -11.42 -1.92
N ASP D 208 -18.06 -11.54 -0.88
CA ASP D 208 -19.21 -12.42 -0.91
C ASP D 208 -20.43 -11.78 -1.53
N SER D 209 -20.41 -10.47 -1.74
CA SER D 209 -21.54 -9.75 -2.31
C SER D 209 -22.06 -10.44 -3.57
N GLY D 210 -23.38 -10.42 -3.71
CA GLY D 210 -24.08 -11.09 -4.78
C GLY D 210 -24.32 -12.56 -4.62
N GLY D 211 -23.68 -13.20 -3.67
CA GLY D 211 -23.89 -14.58 -3.37
C GLY D 211 -25.24 -14.94 -2.79
N PRO D 212 -25.61 -16.21 -2.91
CA PRO D 212 -26.91 -16.65 -2.40
C PRO D 212 -26.92 -16.91 -0.90
N LEU D 213 -28.06 -16.63 -0.32
CA LEU D 213 -28.47 -17.11 1.00
C LEU D 213 -29.56 -18.14 0.80
N VAL D 214 -29.33 -19.36 1.29
CA VAL D 214 -30.27 -20.45 1.06
C VAL D 214 -30.76 -21.01 2.38
N CYS D 215 -32.01 -21.45 2.38
CA CYS D 215 -32.62 -22.06 3.56
C CYS D 215 -33.23 -23.39 3.13
N LYS D 216 -33.14 -24.38 4.00
CA LYS D 216 -33.67 -25.71 3.76
C LYS D 216 -35.10 -25.75 4.28
N VAL D 217 -36.08 -25.68 3.38
CA VAL D 217 -37.50 -25.71 3.74
C VAL D 217 -38.13 -27.00 3.22
N ASN D 218 -38.73 -27.77 4.12
CA ASN D 218 -39.42 -29.02 3.77
C ASN D 218 -38.52 -29.91 2.90
N GLY D 219 -37.27 -30.04 3.30
CA GLY D 219 -36.27 -30.80 2.56
C GLY D 219 -35.66 -30.13 1.33
N THR D 220 -36.21 -29.03 0.83
CA THR D 220 -35.75 -28.38 -0.39
C THR D 220 -34.96 -27.11 -0.07
N TRP D 221 -33.85 -26.90 -0.77
CA TRP D 221 -33.09 -25.64 -0.67
C TRP D 221 -33.78 -24.54 -1.48
N LEU D 222 -34.12 -23.44 -0.83
CA LEU D 222 -34.63 -22.24 -1.48
C LEU D 222 -33.70 -21.06 -1.24
N GLN D 223 -33.51 -20.23 -2.27
CA GLN D 223 -32.74 -19.00 -2.12
C GLN D 223 -33.58 -17.88 -1.51
N ALA D 224 -33.30 -17.57 -0.24
CA ALA D 224 -34.02 -16.50 0.45
C ALA D 224 -33.49 -15.12 0.04
N GLY D 225 -32.20 -14.97 -0.19
CA GLY D 225 -31.67 -13.63 -0.34
C GLY D 225 -30.40 -13.57 -1.15
N VAL D 226 -29.95 -12.36 -1.37
CA VAL D 226 -28.70 -12.06 -2.06
C VAL D 226 -27.89 -11.15 -1.15
N VAL D 227 -26.61 -11.45 -0.97
CA VAL D 227 -25.73 -10.63 -0.14
C VAL D 227 -25.67 -9.22 -0.71
N SER D 228 -26.04 -8.22 0.09
CA SER D 228 -26.17 -6.86 -0.40
C SER D 228 -25.24 -5.87 0.31
N TRP D 229 -25.45 -5.58 1.59
CA TRP D 229 -24.65 -4.55 2.24
C TRP D 229 -24.67 -4.73 3.75
N GLY D 230 -23.76 -4.05 4.41
CA GLY D 230 -23.72 -4.01 5.86
C GLY D 230 -22.64 -3.07 6.33
N GLU D 231 -22.74 -2.67 7.59
CA GLU D 231 -21.73 -1.83 8.25
C GLU D 231 -20.55 -2.64 8.79
N GLY D 232 -19.67 -3.06 7.90
CA GLY D 232 -18.54 -3.87 8.26
C GLY D 232 -18.90 -5.31 8.53
N CYS D 233 -17.91 -6.13 8.79
CA CYS D 233 -18.13 -7.56 8.97
C CYS D 233 -18.14 -7.92 10.45
N ALA D 234 -19.17 -8.64 10.86
CA ALA D 234 -19.31 -9.18 12.20
C ALA D 234 -19.29 -8.11 13.31
N GLN D 235 -19.57 -6.85 13.00
CA GLN D 235 -19.57 -5.79 14.00
C GLN D 235 -20.80 -5.88 14.91
N PRO D 236 -20.66 -5.49 16.19
CA PRO D 236 -21.82 -5.54 17.12
C PRO D 236 -23.00 -4.68 16.69
N ASN D 237 -24.19 -5.27 16.81
CA ASN D 237 -25.47 -4.67 16.43
C ASN D 237 -25.54 -4.27 14.97
N ARG D 238 -24.77 -4.91 14.10
CA ARG D 238 -24.85 -4.66 12.67
C ARG D 238 -24.95 -5.98 11.92
N PRO D 239 -26.12 -6.60 11.91
CA PRO D 239 -26.35 -7.75 11.04
C PRO D 239 -26.19 -7.39 9.57
N GLY D 240 -25.86 -8.40 8.77
CA GLY D 240 -25.82 -8.21 7.32
C GLY D 240 -27.19 -8.07 6.70
N ILE D 241 -27.23 -7.27 5.64
CA ILE D 241 -28.46 -6.98 4.91
C ILE D 241 -28.44 -7.73 3.59
N TYR D 242 -29.54 -8.37 3.26
CA TYR D 242 -29.69 -9.18 2.07
C TYR D 242 -30.89 -8.67 1.28
N THR D 243 -30.80 -8.70 -0.04
CA THR D 243 -31.94 -8.40 -0.88
C THR D 243 -32.93 -9.56 -0.79
N ARG D 244 -34.18 -9.27 -0.46
CA ARG D 244 -35.23 -10.26 -0.25
C ARG D 244 -35.79 -10.75 -1.58
N VAL D 245 -35.49 -11.99 -1.96
CA VAL D 245 -35.79 -12.46 -3.31
C VAL D 245 -37.28 -12.47 -3.62
N THR D 246 -38.13 -12.83 -2.65
CA THR D 246 -39.57 -12.90 -2.91
C THR D 246 -40.17 -11.57 -3.34
N TYR D 247 -39.54 -10.46 -2.99
CA TYR D 247 -40.02 -9.15 -3.35
C TYR D 247 -39.88 -8.87 -4.83
N TYR D 248 -39.08 -9.64 -5.55
CA TYR D 248 -38.72 -9.31 -6.92
C TYR D 248 -39.10 -10.40 -7.91
N LEU D 249 -39.88 -11.40 -7.48
CA LEU D 249 -40.22 -12.53 -8.33
C LEU D 249 -40.88 -12.10 -9.64
N ASP D 250 -41.81 -11.15 -9.58
CA ASP D 250 -42.47 -10.71 -10.80
C ASP D 250 -41.50 -10.09 -11.79
N TRP D 251 -40.50 -9.37 -11.29
CA TRP D 251 -39.49 -8.79 -12.17
C TRP D 251 -38.55 -9.84 -12.72
N ILE D 252 -38.20 -10.86 -11.92
CA ILE D 252 -37.34 -11.92 -12.41
C ILE D 252 -38.05 -12.73 -13.49
N HIS D 253 -39.30 -13.08 -13.26
CA HIS D 253 -40.00 -13.87 -14.24
C HIS D 253 -40.38 -13.13 -15.42
N HIS D 254 -39.98 -11.89 -15.64
CA HIS D 254 -40.25 -11.22 -16.90
C HIS D 254 -39.16 -11.50 -17.91
N TYR D 255 -38.05 -12.07 -17.48
CA TYR D 255 -36.91 -12.34 -18.34
C TYR D 255 -36.50 -13.79 -18.34
N VAL D 256 -36.68 -14.47 -17.22
CA VAL D 256 -36.19 -15.83 -17.04
C VAL D 256 -37.36 -16.78 -17.30
N PRO D 257 -37.24 -17.72 -18.22
CA PRO D 257 -38.37 -18.57 -18.62
C PRO D 257 -38.84 -19.55 -17.58
N LYS D 258 -39.92 -19.27 -16.86
CA LYS D 258 -40.42 -20.25 -15.89
C LYS D 258 -41.32 -21.27 -16.57
N GLN E 3 17.50 -43.20 27.85
CA GLN E 3 16.94 -43.20 29.20
C GLN E 3 17.65 -42.23 30.12
N MET E 4 16.91 -41.64 31.05
CA MET E 4 17.32 -40.42 31.71
C MET E 4 16.99 -40.58 33.18
N THR E 5 17.67 -39.79 34.01
CA THR E 5 17.31 -39.65 35.40
C THR E 5 17.19 -38.17 35.73
N GLN E 6 16.34 -37.88 36.69
CA GLN E 6 16.08 -36.51 37.09
C GLN E 6 16.20 -36.49 38.59
N SER E 7 16.78 -35.42 39.13
CA SER E 7 17.10 -35.40 40.55
C SER E 7 17.03 -33.98 41.08
N PRO E 8 16.62 -33.80 42.34
CA PRO E 8 16.08 -34.80 43.28
C PRO E 8 14.65 -35.19 42.98
N SER E 9 14.16 -36.29 43.53
CA SER E 9 12.77 -36.68 43.32
C SER E 9 11.81 -35.73 44.03
N SER E 10 12.26 -35.08 45.11
CA SER E 10 11.45 -34.06 45.77
C SER E 10 12.37 -33.08 46.48
N LEU E 11 11.85 -31.88 46.69
CA LEU E 11 12.56 -30.84 47.43
C LEU E 11 11.57 -29.88 48.06
N SER E 12 12.03 -29.19 49.10
CA SER E 12 11.16 -28.41 49.98
C SER E 12 11.92 -27.16 50.40
N ALA E 13 11.45 -26.00 49.96
CA ALA E 13 12.20 -24.76 50.13
C ALA E 13 11.28 -23.61 50.47
N SER E 14 11.88 -22.57 51.03
CA SER E 14 11.14 -21.41 51.52
C SER E 14 10.78 -20.44 50.41
N VAL E 15 9.63 -19.79 50.57
CA VAL E 15 9.27 -18.67 49.70
C VAL E 15 10.43 -17.69 49.64
N GLY E 16 10.66 -17.13 48.46
CA GLY E 16 11.78 -16.24 48.26
C GLY E 16 13.06 -16.91 47.81
N ASP E 17 13.24 -18.19 48.12
CA ASP E 17 14.51 -18.89 47.94
C ASP E 17 14.72 -19.43 46.52
N ARG E 18 15.86 -20.09 46.38
CA ARG E 18 16.38 -20.59 45.12
C ARG E 18 16.51 -22.10 45.23
N VAL E 19 16.24 -22.79 44.13
CA VAL E 19 16.29 -24.23 44.06
C VAL E 19 16.84 -24.61 42.70
N THR E 20 17.35 -25.82 42.59
CA THR E 20 17.87 -26.31 41.33
C THR E 20 17.47 -27.76 41.16
N ILE E 21 17.30 -28.16 39.90
CA ILE E 21 16.87 -29.50 39.54
C ILE E 21 17.78 -30.00 38.43
N THR E 22 18.19 -31.25 38.52
CA THR E 22 19.17 -31.80 37.61
C THR E 22 18.57 -32.98 36.85
N CYS E 23 19.05 -33.15 35.64
CA CYS E 23 18.62 -34.21 34.75
C CYS E 23 19.86 -34.69 34.01
N GLN E 24 20.00 -36.00 33.87
CA GLN E 24 21.20 -36.60 33.32
C GLN E 24 20.78 -37.75 32.43
N SER E 25 21.71 -38.20 31.60
CA SER E 25 21.41 -39.18 30.57
C SER E 25 22.63 -40.06 30.36
N ILE E 26 22.38 -41.24 29.79
CA ILE E 26 23.47 -42.07 29.33
C ILE E 26 24.01 -41.64 27.98
N LYS E 27 23.23 -40.98 27.16
CA LYS E 27 23.63 -40.57 25.81
C LYS E 27 23.57 -39.05 25.79
N SER E 28 23.76 -38.46 24.62
CA SER E 28 23.75 -37.00 24.54
C SER E 28 22.62 -36.55 23.63
N VAL E 29 21.97 -35.45 24.02
CA VAL E 29 20.84 -34.96 23.24
C VAL E 29 21.33 -34.64 21.84
N TYR E 30 20.42 -34.76 20.86
CA TYR E 30 20.82 -34.78 19.47
C TYR E 30 21.44 -33.44 19.05
N ASN E 31 20.72 -32.35 19.18
CA ASN E 31 21.35 -31.04 18.91
C ASN E 31 20.58 -29.99 19.72
N ASN E 32 20.83 -30.00 21.02
CA ASN E 32 20.23 -29.08 21.98
C ASN E 32 18.75 -29.34 22.15
N ARG E 33 18.34 -30.58 21.93
CA ARG E 33 16.94 -30.98 22.05
C ARG E 33 16.67 -31.46 23.48
N LEU E 34 16.41 -30.49 24.35
CA LEU E 34 16.01 -30.78 25.72
C LEU E 34 15.06 -29.69 26.18
N GLY E 35 14.04 -30.06 26.94
CA GLY E 35 13.03 -29.12 27.38
C GLY E 35 12.59 -29.36 28.81
N TRP E 36 11.98 -28.33 29.40
CA TRP E 36 11.48 -28.39 30.76
C TRP E 36 10.00 -28.02 30.81
N TYR E 37 9.21 -28.84 31.49
CA TYR E 37 7.76 -28.66 31.60
C TYR E 37 7.33 -28.51 33.05
N GLN E 38 6.33 -27.67 33.27
CA GLN E 38 5.67 -27.47 34.56
C GLN E 38 4.26 -28.04 34.51
N GLN E 39 3.95 -28.97 35.41
CA GLN E 39 2.60 -29.49 35.55
C GLN E 39 2.10 -29.17 36.95
N LYS E 40 1.01 -28.43 37.04
CA LYS E 40 0.29 -28.16 38.26
C LYS E 40 -0.78 -29.24 38.48
N CYS E 41 -1.19 -29.42 39.73
CA CYS E 41 -2.25 -30.39 40.01
C CYS E 41 -3.50 -30.12 39.17
N GLY E 42 -4.01 -31.19 38.57
CA GLY E 42 -5.21 -31.12 37.76
C GLY E 42 -5.11 -30.44 36.41
N LYS E 43 -3.90 -30.26 35.86
CA LYS E 43 -3.74 -29.57 34.59
C LYS E 43 -2.70 -30.26 33.72
N ALA E 44 -2.79 -29.99 32.42
CA ALA E 44 -1.80 -30.41 31.45
C ALA E 44 -0.44 -29.74 31.72
N PRO E 45 0.64 -30.37 31.28
CA PRO E 45 1.96 -29.73 31.41
C PRO E 45 2.06 -28.44 30.62
N LYS E 46 2.85 -27.51 31.13
CA LYS E 46 3.25 -26.29 30.43
C LYS E 46 4.74 -26.28 30.11
N LEU E 47 5.10 -25.96 28.87
CA LEU E 47 6.50 -25.74 28.51
C LEU E 47 7.06 -24.48 29.16
N LEU E 48 8.24 -24.61 29.76
CA LEU E 48 8.97 -23.48 30.34
C LEU E 48 10.21 -23.14 29.54
N ILE E 49 11.11 -24.10 29.36
CA ILE E 49 12.38 -23.91 28.68
C ILE E 49 12.44 -24.91 27.54
N TYR E 50 12.95 -24.47 26.38
CA TYR E 50 13.17 -25.38 25.28
C TYR E 50 14.54 -25.07 24.72
N GLU E 51 15.08 -26.02 23.97
CA GLU E 51 16.43 -25.94 23.40
C GLU E 51 17.45 -25.53 24.47
N THR E 52 17.43 -26.27 25.58
CA THR E 52 18.32 -26.07 26.73
C THR E 52 18.09 -24.77 27.48
N SER E 53 17.89 -23.65 26.81
CA SER E 53 17.97 -22.39 27.53
C SER E 53 17.01 -21.30 27.09
N ILE E 54 16.22 -21.49 26.03
CA ILE E 54 15.32 -20.42 25.59
C ILE E 54 14.08 -20.39 26.49
N LEU E 55 13.82 -19.24 27.09
CA LEU E 55 12.63 -19.04 27.91
C LEU E 55 11.39 -18.84 27.04
N THR E 56 10.30 -19.53 27.39
CA THR E 56 9.03 -19.32 26.70
C THR E 56 8.45 -17.95 27.03
N SER E 57 7.85 -17.31 26.05
CA SER E 57 7.24 -16.01 26.28
C SER E 57 6.19 -16.07 27.39
N GLY E 58 6.06 -14.95 28.11
CA GLY E 58 5.17 -14.84 29.24
C GLY E 58 5.59 -15.58 30.50
N VAL E 59 6.61 -16.42 30.43
CA VAL E 59 7.18 -17.01 31.64
C VAL E 59 8.03 -15.97 32.34
N PRO E 60 7.89 -15.77 33.65
CA PRO E 60 8.76 -14.83 34.35
C PRO E 60 10.19 -15.31 34.40
N SER E 61 11.12 -14.35 34.27
CA SER E 61 12.54 -14.63 34.20
C SER E 61 13.11 -15.18 35.51
N ARG E 62 12.26 -15.71 36.38
CA ARG E 62 12.77 -16.43 37.53
C ARG E 62 13.42 -17.73 37.12
N PHE E 63 12.93 -18.34 36.04
CA PHE E 63 13.42 -19.63 35.58
C PHE E 63 14.61 -19.44 34.65
N SER E 64 15.55 -20.37 34.74
CA SER E 64 16.72 -20.38 33.86
C SER E 64 17.16 -21.83 33.74
N GLY E 65 17.86 -22.13 32.66
CA GLY E 65 18.30 -23.49 32.42
C GLY E 65 19.55 -23.52 31.57
N SER E 66 20.36 -24.55 31.78
CA SER E 66 21.63 -24.69 31.08
C SER E 66 22.03 -26.14 31.12
N GLY E 67 22.97 -26.52 30.28
CA GLY E 67 23.47 -27.88 30.29
C GLY E 67 24.39 -28.17 29.12
N SER E 68 24.87 -29.41 29.10
CA SER E 68 26.06 -29.76 28.34
C SER E 68 25.89 -31.09 27.62
N GLY E 69 24.84 -31.22 26.85
CA GLY E 69 24.69 -32.47 26.09
C GLY E 69 24.22 -33.64 26.90
N THR E 70 24.86 -33.90 28.04
CA THR E 70 24.54 -35.03 28.90
C THR E 70 23.94 -34.63 30.25
N ASP E 71 24.20 -33.41 30.73
CA ASP E 71 23.74 -33.01 32.05
C ASP E 71 23.16 -31.61 31.96
N PHE E 72 22.05 -31.38 32.65
CA PHE E 72 21.28 -30.17 32.44
C PHE E 72 20.71 -29.78 33.79
N THR E 73 20.45 -28.49 33.96
CA THR E 73 19.90 -28.01 35.22
C THR E 73 18.82 -26.99 34.95
N LEU E 74 17.76 -27.04 35.73
CA LEU E 74 16.74 -26.01 35.77
C LEU E 74 16.84 -25.29 37.11
N THR E 75 16.80 -23.96 37.09
CA THR E 75 17.03 -23.18 38.30
C THR E 75 16.06 -22.02 38.43
N ILE E 76 15.52 -21.84 39.64
CA ILE E 76 14.70 -20.68 39.94
C ILE E 76 15.56 -19.57 40.56
N SER E 77 15.17 -18.31 40.32
CA SER E 77 15.74 -17.18 41.02
C SER E 77 15.07 -16.91 42.36
N SER E 78 13.76 -17.17 42.46
CA SER E 78 13.01 -16.86 43.68
C SER E 78 11.63 -17.49 43.69
N LEU E 79 11.38 -18.31 44.70
CA LEU E 79 10.12 -19.04 44.83
C LEU E 79 8.96 -18.10 45.12
N GLN E 80 7.94 -18.16 44.26
CA GLN E 80 6.64 -17.60 44.57
C GLN E 80 5.70 -18.72 45.01
N CYS E 81 4.48 -18.35 45.40
CA CYS E 81 3.54 -19.34 45.88
C CYS E 81 3.09 -20.27 44.76
N GLU E 82 2.76 -19.72 43.59
CA GLU E 82 2.30 -20.54 42.49
C GLU E 82 3.37 -21.41 41.85
N ASP E 83 4.61 -21.37 42.31
CA ASP E 83 5.58 -22.33 41.79
C ASP E 83 5.36 -23.74 42.29
N PHE E 84 4.39 -23.98 43.16
CA PHE E 84 4.05 -25.35 43.53
C PHE E 84 3.63 -26.12 42.29
N ALA E 85 4.37 -27.19 41.96
CA ALA E 85 4.11 -28.01 40.77
C ALA E 85 5.06 -29.21 40.75
N THR E 86 4.82 -30.13 39.81
CA THR E 86 5.81 -31.10 39.34
C THR E 86 6.57 -30.58 38.11
N TYR E 87 7.83 -30.98 37.99
CA TYR E 87 8.68 -30.58 36.87
C TYR E 87 9.27 -31.81 36.19
N TYR E 88 9.33 -31.79 34.85
CA TYR E 88 9.91 -32.85 34.03
C TYR E 88 10.91 -32.31 33.02
N CYS E 89 12.03 -33.02 32.89
CA CYS E 89 12.86 -32.89 31.69
C CYS E 89 12.35 -33.80 30.56
N ALA E 90 12.59 -33.35 29.32
CA ALA E 90 12.33 -34.21 28.18
C ALA E 90 13.38 -33.91 27.14
N GLY E 91 13.74 -34.94 26.37
CA GLY E 91 14.76 -34.75 25.38
C GLY E 91 14.70 -35.83 24.33
N GLY E 92 15.46 -35.61 23.28
CA GLY E 92 15.50 -36.54 22.17
C GLY E 92 16.93 -36.86 21.79
N PHE E 93 17.19 -38.13 21.54
CA PHE E 93 18.56 -38.54 21.34
C PHE E 93 18.87 -38.83 19.88
N ASP E 94 17.87 -38.87 19.03
CA ASP E 94 18.13 -38.91 17.59
C ASP E 94 16.98 -38.18 16.93
N ARG E 95 16.79 -38.45 15.65
CA ARG E 95 15.57 -38.17 14.92
C ARG E 95 14.88 -39.48 14.60
N SER E 96 13.57 -39.51 14.80
CA SER E 96 12.67 -40.62 14.52
C SER E 96 12.67 -41.70 15.60
N GLY E 97 13.54 -41.65 16.59
CA GLY E 97 13.61 -42.77 17.50
C GLY E 97 13.44 -42.49 18.98
N ASP E 98 14.58 -42.59 19.66
CA ASP E 98 14.71 -42.55 21.11
C ASP E 98 14.43 -41.14 21.59
N THR E 99 13.24 -40.91 22.14
CA THR E 99 12.93 -39.70 22.88
C THR E 99 12.11 -40.06 24.10
N THR E 100 12.32 -39.36 25.22
CA THR E 100 11.61 -39.70 26.45
C THR E 100 11.54 -38.51 27.41
N PHE E 101 10.59 -38.59 28.34
CA PHE E 101 10.52 -37.77 29.54
C PHE E 101 11.38 -38.31 30.69
N GLY E 102 11.68 -37.42 31.66
CA GLY E 102 12.15 -37.81 32.98
C GLY E 102 11.02 -38.12 33.99
N GLN E 103 11.42 -38.66 35.17
CA GLN E 103 10.47 -39.11 36.18
C GLN E 103 9.71 -37.97 36.87
N GLY E 104 10.21 -36.76 36.86
CA GLY E 104 9.53 -35.65 37.50
C GLY E 104 10.03 -35.36 38.90
N THR E 105 9.86 -34.10 39.31
CA THR E 105 10.26 -33.55 40.61
C THR E 105 9.15 -32.71 41.21
N LYS E 106 8.89 -32.89 42.50
CA LYS E 106 7.80 -32.22 43.21
C LYS E 106 8.33 -31.12 44.13
N VAL E 107 7.81 -29.89 43.96
CA VAL E 107 8.32 -28.71 44.63
C VAL E 107 7.28 -28.26 45.64
N GLU E 108 7.68 -28.16 46.92
CA GLU E 108 6.83 -27.70 48.01
C GLU E 108 7.20 -26.30 48.47
N ILE E 109 6.20 -25.44 48.61
CA ILE E 109 6.37 -24.15 49.29
C ILE E 109 6.28 -24.34 50.80
N LYS E 110 7.24 -23.76 51.54
CA LYS E 110 7.17 -23.63 53.00
C LYS E 110 6.80 -22.20 53.40
N ARG E 111 5.95 -22.08 54.40
CA ARG E 111 5.41 -20.79 54.77
C ARG E 111 5.06 -20.81 56.26
N THR E 112 4.68 -19.63 56.78
CA THR E 112 4.26 -19.47 58.17
C THR E 112 3.25 -20.53 58.58
N VAL E 113 3.53 -21.24 59.68
CA VAL E 113 2.61 -22.26 60.16
C VAL E 113 1.26 -21.65 60.49
N ALA E 114 0.22 -22.48 60.42
CA ALA E 114 -1.15 -22.05 60.69
C ALA E 114 -1.93 -23.25 61.20
N ALA E 115 -2.58 -23.08 62.34
CA ALA E 115 -3.51 -24.07 62.86
C ALA E 115 -4.74 -24.23 61.97
N PRO E 116 -5.27 -25.44 61.86
CA PRO E 116 -6.48 -25.67 61.05
C PRO E 116 -7.69 -24.95 61.64
N SER E 117 -8.48 -24.36 60.74
CA SER E 117 -9.85 -23.95 61.05
C SER E 117 -10.79 -25.16 60.98
N VAL E 118 -11.48 -25.44 62.09
CA VAL E 118 -12.17 -26.72 62.30
C VAL E 118 -13.68 -26.52 62.29
N PHE E 119 -14.38 -27.42 61.61
CA PHE E 119 -15.84 -27.47 61.53
C PHE E 119 -16.32 -28.91 61.61
N ILE E 120 -17.61 -29.09 61.95
CA ILE E 120 -18.24 -30.40 61.97
C ILE E 120 -19.69 -30.26 61.55
N PHE E 121 -20.23 -31.31 60.89
CA PHE E 121 -21.59 -31.25 60.29
C PHE E 121 -22.42 -32.52 60.49
N PRO E 122 -23.68 -32.38 60.89
CA PRO E 122 -24.58 -33.54 60.99
C PRO E 122 -24.97 -34.09 59.62
N PRO E 123 -25.36 -35.36 59.56
CA PRO E 123 -26.00 -35.90 58.36
C PRO E 123 -27.28 -35.15 58.00
N SER E 124 -27.40 -34.78 56.73
CA SER E 124 -28.56 -34.03 56.30
C SER E 124 -29.70 -34.97 55.93
N ASP E 125 -30.83 -34.37 55.55
CA ASP E 125 -32.10 -35.07 55.39
C ASP E 125 -32.02 -36.31 54.50
N GLU E 126 -31.57 -36.12 53.25
CA GLU E 126 -31.76 -37.15 52.22
C GLU E 126 -30.99 -38.41 52.52
N GLN E 127 -29.89 -38.29 53.25
CA GLN E 127 -29.15 -39.46 53.70
C GLN E 127 -30.00 -40.30 54.63
N LEU E 128 -30.61 -39.66 55.62
CA LEU E 128 -31.46 -40.35 56.57
C LEU E 128 -32.66 -40.97 55.87
N LYS E 129 -33.18 -40.31 54.84
CA LYS E 129 -34.25 -40.87 54.02
C LYS E 129 -33.78 -42.05 53.18
N SER E 130 -32.48 -42.29 53.08
CA SER E 130 -31.96 -43.48 52.41
C SER E 130 -31.34 -44.47 53.38
N GLY E 131 -31.49 -44.25 54.68
CA GLY E 131 -30.93 -45.13 55.67
C GLY E 131 -29.43 -45.08 55.80
N THR E 132 -28.79 -44.16 55.12
CA THR E 132 -27.35 -43.93 55.22
C THR E 132 -27.09 -42.71 56.09
N ALA E 133 -25.83 -42.53 56.45
CA ALA E 133 -25.39 -41.33 57.14
C ALA E 133 -23.95 -41.05 56.80
N SER E 134 -23.57 -39.78 56.93
CA SER E 134 -22.15 -39.43 56.86
C SER E 134 -21.94 -38.10 57.57
N VAL E 135 -20.93 -38.08 58.45
CA VAL E 135 -20.61 -36.93 59.29
C VAL E 135 -19.30 -36.36 58.80
N VAL E 136 -19.27 -35.05 58.53
CA VAL E 136 -18.14 -34.39 57.91
C VAL E 136 -17.44 -33.53 58.95
N CYS E 137 -16.12 -33.62 59.01
CA CYS E 137 -15.29 -32.77 59.86
C CYS E 137 -14.22 -32.21 58.93
N LEU E 138 -13.90 -30.93 59.09
CA LEU E 138 -13.16 -30.19 58.07
C LEU E 138 -12.04 -29.36 58.68
N LEU E 139 -10.85 -29.45 58.08
CA LEU E 139 -9.69 -28.67 58.47
C LEU E 139 -9.26 -27.81 57.28
N ASN E 140 -9.07 -26.51 57.52
CA ASN E 140 -8.71 -25.58 56.45
C ASN E 140 -7.40 -24.84 56.70
N ASN E 141 -6.69 -24.59 55.59
CA ASN E 141 -5.58 -23.66 55.51
C ASN E 141 -4.51 -23.91 56.56
N PHE E 142 -4.32 -25.16 56.94
CA PHE E 142 -3.32 -25.49 57.95
C PHE E 142 -1.94 -25.74 57.32
N TYR E 143 -0.93 -25.73 58.18
CA TYR E 143 0.43 -26.03 57.80
C TYR E 143 1.22 -26.42 59.03
N PRO E 144 2.00 -27.49 58.98
CA PRO E 144 2.20 -28.41 57.86
C PRO E 144 1.07 -29.43 57.71
N ARG E 145 1.24 -30.35 56.76
CA ARG E 145 0.26 -31.41 56.51
C ARG E 145 0.10 -32.36 57.68
N GLU E 146 1.01 -32.36 58.62
CA GLU E 146 0.92 -33.35 59.69
C GLU E 146 -0.26 -33.00 60.60
N ALA E 147 -1.44 -33.49 60.23
CA ALA E 147 -2.62 -33.42 61.07
C ALA E 147 -3.18 -34.83 61.25
N LYS E 148 -3.74 -35.08 62.42
CA LYS E 148 -4.45 -36.32 62.71
C LYS E 148 -5.76 -36.01 63.40
N VAL E 149 -6.84 -36.63 62.93
CA VAL E 149 -8.16 -36.41 63.49
C VAL E 149 -8.64 -37.74 64.05
N GLN E 150 -8.98 -37.74 65.33
CA GLN E 150 -9.73 -38.82 65.96
C GLN E 150 -11.23 -38.56 65.82
N TRP E 151 -11.99 -39.65 65.69
CA TRP E 151 -13.44 -39.60 65.81
C TRP E 151 -13.87 -40.20 67.15
N LYS E 152 -14.77 -39.51 67.84
CA LYS E 152 -15.31 -39.98 69.11
C LYS E 152 -16.82 -39.78 69.12
N VAL E 153 -17.55 -40.80 69.56
CA VAL E 153 -19.00 -40.78 69.56
C VAL E 153 -19.46 -41.30 70.91
N ASP E 154 -20.25 -40.49 71.63
CA ASP E 154 -20.58 -40.75 73.03
C ASP E 154 -19.33 -41.20 73.78
N ASN E 155 -18.24 -40.47 73.55
CA ASN E 155 -16.94 -40.71 74.14
C ASN E 155 -16.36 -42.08 73.77
N ALA E 156 -16.99 -42.80 72.85
CA ALA E 156 -16.47 -44.07 72.33
C ALA E 156 -15.57 -43.77 71.14
N LEU E 157 -14.26 -43.85 71.35
CA LEU E 157 -13.31 -43.71 70.26
C LEU E 157 -13.68 -44.63 69.10
N GLN E 158 -13.76 -44.04 67.90
CA GLN E 158 -14.09 -44.75 66.68
C GLN E 158 -12.80 -45.24 66.02
N SER E 159 -12.92 -46.29 65.22
CA SER E 159 -11.80 -46.78 64.42
C SER E 159 -12.31 -47.34 63.11
N GLY E 160 -11.45 -47.29 62.10
CA GLY E 160 -11.82 -47.52 60.72
C GLY E 160 -12.95 -46.60 60.28
N ASN E 161 -13.74 -47.10 59.33
CA ASN E 161 -15.02 -46.50 58.93
C ASN E 161 -14.89 -45.02 58.55
N SER E 162 -13.69 -44.57 58.16
CA SER E 162 -13.50 -43.14 57.91
C SER E 162 -12.36 -42.95 56.91
N GLN E 163 -12.42 -41.83 56.19
CA GLN E 163 -11.50 -41.54 55.10
C GLN E 163 -11.25 -40.04 55.04
N GLU E 164 -10.09 -39.69 54.49
CA GLU E 164 -9.63 -38.31 54.42
C GLU E 164 -9.19 -37.97 53.00
N SER E 165 -9.37 -36.69 52.65
CA SER E 165 -8.93 -36.19 51.37
C SER E 165 -8.41 -34.77 51.53
N VAL E 166 -7.40 -34.40 50.74
CA VAL E 166 -6.65 -33.17 50.96
C VAL E 166 -6.48 -32.48 49.62
N THR E 167 -6.70 -31.16 49.59
CA THR E 167 -6.38 -30.41 48.39
C THR E 167 -4.88 -30.36 48.16
N CYS E 168 -4.48 -30.19 46.89
CA CYS E 168 -3.14 -29.69 46.63
C CYS E 168 -2.97 -28.29 47.17
N GLN E 169 -1.71 -27.92 47.39
CA GLN E 169 -1.36 -26.62 47.95
C GLN E 169 -1.74 -25.47 47.02
N ASP E 170 -2.32 -24.42 47.59
CA ASP E 170 -2.96 -23.38 46.79
C ASP E 170 -1.98 -22.59 45.93
N SER E 171 -2.42 -22.24 44.72
CA SER E 171 -1.68 -21.35 43.84
C SER E 171 -1.33 -20.01 44.46
N LYS E 172 -2.02 -19.60 45.49
CA LYS E 172 -2.04 -18.20 45.89
C LYS E 172 -1.85 -17.99 47.38
N ASP E 173 -2.53 -18.77 48.22
CA ASP E 173 -2.30 -18.79 49.66
C ASP E 173 -1.25 -19.81 50.07
N CYS E 174 -1.04 -20.84 49.26
CA CYS E 174 -0.12 -21.94 49.52
C CYS E 174 -0.45 -22.73 50.79
N THR E 175 -1.68 -22.66 51.26
CA THR E 175 -2.16 -23.60 52.26
C THR E 175 -3.02 -24.68 51.61
N TYR E 176 -3.69 -25.49 52.43
CA TYR E 176 -4.56 -26.52 51.89
C TYR E 176 -5.64 -26.86 52.90
N SER E 177 -6.67 -27.54 52.40
CA SER E 177 -7.80 -27.95 53.21
C SER E 177 -7.93 -29.46 53.19
N LEU E 178 -8.48 -30.01 54.27
CA LEU E 178 -8.67 -31.46 54.37
C LEU E 178 -10.09 -31.74 54.84
N SER E 179 -10.75 -32.67 54.18
CA SER E 179 -12.09 -33.11 54.54
C SER E 179 -12.03 -34.55 55.03
N SER E 180 -12.52 -34.77 56.25
CA SER E 180 -12.64 -36.10 56.86
C SER E 180 -14.12 -36.43 57.04
N THR E 181 -14.47 -37.70 56.82
CA THR E 181 -15.86 -38.12 56.92
C THR E 181 -15.93 -39.50 57.55
N LEU E 182 -16.88 -39.66 58.47
CA LEU E 182 -17.16 -40.93 59.10
C LEU E 182 -18.49 -41.47 58.59
N THR E 183 -18.45 -42.64 57.97
CA THR E 183 -19.64 -43.27 57.43
C THR E 183 -20.38 -44.03 58.52
N LEU E 184 -21.69 -44.17 58.34
CA LEU E 184 -22.50 -44.87 59.31
C LEU E 184 -23.78 -45.31 58.63
N SER E 185 -24.41 -46.32 59.21
CA SER E 185 -25.77 -46.68 58.89
C SER E 185 -26.74 -45.84 59.70
N LYS E 186 -27.97 -45.73 59.19
CA LYS E 186 -29.02 -45.08 59.97
C LYS E 186 -29.28 -45.79 61.29
N ALA E 187 -29.23 -47.12 61.28
CA ALA E 187 -29.46 -47.89 62.51
C ALA E 187 -28.40 -47.66 63.57
N ASP E 188 -27.19 -47.24 63.19
CA ASP E 188 -26.17 -46.90 64.18
C ASP E 188 -26.11 -45.43 64.49
N TYR E 189 -26.54 -44.57 63.57
CA TYR E 189 -26.63 -43.16 63.87
C TYR E 189 -27.63 -42.93 65.00
N GLU E 190 -28.77 -43.63 64.97
CA GLU E 190 -29.76 -43.50 66.03
C GLU E 190 -29.29 -44.08 67.36
N LYS E 191 -28.22 -44.88 67.37
CA LYS E 191 -27.75 -45.45 68.64
C LYS E 191 -27.07 -44.42 69.51
N HIS E 192 -26.47 -43.39 68.93
CA HIS E 192 -25.64 -42.49 69.69
C HIS E 192 -26.09 -41.07 69.39
N LYS E 193 -25.96 -40.19 70.38
CA LYS E 193 -26.52 -38.85 70.28
C LYS E 193 -25.45 -37.78 70.11
N VAL E 194 -24.36 -37.83 70.87
CA VAL E 194 -23.33 -36.80 70.86
C VAL E 194 -22.17 -37.29 70.01
N TYR E 195 -21.72 -36.44 69.09
CA TYR E 195 -20.67 -36.77 68.13
C TYR E 195 -19.56 -35.72 68.15
N ALA E 196 -18.32 -36.17 68.15
CA ALA E 196 -17.21 -35.24 68.21
C ALA E 196 -16.07 -35.72 67.32
N CYS E 197 -15.37 -34.74 66.74
CA CYS E 197 -14.07 -34.91 66.09
C CYS E 197 -13.07 -33.99 66.78
N GLU E 198 -11.82 -34.42 66.80
CA GLU E 198 -10.79 -33.78 67.62
C GLU E 198 -9.48 -33.75 66.84
N VAL E 199 -9.09 -32.58 66.35
CA VAL E 199 -7.89 -32.46 65.54
C VAL E 199 -6.68 -32.36 66.45
N THR E 200 -5.64 -33.12 66.11
CA THR E 200 -4.27 -32.88 66.57
C THR E 200 -3.46 -32.28 65.43
N HIS E 201 -2.78 -31.19 65.72
CA HIS E 201 -2.00 -30.52 64.69
C HIS E 201 -0.78 -29.92 65.36
N GLN E 202 0.33 -29.89 64.62
CA GLN E 202 1.60 -29.45 65.17
C GLN E 202 1.55 -27.99 65.62
N GLY E 203 0.62 -27.21 65.07
CA GLY E 203 0.40 -25.84 65.44
C GLY E 203 -0.55 -25.61 66.59
N LEU E 204 -0.88 -26.65 67.35
CA LEU E 204 -1.76 -26.55 68.50
C LEU E 204 -1.00 -26.94 69.76
N SER E 205 -1.32 -26.28 70.87
CA SER E 205 -0.75 -26.66 72.16
C SER E 205 -1.31 -27.96 72.71
N SER E 206 -2.40 -28.45 72.14
CA SER E 206 -3.11 -29.61 72.67
C SER E 206 -4.05 -30.11 71.58
N PRO E 207 -4.63 -31.30 71.72
CA PRO E 207 -5.87 -31.59 71.01
C PRO E 207 -6.96 -30.58 71.33
N VAL E 208 -7.79 -30.30 70.34
CA VAL E 208 -8.94 -29.42 70.49
C VAL E 208 -10.14 -30.09 69.82
N THR E 209 -11.25 -30.20 70.54
CA THR E 209 -12.40 -30.96 70.11
C THR E 209 -13.47 -30.00 69.62
N LYS E 210 -14.12 -30.35 68.52
CA LYS E 210 -15.31 -29.69 68.04
C LYS E 210 -16.39 -30.73 67.77
N SER E 211 -17.62 -30.44 68.19
CA SER E 211 -18.65 -31.47 68.27
C SER E 211 -20.02 -30.89 67.97
N PHE E 212 -21.00 -31.80 67.85
CA PHE E 212 -22.41 -31.45 67.89
C PHE E 212 -23.09 -32.62 68.58
N ASN E 213 -24.42 -32.55 68.75
CA ASN E 213 -25.14 -33.70 69.24
C ASN E 213 -26.43 -33.93 68.46
N ARG E 214 -26.77 -35.21 68.29
CA ARG E 214 -27.93 -35.62 67.52
C ARG E 214 -29.21 -35.09 68.13
N GLY E 215 -29.79 -34.06 67.53
CA GLY E 215 -30.99 -33.45 68.08
C GLY E 215 -30.77 -32.69 69.36
N VAL F 2 -6.54 -20.01 20.44
CA VAL F 2 -6.11 -21.07 19.54
C VAL F 2 -5.78 -22.29 20.38
N GLN F 3 -6.57 -23.35 20.25
CA GLN F 3 -6.44 -24.44 21.20
C GLN F 3 -6.86 -25.77 20.59
N LEU F 4 -6.33 -26.82 21.20
CA LEU F 4 -6.67 -28.20 20.92
C LEU F 4 -7.82 -28.62 21.83
N VAL F 5 -8.65 -29.58 21.38
CA VAL F 5 -9.56 -30.26 22.29
C VAL F 5 -9.52 -31.77 22.04
N GLU F 6 -9.35 -32.56 23.10
CA GLU F 6 -9.53 -33.99 22.97
C GLU F 6 -11.00 -34.34 22.98
N SER F 7 -11.29 -35.57 22.58
CA SER F 7 -12.59 -36.17 22.85
C SER F 7 -12.43 -37.68 22.98
N GLY F 8 -13.30 -38.29 23.76
CA GLY F 8 -13.21 -39.70 24.02
C GLY F 8 -14.37 -40.22 24.82
N PRO F 9 -14.44 -41.54 24.99
CA PRO F 9 -15.62 -42.14 25.60
C PRO F 9 -15.66 -42.06 27.10
N GLY F 10 -14.53 -41.77 27.75
CA GLY F 10 -14.44 -41.75 29.20
C GLY F 10 -14.44 -43.10 29.87
N CYS F 11 -15.37 -43.98 29.51
CA CYS F 11 -15.41 -45.31 30.11
C CYS F 11 -15.51 -46.32 28.96
N VAL F 12 -14.77 -47.41 29.09
CA VAL F 12 -14.73 -48.48 28.09
C VAL F 12 -14.57 -49.79 28.85
N LYS F 13 -14.99 -50.88 28.23
CA LYS F 13 -14.73 -52.19 28.80
C LYS F 13 -13.50 -52.81 28.19
N PRO F 14 -13.01 -53.91 28.74
CA PRO F 14 -11.84 -54.56 28.15
C PRO F 14 -12.16 -55.24 26.82
N SER F 15 -11.17 -55.18 25.92
CA SER F 15 -11.08 -55.76 24.59
C SER F 15 -11.74 -54.92 23.52
N GLU F 16 -12.50 -53.89 23.87
CA GLU F 16 -12.83 -52.91 22.84
C GLU F 16 -11.57 -52.20 22.33
N THR F 17 -11.77 -51.39 21.31
CA THR F 17 -10.75 -50.46 20.85
C THR F 17 -11.09 -49.04 21.29
N LEU F 18 -10.14 -48.40 21.97
CA LEU F 18 -10.29 -47.00 22.33
C LEU F 18 -10.03 -46.13 21.11
N SER F 19 -10.95 -45.19 20.84
CA SER F 19 -10.74 -44.14 19.86
C SER F 19 -10.70 -42.77 20.51
N LEU F 20 -9.72 -41.95 20.14
CA LEU F 20 -9.66 -40.57 20.57
C LEU F 20 -9.54 -39.64 19.37
N THR F 21 -10.07 -38.43 19.51
CA THR F 21 -9.88 -37.41 18.50
C THR F 21 -9.38 -36.12 19.14
N CYS F 22 -8.68 -35.32 18.34
CA CYS F 22 -8.17 -34.03 18.76
C CYS F 22 -8.45 -33.02 17.65
N THR F 23 -9.00 -31.88 18.01
CA THR F 23 -9.49 -30.91 17.04
C THR F 23 -8.83 -29.56 17.31
N VAL F 24 -8.49 -28.83 16.26
CA VAL F 24 -7.84 -27.53 16.39
C VAL F 24 -8.89 -26.48 16.08
N SER F 25 -9.00 -25.48 16.96
CA SER F 25 -10.22 -24.66 17.04
C SER F 25 -10.22 -23.47 16.09
N ARG F 26 -9.06 -22.96 15.71
CA ARG F 26 -9.01 -21.98 14.64
C ARG F 26 -7.65 -22.20 13.99
N PHE F 27 -7.47 -21.64 12.78
CA PHE F 27 -6.25 -21.84 12.01
C PHE F 27 -6.23 -23.31 11.60
N SER F 28 -5.60 -23.63 10.48
CA SER F 28 -5.65 -25.01 10.05
C SER F 28 -4.55 -25.78 10.75
N LEU F 29 -4.36 -27.03 10.36
CA LEU F 29 -3.34 -27.85 10.98
C LEU F 29 -2.13 -27.95 10.08
N ILE F 30 -2.29 -27.57 8.81
CA ILE F 30 -1.28 -27.62 7.77
C ILE F 30 0.03 -27.07 8.33
N GLY F 31 1.05 -27.91 8.40
CA GLY F 31 2.34 -27.44 8.81
C GLY F 31 2.73 -27.92 10.18
N TYR F 32 1.85 -28.61 10.86
CA TYR F 32 2.04 -28.97 12.24
C TYR F 32 1.91 -30.45 12.50
N ALA F 33 2.69 -30.89 13.48
CA ALA F 33 2.70 -32.22 14.01
C ALA F 33 1.84 -32.30 15.29
N ILE F 34 1.35 -33.51 15.59
CA ILE F 34 0.63 -33.80 16.82
C ILE F 34 1.22 -35.06 17.46
N THR F 35 1.39 -35.04 18.78
CA THR F 35 1.83 -36.21 19.53
C THR F 35 0.82 -36.55 20.61
N TRP F 36 0.77 -37.81 20.97
CA TRP F 36 -0.12 -38.31 22.00
C TRP F 36 0.67 -38.76 23.21
N ILE F 37 0.29 -38.24 24.36
CA ILE F 37 0.99 -38.47 25.61
C ILE F 37 -0.01 -39.11 26.57
N ARG F 38 0.50 -39.99 27.42
CA ARG F 38 -0.29 -40.77 28.34
C ARG F 38 0.23 -40.54 29.77
N GLN F 39 -0.67 -40.50 30.75
CA GLN F 39 -0.26 -40.36 32.15
C GLN F 39 -1.04 -41.33 33.03
N PRO F 40 -0.49 -42.49 33.33
CA PRO F 40 -1.16 -43.40 34.26
C PRO F 40 -1.25 -42.80 35.66
N PRO F 41 -2.26 -43.19 36.43
CA PRO F 41 -2.42 -42.65 37.79
C PRO F 41 -1.16 -42.85 38.61
N GLY F 42 -0.68 -41.76 39.21
CA GLY F 42 0.51 -41.78 40.03
C GLY F 42 1.81 -41.81 39.27
N LYS F 43 1.84 -42.31 38.04
CA LYS F 43 3.05 -42.28 37.23
C LYS F 43 3.29 -40.86 36.69
N GLY F 44 4.48 -40.66 36.14
CA GLY F 44 4.75 -39.57 35.20
C GLY F 44 4.17 -39.72 33.81
N LEU F 45 4.84 -39.10 32.83
CA LEU F 45 4.34 -38.98 31.48
C LEU F 45 5.04 -40.00 30.60
N GLU F 46 4.29 -40.67 29.74
CA GLU F 46 4.85 -41.53 28.72
C GLU F 46 4.35 -41.12 27.35
N TRP F 47 5.19 -41.33 26.34
CA TRP F 47 4.92 -40.89 24.98
C TRP F 47 4.38 -42.05 24.17
N ILE F 48 3.28 -41.84 23.47
CA ILE F 48 2.69 -42.89 22.65
C ILE F 48 3.27 -42.84 21.23
N GLY F 49 3.19 -41.68 20.61
CA GLY F 49 3.55 -41.54 19.21
C GLY F 49 3.10 -40.20 18.70
N GLY F 50 3.33 -40.01 17.41
CA GLY F 50 2.93 -38.75 16.80
C GLY F 50 2.98 -38.86 15.30
N ILE F 51 2.56 -37.79 14.66
CA ILE F 51 2.55 -37.66 13.22
C ILE F 51 3.12 -36.31 12.83
N SER F 52 4.05 -36.31 11.89
CA SER F 52 4.73 -35.10 11.48
C SER F 52 3.88 -34.28 10.52
N SER F 53 4.34 -33.05 10.29
CA SER F 53 3.76 -32.17 9.28
C SER F 53 3.77 -32.78 7.89
N ALA F 54 4.69 -33.70 7.64
CA ALA F 54 4.80 -34.43 6.38
C ALA F 54 3.90 -35.64 6.31
N ALA F 55 3.09 -35.87 7.35
CA ALA F 55 2.22 -37.03 7.57
C ALA F 55 2.94 -38.35 7.86
N THR F 56 4.22 -38.33 8.18
CA THR F 56 4.90 -39.52 8.68
C THR F 56 4.53 -39.82 10.13
N THR F 57 4.23 -41.06 10.43
CA THR F 57 3.86 -41.49 11.77
C THR F 57 5.03 -42.15 12.49
N PHE F 58 5.18 -41.84 13.77
CA PHE F 58 6.18 -42.44 14.64
C PHE F 58 5.51 -43.05 15.86
N TYR F 59 6.04 -44.17 16.33
CA TYR F 59 5.45 -44.88 17.46
C TYR F 59 6.53 -45.25 18.46
N SER F 60 6.20 -45.20 19.73
CA SER F 60 7.14 -45.68 20.73
C SER F 60 7.28 -47.20 20.61
N SER F 61 8.15 -47.76 21.44
CA SER F 61 8.53 -49.17 21.34
C SER F 61 7.31 -50.08 21.45
N TRP F 62 6.55 -49.94 22.52
CA TRP F 62 5.43 -50.85 22.73
C TRP F 62 4.22 -50.54 21.85
N ALA F 63 3.98 -49.27 21.53
CA ALA F 63 2.80 -48.88 20.78
C ALA F 63 2.75 -49.48 19.37
N LYS F 64 3.91 -49.75 18.76
CA LYS F 64 3.94 -50.24 17.38
C LYS F 64 3.05 -51.47 17.15
N SER F 65 2.85 -52.29 18.17
CA SER F 65 2.02 -53.47 18.02
C SER F 65 0.53 -53.18 17.89
N ARG F 66 0.06 -52.02 18.34
CA ARG F 66 -1.36 -51.86 18.62
C ARG F 66 -1.98 -50.52 18.26
N VAL F 67 -1.21 -49.53 17.82
CA VAL F 67 -1.67 -48.15 17.75
C VAL F 67 -1.74 -47.73 16.30
N THR F 68 -2.68 -46.84 15.99
CA THR F 68 -2.69 -46.14 14.72
C THR F 68 -3.03 -44.68 14.94
N ILE F 69 -2.27 -43.79 14.31
CA ILE F 69 -2.51 -42.36 14.36
C ILE F 69 -2.80 -41.89 12.95
N SER F 70 -3.71 -40.94 12.83
CA SER F 70 -4.19 -40.55 11.51
C SER F 70 -4.65 -39.10 11.55
N VAL F 71 -4.80 -38.53 10.37
CA VAL F 71 -5.25 -37.16 10.24
C VAL F 71 -6.31 -37.13 9.15
N ASP F 72 -7.31 -36.28 9.33
CA ASP F 72 -8.39 -36.11 8.36
C ASP F 72 -8.56 -34.61 8.23
N THR F 73 -8.01 -34.05 7.15
CA THR F 73 -8.11 -32.61 6.94
C THR F 73 -9.54 -32.17 6.67
N SER F 74 -10.37 -33.07 6.15
CA SER F 74 -11.78 -32.76 5.91
C SER F 74 -12.57 -32.50 7.19
N LYS F 75 -12.02 -32.89 8.35
CA LYS F 75 -12.69 -32.68 9.63
C LYS F 75 -11.86 -31.86 10.59
N ASN F 76 -10.67 -31.40 10.19
CA ASN F 76 -9.74 -30.71 11.07
C ASN F 76 -9.37 -31.53 12.30
N GLN F 77 -9.20 -32.84 12.13
CA GLN F 77 -9.07 -33.72 13.27
C GLN F 77 -7.84 -34.60 13.15
N PHE F 78 -7.30 -34.95 14.31
CA PHE F 78 -6.31 -36.00 14.46
C PHE F 78 -6.95 -37.10 15.30
N SER F 79 -6.62 -38.34 15.01
CA SER F 79 -7.23 -39.48 15.67
C SER F 79 -6.21 -40.48 16.15
N LEU F 80 -6.43 -41.00 17.36
CA LEU F 80 -5.64 -42.08 17.92
C LEU F 80 -6.56 -43.28 18.08
N LYS F 81 -6.11 -44.47 17.67
CA LYS F 81 -6.85 -45.70 17.94
C LYS F 81 -5.92 -46.71 18.62
N LEU F 82 -6.38 -47.28 19.71
CA LEU F 82 -5.64 -48.31 20.44
C LEU F 82 -6.46 -49.59 20.53
N SER F 83 -5.92 -50.69 19.99
CA SER F 83 -6.61 -51.97 20.01
C SER F 83 -6.47 -52.69 21.35
N SER F 84 -7.43 -53.59 21.60
CA SER F 84 -7.37 -54.62 22.64
C SER F 84 -7.02 -54.03 24.00
N VAL F 85 -7.81 -53.05 24.43
CA VAL F 85 -7.45 -52.34 25.64
C VAL F 85 -7.56 -53.24 26.85
N THR F 86 -6.75 -52.94 27.86
CA THR F 86 -6.72 -53.65 29.11
C THR F 86 -6.64 -52.63 30.24
N ALA F 87 -6.86 -53.11 31.46
CA ALA F 87 -6.90 -52.23 32.63
C ALA F 87 -5.66 -51.36 32.77
N ALA F 88 -4.48 -51.88 32.41
CA ALA F 88 -3.27 -51.07 32.52
C ALA F 88 -3.24 -49.86 31.60
N ASP F 89 -4.14 -49.79 30.64
CA ASP F 89 -4.29 -48.62 29.78
C ASP F 89 -5.07 -47.47 30.42
N THR F 90 -5.49 -47.59 31.66
CA THR F 90 -6.20 -46.49 32.33
C THR F 90 -5.27 -45.31 32.57
N ALA F 91 -5.57 -44.16 31.98
CA ALA F 91 -4.71 -42.99 32.09
C ALA F 91 -5.46 -41.76 31.61
N VAL F 92 -4.87 -40.60 31.88
CA VAL F 92 -5.20 -39.38 31.15
C VAL F 92 -4.44 -39.37 29.83
N TYR F 93 -5.11 -38.99 28.75
CA TYR F 93 -4.50 -38.88 27.44
C TYR F 93 -4.51 -37.42 27.00
N TYR F 94 -3.38 -36.95 26.46
CA TYR F 94 -3.25 -35.61 25.91
C TYR F 94 -2.80 -35.61 24.47
N CYS F 95 -3.30 -34.63 23.73
CA CYS F 95 -2.72 -34.25 22.45
C CYS F 95 -1.94 -32.94 22.60
N ALA F 96 -0.79 -32.85 21.94
CA ALA F 96 0.04 -31.66 22.00
C ALA F 96 0.69 -31.42 20.65
N ARG F 97 1.02 -30.16 20.40
CA ARG F 97 1.56 -29.68 19.14
C ARG F 97 3.05 -29.43 19.23
N ASP F 98 3.80 -29.85 18.20
CA ASP F 98 5.18 -29.41 17.98
C ASP F 98 5.19 -28.32 16.91
N PRO F 99 5.66 -27.11 17.21
CA PRO F 99 5.64 -26.03 16.21
C PRO F 99 6.64 -26.19 15.07
N ARG F 100 7.65 -27.03 15.20
CA ARG F 100 8.58 -27.33 14.13
C ARG F 100 8.05 -28.39 13.18
N GLY F 101 6.99 -29.10 13.52
CA GLY F 101 6.42 -30.11 12.68
C GLY F 101 7.13 -31.43 12.73
N TYR F 102 8.04 -31.62 13.68
CA TYR F 102 8.69 -32.91 13.85
C TYR F 102 7.72 -33.96 14.39
N GLY F 103 7.80 -35.16 13.83
CA GLY F 103 6.94 -36.23 14.26
C GLY F 103 7.36 -36.96 15.51
N ALA F 104 8.57 -36.77 16.00
CA ALA F 104 9.06 -37.58 17.09
C ALA F 104 10.02 -36.73 17.94
N ALA F 105 9.46 -35.73 18.62
CA ALA F 105 10.28 -34.94 19.51
C ALA F 105 9.43 -34.48 20.69
N LEU F 106 10.07 -34.34 21.84
CA LEU F 106 9.32 -34.02 23.04
C LEU F 106 9.83 -32.77 23.73
N ASP F 107 10.86 -32.12 23.22
CA ASP F 107 11.48 -31.01 23.91
C ASP F 107 10.77 -29.68 23.70
N ARG F 108 9.78 -29.61 22.81
CA ARG F 108 9.17 -28.33 22.50
C ARG F 108 7.67 -28.45 22.23
N LEU F 109 6.98 -29.19 23.09
CA LEU F 109 5.52 -29.31 23.02
C LEU F 109 4.88 -28.04 23.56
N ASP F 110 4.62 -27.07 22.68
CA ASP F 110 4.23 -25.73 23.12
C ASP F 110 2.74 -25.64 23.47
N LEU F 111 1.89 -26.42 22.84
CA LEU F 111 0.46 -26.27 22.99
C LEU F 111 -0.16 -27.61 23.32
N TRP F 112 -1.01 -27.66 24.36
CA TRP F 112 -1.55 -28.90 24.89
C TRP F 112 -3.07 -28.84 24.93
N GLY F 113 -3.71 -29.98 24.72
CA GLY F 113 -5.10 -30.13 25.12
C GLY F 113 -5.27 -30.22 26.62
N GLN F 114 -6.51 -29.96 27.06
CA GLN F 114 -6.85 -30.04 28.47
C GLN F 114 -6.85 -31.47 29.00
N GLY F 115 -6.76 -32.47 28.15
CA GLY F 115 -6.70 -33.86 28.54
C GLY F 115 -8.06 -34.52 28.60
N THR F 116 -8.05 -35.85 28.45
CA THR F 116 -9.22 -36.68 28.57
C THR F 116 -8.84 -37.90 29.37
N CYS F 117 -9.68 -38.27 30.33
CA CYS F 117 -9.43 -39.42 31.17
C CYS F 117 -10.20 -40.64 30.69
N VAL F 118 -9.54 -41.78 30.66
CA VAL F 118 -10.11 -43.03 30.16
C VAL F 118 -9.92 -44.12 31.20
N THR F 119 -11.01 -44.81 31.53
CA THR F 119 -11.06 -45.85 32.54
C THR F 119 -11.38 -47.19 31.89
N VAL F 120 -10.55 -48.19 32.12
CA VAL F 120 -10.80 -49.52 31.59
C VAL F 120 -11.25 -50.41 32.74
N SER F 121 -12.49 -50.87 32.67
CA SER F 121 -13.05 -51.63 33.78
C SER F 121 -14.19 -52.48 33.28
N SER F 122 -14.48 -53.54 34.04
CA SER F 122 -15.60 -54.41 33.75
C SER F 122 -16.92 -53.87 34.29
N PHE F 123 -16.88 -52.95 35.24
CA PHE F 123 -18.07 -52.55 35.97
C PHE F 123 -19.06 -51.82 35.07
N SER F 124 -20.24 -51.55 35.61
CA SER F 124 -21.13 -50.59 34.99
C SER F 124 -20.84 -49.19 35.48
N THR F 125 -21.14 -48.22 34.63
CA THR F 125 -21.34 -46.86 35.09
C THR F 125 -22.52 -46.81 36.05
N LYS F 126 -22.49 -45.84 36.95
CA LYS F 126 -23.69 -45.50 37.71
C LYS F 126 -23.71 -43.99 37.95
N GLY F 127 -24.90 -43.40 37.84
CA GLY F 127 -25.09 -42.03 38.22
C GLY F 127 -24.99 -41.81 39.72
N PRO F 128 -24.63 -40.59 40.12
CA PRO F 128 -24.52 -40.28 41.53
C PRO F 128 -25.86 -39.88 42.15
N SER F 129 -25.89 -39.98 43.47
CA SER F 129 -26.77 -39.19 44.31
C SER F 129 -26.05 -37.92 44.75
N VAL F 130 -26.84 -36.89 45.06
CA VAL F 130 -26.32 -35.61 45.53
C VAL F 130 -27.13 -35.15 46.72
N PHE F 131 -26.45 -34.72 47.77
CA PHE F 131 -27.10 -34.32 49.00
C PHE F 131 -26.53 -32.96 49.35
N PRO F 132 -27.31 -32.07 49.92
CA PRO F 132 -26.75 -30.85 50.48
C PRO F 132 -26.04 -31.13 51.79
N LEU F 133 -25.22 -30.17 52.19
CA LEU F 133 -24.62 -30.22 53.51
C LEU F 133 -24.96 -28.92 54.22
N ALA F 134 -25.36 -29.06 55.47
CA ALA F 134 -25.95 -27.94 56.23
C ALA F 134 -24.93 -26.83 56.46
N PRO F 135 -25.33 -25.56 56.29
CA PRO F 135 -24.48 -24.41 56.57
C PRO F 135 -24.16 -24.29 58.05
N ALA F 146 -18.97 -21.71 57.25
CA ALA F 146 -18.74 -22.70 56.20
C ALA F 146 -20.06 -23.36 55.78
N LEU F 147 -20.14 -23.75 54.50
CA LEU F 147 -21.22 -24.60 54.02
C LEU F 147 -20.67 -25.42 52.87
N GLY F 148 -21.40 -26.45 52.47
CA GLY F 148 -20.90 -27.27 51.38
C GLY F 148 -21.95 -28.14 50.74
N CYS F 149 -21.49 -28.99 49.86
CA CYS F 149 -22.32 -29.88 49.05
C CYS F 149 -21.58 -31.18 48.85
N LEU F 150 -22.33 -32.27 48.72
CA LEU F 150 -21.69 -33.57 48.62
C LEU F 150 -22.35 -34.40 47.52
N VAL F 151 -21.53 -35.15 46.81
CA VAL F 151 -21.96 -36.06 45.76
C VAL F 151 -21.28 -37.39 46.05
N LYS F 152 -22.01 -38.50 45.87
CA LYS F 152 -21.57 -39.74 46.50
C LYS F 152 -21.86 -40.95 45.62
N ASP F 153 -21.12 -42.02 45.92
CA ASP F 153 -21.31 -43.40 45.44
C ASP F 153 -21.38 -43.53 43.91
N TYR F 154 -20.82 -42.61 43.13
CA TYR F 154 -20.83 -42.74 41.68
C TYR F 154 -19.65 -43.58 41.19
N PHE F 155 -19.67 -43.91 39.90
CA PHE F 155 -18.57 -44.63 39.27
C PHE F 155 -18.27 -44.07 37.89
N CYS F 156 -17.05 -44.38 37.41
CA CYS F 156 -16.39 -43.74 36.29
C CYS F 156 -16.25 -42.25 36.57
N GLU F 157 -15.20 -41.89 37.33
CA GLU F 157 -15.14 -40.69 38.16
C GLU F 157 -14.68 -39.44 37.42
N CYS F 158 -13.69 -39.58 36.54
CA CYS F 158 -12.96 -38.43 36.01
C CYS F 158 -13.82 -37.28 35.50
N PRO F 159 -14.85 -37.49 34.70
CA PRO F 159 -15.54 -36.33 34.10
C PRO F 159 -16.54 -35.65 35.02
N VAL F 160 -16.45 -35.91 36.33
CA VAL F 160 -17.29 -35.21 37.28
C VAL F 160 -16.90 -33.74 37.34
N THR F 161 -17.92 -32.87 37.44
CA THR F 161 -17.71 -31.44 37.59
C THR F 161 -18.69 -30.87 38.60
N VAL F 162 -18.21 -29.95 39.43
CA VAL F 162 -19.04 -29.22 40.37
C VAL F 162 -18.99 -27.75 40.02
N SER F 163 -20.12 -27.06 40.17
CA SER F 163 -20.22 -25.63 39.93
C SER F 163 -21.31 -25.05 40.82
N TRP F 164 -21.10 -23.85 41.34
CA TRP F 164 -22.01 -23.24 42.31
C TRP F 164 -22.63 -21.95 41.79
N ASN F 165 -23.97 -21.89 41.84
CA ASN F 165 -24.74 -20.77 41.29
C ASN F 165 -24.37 -20.50 39.84
N SER F 166 -24.42 -21.55 39.02
CA SER F 166 -23.96 -21.54 37.63
C SER F 166 -22.51 -21.12 37.52
N GLY F 167 -21.76 -21.24 38.62
CA GLY F 167 -20.36 -20.85 38.65
C GLY F 167 -20.11 -19.45 39.14
N ALA F 168 -21.16 -18.66 39.37
CA ALA F 168 -20.97 -17.28 39.81
C ALA F 168 -20.29 -17.17 41.16
N LEU F 169 -20.37 -18.20 42.00
CA LEU F 169 -19.53 -18.25 43.20
C LEU F 169 -18.14 -18.75 42.81
N THR F 170 -17.43 -17.88 42.11
CA THR F 170 -16.11 -18.24 41.59
C THR F 170 -15.07 -18.42 42.70
N SER F 171 -15.33 -17.90 43.90
CA SER F 171 -14.28 -17.57 44.84
C SER F 171 -14.52 -18.31 46.15
N GLY F 172 -13.43 -18.74 46.78
CA GLY F 172 -13.47 -19.49 48.02
C GLY F 172 -13.86 -20.96 47.88
N VAL F 173 -14.31 -21.39 46.70
CA VAL F 173 -14.70 -22.78 46.48
C VAL F 173 -13.49 -23.69 46.54
N HIS F 174 -13.51 -24.63 47.46
CA HIS F 174 -12.62 -25.79 47.47
C HIS F 174 -13.34 -27.02 46.92
N THR F 175 -12.54 -27.97 46.46
CA THR F 175 -13.07 -29.27 46.04
C THR F 175 -12.02 -30.32 46.34
N PHE F 176 -12.46 -31.51 46.69
CA PHE F 176 -11.54 -32.48 47.24
C PHE F 176 -11.32 -33.64 46.28
N PRO F 177 -10.13 -34.23 46.31
CA PRO F 177 -9.90 -35.50 45.59
C PRO F 177 -10.91 -36.55 45.99
N ALA F 178 -11.50 -37.20 45.00
CA ALA F 178 -12.41 -38.31 45.24
C ALA F 178 -11.68 -39.46 45.90
N VAL F 179 -12.41 -40.21 46.72
CA VAL F 179 -11.86 -41.38 47.41
C VAL F 179 -12.77 -42.57 47.13
N LEU F 180 -12.15 -43.75 47.06
CA LEU F 180 -12.94 -44.97 46.96
C LEU F 180 -13.61 -45.25 48.29
N GLN F 181 -14.94 -45.32 48.28
CA GLN F 181 -15.64 -46.05 49.32
C GLN F 181 -15.27 -47.53 49.23
N SER F 182 -15.34 -48.21 50.38
CA SER F 182 -15.15 -49.66 50.39
C SER F 182 -16.11 -50.40 49.46
N SER F 183 -17.24 -49.78 49.11
CA SER F 183 -18.14 -50.35 48.12
C SER F 183 -17.61 -50.25 46.71
N GLY F 184 -16.39 -49.78 46.50
CA GLY F 184 -15.89 -49.66 45.15
C GLY F 184 -16.50 -48.56 44.33
N LEU F 185 -17.05 -47.53 44.97
CA LEU F 185 -17.68 -46.42 44.28
C LEU F 185 -17.11 -45.11 44.83
N TYR F 186 -17.10 -44.07 44.00
CA TYR F 186 -16.42 -42.84 44.35
C TYR F 186 -17.38 -41.82 44.97
N SER F 187 -16.82 -40.97 45.83
CA SER F 187 -17.55 -39.84 46.40
C SER F 187 -16.66 -38.60 46.45
N LEU F 188 -17.31 -37.45 46.42
CA LEU F 188 -16.63 -36.17 46.32
C LEU F 188 -17.42 -35.11 47.06
N SER F 189 -16.72 -34.08 47.54
CA SER F 189 -17.34 -33.04 48.32
C SER F 189 -16.86 -31.67 47.87
N SER F 190 -17.69 -30.65 48.11
CA SER F 190 -17.41 -29.28 47.72
C SER F 190 -17.86 -28.35 48.82
N VAL F 191 -17.07 -27.30 49.07
CA VAL F 191 -17.17 -26.52 50.30
C VAL F 191 -16.89 -25.06 49.95
N VAL F 192 -17.50 -24.14 50.70
CA VAL F 192 -17.11 -22.73 50.68
C VAL F 192 -17.26 -22.16 52.08
N THR F 193 -16.49 -21.12 52.38
CA THR F 193 -16.63 -20.34 53.61
C THR F 193 -17.20 -18.97 53.29
N VAL F 194 -18.17 -18.53 54.09
CA VAL F 194 -18.92 -17.32 53.79
C VAL F 194 -19.28 -16.58 55.08
N PRO F 195 -19.46 -15.26 55.04
CA PRO F 195 -19.92 -14.55 56.23
C PRO F 195 -21.38 -14.88 56.53
N SER F 196 -21.70 -14.97 57.83
CA SER F 196 -23.04 -15.41 58.22
C SER F 196 -24.15 -14.55 57.61
N SER F 197 -23.92 -13.24 57.43
CA SER F 197 -24.96 -12.39 56.85
C SER F 197 -25.24 -12.76 55.40
N SER F 198 -24.21 -13.17 54.65
CA SER F 198 -24.38 -13.51 53.24
C SER F 198 -25.39 -14.63 53.05
N LEU F 199 -25.74 -15.34 54.12
CA LEU F 199 -26.71 -16.43 54.07
C LEU F 199 -28.02 -15.92 53.50
N GLY F 200 -28.66 -16.74 52.66
CA GLY F 200 -29.91 -16.30 52.06
C GLY F 200 -29.73 -15.21 51.02
N THR F 201 -28.97 -14.17 51.40
CA THR F 201 -28.57 -13.09 50.52
C THR F 201 -28.19 -13.66 49.17
N GLN F 202 -27.45 -14.77 49.18
CA GLN F 202 -27.02 -15.48 47.98
C GLN F 202 -27.86 -16.73 47.78
N THR F 203 -27.90 -17.18 46.53
CA THR F 203 -28.69 -18.33 46.15
C THR F 203 -28.04 -19.65 46.58
N TYR F 204 -26.72 -19.69 46.62
CA TYR F 204 -25.95 -20.87 47.07
C TYR F 204 -26.54 -22.16 46.53
N ILE F 205 -26.54 -22.26 45.21
CA ILE F 205 -27.01 -23.45 44.51
C ILE F 205 -25.83 -24.35 44.16
N CYS F 206 -25.91 -25.61 44.58
CA CYS F 206 -24.94 -26.62 44.18
C CYS F 206 -25.42 -27.24 42.87
N ASN F 207 -24.62 -27.09 41.83
CA ASN F 207 -24.90 -27.69 40.52
C ASN F 207 -23.86 -28.77 40.24
N VAL F 208 -24.33 -29.93 39.79
CA VAL F 208 -23.48 -31.10 39.59
C VAL F 208 -23.87 -31.73 38.26
N ASN F 209 -22.88 -32.29 37.56
CA ASN F 209 -23.15 -33.16 36.43
C ASN F 209 -22.07 -34.22 36.39
N HIS F 210 -22.43 -35.39 35.83
CA HIS F 210 -21.56 -36.56 35.73
C HIS F 210 -21.66 -37.14 34.33
N LYS F 211 -20.79 -36.69 33.43
CA LYS F 211 -20.90 -37.07 32.03
C LYS F 211 -20.96 -38.57 31.74
N PRO F 212 -20.26 -39.46 32.46
CA PRO F 212 -20.38 -40.89 32.15
C PRO F 212 -21.74 -41.49 32.44
N SER F 213 -22.73 -40.73 32.92
CA SER F 213 -24.10 -41.21 33.00
C SER F 213 -25.08 -40.19 32.45
N ASN F 214 -24.59 -39.26 31.64
CA ASN F 214 -25.40 -38.21 31.02
C ASN F 214 -26.19 -37.40 32.06
N THR F 215 -25.80 -37.47 33.33
CA THR F 215 -26.63 -36.93 34.40
C THR F 215 -26.37 -35.45 34.62
N LYS F 216 -27.45 -34.67 34.77
CA LYS F 216 -27.38 -33.29 35.25
C LYS F 216 -28.43 -33.09 36.33
N VAL F 217 -28.02 -32.44 37.43
CA VAL F 217 -28.83 -32.28 38.62
C VAL F 217 -28.41 -31.01 39.34
N ASP F 218 -29.30 -30.49 40.17
CA ASP F 218 -29.11 -29.20 40.82
C ASP F 218 -29.72 -29.31 42.20
N LYS F 219 -29.22 -28.53 43.15
CA LYS F 219 -29.94 -28.38 44.41
C LYS F 219 -29.64 -27.04 45.04
N LYS F 220 -30.63 -26.50 45.75
CA LYS F 220 -30.45 -25.37 46.66
C LYS F 220 -29.90 -25.83 48.01
N VAL F 221 -29.14 -24.96 48.65
CA VAL F 221 -28.69 -25.14 50.03
C VAL F 221 -29.45 -24.18 50.94
N GLU F 222 -29.83 -24.66 52.12
CA GLU F 222 -30.38 -23.83 53.19
C GLU F 222 -30.13 -24.55 54.52
N PRO F 223 -30.25 -23.85 55.67
CA PRO F 223 -30.10 -24.49 56.98
C PRO F 223 -31.00 -25.70 57.20
N GLN G 3 -22.28 23.02 43.83
CA GLN G 3 -21.90 22.29 45.04
C GLN G 3 -22.68 21.01 45.23
N MET G 4 -22.03 20.01 45.80
CA MET G 4 -22.49 18.64 45.68
C MET G 4 -22.34 17.98 47.04
N THR G 5 -23.09 16.91 47.25
CA THR G 5 -22.90 16.06 48.40
C THR G 5 -22.77 14.63 47.92
N GLN G 6 -22.04 13.84 48.69
CA GLN G 6 -21.78 12.46 48.35
C GLN G 6 -22.08 11.67 49.59
N SER G 7 -22.69 10.50 49.42
CA SER G 7 -23.18 9.75 50.57
C SER G 7 -23.12 8.26 50.29
N PRO G 8 -22.87 7.44 51.31
CA PRO G 8 -22.49 7.79 52.69
C PRO G 8 -21.04 8.22 52.82
N SER G 9 -20.66 8.87 53.92
CA SER G 9 -19.27 9.26 54.11
C SER G 9 -18.38 8.04 54.34
N SER G 10 -18.93 6.95 54.86
CA SER G 10 -18.17 5.70 54.98
C SER G 10 -19.14 4.53 54.96
N LEU G 11 -18.61 3.37 54.58
CA LEU G 11 -19.37 2.13 54.58
C LEU G 11 -18.43 0.95 54.74
N SER G 12 -18.99 -0.17 55.20
CA SER G 12 -18.21 -1.33 55.65
C SER G 12 -18.97 -2.58 55.26
N ALA G 13 -18.41 -3.36 54.34
CA ALA G 13 -19.14 -4.48 53.75
C ALA G 13 -18.22 -5.67 53.55
N SER G 14 -18.84 -6.83 53.41
CA SER G 14 -18.13 -8.09 53.32
C SER G 14 -17.61 -8.36 51.92
N VAL G 15 -16.46 -9.04 51.85
CA VAL G 15 -15.97 -9.56 50.58
C VAL G 15 -17.07 -10.33 49.88
N GLY G 16 -17.14 -10.18 48.56
CA GLY G 16 -18.19 -10.80 47.80
C GLY G 16 -19.43 -9.95 47.60
N ASP G 17 -19.69 -9.01 48.50
CA ASP G 17 -20.95 -8.27 48.56
C ASP G 17 -21.00 -7.07 47.62
N ARG G 18 -22.14 -6.39 47.70
CA ARG G 18 -22.51 -5.29 46.83
C ARG G 18 -22.71 -4.06 47.70
N VAL G 19 -22.33 -2.90 47.15
CA VAL G 19 -22.43 -1.63 47.84
C VAL G 19 -22.82 -0.59 46.81
N THR G 20 -23.35 0.52 47.29
CA THR G 20 -23.72 1.61 46.41
C THR G 20 -23.36 2.92 47.07
N ILE G 21 -23.05 3.92 46.23
CA ILE G 21 -22.62 5.23 46.68
C ILE G 21 -23.41 6.26 45.89
N THR G 22 -23.86 7.29 46.57
CA THR G 22 -24.74 8.28 45.96
C THR G 22 -24.10 9.66 46.01
N CYS G 23 -24.43 10.45 45.00
CA CYS G 23 -23.93 11.80 44.86
C CYS G 23 -25.09 12.63 44.33
N GLN G 24 -25.25 13.83 44.88
CA GLN G 24 -26.40 14.67 44.57
C GLN G 24 -25.91 16.10 44.48
N SER G 25 -26.75 16.95 43.89
CA SER G 25 -26.36 18.31 43.57
C SER G 25 -27.57 19.21 43.69
N ILE G 26 -27.29 20.51 43.85
CA ILE G 26 -28.35 21.49 43.78
C ILE G 26 -28.71 21.85 42.34
N LYS G 27 -27.80 21.68 41.39
CA LYS G 27 -28.03 22.04 40.00
C LYS G 27 -27.92 20.76 39.19
N SER G 28 -27.93 20.86 37.87
CA SER G 28 -27.87 19.66 37.06
C SER G 28 -26.62 19.70 36.19
N VAL G 29 -25.98 18.54 36.04
CA VAL G 29 -24.74 18.49 35.26
C VAL G 29 -25.04 18.97 33.86
N TYR G 30 -24.02 19.53 33.21
CA TYR G 30 -24.23 20.28 31.98
C TYR G 30 -24.75 19.40 30.85
N ASN G 31 -24.00 18.37 30.48
CA ASN G 31 -24.55 17.43 29.48
C ASN G 31 -23.90 16.06 29.67
N ASN G 32 -24.25 15.43 30.79
CA ASN G 32 -23.75 14.13 31.22
C ASN G 32 -22.35 14.21 31.80
N ARG G 33 -21.93 15.41 32.17
CA ARG G 33 -20.56 15.63 32.64
C ARG G 33 -20.49 15.27 34.13
N LEU G 34 -20.26 13.98 34.40
CA LEU G 34 -20.10 13.48 35.75
C LEU G 34 -19.18 12.28 35.70
N GLY G 35 -18.28 12.17 36.66
CA GLY G 35 -17.32 11.08 36.67
C GLY G 35 -17.04 10.54 38.07
N TRP G 36 -16.50 9.33 38.10
CA TRP G 36 -16.15 8.66 39.35
C TRP G 36 -14.68 8.27 39.38
N TYR G 37 -14.01 8.58 40.48
CA TYR G 37 -12.58 8.32 40.66
C TYR G 37 -12.33 7.42 41.86
N GLN G 38 -11.33 6.56 41.72
CA GLN G 38 -10.84 5.71 42.78
C GLN G 38 -9.45 6.16 43.22
N GLN G 39 -9.29 6.48 44.51
CA GLN G 39 -7.98 6.80 45.06
C GLN G 39 -7.64 5.77 46.14
N LYS G 40 -6.55 5.07 45.96
CA LYS G 40 -5.97 4.17 46.94
C LYS G 40 -4.98 4.95 47.82
N CYS G 41 -4.73 4.44 49.02
CA CYS G 41 -3.75 5.08 49.90
C CYS G 41 -2.40 5.24 49.21
N GLY G 42 -1.86 6.46 49.31
CA GLY G 42 -0.56 6.78 48.74
C GLY G 42 -0.48 6.90 47.22
N LYS G 43 -1.60 7.07 46.52
CA LYS G 43 -1.58 7.15 45.07
C LYS G 43 -2.52 8.23 44.57
N ALA G 44 -2.26 8.67 43.33
CA ALA G 44 -3.15 9.56 42.61
C ALA G 44 -4.50 8.90 42.32
N PRO G 45 -5.55 9.70 42.15
CA PRO G 45 -6.84 9.13 41.76
C PRO G 45 -6.80 8.45 40.41
N LYS G 46 -7.61 7.41 40.26
CA LYS G 46 -7.88 6.75 38.98
C LYS G 46 -9.32 6.96 38.53
N LEU G 47 -9.51 7.34 37.27
CA LEU G 47 -10.85 7.39 36.67
C LEU G 47 -11.44 6.00 36.50
N LEU G 48 -12.69 5.84 36.93
CA LEU G 48 -13.45 4.61 36.75
C LEU G 48 -14.57 4.76 35.74
N ILE G 49 -15.47 5.70 35.98
CA ILE G 49 -16.63 5.94 35.15
C ILE G 49 -16.60 7.39 34.69
N TYR G 50 -16.94 7.63 33.42
CA TYR G 50 -17.07 9.00 32.94
C TYR G 50 -18.35 9.07 32.12
N GLU G 51 -18.82 10.30 31.93
CA GLU G 51 -20.08 10.57 31.24
C GLU G 51 -21.20 9.71 31.80
N THR G 52 -21.35 9.75 33.13
CA THR G 52 -22.36 9.02 33.89
C THR G 52 -22.18 7.50 33.88
N SER G 53 -21.88 6.88 32.75
CA SER G 53 -21.99 5.44 32.70
C SER G 53 -20.94 4.71 31.88
N ILE G 54 -20.03 5.39 31.18
CA ILE G 54 -19.05 4.68 30.36
C ILE G 54 -17.94 4.15 31.26
N LEU G 55 -17.70 2.85 31.20
CA LEU G 55 -16.63 2.20 31.94
C LEU G 55 -15.28 2.43 31.25
N THR G 56 -14.26 2.80 32.04
CA THR G 56 -12.92 2.94 31.51
C THR G 56 -12.34 1.58 31.14
N SER G 57 -11.59 1.51 30.05
CA SER G 57 -10.97 0.27 29.65
C SER G 57 -10.07 -0.30 30.75
N GLY G 58 -9.99 -1.63 30.79
CA GLY G 58 -9.24 -2.34 31.81
C GLY G 58 -9.84 -2.34 33.19
N VAL G 59 -10.87 -1.56 33.45
CA VAL G 59 -11.61 -1.66 34.70
C VAL G 59 -12.50 -2.89 34.65
N PRO G 60 -12.51 -3.74 35.67
CA PRO G 60 -13.42 -4.88 35.68
C PRO G 60 -14.87 -4.45 35.78
N SER G 61 -15.74 -5.17 35.06
CA SER G 61 -17.16 -4.84 34.98
C SER G 61 -17.90 -5.03 36.30
N ARG G 62 -17.19 -5.06 37.41
CA ARG G 62 -17.85 -5.03 38.70
C ARG G 62 -18.50 -3.68 38.94
N PHE G 63 -17.90 -2.62 38.41
CA PHE G 63 -18.37 -1.26 38.63
C PHE G 63 -19.43 -0.90 37.60
N SER G 64 -20.40 -0.12 38.04
CA SER G 64 -21.46 0.39 37.16
C SER G 64 -21.93 1.71 37.75
N GLY G 65 -22.50 2.55 36.91
CA GLY G 65 -22.96 3.85 37.36
C GLY G 65 -24.09 4.36 36.50
N SER G 66 -24.96 5.16 37.12
CA SER G 66 -26.13 5.68 36.44
C SER G 66 -26.59 6.92 37.18
N GLY G 67 -27.43 7.71 36.55
CA GLY G 67 -27.97 8.88 37.20
C GLY G 67 -28.76 9.77 36.26
N SER G 68 -29.27 10.86 36.82
CA SER G 68 -30.37 11.59 36.21
C SER G 68 -30.16 13.10 36.32
N GLY G 69 -29.03 13.57 35.87
CA GLY G 69 -28.82 15.02 35.89
C GLY G 69 -28.50 15.59 37.24
N THR G 70 -29.28 15.24 38.26
CA THR G 70 -29.11 15.74 39.61
C THR G 70 -28.67 14.68 40.62
N ASP G 71 -28.95 13.41 40.36
CA ASP G 71 -28.64 12.36 41.32
C ASP G 71 -28.00 11.19 40.59
N PHE G 72 -26.97 10.60 41.20
CA PHE G 72 -26.14 9.65 40.49
C PHE G 72 -25.73 8.59 41.49
N THR G 73 -25.45 7.39 40.99
CA THR G 73 -25.05 6.31 41.88
C THR G 73 -23.91 5.54 41.25
N LEU G 74 -22.95 5.14 42.08
CA LEU G 74 -21.91 4.20 41.69
C LEU G 74 -22.15 2.89 42.44
N THR G 75 -22.07 1.77 41.74
CA THR G 75 -22.41 0.49 42.33
C THR G 75 -21.42 -0.60 41.96
N ILE G 76 -21.03 -1.41 42.95
CA ILE G 76 -20.21 -2.59 42.71
C ILE G 76 -21.10 -3.82 42.55
N SER G 77 -20.64 -4.77 41.74
CA SER G 77 -21.26 -6.10 41.67
C SER G 77 -20.75 -7.04 42.75
N SER G 78 -19.47 -6.92 43.13
CA SER G 78 -18.87 -7.85 44.09
C SER G 78 -17.52 -7.36 44.59
N LEU G 79 -17.42 -7.19 45.91
CA LEU G 79 -16.22 -6.68 46.55
C LEU G 79 -15.07 -7.67 46.45
N GLN G 80 -13.95 -7.21 45.88
CA GLN G 80 -12.68 -7.90 46.01
C GLN G 80 -11.84 -7.20 47.08
N CYS G 81 -10.67 -7.77 47.37
CA CYS G 81 -9.83 -7.20 48.40
C CYS G 81 -9.28 -5.84 48.00
N GLU G 82 -8.79 -5.72 46.76
CA GLU G 82 -8.22 -4.45 46.31
C GLU G 82 -9.23 -3.34 46.09
N ASP G 83 -10.52 -3.57 46.31
CA ASP G 83 -11.45 -2.45 46.25
C ASP G 83 -11.34 -1.52 47.43
N PHE G 84 -10.50 -1.80 48.41
CA PHE G 84 -10.25 -0.83 49.48
C PHE G 84 -9.71 0.46 48.87
N ALA G 85 -10.44 1.57 49.07
CA ALA G 85 -10.07 2.88 48.51
C ALA G 85 -11.06 3.95 49.01
N THR G 86 -10.73 5.21 48.72
CA THR G 86 -11.68 6.32 48.71
C THR G 86 -12.27 6.54 47.30
N TYR G 87 -13.52 6.99 47.25
CA TYR G 87 -14.21 7.26 45.99
C TYR G 87 -14.75 8.68 45.98
N TYR G 88 -14.65 9.36 44.84
CA TYR G 88 -15.16 10.71 44.62
C TYR G 88 -16.01 10.81 43.37
N CYS G 89 -17.13 11.53 43.48
CA CYS G 89 -17.79 12.07 42.30
C CYS G 89 -17.18 13.41 41.87
N ALA G 90 -17.25 13.68 40.57
CA ALA G 90 -16.89 14.99 40.08
C ALA G 90 -17.79 15.32 38.92
N GLY G 91 -18.08 16.59 38.75
CA GLY G 91 -18.97 16.99 37.69
C GLY G 91 -18.83 18.46 37.38
N GLY G 92 -19.44 18.85 36.28
CA GLY G 92 -19.37 20.22 35.82
C GLY G 92 -20.75 20.74 35.48
N PHE G 93 -21.03 21.96 35.90
CA PHE G 93 -22.37 22.46 35.78
C PHE G 93 -22.51 23.47 34.66
N ASP G 94 -21.41 23.92 34.08
CA ASP G 94 -21.50 24.71 32.86
C ASP G 94 -20.25 24.39 32.06
N ARG G 95 -19.91 25.28 31.14
CA ARG G 95 -18.60 25.37 30.52
C ARG G 95 -17.93 26.63 31.02
N SER G 96 -16.65 26.52 31.37
CA SER G 96 -15.76 27.58 31.82
C SER G 96 -15.92 27.93 33.29
N GLY G 97 -16.91 27.41 34.00
CA GLY G 97 -17.13 27.89 35.34
C GLY G 97 -17.14 26.88 36.47
N ASP G 98 -18.36 26.66 36.96
CA ASP G 98 -18.67 25.87 38.14
C ASP G 98 -18.39 24.41 37.85
N THR G 99 -17.28 23.89 38.34
CA THR G 99 -17.02 22.46 38.37
C THR G 99 -16.36 22.10 39.70
N THR G 100 -16.69 20.93 40.25
CA THR G 100 -16.15 20.56 41.56
C THR G 100 -16.15 19.04 41.76
N PHE G 101 -15.34 18.60 42.71
CA PHE G 101 -15.38 17.26 43.30
C PHE G 101 -16.39 17.16 44.45
N GLY G 102 -16.78 15.90 44.77
CA GLY G 102 -17.42 15.57 46.04
C GLY G 102 -16.44 15.28 47.19
N GLN G 103 -17.00 15.13 48.41
CA GLN G 103 -16.19 14.96 49.62
C GLN G 103 -15.48 13.61 49.71
N GLY G 104 -15.94 12.60 49.00
CA GLY G 104 -15.30 11.29 49.05
C GLY G 104 -15.96 10.33 50.03
N THR G 105 -15.81 9.03 49.74
CA THR G 105 -16.34 7.91 50.50
C THR G 105 -15.28 6.83 50.71
N LYS G 106 -15.20 6.30 51.92
CA LYS G 106 -14.18 5.32 52.30
C LYS G 106 -14.78 3.92 52.44
N VAL G 107 -14.21 2.96 51.74
CA VAL G 107 -14.75 1.60 51.62
C VAL G 107 -13.81 0.67 52.38
N GLU G 108 -14.36 -0.07 53.35
CA GLU G 108 -13.64 -1.05 54.15
C GLU G 108 -14.02 -2.48 53.76
N ILE G 109 -13.01 -3.32 53.56
CA ILE G 109 -13.23 -4.77 53.44
C ILE G 109 -13.32 -5.40 54.83
N LYS G 110 -14.35 -6.23 55.03
CA LYS G 110 -14.45 -7.11 56.21
C LYS G 110 -14.09 -8.55 55.85
N ARG G 111 -13.35 -9.21 56.73
CA ARG G 111 -12.82 -10.52 56.45
C ARG G 111 -12.66 -11.29 57.75
N THR G 112 -12.31 -12.57 57.63
CA THR G 112 -12.05 -13.44 58.78
C THR G 112 -11.14 -12.79 59.79
N VAL G 113 -11.58 -12.76 61.06
CA VAL G 113 -10.77 -12.15 62.11
C VAL G 113 -9.44 -12.91 62.24
N ALA G 114 -8.42 -12.19 62.74
CA ALA G 114 -7.10 -12.74 62.92
C ALA G 114 -6.43 -12.00 64.07
N ALA G 115 -5.91 -12.77 65.02
CA ALA G 115 -5.09 -12.22 66.09
C ALA G 115 -3.77 -11.67 65.56
N PRO G 116 -3.26 -10.60 66.17
CA PRO G 116 -1.98 -10.02 65.75
C PRO G 116 -0.83 -10.98 66.02
N SER G 117 0.08 -11.05 65.06
CA SER G 117 1.42 -11.61 65.27
C SER G 117 2.33 -10.57 65.96
N VAL G 118 2.87 -10.93 67.13
CA VAL G 118 3.47 -9.97 68.06
C VAL G 118 4.98 -10.19 68.13
N PHE G 119 5.73 -9.09 68.11
CA PHE G 119 7.18 -9.06 68.25
C PHE G 119 7.61 -7.89 69.13
N ILE G 120 8.83 -7.96 69.66
CA ILE G 120 9.41 -6.87 70.44
C ILE G 120 10.92 -6.82 70.19
N PHE G 121 11.49 -5.60 70.23
CA PHE G 121 12.92 -5.39 69.86
C PHE G 121 13.66 -4.44 70.80
N PRO G 122 14.87 -4.80 71.21
CA PRO G 122 15.70 -3.90 72.02
C PRO G 122 16.24 -2.73 71.19
N PRO G 123 16.59 -1.63 71.85
CA PRO G 123 17.36 -0.56 71.20
C PRO G 123 18.70 -1.05 70.67
N SER G 124 18.98 -0.72 69.41
CA SER G 124 20.22 -1.17 68.80
C SER G 124 21.36 -0.21 69.13
N ASP G 125 22.55 -0.56 68.63
CA ASP G 125 23.80 0.08 69.02
C ASP G 125 23.78 1.61 68.90
N GLU G 126 23.52 2.11 67.68
CA GLU G 126 23.79 3.52 67.37
C GLU G 126 22.95 4.47 68.19
N GLN G 127 21.76 4.03 68.60
CA GLN G 127 20.93 4.81 69.50
C GLN G 127 21.64 5.02 70.83
N LEU G 128 22.14 3.93 71.40
CA LEU G 128 22.85 4.00 72.68
C LEU G 128 24.10 4.87 72.56
N LYS G 129 24.76 4.81 71.40
CA LYS G 129 25.90 5.68 71.14
C LYS G 129 25.49 7.14 70.98
N SER G 130 24.21 7.43 70.86
CA SER G 130 23.72 8.80 70.83
C SER G 130 22.95 9.17 72.09
N GLY G 131 22.96 8.30 73.09
CA GLY G 131 22.24 8.57 74.33
C GLY G 131 20.75 8.49 74.24
N THR G 132 20.22 8.08 73.09
CA THR G 132 18.81 7.88 72.89
C THR G 132 18.47 6.39 72.94
N ALA G 133 17.18 6.10 73.02
CA ALA G 133 16.72 4.73 72.91
C ALA G 133 15.32 4.71 72.30
N SER G 134 14.98 3.57 71.70
CA SER G 134 13.60 3.36 71.29
C SER G 134 13.35 1.86 71.17
N VAL G 135 12.24 1.42 71.79
CA VAL G 135 11.86 0.01 71.85
C VAL G 135 10.64 -0.17 70.98
N VAL G 136 10.69 -1.15 70.08
CA VAL G 136 9.67 -1.35 69.06
C VAL G 136 8.87 -2.60 69.41
N CYS G 137 7.56 -2.50 69.34
CA CYS G 137 6.66 -3.64 69.52
C CYS G 137 5.73 -3.61 68.31
N LEU G 138 5.44 -4.77 67.75
CA LEU G 138 4.85 -4.85 66.41
C LEU G 138 3.70 -5.84 66.35
N LEU G 139 2.59 -5.40 65.75
CA LEU G 139 1.42 -6.23 65.53
C LEU G 139 1.16 -6.33 64.02
N ASN G 140 0.99 -7.56 63.52
CA ASN G 140 0.79 -7.78 62.09
C ASN G 140 -0.51 -8.50 61.76
N ASN G 141 -1.06 -8.12 60.60
CA ASN G 141 -2.12 -8.83 59.92
C ASN G 141 -3.32 -9.12 60.80
N PHE G 142 -3.60 -8.25 61.75
CA PHE G 142 -4.73 -8.45 62.65
C PHE G 142 -6.02 -7.87 62.08
N TYR G 143 -7.13 -8.30 62.68
CA TYR G 143 -8.45 -7.78 62.34
C TYR G 143 -9.39 -8.07 63.49
N PRO G 144 -10.20 -7.11 63.90
CA PRO G 144 -10.29 -5.72 63.41
C PRO G 144 -9.19 -4.81 63.95
N ARG G 145 -9.27 -3.53 63.60
CA ARG G 145 -8.30 -2.54 64.05
C ARG G 145 -8.31 -2.34 65.56
N GLU G 146 -9.35 -2.80 66.25
CA GLU G 146 -9.41 -2.51 67.68
C GLU G 146 -8.35 -3.31 68.41
N ALA G 147 -7.15 -2.75 68.51
CA ALA G 147 -6.07 -3.28 69.32
C ALA G 147 -5.58 -2.19 70.28
N LYS G 148 -5.19 -2.61 71.47
CA LYS G 148 -4.56 -1.72 72.43
C LYS G 148 -3.34 -2.39 73.03
N VAL G 149 -2.23 -1.66 73.08
CA VAL G 149 -0.99 -2.17 73.61
C VAL G 149 -0.62 -1.35 74.83
N GLN G 150 -0.44 -2.02 75.96
CA GLN G 150 0.20 -1.46 77.14
C GLN G 150 1.70 -1.65 77.07
N TRP G 151 2.43 -0.68 77.61
CA TRP G 151 3.86 -0.85 77.87
C TRP G 151 4.11 -1.03 79.36
N LYS G 152 4.94 -2.02 79.71
CA LYS G 152 5.29 -2.30 81.09
C LYS G 152 6.79 -2.52 81.18
N VAL G 153 7.42 -1.91 82.18
CA VAL G 153 8.87 -1.97 82.34
C VAL G 153 9.15 -2.25 83.81
N ASP G 154 9.86 -3.34 84.09
CA ASP G 154 10.01 -3.85 85.45
C ASP G 154 8.66 -3.81 86.17
N ASN G 155 7.63 -4.27 85.46
CA ASN G 155 6.26 -4.33 85.92
C ASN G 155 5.68 -2.96 86.25
N ALA G 156 6.40 -1.89 85.91
CA ALA G 156 5.90 -0.51 86.07
C ALA G 156 5.17 -0.11 84.80
N LEU G 157 3.84 -0.12 84.87
CA LEU G 157 3.03 0.37 83.75
C LEU G 157 3.52 1.73 83.29
N GLN G 158 3.77 1.87 82.00
CA GLN G 158 4.21 3.09 81.36
C GLN G 158 3.01 3.90 80.90
N SER G 159 3.19 5.21 80.78
CA SER G 159 2.16 6.08 80.23
C SER G 159 2.81 7.23 79.47
N GLY G 160 2.08 7.74 78.49
CA GLY G 160 2.62 8.64 77.48
C GLY G 160 3.81 8.03 76.77
N ASN G 161 4.71 8.92 76.33
CA ASN G 161 6.03 8.57 75.83
C ASN G 161 5.99 7.51 74.72
N SER G 162 4.87 7.36 74.02
CA SER G 162 4.76 6.28 73.04
C SER G 162 3.76 6.68 71.95
N GLN G 163 3.95 6.09 70.77
CA GLN G 163 3.18 6.44 69.59
C GLN G 163 2.99 5.20 68.73
N GLU G 164 1.92 5.23 67.94
CA GLU G 164 1.52 4.10 67.10
C GLU G 164 1.27 4.56 65.67
N SER G 165 1.54 3.65 64.74
CA SER G 165 1.27 3.90 63.33
C SER G 165 0.79 2.62 62.67
N VAL G 166 -0.11 2.76 61.69
CA VAL G 166 -0.83 1.62 61.14
C VAL G 166 -0.80 1.73 59.62
N THR G 167 -0.55 0.61 58.94
CA THR G 167 -0.69 0.61 57.49
C THR G 167 -2.16 0.74 57.09
N CYS G 168 -2.37 1.26 55.88
CA CYS G 168 -3.66 1.02 55.24
C CYS G 168 -3.85 -0.46 54.94
N GLN G 169 -5.10 -0.84 54.78
CA GLN G 169 -5.48 -2.23 54.54
C GLN G 169 -4.95 -2.74 53.21
N ASP G 170 -4.41 -3.95 53.21
CA ASP G 170 -3.64 -4.45 52.08
C ASP G 170 -4.48 -4.64 50.82
N SER G 171 -3.88 -4.33 49.67
CA SER G 171 -4.47 -4.60 48.35
C SER G 171 -4.85 -6.06 48.16
N LYS G 172 -4.27 -6.97 48.90
CA LYS G 172 -4.26 -8.37 48.50
C LYS G 172 -4.62 -9.32 49.64
N ASP G 173 -4.08 -9.11 50.84
CA ASP G 173 -4.48 -9.83 52.04
C ASP G 173 -5.60 -9.14 52.79
N CYS G 174 -5.76 -7.83 52.59
CA CYS G 174 -6.74 -7.00 53.28
C CYS G 174 -6.60 -7.00 54.80
N THR G 175 -5.43 -7.35 55.33
CA THR G 175 -5.11 -7.07 56.71
C THR G 175 -4.22 -5.84 56.83
N TYR G 176 -3.68 -5.60 58.03
CA TYR G 176 -2.79 -4.47 58.22
C TYR G 176 -1.85 -4.74 59.38
N SER G 177 -0.79 -3.94 59.43
CA SER G 177 0.21 -4.05 60.47
C SER G 177 0.30 -2.75 61.26
N LEU G 178 0.69 -2.86 62.52
CA LEU G 178 0.81 -1.68 63.38
C LEU G 178 2.14 -1.74 64.11
N SER G 179 2.86 -0.62 64.11
CA SER G 179 4.12 -0.48 64.81
C SER G 179 3.96 0.50 65.97
N SER G 180 4.28 0.04 67.17
CA SER G 180 4.29 0.84 68.39
C SER G 180 5.72 0.99 68.90
N THR G 181 6.05 2.17 69.41
CA THR G 181 7.40 2.43 69.88
C THR G 181 7.35 3.28 71.14
N LEU G 182 8.17 2.90 72.12
CA LEU G 182 8.32 3.65 73.35
C LEU G 182 9.69 4.33 73.36
N THR G 183 9.69 5.65 73.44
CA THR G 183 10.91 6.43 73.46
C THR G 183 11.48 6.48 74.87
N LEU G 184 12.79 6.65 74.95
CA LEU G 184 13.46 6.72 76.23
C LEU G 184 14.80 7.41 76.05
N SER G 185 15.31 7.95 77.15
CA SER G 185 16.69 8.38 77.22
C SER G 185 17.58 7.20 77.59
N LYS G 186 18.87 7.32 77.26
CA LYS G 186 19.84 6.33 77.70
C LYS G 186 19.91 6.25 79.21
N ALA G 187 19.82 7.39 79.89
CA ALA G 187 19.87 7.40 81.35
C ALA G 187 18.69 6.69 82.01
N ASP G 188 17.55 6.57 81.32
CA ASP G 188 16.43 5.81 81.86
C ASP G 188 16.38 4.39 81.35
N TYR G 189 16.96 4.12 80.18
CA TYR G 189 17.06 2.75 79.71
C TYR G 189 17.92 1.93 80.67
N GLU G 190 19.02 2.51 81.14
CA GLU G 190 19.88 1.81 82.10
C GLU G 190 19.23 1.64 83.46
N LYS G 191 18.14 2.35 83.77
CA LYS G 191 17.50 2.19 85.06
C LYS G 191 16.75 0.88 85.19
N HIS G 192 16.27 0.34 84.08
CA HIS G 192 15.38 -0.80 84.15
C HIS G 192 15.91 -1.87 83.22
N LYS G 193 15.70 -3.14 83.59
CA LYS G 193 16.31 -4.25 82.88
C LYS G 193 15.31 -5.04 82.04
N VAL G 194 14.13 -5.35 82.58
CA VAL G 194 13.15 -6.19 81.90
C VAL G 194 12.08 -5.30 81.30
N TYR G 195 11.78 -5.53 80.02
CA TYR G 195 10.85 -4.71 79.25
C TYR G 195 9.78 -5.59 78.59
N ALA G 196 8.53 -5.15 78.67
CA ALA G 196 7.45 -5.94 78.10
C ALA G 196 6.42 -5.04 77.46
N CYS G 197 5.83 -5.54 76.37
CA CYS G 197 4.62 -5.02 75.75
C CYS G 197 3.57 -6.12 75.74
N GLU G 198 2.31 -5.72 75.82
CA GLU G 198 1.22 -6.66 76.05
C GLU G 198 0.01 -6.22 75.22
N VAL G 199 -0.28 -6.96 74.15
CA VAL G 199 -1.36 -6.61 73.25
C VAL G 199 -2.68 -7.12 73.83
N THR G 200 -3.69 -6.26 73.80
CA THR G 200 -5.09 -6.65 73.90
C THR G 200 -5.73 -6.54 72.52
N HIS G 201 -6.41 -7.60 72.11
CA HIS G 201 -7.04 -7.61 70.80
C HIS G 201 -8.31 -8.43 70.91
N GLN G 202 -9.31 -8.03 70.12
CA GLN G 202 -10.63 -8.66 70.20
C GLN G 202 -10.58 -10.13 69.83
N GLY G 203 -9.57 -10.55 69.09
CA GLY G 203 -9.34 -11.92 68.70
C GLY G 203 -8.54 -12.75 69.68
N LEU G 204 -8.35 -12.26 70.90
CA LEU G 204 -7.61 -12.97 71.93
C LEU G 204 -8.53 -13.26 73.11
N SER G 205 -8.31 -14.41 73.74
CA SER G 205 -9.07 -14.75 74.95
C SER G 205 -8.62 -13.94 76.17
N SER G 206 -7.48 -13.26 76.08
CA SER G 206 -6.88 -12.57 77.21
C SER G 206 -5.83 -11.62 76.66
N PRO G 207 -5.33 -10.70 77.48
CA PRO G 207 -4.01 -10.12 77.18
C PRO G 207 -2.93 -11.20 77.06
N VAL G 208 -1.97 -10.94 76.17
CA VAL G 208 -0.82 -11.81 75.98
C VAL G 208 0.43 -10.93 75.91
N THR G 209 1.42 -11.25 76.71
CA THR G 209 2.61 -10.42 76.88
C THR G 209 3.76 -11.02 76.10
N LYS G 210 4.52 -10.16 75.44
CA LYS G 210 5.79 -10.53 74.83
C LYS G 210 6.86 -9.54 75.29
N SER G 211 8.04 -10.05 75.64
CA SER G 211 9.01 -9.25 76.37
C SER G 211 10.43 -9.63 75.99
N PHE G 212 11.38 -8.82 76.46
CA PHE G 212 12.78 -9.19 76.50
C PHE G 212 13.34 -8.57 77.78
N ASN G 213 14.63 -8.77 78.04
CA ASN G 213 15.25 -8.07 79.15
C ASN G 213 16.62 -7.51 78.76
N ARG G 214 16.93 -6.34 79.34
CA ARG G 214 18.16 -5.62 79.03
C ARG G 214 19.38 -6.44 79.44
N GLY G 215 20.06 -7.03 78.46
CA GLY G 215 21.21 -7.86 78.77
C GLY G 215 20.86 -9.18 79.42
N VAL H 2 3.28 6.24 28.47
CA VAL H 2 2.91 7.62 28.22
C VAL H 2 2.45 8.24 29.52
N GLN H 3 3.21 9.19 30.06
CA GLN H 3 2.92 9.63 31.42
C GLN H 3 3.37 11.07 31.64
N LEU H 4 2.73 11.67 32.64
CA LEU H 4 3.06 12.98 33.16
C LEU H 4 4.08 12.82 34.29
N VAL H 5 4.92 13.84 34.51
CA VAL H 5 5.68 13.92 35.75
C VAL H 5 5.62 15.34 36.31
N GLU H 6 5.30 15.47 37.59
CA GLU H 6 5.44 16.75 38.26
C GLU H 6 6.89 17.00 38.62
N SER H 7 7.19 18.25 38.97
CA SER H 7 8.42 18.57 39.66
C SER H 7 8.19 19.80 40.53
N GLY H 8 8.94 19.89 41.62
CA GLY H 8 8.76 20.96 42.55
C GLY H 8 9.80 20.94 43.65
N PRO H 9 9.80 21.98 44.48
CA PRO H 9 10.88 22.14 45.46
C PRO H 9 10.73 21.29 46.69
N GLY H 10 9.55 20.74 46.95
CA GLY H 10 9.28 19.97 48.15
C GLY H 10 9.15 20.78 49.42
N CYS H 11 10.08 21.69 49.69
CA CYS H 11 10.01 22.51 50.89
C CYS H 11 10.21 23.96 50.46
N VAL H 12 9.41 24.86 51.04
CA VAL H 12 9.46 26.29 50.75
C VAL H 12 9.17 27.01 52.05
N LYS H 13 9.61 28.26 52.15
CA LYS H 13 9.26 29.09 53.28
C LYS H 13 8.08 29.98 52.93
N PRO H 14 7.49 30.64 53.91
CA PRO H 14 6.39 31.55 53.60
C PRO H 14 6.85 32.80 52.87
N SER H 15 5.98 33.26 51.96
CA SER H 15 6.03 34.45 51.12
C SER H 15 6.84 34.26 49.86
N GLU H 16 7.59 33.17 49.71
CA GLU H 16 8.08 32.86 48.38
C GLU H 16 6.92 32.57 47.43
N THR H 17 7.27 32.40 46.16
CA THR H 17 6.34 31.88 45.17
C THR H 17 6.68 30.43 44.84
N LEU H 18 5.68 29.56 44.97
CA LEU H 18 5.83 28.17 44.57
C LEU H 18 5.75 28.07 43.04
N SER H 19 6.72 27.38 42.45
CA SER H 19 6.67 27.00 41.03
C SER H 19 6.60 25.49 40.88
N LEU H 20 5.70 25.02 40.02
CA LEU H 20 5.64 23.62 39.66
C LEU H 20 5.71 23.45 38.15
N THR H 21 6.25 22.33 37.70
CA THR H 21 6.22 21.98 36.29
C THR H 21 5.69 20.57 36.10
N CYS H 22 5.13 20.33 34.92
CA CYS H 22 4.62 19.02 34.55
C CYS H 22 5.06 18.73 33.12
N THR H 23 5.60 17.55 32.90
CA THR H 23 6.24 17.21 31.63
C THR H 23 5.59 15.94 31.08
N VAL H 24 5.42 15.87 29.77
CA VAL H 24 4.79 14.72 29.12
C VAL H 24 5.91 13.95 28.45
N SER H 25 5.95 12.63 28.69
CA SER H 25 7.17 11.86 28.47
C SER H 25 7.35 11.33 27.06
N ARG H 26 6.26 11.14 26.33
CA ARG H 26 6.37 10.88 24.90
C ARG H 26 5.09 11.43 24.29
N PHE H 27 5.08 11.59 22.97
CA PHE H 27 3.96 12.20 22.27
C PHE H 27 3.93 13.67 22.68
N SER H 28 3.43 14.54 21.83
CA SER H 28 3.49 15.95 22.19
C SER H 28 2.28 16.28 23.06
N LEU H 29 2.10 17.55 23.34
CA LEU H 29 1.00 17.97 24.16
C LEU H 29 -0.11 18.56 23.31
N ILE H 30 0.22 18.88 22.06
CA ILE H 30 -0.65 19.50 21.07
C ILE H 30 -1.99 18.80 21.11
N GLY H 31 -3.05 19.50 21.47
CA GLY H 31 -4.37 18.93 21.42
C GLY H 31 -4.93 18.65 22.77
N TYR H 32 -4.15 18.83 23.81
CA TYR H 32 -4.53 18.43 25.14
C TYR H 32 -4.49 19.57 26.15
N ALA H 33 -5.40 19.46 27.10
CA ALA H 33 -5.52 20.33 28.25
C ALA H 33 -4.84 19.71 29.48
N ILE H 34 -4.42 20.56 30.41
CA ILE H 34 -3.87 20.14 31.71
C ILE H 34 -4.57 20.91 32.82
N THR H 35 -4.92 20.21 33.90
CA THR H 35 -5.47 20.84 35.10
C THR H 35 -4.62 20.52 36.31
N TRP H 36 -4.66 21.41 37.28
CA TRP H 36 -3.92 21.28 38.52
C TRP H 36 -4.87 21.06 39.67
N ILE H 37 -4.61 20.00 40.42
CA ILE H 37 -5.47 19.56 41.51
C ILE H 37 -4.62 19.58 42.78
N ARG H 38 -5.26 19.91 43.90
CA ARG H 38 -4.62 20.08 45.18
C ARG H 38 -5.30 19.16 46.20
N GLN H 39 -4.54 18.59 47.12
CA GLN H 39 -5.10 17.75 48.18
C GLN H 39 -4.47 18.09 49.53
N PRO H 40 -5.09 18.94 50.32
CA PRO H 40 -4.58 19.21 51.66
C PRO H 40 -4.64 17.98 52.54
N PRO H 41 -3.75 17.88 53.52
CA PRO H 41 -3.73 16.71 54.41
C PRO H 41 -5.09 16.50 55.05
N GLY H 42 -5.60 15.27 54.93
CA GLY H 42 -6.87 14.90 55.49
C GLY H 42 -8.08 15.36 54.71
N LYS H 43 -7.98 16.43 53.92
CA LYS H 43 -9.07 16.86 53.07
C LYS H 43 -9.19 15.94 51.84
N GLY H 44 -10.31 16.09 51.12
CA GLY H 44 -10.42 15.66 49.75
C GLY H 44 -9.67 16.49 48.71
N LEU H 45 -10.20 16.50 47.49
CA LEU H 45 -9.53 17.08 46.33
C LEU H 45 -10.15 18.43 46.04
N GLU H 46 -9.31 19.42 45.75
CA GLU H 46 -9.79 20.71 45.26
C GLU H 46 -9.10 21.05 43.95
N TRP H 47 -9.82 21.78 43.11
CA TRP H 47 -9.37 22.10 41.76
C TRP H 47 -8.78 23.50 41.75
N ILE H 48 -7.58 23.64 41.18
CA ILE H 48 -6.95 24.94 41.10
C ILE H 48 -7.34 25.66 39.80
N GLY H 49 -7.14 24.99 38.68
CA GLY H 49 -7.32 25.61 37.39
C GLY H 49 -6.77 24.72 36.31
N GLY H 50 -6.83 25.23 35.10
CA GLY H 50 -6.32 24.47 33.98
C GLY H 50 -6.20 25.34 32.75
N ILE H 51 -5.65 24.73 31.71
CA ILE H 51 -5.46 25.37 30.43
C ILE H 51 -5.94 24.44 29.33
N SER H 52 -6.74 24.96 28.42
CA SER H 52 -7.33 24.17 27.35
C SER H 52 -6.33 23.93 26.23
N SER H 53 -6.71 23.02 25.33
CA SER H 53 -5.99 22.77 24.09
C SER H 53 -5.85 24.02 23.24
N ALA H 54 -6.77 24.97 23.38
CA ALA H 54 -6.74 26.24 22.69
C ALA H 54 -5.88 27.28 23.37
N ALA H 55 -5.21 26.92 24.47
CA ALA H 55 -4.42 27.76 25.36
C ALA H 55 -5.21 28.76 26.20
N THR H 56 -6.52 28.62 26.31
CA THR H 56 -7.31 29.41 27.27
C THR H 56 -7.12 28.89 28.69
N THR H 57 -6.90 29.79 29.63
CA THR H 57 -6.72 29.44 31.03
C THR H 57 -7.99 29.68 31.84
N PHE H 58 -8.28 28.75 32.74
CA PHE H 58 -9.41 28.84 33.66
C PHE H 58 -8.91 28.71 35.09
N TYR H 59 -9.53 29.44 36.01
CA TYR H 59 -9.12 29.43 37.41
C TYR H 59 -10.32 29.28 38.30
N SER H 60 -10.15 28.55 39.40
CA SER H 60 -11.21 28.48 40.38
C SER H 60 -11.41 29.85 41.05
N SER H 61 -12.38 29.92 41.94
CA SER H 61 -12.79 31.18 42.54
C SER H 61 -11.62 31.87 43.25
N TRP H 62 -11.00 31.18 44.19
CA TRP H 62 -9.95 31.79 44.96
C TRP H 62 -8.63 31.95 44.21
N ALA H 63 -8.31 31.03 43.31
CA ALA H 63 -7.03 31.04 42.62
C ALA H 63 -6.83 32.27 41.74
N LYS H 64 -7.91 32.87 41.22
CA LYS H 64 -7.78 34.00 40.31
C LYS H 64 -6.92 35.14 40.86
N SER H 65 -6.88 35.30 42.18
CA SER H 65 -6.08 36.36 42.77
C SER H 65 -4.57 36.12 42.69
N ARG H 66 -4.12 34.88 42.52
CA ARG H 66 -2.74 34.55 42.85
C ARG H 66 -2.04 33.58 41.93
N VAL H 67 -2.71 33.00 40.95
CA VAL H 67 -2.20 31.84 40.23
C VAL H 67 -1.93 32.22 38.79
N THR H 68 -0.94 31.59 38.19
CA THR H 68 -0.75 31.65 36.75
C THR H 68 -0.39 30.28 36.22
N ILE H 69 -1.03 29.88 35.13
CA ILE H 69 -0.76 28.62 34.46
C ILE H 69 -0.27 28.94 33.06
N SER H 70 0.69 28.16 32.57
CA SER H 70 1.33 28.50 31.31
C SER H 70 1.84 27.22 30.66
N VAL H 71 2.14 27.34 29.38
CA VAL H 71 2.65 26.22 28.61
C VAL H 71 3.84 26.74 27.80
N ASP H 72 4.84 25.89 27.63
CA ASP H 72 6.04 26.20 26.86
C ASP H 72 6.27 24.98 25.99
N THR H 73 5.87 25.08 24.72
CA THR H 73 6.05 23.97 23.81
C THR H 73 7.51 23.67 23.53
N SER H 74 8.38 24.67 23.65
CA SER H 74 9.81 24.48 23.46
C SER H 74 10.45 23.57 24.51
N LYS H 75 9.76 23.32 25.63
CA LYS H 75 10.27 22.45 26.69
C LYS H 75 9.36 21.28 26.97
N ASN H 76 8.25 21.14 26.25
CA ASN H 76 7.24 20.13 26.51
C ASN H 76 6.68 20.20 27.94
N GLN H 77 6.50 21.41 28.45
CA GLN H 77 6.20 21.58 29.86
C GLN H 77 4.96 22.43 30.06
N PHE H 78 4.26 22.15 31.15
CA PHE H 78 3.23 23.00 31.71
C PHE H 78 3.72 23.49 33.06
N SER H 79 3.39 24.71 33.42
CA SER H 79 3.87 25.31 34.65
C SER H 79 2.77 25.96 35.45
N LEU H 80 2.82 25.76 36.76
CA LEU H 80 1.93 26.42 37.70
C LEU H 80 2.78 27.34 38.58
N LYS H 81 2.34 28.58 38.79
CA LYS H 81 2.99 29.46 39.75
C LYS H 81 1.96 30.00 40.73
N LEU H 82 2.26 29.91 42.02
CA LEU H 82 1.41 30.43 43.07
C LEU H 82 2.16 31.45 43.91
N SER H 83 1.65 32.68 43.96
CA SER H 83 2.29 33.74 44.73
C SER H 83 1.96 33.67 46.22
N SER H 84 2.85 34.28 47.01
CA SER H 84 2.61 34.62 48.42
C SER H 84 2.13 33.42 49.22
N VAL H 85 2.90 32.34 49.18
CA VAL H 85 2.41 31.11 49.78
C VAL H 85 2.35 31.25 51.29
N THR H 86 1.43 30.49 51.89
CA THR H 86 1.22 30.45 53.31
C THR H 86 1.04 29.00 53.72
N ALA H 87 1.09 28.76 55.03
CA ALA H 87 1.02 27.40 55.57
C ALA H 87 -0.20 26.62 55.08
N ALA H 88 -1.34 27.29 54.90
CA ALA H 88 -2.53 26.60 54.43
C ALA H 88 -2.40 26.04 53.03
N ASP H 89 -1.39 26.45 52.28
CA ASP H 89 -1.10 25.89 50.97
C ASP H 89 -0.36 24.55 51.00
N THR H 90 -0.10 23.99 52.16
CA THR H 90 0.56 22.68 52.25
C THR H 90 -0.36 21.58 51.73
N ALA H 91 0.06 20.89 50.67
CA ALA H 91 -0.77 19.87 50.04
C ALA H 91 0.08 19.04 49.09
N VAL H 92 -0.49 17.94 48.64
CA VAL H 92 -0.04 17.26 47.43
C VAL H 92 -0.64 17.96 46.23
N TYR H 93 0.18 18.17 45.20
CA TYR H 93 -0.26 18.78 43.95
C TYR H 93 -0.14 17.77 42.82
N TYR H 94 -1.18 17.69 41.99
CA TYR H 94 -1.20 16.83 40.81
C TYR H 94 -1.47 17.60 39.53
N CYS H 95 -0.85 17.12 38.46
CA CYS H 95 -1.25 17.48 37.11
C CYS H 95 -2.00 16.31 36.46
N ALA H 96 -3.06 16.62 35.71
CA ALA H 96 -3.84 15.60 35.04
C ALA H 96 -4.32 16.12 33.70
N ARG H 97 -4.57 15.19 32.80
CA ARG H 97 -4.92 15.45 31.41
C ARG H 97 -6.41 15.24 31.17
N ASP H 98 -7.05 16.17 30.43
CA ASP H 98 -8.37 15.95 29.84
C ASP H 98 -8.21 15.58 28.37
N PRO H 99 -8.67 14.40 27.94
CA PRO H 99 -8.49 14.01 26.54
C PRO H 99 -9.35 14.76 25.53
N ARG H 100 -10.39 15.44 25.95
CA ARG H 100 -11.19 16.30 25.09
C ARG H 100 -10.59 17.67 24.89
N GLY H 101 -9.61 18.06 25.69
CA GLY H 101 -8.97 19.34 25.57
C GLY H 101 -9.73 20.46 26.21
N TYR H 102 -10.74 20.16 27.00
CA TYR H 102 -11.47 21.20 27.75
C TYR H 102 -10.61 21.79 28.86
N GLY H 103 -10.65 23.10 29.00
CA GLY H 103 -9.89 23.76 30.03
C GLY H 103 -10.49 23.76 31.41
N ALA H 104 -11.75 23.38 31.57
CA ALA H 104 -12.41 23.52 32.86
C ALA H 104 -13.42 22.39 33.01
N ALA H 105 -12.93 21.17 33.14
CA ALA H 105 -13.81 20.06 33.38
C ALA H 105 -13.10 19.02 34.24
N LEU H 106 -13.87 18.32 35.07
CA LEU H 106 -13.26 17.40 36.00
C LEU H 106 -13.80 15.99 35.89
N ASP H 107 -14.75 15.74 34.99
CA ASP H 107 -15.40 14.44 34.91
C ASP H 107 -14.63 13.40 34.13
N ARG H 108 -13.54 13.76 33.46
CA ARG H 108 -12.84 12.80 32.60
C ARG H 108 -11.33 13.01 32.64
N LEU H 109 -10.78 13.17 33.82
CA LEU H 109 -9.32 13.25 34.01
C LEU H 109 -8.71 11.87 33.88
N ASP H 110 -8.31 11.50 32.67
CA ASP H 110 -7.93 10.10 32.40
C ASP H 110 -6.50 9.80 32.83
N LEU H 111 -5.60 10.76 32.80
CA LEU H 111 -4.20 10.50 33.03
C LEU H 111 -3.67 11.45 34.08
N TRP H 112 -2.96 10.92 35.09
CA TRP H 112 -2.53 11.70 36.25
C TRP H 112 -1.03 11.57 36.44
N GLY H 113 -0.41 12.63 36.93
CA GLY H 113 0.92 12.50 37.52
C GLY H 113 0.90 11.79 38.86
N GLN H 114 2.09 11.29 39.24
CA GLN H 114 2.25 10.62 40.52
C GLN H 114 2.13 11.56 41.72
N GLY H 115 2.11 12.86 41.50
CA GLY H 115 1.96 13.86 42.55
C GLY H 115 3.28 14.34 43.10
N THR H 116 3.24 15.55 43.67
CA THR H 116 4.36 16.15 44.35
C THR H 116 3.84 16.80 45.61
N CYS H 117 4.54 16.58 46.71
CA CYS H 117 4.15 17.14 48.00
C CYS H 117 4.93 18.40 48.31
N VAL H 118 4.24 19.42 48.80
CA VAL H 118 4.82 20.72 49.11
C VAL H 118 4.47 21.11 50.52
N THR H 119 5.48 21.50 51.29
CA THR H 119 5.37 21.86 52.69
C THR H 119 5.72 23.33 52.88
N VAL H 120 4.84 24.09 53.49
CA VAL H 120 5.10 25.50 53.77
C VAL H 120 5.38 25.64 55.25
N SER H 121 6.61 26.03 55.59
CA SER H 121 6.98 26.08 56.99
C SER H 121 8.15 27.03 57.15
N SER H 122 8.31 27.53 58.37
CA SER H 122 9.43 28.38 58.72
C SER H 122 10.69 27.59 59.06
N PHE H 123 10.57 26.31 59.38
CA PHE H 123 11.66 25.55 59.95
C PHE H 123 12.78 25.37 58.93
N SER H 124 13.89 24.82 59.39
CA SER H 124 14.89 24.28 58.48
C SER H 124 14.59 22.84 58.13
N THR H 125 15.03 22.45 56.95
CA THR H 125 15.22 21.05 56.65
C THR H 125 16.28 20.45 57.57
N LYS H 126 16.17 19.16 57.82
CA LYS H 126 17.28 18.44 58.43
C LYS H 126 17.33 17.03 57.86
N GLY H 127 18.53 16.54 57.61
CA GLY H 127 18.73 15.15 57.24
C GLY H 127 18.45 14.19 58.38
N PRO H 128 18.08 12.96 58.04
CA PRO H 128 17.81 11.97 59.06
C PRO H 128 19.06 11.26 59.55
N SER H 129 18.93 10.65 60.71
CA SER H 129 19.72 9.51 61.12
C SER H 129 19.01 8.22 60.74
N VAL H 130 19.78 7.16 60.57
CA VAL H 130 19.25 5.84 60.24
C VAL H 130 19.93 4.80 61.10
N PHE H 131 19.14 3.91 61.69
CA PHE H 131 19.65 2.91 62.60
C PHE H 131 19.08 1.59 62.12
N PRO H 132 19.83 0.50 62.23
CA PRO H 132 19.24 -0.81 62.00
C PRO H 132 18.37 -1.23 63.16
N LEU H 133 17.54 -2.22 62.91
CA LEU H 133 16.79 -2.85 63.98
C LEU H 133 17.07 -4.34 63.94
N ALA H 134 17.32 -4.90 65.12
CA ALA H 134 17.84 -6.25 65.24
C ALA H 134 16.85 -7.29 64.75
N PRO H 135 17.30 -8.30 64.00
CA PRO H 135 16.45 -9.39 63.53
C PRO H 135 15.97 -10.25 64.68
N ALA H 146 11.02 -11.85 62.02
CA ALA H 146 10.89 -10.46 61.63
C ALA H 146 12.22 -9.72 61.76
N LEU H 147 12.44 -8.73 60.90
CA LEU H 147 13.54 -7.80 61.06
C LEU H 147 13.11 -6.48 60.44
N GLY H 148 13.85 -5.41 60.74
CA GLY H 148 13.45 -4.14 60.18
C GLY H 148 14.54 -3.10 60.23
N CYS H 149 14.17 -1.88 59.86
CA CYS H 149 15.06 -0.74 59.74
C CYS H 149 14.30 0.50 60.16
N LEU H 150 15.02 1.47 60.71
CA LEU H 150 14.36 2.66 61.22
C LEU H 150 15.12 3.91 60.80
N VAL H 151 14.37 4.96 60.49
CA VAL H 151 14.90 6.27 60.13
C VAL H 151 14.15 7.27 60.99
N LYS H 152 14.86 8.29 61.50
CA LYS H 152 14.30 9.03 62.61
C LYS H 152 14.64 10.51 62.54
N ASP H 153 13.83 11.29 63.26
CA ASP H 153 14.03 12.70 63.59
C ASP H 153 14.29 13.61 62.37
N TYR H 154 13.86 13.25 61.17
CA TYR H 154 14.05 14.11 60.01
C TYR H 154 12.90 15.13 59.88
N PHE H 155 13.07 16.08 58.98
CA PHE H 155 12.04 17.06 58.68
C PHE H 155 11.93 17.31 57.18
N CYS H 156 10.77 17.86 56.79
CA CYS H 156 10.27 17.93 55.43
C CYS H 156 10.14 16.51 54.88
N GLU H 157 9.03 15.85 55.21
CA GLU H 157 8.91 14.39 55.27
C GLU H 157 8.59 13.73 53.94
N CYS H 158 7.70 14.34 53.14
CA CYS H 158 7.08 13.66 52.00
C CYS H 158 8.05 12.90 51.09
N PRO H 159 9.16 13.46 50.64
CA PRO H 159 9.95 12.77 49.61
C PRO H 159 10.86 11.68 50.17
N VAL H 160 10.59 11.22 51.39
CA VAL H 160 11.34 10.10 51.94
C VAL H 160 11.00 8.82 51.18
N THR H 161 12.02 8.00 50.93
CA THR H 161 11.84 6.70 50.29
C THR H 161 12.72 5.67 50.95
N VAL H 162 12.17 4.46 51.13
CA VAL H 162 12.90 3.33 51.65
C VAL H 162 12.95 2.25 50.58
N SER H 163 14.08 1.54 50.49
CA SER H 163 14.25 0.45 49.56
C SER H 163 15.24 -0.55 50.14
N TRP H 164 15.01 -1.84 49.93
CA TRP H 164 15.81 -2.89 50.55
C TRP H 164 16.54 -3.75 49.52
N ASN H 165 17.86 -3.88 49.69
CA ASN H 165 18.74 -4.57 48.73
C ASN H 165 18.57 -4.03 47.32
N SER H 166 18.67 -2.71 47.19
CA SER H 166 18.39 -1.98 45.96
C SER H 166 16.97 -2.23 45.47
N GLY H 167 16.09 -2.67 46.37
CA GLY H 167 14.72 -2.98 46.02
C GLY H 167 14.46 -4.43 45.67
N ALA H 168 15.50 -5.25 45.58
CA ALA H 168 15.31 -6.65 45.21
C ALA H 168 14.46 -7.42 46.21
N LEU H 169 14.40 -6.98 47.46
CA LEU H 169 13.43 -7.54 48.41
C LEU H 169 12.08 -6.86 48.18
N THR H 170 11.48 -7.22 47.03
CA THR H 170 10.23 -6.59 46.63
C THR H 170 9.06 -6.98 47.53
N SER H 171 9.19 -8.06 48.29
CA SER H 171 8.03 -8.79 48.80
C SER H 171 8.08 -8.84 50.32
N GLY H 172 6.92 -8.76 50.94
CA GLY H 172 6.78 -8.76 52.39
C GLY H 172 7.14 -7.45 53.07
N VAL H 173 7.71 -6.49 52.36
CA VAL H 173 8.08 -5.21 52.94
C VAL H 173 6.84 -4.42 53.32
N HIS H 174 6.70 -4.09 54.59
CA HIS H 174 5.79 -3.08 55.09
C HIS H 174 6.51 -1.76 55.34
N THR H 175 5.75 -0.69 55.36
CA THR H 175 6.28 0.61 55.74
C THR H 175 5.16 1.40 56.41
N PHE H 176 5.51 2.21 57.38
CA PHE H 176 4.50 2.79 58.24
C PHE H 176 4.36 4.29 58.00
N PRO H 177 3.16 4.82 58.20
CA PRO H 177 2.98 6.28 58.21
C PRO H 177 3.90 6.94 59.22
N ALA H 178 4.57 7.98 58.79
CA ALA H 178 5.41 8.78 59.67
C ALA H 178 4.56 9.44 60.75
N VAL H 179 5.16 9.63 61.92
CA VAL H 179 4.50 10.29 63.04
C VAL H 179 5.38 11.42 63.54
N LEU H 180 4.75 12.48 64.02
CA LEU H 180 5.50 13.55 64.66
C LEU H 180 6.00 13.07 66.02
N GLN H 181 7.30 13.09 66.21
CA GLN H 181 7.85 13.15 67.55
C GLN H 181 7.43 14.48 68.20
N SER H 182 7.35 14.46 69.53
CA SER H 182 7.10 15.70 70.27
C SER H 182 8.15 16.78 69.98
N SER H 183 9.33 16.39 69.51
CA SER H 183 10.32 17.37 69.08
C SER H 183 9.98 18.03 67.77
N GLY H 184 8.80 17.78 67.20
CA GLY H 184 8.48 18.40 65.94
C GLY H 184 9.22 17.86 64.74
N LEU H 185 9.72 16.63 64.81
CA LEU H 185 10.47 16.02 63.73
C LEU H 185 9.87 14.63 63.46
N TYR H 186 10.01 14.18 62.21
CA TYR H 186 9.34 12.96 61.78
C TYR H 186 10.25 11.74 61.90
N SER H 187 9.62 10.58 62.11
CA SER H 187 10.30 9.30 62.09
C SER H 187 9.47 8.25 61.37
N LEU H 188 10.15 7.26 60.84
CA LEU H 188 9.54 6.25 60.00
C LEU H 188 10.26 4.93 60.18
N SER H 189 9.55 3.83 59.96
CA SER H 189 10.11 2.50 60.15
C SER H 189 9.72 1.58 59.00
N SER H 190 10.55 0.56 58.78
CA SER H 190 10.38 -0.39 57.70
C SER H 190 10.72 -1.78 58.21
N VAL H 191 9.95 -2.78 57.77
CA VAL H 191 9.92 -4.08 58.41
C VAL H 191 9.73 -5.14 57.33
N VAL H 192 10.27 -6.33 57.56
CA VAL H 192 9.94 -7.52 56.77
C VAL H 192 9.94 -8.74 57.68
N THR H 193 9.17 -9.75 57.29
CA THR H 193 9.18 -11.05 57.94
C THR H 193 9.84 -12.08 57.03
N VAL H 194 10.72 -12.90 57.59
CA VAL H 194 11.55 -13.81 56.80
C VAL H 194 11.77 -15.12 57.55
N PRO H 195 12.00 -16.24 56.86
CA PRO H 195 12.34 -17.48 57.55
C PRO H 195 13.74 -17.40 58.16
N SER H 196 13.90 -18.01 59.33
CA SER H 196 15.17 -17.89 60.05
C SER H 196 16.36 -18.33 59.21
N SER H 197 16.20 -19.35 58.35
CA SER H 197 17.33 -19.81 57.55
C SER H 197 17.78 -18.75 56.55
N SER H 198 16.83 -17.97 56.00
CA SER H 198 17.16 -16.95 55.01
C SER H 198 18.14 -15.93 55.55
N LEU H 199 18.35 -15.90 56.87
CA LEU H 199 19.28 -14.98 57.51
C LEU H 199 20.67 -15.16 56.93
N GLY H 200 21.38 -14.05 56.72
CA GLY H 200 22.70 -14.16 56.14
C GLY H 200 22.68 -14.54 54.67
N THR H 201 21.91 -15.59 54.36
CA THR H 201 21.67 -16.05 53.00
C THR H 201 21.44 -14.84 52.10
N GLN H 202 20.66 -13.88 52.60
CA GLN H 202 20.36 -12.63 51.91
C GLN H 202 21.17 -11.49 52.50
N THR H 203 21.35 -10.45 51.68
CA THR H 203 22.14 -9.30 52.06
C THR H 203 21.41 -8.38 53.03
N TYR H 204 20.08 -8.32 52.93
CA TYR H 204 19.23 -7.53 53.83
C TYR H 204 19.84 -6.16 54.12
N ILE H 205 19.99 -5.39 53.05
CA ILE H 205 20.50 -4.03 53.14
C ILE H 205 19.33 -3.05 53.17
N CYS H 206 19.33 -2.19 54.18
CA CYS H 206 18.37 -1.08 54.25
C CYS H 206 18.99 0.12 53.53
N ASN H 207 18.33 0.56 52.47
CA ASN H 207 18.74 1.74 51.72
C ASN H 207 17.72 2.85 51.91
N VAL H 208 18.20 4.05 52.18
CA VAL H 208 17.34 5.18 52.51
C VAL H 208 17.86 6.40 51.77
N ASN H 209 16.95 7.27 51.34
CA ASN H 209 17.33 8.59 50.86
C ASN H 209 16.22 9.57 51.25
N HIS H 210 16.61 10.83 51.45
CA HIS H 210 15.72 11.91 51.86
C HIS H 210 15.96 13.14 50.99
N LYS H 211 15.23 13.25 49.89
CA LYS H 211 15.50 14.29 48.90
C LYS H 211 15.53 15.71 49.45
N PRO H 212 14.72 16.12 50.43
CA PRO H 212 14.83 17.50 50.94
C PRO H 212 16.13 17.82 51.66
N SER H 213 17.07 16.89 51.78
CA SER H 213 18.41 17.21 52.28
C SER H 213 19.48 16.59 51.41
N ASN H 214 19.13 16.24 50.17
CA ASN H 214 20.05 15.64 49.20
C ASN H 214 20.73 14.38 49.75
N THR H 215 20.19 13.79 50.81
CA THR H 215 20.89 12.74 51.53
C THR H 215 20.66 11.37 50.90
N LYS H 216 21.74 10.60 50.76
CA LYS H 216 21.66 9.17 50.44
C LYS H 216 22.58 8.41 51.38
N VAL H 217 22.06 7.30 51.92
CA VAL H 217 22.74 6.52 52.95
C VAL H 217 22.26 5.07 52.85
N ASP H 218 23.06 4.16 53.39
CA ASP H 218 22.85 2.74 53.25
C ASP H 218 23.27 2.10 54.57
N LYS H 219 22.68 0.95 54.89
CA LYS H 219 23.25 0.14 55.96
C LYS H 219 22.92 -1.33 55.78
N LYS H 220 23.83 -2.18 56.23
CA LYS H 220 23.59 -3.61 56.38
C LYS H 220 22.85 -3.91 57.69
N VAL H 221 22.05 -4.97 57.68
CA VAL H 221 21.43 -5.51 58.88
C VAL H 221 22.11 -6.82 59.26
N GLU H 222 22.33 -7.03 60.55
CA GLU H 222 22.76 -8.32 61.10
C GLU H 222 22.32 -8.39 62.55
N PRO H 223 22.32 -9.59 63.16
CA PRO H 223 21.98 -9.73 64.59
C PRO H 223 22.79 -8.84 65.53
N GLN I 3 33.21 33.16 -27.29
CA GLN I 3 32.73 33.37 -28.65
C GLN I 3 33.04 32.20 -29.56
N MET I 4 32.14 31.93 -30.51
CA MET I 4 32.08 30.64 -31.17
C MET I 4 31.86 30.91 -32.65
N THR I 5 32.20 29.92 -33.47
CA THR I 5 31.85 29.92 -34.86
C THR I 5 31.19 28.60 -35.20
N GLN I 6 30.31 28.65 -36.18
CA GLN I 6 29.55 27.48 -36.59
C GLN I 6 29.69 27.41 -38.10
N SER I 7 29.83 26.20 -38.62
CA SER I 7 30.14 26.05 -40.03
C SER I 7 29.55 24.76 -40.57
N PRO I 8 29.13 24.75 -41.83
CA PRO I 8 29.04 25.87 -42.78
C PRO I 8 27.85 26.78 -42.51
N SER I 9 27.83 27.99 -43.07
CA SER I 9 26.69 28.87 -42.88
C SER I 9 25.46 28.35 -43.62
N SER I 10 25.64 27.58 -44.69
CA SER I 10 24.53 26.94 -45.37
C SER I 10 25.02 25.68 -46.07
N LEU I 11 24.09 24.76 -46.29
CA LEU I 11 24.36 23.54 -47.04
C LEU I 11 23.09 23.02 -47.68
N SER I 12 23.28 22.20 -48.71
CA SER I 12 22.19 21.81 -49.62
C SER I 12 22.43 20.36 -50.03
N ALA I 13 21.54 19.47 -49.60
CA ALA I 13 21.77 18.03 -49.75
C ALA I 13 20.48 17.32 -50.12
N SER I 14 20.65 16.13 -50.67
CA SER I 14 19.54 15.35 -51.18
C SER I 14 18.82 14.58 -50.08
N VAL I 15 17.50 14.42 -50.27
CA VAL I 15 16.72 13.51 -49.42
C VAL I 15 17.43 12.17 -49.33
N GLY I 16 17.41 11.57 -48.15
CA GLY I 16 18.11 10.32 -47.94
C GLY I 16 19.53 10.46 -47.45
N ASP I 17 20.19 11.57 -47.75
CA ASP I 17 21.62 11.74 -47.54
C ASP I 17 21.99 12.16 -46.12
N ARG I 18 23.30 12.35 -45.95
CA ARG I 18 23.94 12.61 -44.68
C ARG I 18 24.63 13.96 -44.78
N VAL I 19 24.63 14.71 -43.68
CA VAL I 19 25.23 16.02 -43.60
C VAL I 19 25.85 16.16 -42.23
N THR I 20 26.77 17.09 -42.10
CA THR I 20 27.41 17.35 -40.83
C THR I 20 27.59 18.84 -40.66
N ILE I 21 27.56 19.28 -39.40
CA ILE I 21 27.66 20.68 -39.05
C ILE I 21 28.67 20.80 -37.92
N THR I 22 29.53 21.80 -38.00
CA THR I 22 30.62 21.95 -37.06
C THR I 22 30.51 23.27 -36.31
N CYS I 23 30.99 23.25 -35.08
CA CYS I 23 30.97 24.39 -34.21
C CYS I 23 32.29 24.38 -33.44
N GLN I 24 32.91 25.53 -33.29
CA GLN I 24 34.24 25.63 -32.70
C GLN I 24 34.27 26.86 -31.83
N SER I 25 35.29 26.92 -30.97
CA SER I 25 35.36 27.95 -29.95
C SER I 25 36.82 28.29 -29.70
N ILE I 26 37.02 29.48 -29.13
CA ILE I 26 38.35 29.84 -28.65
C ILE I 26 38.66 29.24 -27.29
N LYS I 27 37.65 28.93 -26.49
CA LYS I 27 37.85 28.40 -25.15
C LYS I 27 37.21 27.01 -25.12
N SER I 28 37.13 26.40 -23.96
CA SER I 28 36.57 25.07 -23.89
C SER I 28 35.33 25.07 -23.00
N VAL I 29 34.32 24.31 -23.42
CA VAL I 29 33.07 24.30 -22.66
C VAL I 29 33.36 23.82 -21.25
N TYR I 30 32.54 24.28 -20.30
CA TYR I 30 32.88 24.15 -18.90
C TYR I 30 32.94 22.69 -18.46
N ASN I 31 31.85 21.95 -18.61
CA ASN I 31 31.94 20.51 -18.31
C ASN I 31 30.87 19.77 -19.12
N ASN I 32 31.09 19.74 -20.43
CA ASN I 32 30.23 19.12 -21.43
C ASN I 32 29.02 19.98 -21.73
N ARG I 33 29.06 21.25 -21.37
CA ARG I 33 27.91 22.14 -21.52
C ARG I 33 27.87 22.66 -22.96
N LEU I 34 27.25 21.88 -23.84
CA LEU I 34 27.06 22.26 -25.22
C LEU I 34 25.77 21.61 -25.72
N GLY I 35 25.00 22.34 -26.50
CA GLY I 35 23.72 21.83 -26.98
C GLY I 35 23.42 22.24 -28.42
N TRP I 36 22.50 21.50 -29.02
CA TRP I 36 22.07 21.76 -30.39
C TRP I 36 20.57 21.98 -30.47
N TYR I 37 20.16 23.03 -31.17
CA TYR I 37 18.76 23.41 -31.31
C TYR I 37 18.33 23.43 -32.77
N GLN I 38 17.09 23.03 -33.01
CA GLN I 38 16.45 23.09 -34.31
C GLN I 38 15.35 24.16 -34.29
N GLN I 39 15.44 25.13 -35.20
CA GLN I 39 14.39 26.13 -35.37
C GLN I 39 13.83 26.02 -36.78
N LYS I 40 12.54 25.75 -36.89
CA LYS I 40 11.80 25.77 -38.13
C LYS I 40 11.23 27.17 -38.37
N CYS I 41 10.94 27.49 -39.62
CA CYS I 41 10.35 28.79 -39.93
C CYS I 41 9.08 29.02 -39.11
N GLY I 42 8.99 30.21 -38.51
CA GLY I 42 7.84 30.61 -37.73
C GLY I 42 7.65 29.93 -36.38
N LYS I 43 8.68 29.31 -35.81
CA LYS I 43 8.54 28.62 -34.53
C LYS I 43 9.74 28.88 -33.64
N ALA I 44 9.52 28.66 -32.35
CA ALA I 44 10.58 28.66 -31.35
C ALA I 44 11.59 27.53 -31.59
N PRO I 45 12.83 27.70 -31.13
CA PRO I 45 13.79 26.61 -31.24
C PRO I 45 13.38 25.39 -30.45
N LYS I 46 13.77 24.22 -30.95
CA LYS I 46 13.66 22.94 -30.24
C LYS I 46 15.03 22.37 -29.90
N LEU I 47 15.21 21.94 -28.65
CA LEU I 47 16.41 21.20 -28.26
C LEU I 47 16.46 19.82 -28.89
N LEU I 48 17.62 19.49 -29.47
CA LEU I 48 17.88 18.17 -30.05
C LEU I 48 18.88 17.38 -29.22
N ILE I 49 20.06 17.93 -29.02
CA ILE I 49 21.15 17.27 -28.31
C ILE I 49 21.57 18.18 -27.16
N TYR I 50 21.85 17.58 -26.00
CA TYR I 50 22.39 18.35 -24.88
C TYR I 50 23.52 17.54 -24.29
N GLU I 51 24.36 18.22 -23.53
CA GLU I 51 25.57 17.64 -22.94
C GLU I 51 26.38 16.87 -23.97
N THR I 52 26.67 17.55 -25.09
CA THR I 52 27.43 17.03 -26.22
C THR I 52 26.74 15.90 -26.99
N SER I 53 26.12 14.94 -26.32
CA SER I 53 25.71 13.75 -27.05
C SER I 53 24.41 13.11 -26.63
N ILE I 54 23.73 13.59 -25.59
CA ILE I 54 22.48 12.95 -25.17
C ILE I 54 21.35 13.39 -26.09
N LEU I 55 20.67 12.43 -26.70
CA LEU I 55 19.52 12.68 -27.55
C LEU I 55 18.28 12.98 -26.71
N THR I 56 17.54 14.02 -27.08
CA THR I 56 16.27 14.32 -26.43
C THR I 56 15.22 13.27 -26.77
N SER I 57 14.40 12.91 -25.80
CA SER I 57 13.34 11.94 -26.05
C SER I 57 12.42 12.38 -27.19
N GLY I 58 11.89 11.40 -27.92
CA GLY I 58 11.05 11.63 -29.06
C GLY I 58 11.75 12.15 -30.30
N VAL I 59 13.01 12.54 -30.22
CA VAL I 59 13.78 12.86 -31.41
C VAL I 59 14.19 11.57 -32.10
N PRO I 60 14.01 11.45 -33.40
CA PRO I 60 14.46 10.24 -34.11
C PRO I 60 15.98 10.13 -34.11
N SER I 61 16.47 8.89 -33.97
CA SER I 61 17.89 8.61 -33.87
C SER I 61 18.65 8.89 -35.15
N ARG I 62 18.09 9.70 -36.05
CA ARG I 62 18.86 10.17 -37.19
C ARG I 62 19.95 11.13 -36.75
N PHE I 63 19.70 11.88 -35.68
CA PHE I 63 20.64 12.89 -35.21
C PHE I 63 21.64 12.27 -34.26
N SER I 64 22.86 12.77 -34.31
CA SER I 64 23.93 12.34 -33.42
C SER I 64 24.89 13.51 -33.27
N GLY I 65 25.63 13.52 -32.18
CA GLY I 65 26.55 14.61 -31.92
C GLY I 65 27.69 14.17 -31.05
N SER I 66 28.84 14.81 -31.24
CA SER I 66 30.05 14.46 -30.51
C SER I 66 30.97 15.66 -30.53
N GLY I 67 31.98 15.64 -29.67
CA GLY I 67 32.95 16.71 -29.67
C GLY I 67 33.89 16.64 -28.48
N SER I 68 34.81 17.60 -28.44
CA SER I 68 36.03 17.47 -27.66
C SER I 68 36.37 18.77 -26.92
N GLY I 69 35.42 19.30 -26.18
CA GLY I 69 35.73 20.50 -25.43
C GLY I 69 35.77 21.77 -26.23
N THR I 70 36.48 21.75 -27.37
CA THR I 70 36.63 22.92 -28.23
C THR I 70 35.97 22.77 -29.59
N ASP I 71 35.75 21.55 -30.07
CA ASP I 71 35.19 21.35 -31.40
C ASP I 71 34.12 20.27 -31.33
N PHE I 72 33.02 20.49 -32.04
CA PHE I 72 31.85 19.66 -31.86
C PHE I 72 31.20 19.51 -33.21
N THR I 73 30.46 18.41 -33.40
CA THR I 73 29.81 18.17 -34.67
C THR I 73 28.42 17.64 -34.43
N LEU I 74 27.48 18.09 -35.24
CA LEU I 74 26.14 17.52 -35.30
C LEU I 74 25.98 16.80 -36.64
N THR I 75 25.45 15.60 -36.62
CA THR I 75 25.38 14.79 -37.83
C THR I 75 24.04 14.09 -37.99
N ILE I 76 23.50 14.12 -39.21
CA ILE I 76 22.30 13.36 -39.54
C ILE I 76 22.70 12.00 -40.14
N SER I 77 21.85 11.00 -39.91
CA SER I 77 21.96 9.72 -40.60
C SER I 77 21.27 9.72 -41.96
N SER I 78 20.16 10.46 -42.09
CA SER I 78 19.37 10.45 -43.32
C SER I 78 18.34 11.56 -43.36
N LEU I 79 18.44 12.41 -44.37
CA LEU I 79 17.56 13.56 -44.52
C LEU I 79 16.13 13.15 -44.84
N GLN I 80 15.19 13.58 -44.01
CA GLN I 80 13.78 13.56 -44.35
C GLN I 80 13.35 14.95 -44.80
N CYS I 81 12.09 15.07 -45.22
CA CYS I 81 11.61 16.34 -45.71
C CYS I 81 11.52 17.38 -44.60
N GLU I 82 10.99 17.00 -43.44
CA GLU I 82 10.85 17.94 -42.34
C GLU I 82 12.16 18.33 -41.67
N ASP I 83 13.30 17.83 -42.12
CA ASP I 83 14.55 18.35 -41.56
C ASP I 83 14.89 19.73 -42.07
N PHE I 84 14.11 20.32 -42.95
CA PHE I 84 14.31 21.71 -43.33
C PHE I 84 14.20 22.59 -42.08
N ALA I 85 15.28 23.30 -41.73
CA ALA I 85 15.33 24.16 -40.55
C ALA I 85 16.67 24.91 -40.51
N THR I 86 16.77 25.85 -39.57
CA THR I 86 18.05 26.38 -39.08
C THR I 86 18.52 25.62 -37.84
N TYR I 87 19.85 25.51 -37.69
CA TYR I 87 20.45 24.83 -36.55
C TYR I 87 21.45 25.73 -35.85
N TYR I 88 21.47 25.70 -34.52
CA TYR I 88 22.40 26.46 -33.68
C TYR I 88 23.10 25.58 -32.65
N CYS I 89 24.40 25.81 -32.49
CA CYS I 89 25.08 25.40 -31.27
C CYS I 89 24.93 26.42 -30.15
N ALA I 90 24.96 25.92 -28.91
CA ALA I 90 25.02 26.82 -27.77
C ALA I 90 25.86 26.15 -26.70
N GLY I 91 26.56 26.95 -25.93
CA GLY I 91 27.42 26.40 -24.92
C GLY I 91 27.76 27.42 -23.87
N GLY I 92 28.35 26.94 -22.80
CA GLY I 92 28.72 27.79 -21.68
C GLY I 92 30.15 27.54 -21.27
N PHE I 93 30.87 28.62 -21.01
CA PHE I 93 32.29 28.48 -20.78
C PHE I 93 32.65 28.64 -19.33
N ASP I 94 31.72 29.05 -18.48
CA ASP I 94 31.95 29.00 -17.04
C ASP I 94 30.59 28.77 -16.41
N ARG I 95 30.49 29.09 -15.13
CA ARG I 95 29.24 29.30 -14.43
C ARG I 95 29.10 30.78 -14.12
N SER I 96 27.90 31.31 -14.34
CA SER I 96 27.49 32.68 -14.08
C SER I 96 27.91 33.67 -15.15
N GLY I 97 28.72 33.28 -16.13
CA GLY I 97 29.23 34.29 -17.03
C GLY I 97 29.01 34.09 -18.51
N ASP I 98 30.11 33.75 -19.17
CA ASP I 98 30.25 33.65 -20.62
C ASP I 98 29.46 32.45 -21.11
N THR I 99 28.29 32.69 -21.68
CA THR I 99 27.56 31.69 -22.43
C THR I 99 26.96 32.33 -23.67
N THR I 100 26.91 31.59 -24.79
CA THR I 100 26.41 32.18 -26.03
C THR I 100 25.91 31.10 -26.99
N PHE I 101 25.09 31.53 -27.95
CA PHE I 101 24.73 30.79 -29.15
C PHE I 101 25.76 30.96 -30.28
N GLY I 102 25.71 30.02 -31.25
CA GLY I 102 26.32 30.20 -32.56
C GLY I 102 25.43 30.91 -33.60
N GLN I 103 26.03 31.24 -34.75
CA GLN I 103 25.33 32.02 -35.79
C GLN I 103 24.21 31.27 -36.49
N GLY I 104 24.22 29.95 -36.48
CA GLY I 104 23.18 29.18 -37.14
C GLY I 104 23.56 28.71 -38.53
N THR I 105 22.94 27.61 -38.95
CA THR I 105 23.12 26.94 -40.24
C THR I 105 21.79 26.58 -40.87
N LYS I 106 21.65 26.83 -42.17
CA LYS I 106 20.40 26.62 -42.89
C LYS I 106 20.48 25.40 -43.80
N VAL I 107 19.55 24.48 -43.66
CA VAL I 107 19.57 23.18 -44.33
C VAL I 107 18.45 23.16 -45.36
N GLU I 108 18.81 22.91 -46.62
CA GLU I 108 17.87 22.80 -47.74
C GLU I 108 17.68 21.36 -48.20
N ILE I 109 16.43 20.95 -48.36
CA ILE I 109 16.13 19.69 -49.03
C ILE I 109 16.14 19.90 -50.55
N LYS I 110 16.82 19.00 -51.27
CA LYS I 110 16.74 18.89 -52.73
C LYS I 110 15.87 17.71 -53.15
N ARG I 111 15.05 17.92 -54.16
CA ARG I 111 14.06 16.93 -54.56
C ARG I 111 13.78 17.08 -56.05
N THR I 112 13.00 16.13 -56.58
CA THR I 112 12.58 16.14 -57.98
C THR I 112 12.06 17.50 -58.41
N VAL I 113 12.60 18.04 -59.51
CA VAL I 113 12.16 19.34 -59.99
C VAL I 113 10.68 19.28 -60.36
N ALA I 114 10.03 20.45 -60.29
CA ALA I 114 8.62 20.57 -60.61
C ALA I 114 8.37 21.98 -61.13
N ALA I 115 7.72 22.06 -62.28
CA ALA I 115 7.25 23.33 -62.82
C ALA I 115 6.15 23.95 -61.95
N PRO I 116 6.13 25.27 -61.85
CA PRO I 116 5.08 25.94 -61.07
C PRO I 116 3.70 25.74 -61.68
N SER I 117 2.73 25.50 -60.81
CA SER I 117 1.31 25.64 -61.14
C SER I 117 0.90 27.11 -61.09
N VAL I 118 0.38 27.64 -62.21
CA VAL I 118 0.24 29.08 -62.43
C VAL I 118 -1.23 29.47 -62.45
N PHE I 119 -1.55 30.57 -61.79
CA PHE I 119 -2.88 31.17 -61.74
C PHE I 119 -2.78 32.69 -61.82
N ILE I 120 -3.89 33.34 -62.18
CA ILE I 120 -3.97 34.80 -62.22
C ILE I 120 -5.39 35.22 -61.83
N PHE I 121 -5.49 36.39 -61.16
CA PHE I 121 -6.79 36.86 -60.59
C PHE I 121 -7.07 38.35 -60.82
N PRO I 122 -8.27 38.71 -61.24
CA PRO I 122 -8.66 40.11 -61.36
C PRO I 122 -8.84 40.77 -59.99
N PRO I 123 -8.72 42.10 -59.95
CA PRO I 123 -9.13 42.85 -58.74
C PRO I 123 -10.60 42.66 -58.42
N SER I 124 -10.88 42.36 -57.15
CA SER I 124 -12.25 42.11 -56.74
C SER I 124 -12.95 43.43 -56.41
N ASP I 125 -14.23 43.31 -56.05
CA ASP I 125 -15.14 44.44 -55.90
C ASP I 125 -14.60 45.56 -55.01
N GLU I 126 -14.29 45.24 -53.75
CA GLU I 126 -14.10 46.25 -52.72
C GLU I 126 -12.90 47.13 -53.00
N GLN I 127 -11.91 46.59 -53.70
CA GLN I 127 -10.77 47.40 -54.14
C GLN I 127 -11.22 48.49 -55.08
N LEU I 128 -12.01 48.13 -56.08
CA LEU I 128 -12.50 49.09 -57.04
C LEU I 128 -13.39 50.12 -56.36
N LYS I 129 -14.14 49.71 -55.36
CA LYS I 129 -14.94 50.64 -54.55
C LYS I 129 -14.07 51.55 -53.70
N SER I 130 -12.77 51.27 -53.58
CA SER I 130 -11.85 52.16 -52.88
C SER I 130 -10.88 52.84 -53.83
N GLY I 131 -11.08 52.69 -55.13
CA GLY I 131 -10.20 53.30 -56.11
C GLY I 131 -8.84 52.68 -56.23
N THR I 132 -8.61 51.57 -55.54
CA THR I 132 -7.38 50.81 -55.60
C THR I 132 -7.58 49.58 -56.47
N ALA I 133 -6.47 48.93 -56.81
CA ALA I 133 -6.52 47.64 -57.49
C ALA I 133 -5.29 46.83 -57.13
N SER I 134 -5.42 45.52 -57.26
CA SER I 134 -4.26 44.66 -57.16
C SER I 134 -4.54 43.34 -57.86
N VAL I 135 -3.61 42.94 -58.73
CA VAL I 135 -3.74 41.74 -59.56
C VAL I 135 -2.75 40.72 -59.04
N VAL I 136 -3.23 39.51 -58.78
CA VAL I 136 -2.44 38.46 -58.14
C VAL I 136 -2.10 37.39 -59.16
N CYS I 137 -0.85 36.98 -59.19
CA CYS I 137 -0.39 35.87 -60.03
C CYS I 137 0.37 34.95 -59.08
N LEU I 138 0.18 33.64 -59.24
CA LEU I 138 0.56 32.68 -58.21
C LEU I 138 1.30 31.48 -58.80
N LEU I 139 2.41 31.12 -58.18
CA LEU I 139 3.20 29.95 -58.54
C LEU I 139 3.25 29.00 -57.35
N ASN I 140 2.93 27.72 -57.58
CA ASN I 140 2.89 26.73 -56.51
C ASN I 140 3.82 25.55 -56.74
N ASN I 141 4.36 25.05 -55.62
CA ASN I 141 5.04 23.76 -55.52
C ASN I 141 6.15 23.59 -56.55
N PHE I 142 6.79 24.67 -56.92
CA PHE I 142 7.87 24.59 -57.90
C PHE I 142 9.22 24.30 -57.24
N TYR I 143 10.16 23.90 -58.08
CA TYR I 143 11.54 23.67 -57.68
C TYR I 143 12.44 23.71 -58.89
N PRO I 144 13.58 24.39 -58.80
CA PRO I 144 14.07 25.19 -57.68
C PRO I 144 13.41 26.56 -57.56
N ARG I 145 13.89 27.35 -56.58
CA ARG I 145 13.39 28.71 -56.36
C ARG I 145 13.62 29.63 -57.53
N GLU I 146 14.50 29.28 -58.46
CA GLU I 146 14.81 30.23 -59.51
C GLU I 146 13.61 30.36 -60.45
N ALA I 147 12.71 31.26 -60.10
CA ALA I 147 11.60 31.64 -60.97
C ALA I 147 11.62 33.15 -61.16
N LYS I 148 11.23 33.59 -62.34
CA LYS I 148 11.05 35.01 -62.63
C LYS I 148 9.74 35.22 -63.36
N VAL I 149 8.97 36.20 -62.90
CA VAL I 149 7.67 36.51 -63.50
C VAL I 149 7.75 37.92 -64.06
N GLN I 150 7.45 38.05 -65.35
CA GLN I 150 7.18 39.33 -65.98
C GLN I 150 5.71 39.66 -65.87
N TRP I 151 5.41 40.95 -65.76
CA TRP I 151 4.05 41.45 -65.92
C TRP I 151 3.91 42.18 -67.25
N LYS I 152 2.82 41.87 -67.97
CA LYS I 152 2.54 42.51 -69.26
C LYS I 152 1.07 42.90 -69.29
N VAL I 153 0.80 44.11 -69.75
CA VAL I 153 -0.56 44.65 -69.78
C VAL I 153 -0.75 45.30 -71.14
N ASP I 154 -1.77 44.85 -71.88
CA ASP I 154 -1.94 45.22 -73.28
C ASP I 154 -0.60 45.15 -74.00
N ASN I 155 0.12 44.06 -73.74
CA ASN I 155 1.44 43.78 -74.31
C ASN I 155 2.49 44.83 -73.92
N ALA I 156 2.15 45.74 -73.00
CA ALA I 156 3.10 46.71 -72.46
C ALA I 156 3.79 46.11 -71.26
N LEU I 157 5.04 45.68 -71.44
CA LEU I 157 5.84 45.19 -70.34
C LEU I 157 5.82 46.19 -69.18
N GLN I 158 5.51 45.69 -67.99
CA GLN I 158 5.45 46.48 -66.76
C GLN I 158 6.81 46.44 -66.07
N SER I 159 7.07 47.47 -65.27
CA SER I 159 8.27 47.51 -64.44
C SER I 159 7.98 48.22 -63.14
N GLY I 160 8.74 47.85 -62.11
CA GLY I 160 8.44 48.21 -60.74
C GLY I 160 7.05 47.77 -60.33
N ASN I 161 6.48 48.54 -59.40
CA ASN I 161 5.07 48.46 -59.03
C ASN I 161 4.62 47.05 -58.65
N SER I 162 5.55 46.18 -58.24
CA SER I 162 5.19 44.79 -58.00
C SER I 162 6.14 44.18 -56.97
N GLN I 163 5.63 43.17 -56.26
CA GLN I 163 6.36 42.55 -55.16
C GLN I 163 6.01 41.08 -55.10
N GLU I 164 6.94 40.31 -54.52
CA GLU I 164 6.84 38.86 -54.45
C GLU I 164 7.09 38.38 -53.03
N SER I 165 6.43 37.27 -52.68
CA SER I 165 6.62 36.64 -51.39
C SER I 165 6.56 35.13 -51.55
N VAL I 166 7.34 34.41 -50.74
CA VAL I 166 7.57 32.99 -50.94
C VAL I 166 7.41 32.28 -49.61
N THR I 167 6.72 31.15 -49.59
CA THR I 167 6.70 30.34 -48.38
C THR I 167 8.07 29.72 -48.12
N CYS I 168 8.34 29.42 -46.84
CA CYS I 168 9.38 28.46 -46.56
C CYS I 168 9.02 27.08 -47.11
N GLN I 169 10.05 26.26 -47.29
CA GLN I 169 9.89 24.92 -47.86
C GLN I 169 9.08 24.02 -46.94
N ASP I 170 8.16 23.26 -47.52
CA ASP I 170 7.15 22.55 -46.75
C ASP I 170 7.74 21.44 -45.87
N SER I 171 7.18 21.30 -44.66
CA SER I 171 7.51 20.19 -43.76
C SER I 171 7.33 18.81 -44.39
N LYS I 172 6.55 18.70 -45.43
CA LYS I 172 6.02 17.41 -45.84
C LYS I 172 6.14 17.14 -47.34
N ASP I 173 5.83 18.12 -48.17
CA ASP I 173 6.07 18.05 -49.61
C ASP I 173 7.44 18.59 -50.01
N CYS I 174 8.02 19.45 -49.17
CA CYS I 174 9.30 20.12 -49.42
C CYS I 174 9.31 20.96 -50.69
N THR I 175 8.16 21.37 -51.18
CA THR I 175 8.10 22.42 -52.19
C THR I 175 7.70 23.75 -51.55
N TYR I 176 7.41 24.76 -52.38
CA TYR I 176 6.99 26.04 -51.86
C TYR I 176 6.13 26.77 -52.89
N SER I 177 5.43 27.78 -52.41
CA SER I 177 4.56 28.59 -53.26
C SER I 177 5.01 30.04 -53.22
N LEU I 178 4.74 30.75 -54.31
CA LEU I 178 5.12 32.16 -54.41
C LEU I 178 3.93 32.96 -54.92
N SER I 179 3.65 34.07 -54.26
CA SER I 179 2.59 34.99 -54.64
C SER I 179 3.20 36.30 -55.13
N SER I 180 2.86 36.68 -56.36
CA SER I 180 3.26 37.95 -56.96
C SER I 180 2.04 38.82 -57.17
N THR I 181 2.18 40.12 -56.96
CA THR I 181 1.07 41.04 -57.08
C THR I 181 1.53 42.34 -57.71
N LEU I 182 0.73 42.85 -58.65
CA LEU I 182 0.97 44.14 -59.28
C LEU I 182 -0.07 45.14 -58.79
N THR I 183 0.40 46.21 -58.17
CA THR I 183 -0.47 47.25 -57.66
C THR I 183 -0.83 48.23 -58.76
N LEU I 184 -1.99 48.85 -58.61
CA LEU I 184 -2.46 49.80 -59.59
C LEU I 184 -3.49 50.71 -58.93
N SER I 185 -3.66 51.89 -59.53
CA SER I 185 -4.79 52.74 -59.22
C SER I 185 -5.99 52.32 -60.06
N LYS I 186 -7.19 52.69 -59.59
CA LYS I 186 -8.39 52.48 -60.39
C LYS I 186 -8.33 53.23 -61.70
N ALA I 187 -7.78 54.45 -61.69
CA ALA I 187 -7.68 55.24 -62.91
C ALA I 187 -6.75 54.62 -63.95
N ASP I 188 -5.81 53.78 -63.55
CA ASP I 188 -4.97 53.07 -64.52
C ASP I 188 -5.47 51.67 -64.84
N TYR I 189 -6.21 51.06 -63.93
CA TYR I 189 -6.83 49.79 -64.24
C TYR I 189 -7.82 49.94 -65.39
N GLU I 190 -8.60 51.02 -65.38
CA GLU I 190 -9.54 51.28 -66.46
C GLU I 190 -8.86 51.64 -67.77
N LYS I 191 -7.57 51.97 -67.77
CA LYS I 191 -6.89 52.31 -69.02
C LYS I 191 -6.64 51.09 -69.88
N HIS I 192 -6.47 49.93 -69.29
CA HIS I 192 -6.03 48.76 -70.04
C HIS I 192 -7.00 47.63 -69.76
N LYS I 193 -7.20 46.77 -70.74
CA LYS I 193 -8.22 45.74 -70.67
C LYS I 193 -7.65 44.34 -70.47
N VAL I 194 -6.60 43.98 -71.21
CA VAL I 194 -6.04 42.62 -71.19
C VAL I 194 -4.80 42.63 -70.31
N TYR I 195 -4.73 41.69 -69.38
CA TYR I 195 -3.65 41.59 -68.40
C TYR I 195 -3.04 40.20 -68.41
N ALA I 196 -1.70 40.14 -68.37
CA ALA I 196 -1.04 38.85 -68.42
C ALA I 196 0.18 38.86 -67.50
N CYS I 197 0.44 37.69 -66.90
CA CYS I 197 1.69 37.36 -66.23
C CYS I 197 2.28 36.13 -66.90
N GLU I 198 3.60 36.05 -66.89
CA GLU I 198 4.33 35.06 -67.68
C GLU I 198 5.50 34.55 -66.87
N VAL I 199 5.40 33.31 -66.38
CA VAL I 199 6.45 32.74 -65.55
C VAL I 199 7.56 32.19 -66.44
N THR I 200 8.80 32.49 -66.07
CA THR I 200 9.97 31.76 -66.50
C THR I 200 10.47 30.89 -65.35
N HIS I 201 10.69 29.62 -65.63
CA HIS I 201 11.14 28.71 -64.59
C HIS I 201 12.06 27.70 -65.24
N GLN I 202 13.05 27.25 -64.47
CA GLN I 202 14.07 26.34 -64.99
C GLN I 202 13.48 25.02 -65.45
N GLY I 203 12.31 24.65 -64.93
CA GLY I 203 11.59 23.46 -65.31
C GLY I 203 10.65 23.61 -66.48
N LEU I 204 10.77 24.69 -67.24
CA LEU I 204 9.94 24.93 -68.41
C LEU I 204 10.82 25.01 -69.65
N SER I 205 10.29 24.52 -70.77
CA SER I 205 10.99 24.63 -72.04
C SER I 205 10.98 26.05 -72.60
N SER I 206 10.15 26.92 -72.06
CA SER I 206 9.94 28.26 -72.59
C SER I 206 9.23 29.07 -71.52
N PRO I 207 9.16 30.39 -71.68
CA PRO I 207 8.11 31.15 -70.98
C PRO I 207 6.72 30.62 -71.34
N VAL I 208 5.82 30.68 -70.36
CA VAL I 208 4.42 30.31 -70.53
C VAL I 208 3.56 31.39 -69.89
N THR I 209 2.59 31.91 -70.64
CA THR I 209 1.81 33.05 -70.22
C THR I 209 0.44 32.57 -69.75
N LYS I 210 -0.04 33.16 -68.67
CA LYS I 210 -1.41 32.99 -68.22
C LYS I 210 -2.01 34.37 -67.97
N SER I 211 -3.26 34.56 -68.42
CA SER I 211 -3.81 35.91 -68.51
C SER I 211 -5.31 35.90 -68.25
N PHE I 212 -5.86 37.11 -68.14
CA PHE I 212 -7.30 37.33 -68.22
C PHE I 212 -7.47 38.68 -68.91
N ASN I 213 -8.71 39.11 -69.12
CA ASN I 213 -8.94 40.46 -69.62
C ASN I 213 -10.05 41.15 -68.86
N ARG I 214 -9.88 42.47 -68.71
CA ARG I 214 -10.82 43.30 -67.94
C ARG I 214 -12.19 43.29 -68.60
N GLY I 215 -13.14 42.56 -68.01
CA GLY I 215 -14.46 42.46 -68.59
C GLY I 215 -14.53 41.66 -69.87
N VAL J 2 2.00 20.89 -20.48
CA VAL J 2 2.80 21.72 -19.58
C VAL J 2 3.58 22.72 -20.40
N GLN J 3 3.25 24.01 -20.29
CA GLN J 3 3.81 24.96 -21.23
C GLN J 3 3.91 26.35 -20.63
N LEU J 4 4.82 27.12 -21.22
CA LEU J 4 5.02 28.53 -20.95
C LEU J 4 4.13 29.35 -21.87
N VAL J 5 3.72 30.55 -21.44
CA VAL J 5 3.16 31.54 -22.36
C VAL J 5 3.77 32.90 -22.10
N GLU J 6 4.24 33.56 -23.16
CA GLU J 6 4.62 34.96 -23.03
C GLU J 6 3.39 35.84 -23.06
N SER J 7 3.58 37.10 -22.67
CA SER J 7 2.62 38.14 -22.96
C SER J 7 3.34 39.47 -23.08
N GLY J 8 2.79 40.37 -23.88
CA GLY J 8 3.42 41.63 -24.12
C GLY J 8 2.56 42.55 -24.95
N PRO J 9 3.00 43.80 -25.11
CA PRO J 9 2.15 44.81 -25.75
C PRO J 9 2.12 44.74 -27.25
N GLY J 10 3.06 44.04 -27.87
CA GLY J 10 3.16 43.98 -29.32
C GLY J 10 3.69 45.23 -29.99
N CYS J 11 3.16 46.39 -29.64
CA CYS J 11 3.64 47.64 -30.24
C CYS J 11 3.91 48.61 -29.09
N VAL J 12 5.03 49.34 -29.20
CA VAL J 12 5.43 50.32 -28.20
C VAL J 12 6.10 51.46 -28.95
N LYS J 13 6.12 52.63 -28.33
CA LYS J 13 6.86 53.74 -28.89
C LYS J 13 8.22 53.85 -28.24
N PRO J 14 9.12 54.68 -28.79
CA PRO J 14 10.43 54.84 -28.16
C PRO J 14 10.36 55.59 -26.84
N SER J 15 11.23 55.17 -25.92
CA SER J 15 11.51 55.68 -24.60
C SER J 15 10.56 55.15 -23.54
N GLU J 16 9.47 54.48 -23.90
CA GLU J 16 8.77 53.71 -22.89
C GLU J 16 9.65 52.58 -22.35
N THR J 17 9.14 51.91 -21.34
CA THR J 17 9.72 50.67 -20.86
C THR J 17 8.87 49.48 -21.31
N LEU J 18 9.52 48.52 -21.98
CA LEU J 18 8.86 47.28 -22.34
C LEU J 18 8.73 46.39 -21.12
N SER J 19 7.53 45.87 -20.88
CA SER J 19 7.30 44.82 -19.89
C SER J 19 6.83 43.53 -20.55
N LEU J 20 7.42 42.40 -20.16
CA LEU J 20 6.95 41.10 -20.60
C LEU J 20 6.68 40.20 -19.41
N THR J 21 5.74 39.29 -19.56
CA THR J 21 5.50 38.27 -18.55
C THR J 21 5.49 36.89 -19.18
N CYS J 22 5.81 35.89 -18.37
CA CYS J 22 5.80 34.50 -18.79
C CYS J 22 5.14 33.68 -17.69
N THR J 23 4.21 32.82 -18.06
CA THR J 23 3.36 32.12 -17.10
C THR J 23 3.47 30.62 -17.37
N VAL J 24 3.47 29.82 -16.32
CA VAL J 24 3.59 28.37 -16.44
C VAL J 24 2.20 27.81 -16.16
N SER J 25 1.74 26.92 -17.04
CA SER J 25 0.31 26.63 -17.14
C SER J 25 -0.17 25.54 -16.20
N ARG J 26 0.70 24.62 -15.80
CA ARG J 26 0.36 23.70 -14.73
C ARG J 26 1.68 23.39 -14.05
N PHE J 27 1.61 22.81 -12.85
CA PHE J 27 2.80 22.53 -12.04
C PHE J 27 3.37 23.88 -11.63
N SER J 28 4.06 23.94 -10.50
CA SER J 28 4.52 25.23 -10.06
C SER J 28 5.85 25.52 -10.75
N LEU J 29 6.49 26.61 -10.34
CA LEU J 29 7.75 26.98 -10.93
C LEU J 29 8.90 26.61 -10.01
N ILE J 30 8.58 26.32 -8.75
CA ILE J 30 9.50 25.99 -7.68
C ILE J 30 10.51 25.00 -8.21
N GLY J 31 11.78 25.37 -8.26
CA GLY J 31 12.81 24.44 -8.65
C GLY J 31 13.38 24.74 -10.00
N TYR J 32 12.82 25.69 -10.70
CA TYR J 32 13.17 25.95 -12.07
C TYR J 32 13.63 27.37 -12.33
N ALA J 33 14.53 27.48 -13.28
CA ALA J 33 15.06 28.71 -13.82
C ALA J 33 14.33 29.10 -15.11
N ILE J 34 14.34 30.40 -15.41
CA ILE J 34 13.81 30.95 -16.66
C ILE J 34 14.85 31.88 -17.27
N THR J 35 15.04 31.78 -18.59
CA THR J 35 15.89 32.71 -19.33
C THR J 35 15.11 33.39 -20.44
N TRP J 36 15.55 34.58 -20.79
CA TRP J 36 14.95 35.38 -21.84
C TRP J 36 15.87 35.48 -23.03
N ILE J 37 15.34 35.14 -24.19
CA ILE J 37 16.10 35.08 -25.42
C ILE J 37 15.45 36.05 -26.40
N ARG J 38 16.27 36.67 -27.24
CA ARG J 38 15.86 37.69 -28.17
C ARG J 38 16.28 37.27 -29.58
N GLN J 39 15.47 37.57 -30.58
CA GLN J 39 15.81 37.28 -31.98
C GLN J 39 15.48 38.47 -32.86
N PRO J 40 16.43 39.33 -33.16
CA PRO J 40 16.18 40.42 -34.10
C PRO J 40 15.90 39.90 -35.50
N PRO J 41 15.13 40.65 -36.29
CA PRO J 41 14.80 40.20 -37.66
C PRO J 41 16.06 39.90 -38.45
N GLY J 42 16.10 38.71 -39.04
CA GLY J 42 17.22 38.28 -39.83
C GLY J 42 18.43 37.81 -39.05
N LYS J 43 18.62 38.26 -37.82
CA LYS J 43 19.71 37.77 -36.98
C LYS J 43 19.38 36.37 -36.44
N GLY J 44 20.39 35.73 -35.86
CA GLY J 44 20.20 34.64 -34.94
C GLY J 44 19.69 35.00 -33.55
N LEU J 45 20.06 34.18 -32.57
CA LEU J 45 19.52 34.26 -31.22
C LEU J 45 20.53 34.94 -30.32
N GLU J 46 20.07 35.85 -29.47
CA GLU J 46 20.91 36.44 -28.44
C GLU J 46 20.25 36.25 -27.08
N TRP J 47 21.10 36.13 -26.05
CA TRP J 47 20.65 35.83 -24.70
C TRP J 47 20.57 37.11 -23.90
N ILE J 48 19.46 37.33 -23.22
CA ILE J 48 19.30 38.54 -22.41
C ILE J 48 19.78 38.28 -20.99
N GLY J 49 19.25 37.24 -20.36
CA GLY J 49 19.50 36.98 -18.97
C GLY J 49 18.56 35.91 -18.46
N GLY J 50 18.68 35.65 -17.17
CA GLY J 50 17.82 34.65 -16.57
C GLY J 50 17.87 34.72 -15.07
N ILE J 51 17.06 33.91 -14.46
CA ILE J 51 16.97 33.80 -13.02
C ILE J 51 16.98 32.33 -12.62
N SER J 52 17.82 31.98 -11.66
CA SER J 52 17.98 30.60 -11.23
C SER J 52 16.85 30.18 -10.30
N SER J 53 16.79 28.87 -10.05
CA SER J 53 15.92 28.28 -9.06
C SER J 53 16.14 28.84 -7.66
N ALA J 54 17.33 29.35 -7.37
CA ALA J 54 17.68 29.97 -6.12
C ALA J 54 17.31 31.45 -6.07
N ALA J 55 16.67 31.97 -7.12
CA ALA J 55 16.31 33.36 -7.35
C ALA J 55 17.48 34.31 -7.63
N THR J 56 18.67 33.80 -7.92
CA THR J 56 19.76 34.63 -8.41
C THR J 56 19.56 35.05 -9.87
N THR J 57 19.76 36.31 -10.16
CA THR J 57 19.62 36.85 -11.51
C THR J 57 20.96 37.01 -12.20
N PHE J 58 21.01 36.66 -13.48
CA PHE J 58 22.18 36.83 -14.33
C PHE J 58 21.82 37.64 -15.56
N TYR J 59 22.74 38.47 -16.01
CA TYR J 59 22.50 39.35 -17.16
C TYR J 59 23.66 39.28 -18.12
N SER J 60 23.36 39.34 -19.41
CA SER J 60 24.43 39.43 -20.39
C SER J 60 25.14 40.78 -20.25
N SER J 61 26.18 40.96 -21.07
CA SER J 61 27.06 42.12 -20.95
C SER J 61 26.28 43.42 -21.08
N TRP J 62 25.55 43.60 -22.17
CA TRP J 62 24.86 44.85 -22.39
C TRP J 62 23.61 45.03 -21.54
N ALA J 63 22.90 43.96 -21.23
CA ALA J 63 21.64 44.04 -20.51
C ALA J 63 21.79 44.62 -19.10
N LYS J 64 22.95 44.44 -18.46
CA LYS J 64 23.14 44.89 -17.08
C LYS J 64 22.78 46.35 -16.86
N SER J 65 22.93 47.18 -17.89
CA SER J 65 22.61 48.60 -17.74
C SER J 65 21.11 48.89 -17.65
N ARG J 66 20.25 48.00 -18.12
CA ARG J 66 18.88 48.39 -18.44
C ARG J 66 17.79 47.39 -18.09
N VAL J 67 18.12 46.19 -17.63
CA VAL J 67 17.17 45.09 -17.59
C VAL J 67 16.92 44.73 -16.14
N THR J 68 15.70 44.26 -15.85
CA THR J 68 15.40 43.62 -14.58
C THR J 68 14.54 42.40 -14.82
N ILE J 69 14.88 41.30 -14.17
CA ILE J 69 14.13 40.06 -14.23
C ILE J 69 13.63 39.75 -12.83
N SER J 70 12.42 39.21 -12.73
CA SER J 70 11.82 39.04 -11.43
C SER J 70 10.83 37.88 -11.49
N VAL J 71 10.45 37.41 -10.31
CA VAL J 71 9.52 36.31 -10.19
C VAL J 71 8.51 36.70 -9.11
N ASP J 72 7.26 36.29 -9.32
CA ASP J 72 6.17 36.55 -8.38
C ASP J 72 5.45 35.22 -8.26
N THR J 73 5.72 34.50 -7.18
CA THR J 73 5.08 33.22 -6.97
C THR J 73 3.58 33.34 -6.74
N SER J 74 3.13 34.49 -6.23
CA SER J 74 1.71 34.74 -6.02
C SER J 74 0.92 34.80 -7.32
N LYS J 75 1.57 34.95 -8.47
CA LYS J 75 0.92 35.01 -9.77
C LYS J 75 1.39 33.93 -10.72
N ASN J 76 2.30 33.06 -10.29
CA ASN J 76 2.92 32.06 -11.14
C ASN J 76 3.60 32.67 -12.37
N GLN J 77 4.24 33.81 -12.19
CA GLN J 77 4.72 34.57 -13.32
C GLN J 77 6.20 34.92 -13.17
N PHE J 78 6.86 35.03 -14.31
CA PHE J 78 8.18 35.63 -14.44
C PHE J 78 8.03 36.88 -15.29
N SER J 79 8.81 37.91 -14.99
CA SER J 79 8.68 39.19 -15.65
C SER J 79 10.02 39.73 -16.11
N LEU J 80 10.04 40.28 -17.32
CA LEU J 80 11.20 40.98 -17.86
C LEU J 80 10.80 42.44 -18.03
N LYS J 81 11.66 43.37 -17.62
CA LYS J 81 11.45 44.79 -17.89
C LYS J 81 12.71 45.36 -18.54
N LEU J 82 12.52 46.06 -19.65
CA LEU J 82 13.61 46.73 -20.36
C LEU J 82 13.35 48.23 -20.45
N SER J 83 14.25 49.04 -19.90
CA SER J 83 14.09 50.49 -19.93
C SER J 83 14.53 51.09 -21.26
N SER J 84 14.00 52.29 -21.52
CA SER J 84 14.48 53.21 -22.56
C SER J 84 14.60 52.53 -23.91
N VAL J 85 13.51 51.93 -24.36
CA VAL J 85 13.60 51.12 -25.56
C VAL J 85 13.85 52.00 -26.78
N THR J 86 14.50 51.40 -27.78
CA THR J 86 14.84 52.04 -29.03
C THR J 86 14.54 51.06 -30.15
N ALA J 87 14.54 51.58 -31.38
CA ALA J 87 14.20 50.79 -32.55
C ALA J 87 15.02 49.50 -32.67
N ALA J 88 16.29 49.53 -32.29
CA ALA J 88 17.12 48.33 -32.37
C ALA J 88 16.66 47.21 -31.46
N ASP J 89 15.78 47.48 -30.51
CA ASP J 89 15.18 46.47 -29.66
C ASP J 89 14.03 45.70 -30.32
N THR J 90 13.71 45.96 -31.57
CA THR J 90 12.65 45.21 -32.26
C THR J 90 13.07 43.77 -32.49
N ALA J 91 12.34 42.82 -31.91
CA ALA J 91 12.69 41.41 -32.00
C ALA J 91 11.52 40.55 -31.54
N VAL J 92 11.63 39.26 -31.80
CA VAL J 92 10.85 38.26 -31.08
C VAL J 92 11.52 37.97 -29.76
N TYR J 93 10.74 37.87 -28.69
CA TYR J 93 11.23 37.55 -27.37
C TYR J 93 10.64 36.21 -26.93
N TYR J 94 11.50 35.35 -26.37
CA TYR J 94 11.10 34.06 -25.83
C TYR J 94 11.48 33.89 -24.37
N CYS J 95 10.64 33.18 -23.65
CA CYS J 95 11.00 32.61 -22.36
C CYS J 95 11.22 31.10 -22.50
N ALA J 96 12.24 30.58 -21.82
CA ALA J 96 12.56 29.17 -21.86
C ALA J 96 13.04 28.70 -20.50
N ARG J 97 12.86 27.41 -20.25
CA ARG J 97 13.15 26.77 -18.98
C ARG J 97 14.43 25.97 -19.03
N ASP J 98 15.27 26.08 -17.99
CA ASP J 98 16.36 25.15 -17.74
C ASP J 98 15.94 24.14 -16.68
N PRO J 99 15.92 22.84 -16.97
CA PRO J 99 15.47 21.85 -15.98
C PRO J 99 16.43 21.62 -14.81
N ARG J 100 17.68 22.01 -14.92
CA ARG J 100 18.63 21.95 -13.83
C ARG J 100 18.53 23.13 -12.89
N GLY J 101 17.83 24.19 -13.25
CA GLY J 101 17.67 25.34 -12.42
C GLY J 101 18.83 26.29 -12.45
N TYR J 102 19.75 26.12 -13.37
CA TYR J 102 20.86 27.06 -13.54
C TYR J 102 20.37 28.40 -14.08
N GLY J 103 20.89 29.48 -13.51
CA GLY J 103 20.51 30.80 -13.96
C GLY J 103 21.21 31.31 -15.19
N ALA J 104 22.27 30.67 -15.66
CA ALA J 104 23.06 31.22 -16.74
C ALA J 104 23.63 30.08 -17.57
N ALA J 105 22.76 29.36 -18.26
CA ALA J 105 23.22 28.31 -19.14
C ALA J 105 22.29 28.20 -20.34
N LEU J 106 22.85 27.81 -21.47
CA LEU J 106 22.05 27.81 -22.69
C LEU J 106 22.07 26.46 -23.38
N ASP J 107 22.76 25.47 -22.85
CA ASP J 107 22.92 24.20 -23.54
C ASP J 107 21.76 23.24 -23.34
N ARG J 108 20.80 23.55 -22.47
CA ARG J 108 19.74 22.60 -22.18
C ARG J 108 18.40 23.29 -21.95
N LEU J 109 18.05 24.23 -22.81
CA LEU J 109 16.75 24.90 -22.77
C LEU J 109 15.68 23.97 -23.33
N ASP J 110 15.06 23.17 -22.46
CA ASP J 110 14.19 22.09 -22.92
C ASP J 110 12.80 22.57 -23.31
N LEU J 111 12.29 23.62 -22.68
CA LEU J 111 10.92 24.01 -22.87
C LEU J 111 10.86 25.49 -23.21
N TRP J 112 10.11 25.85 -24.26
CA TRP J 112 10.10 27.21 -24.79
C TRP J 112 8.67 27.72 -24.87
N GLY J 113 8.51 29.03 -24.67
CA GLY J 113 7.29 29.69 -25.09
C GLY J 113 7.19 29.84 -26.60
N GLN J 114 5.96 30.06 -27.07
CA GLN J 114 5.71 30.27 -28.48
C GLN J 114 6.26 31.59 -29.01
N GLY J 115 6.71 32.47 -28.15
CA GLY J 115 7.31 33.74 -28.53
C GLY J 115 6.30 34.87 -28.62
N THR J 116 6.81 36.09 -28.47
CA THR J 116 6.05 37.31 -28.61
C THR J 116 6.88 38.29 -29.40
N CYS J 117 6.26 38.94 -30.37
CA CYS J 117 6.96 39.91 -31.20
C CYS J 117 6.68 41.33 -30.73
N VAL J 118 7.74 42.14 -30.68
CA VAL J 118 7.68 43.51 -30.19
C VAL J 118 8.29 44.44 -31.22
N THR J 119 7.55 45.49 -31.57
CA THR J 119 7.92 46.47 -32.57
C THR J 119 8.12 47.83 -31.91
N VAL J 120 9.28 48.44 -32.13
CA VAL J 120 9.54 49.77 -31.61
C VAL J 120 9.49 50.76 -32.76
N SER J 121 8.51 51.66 -32.72
CA SER J 121 8.32 52.57 -33.84
C SER J 121 7.57 53.79 -33.36
N SER J 122 7.72 54.87 -34.11
CA SER J 122 7.00 56.11 -33.84
C SER J 122 5.59 56.11 -34.42
N PHE J 123 5.30 55.23 -35.37
CA PHE J 123 4.06 55.32 -36.13
C PHE J 123 2.85 55.03 -35.25
N SER J 124 1.67 55.21 -35.81
CA SER J 124 0.46 54.68 -35.22
C SER J 124 0.21 53.26 -35.71
N THR J 125 -0.46 52.49 -34.87
CA THR J 125 -1.15 51.31 -35.33
C THR J 125 -2.24 51.70 -36.32
N LYS J 126 -2.56 50.78 -37.23
CA LYS J 126 -3.78 50.93 -38.01
C LYS J 126 -4.37 49.55 -38.26
N GLY J 127 -5.69 49.44 -38.18
CA GLY J 127 -6.39 48.24 -38.57
C GLY J 127 -6.34 47.99 -40.07
N PRO J 128 -6.46 46.74 -40.46
CA PRO J 128 -6.45 46.41 -41.88
C PRO J 128 -7.83 46.55 -42.53
N SER J 129 -7.78 46.65 -43.85
CA SER J 129 -8.88 46.24 -44.71
C SER J 129 -8.70 44.79 -45.13
N VAL J 130 -9.80 44.14 -45.46
CA VAL J 130 -9.79 42.76 -45.93
C VAL J 130 -10.70 42.64 -47.13
N PHE J 131 -10.21 41.97 -48.17
CA PHE J 131 -10.94 41.84 -49.41
C PHE J 131 -10.92 40.37 -49.75
N PRO J 132 -11.98 39.84 -50.34
CA PRO J 132 -11.91 38.49 -50.90
C PRO J 132 -11.12 38.48 -52.19
N LEU J 133 -10.71 37.28 -52.59
CA LEU J 133 -10.12 37.09 -53.89
C LEU J 133 -10.91 36.02 -54.61
N ALA J 134 -11.21 36.29 -55.88
CA ALA J 134 -12.15 35.49 -56.63
C ALA J 134 -11.64 34.07 -56.86
N PRO J 135 -12.48 33.05 -56.72
CA PRO J 135 -12.13 31.66 -56.97
C PRO J 135 -11.86 31.41 -58.45
N ALA J 146 -8.06 27.07 -57.54
CA ALA J 146 -7.49 27.90 -56.49
C ALA J 146 -8.47 29.00 -56.09
N LEU J 147 -8.41 29.40 -54.82
CA LEU J 147 -9.11 30.60 -54.35
C LEU J 147 -8.31 31.15 -53.19
N GLY J 148 -8.59 32.38 -52.80
CA GLY J 148 -7.85 32.96 -51.71
C GLY J 148 -8.50 34.16 -51.08
N CYS J 149 -7.75 34.79 -50.18
CA CYS J 149 -8.21 35.92 -49.39
C CYS J 149 -7.03 36.84 -49.17
N LEU J 150 -7.31 38.13 -49.05
CA LEU J 150 -6.23 39.10 -48.93
C LEU J 150 -6.55 40.11 -47.84
N VAL J 151 -5.52 40.51 -47.11
CA VAL J 151 -5.60 41.52 -46.06
C VAL J 151 -4.47 42.50 -46.33
N LYS J 152 -4.72 43.79 -46.16
CA LYS J 152 -3.83 44.76 -46.77
C LYS J 152 -3.65 46.00 -45.90
N ASP J 153 -2.55 46.70 -46.18
CA ASP J 153 -2.20 48.04 -45.70
C ASP J 153 -2.26 48.21 -44.17
N TYR J 154 -2.11 47.14 -43.39
CA TYR J 154 -2.10 47.26 -41.94
C TYR J 154 -0.70 47.59 -41.42
N PHE J 155 -0.62 47.92 -40.12
CA PHE J 155 0.66 48.17 -39.47
C PHE J 155 0.69 47.55 -38.08
N CYS J 156 1.93 47.37 -37.58
CA CYS J 156 2.28 46.53 -36.45
C CYS J 156 1.84 45.10 -36.73
N GLU J 157 2.69 44.37 -37.47
CA GLU J 157 2.30 43.23 -38.30
C GLU J 157 2.24 41.90 -37.56
N CYS J 158 3.19 41.66 -36.66
CA CYS J 158 3.42 40.32 -36.11
C CYS J 158 2.17 39.58 -35.63
N PRO J 159 1.28 40.17 -34.85
CA PRO J 159 0.19 39.36 -34.26
C PRO J 159 -0.98 39.12 -35.21
N VAL J 160 -0.76 39.31 -36.52
CA VAL J 160 -1.78 38.98 -37.49
C VAL J 160 -1.99 37.48 -37.54
N THR J 161 -3.25 37.06 -37.67
CA THR J 161 -3.60 35.66 -37.83
C THR J 161 -4.71 35.50 -38.85
N VAL J 162 -4.59 34.46 -39.68
CA VAL J 162 -5.62 34.11 -40.64
C VAL J 162 -6.14 32.72 -40.29
N SER J 163 -7.44 32.52 -40.47
CA SER J 163 -8.09 31.24 -40.24
C SER J 163 -9.30 31.11 -41.16
N TRP J 164 -9.55 29.91 -41.68
CA TRP J 164 -10.60 29.70 -42.67
C TRP J 164 -11.68 28.74 -42.17
N ASN J 165 -12.94 29.19 -42.25
CA ASN J 165 -14.09 28.45 -41.71
C ASN J 165 -13.88 28.06 -40.26
N SER J 166 -13.54 29.06 -39.44
CA SER J 166 -13.15 28.88 -38.04
C SER J 166 -11.95 27.95 -37.90
N GLY J 167 -11.20 27.76 -38.99
CA GLY J 167 -10.07 26.87 -38.98
C GLY J 167 -10.36 25.47 -39.48
N ALA J 168 -11.63 25.15 -39.73
CA ALA J 168 -11.97 23.80 -40.17
C ALA J 168 -11.34 23.43 -41.51
N LEU J 169 -11.01 24.41 -42.34
CA LEU J 169 -10.19 24.13 -43.53
C LEU J 169 -8.72 24.06 -43.11
N THR J 170 -8.40 22.98 -42.39
CA THR J 170 -7.06 22.83 -41.86
C THR J 170 -6.02 22.58 -42.94
N SER J 171 -6.43 22.20 -44.14
CA SER J 171 -5.56 21.50 -45.07
C SER J 171 -5.47 22.27 -46.37
N GLY J 172 -4.29 22.25 -46.98
CA GLY J 172 -4.01 22.95 -48.22
C GLY J 172 -3.82 24.45 -48.08
N VAL J 173 -4.09 25.03 -46.90
CA VAL J 173 -3.94 26.46 -46.69
C VAL J 173 -2.46 26.84 -46.72
N HIS J 174 -2.11 27.72 -47.64
CA HIS J 174 -0.84 28.45 -47.62
C HIS J 174 -1.05 29.86 -47.08
N THR J 175 0.04 30.45 -46.60
CA THR J 175 0.04 31.84 -46.19
C THR J 175 1.42 32.42 -46.45
N PHE J 176 1.47 33.68 -46.81
CA PHE J 176 2.71 34.23 -47.34
C PHE J 176 3.33 35.22 -46.37
N PRO J 177 4.65 35.31 -46.37
CA PRO J 177 5.33 36.40 -45.64
C PRO J 177 4.80 37.76 -46.06
N ALA J 178 4.49 38.58 -45.07
CA ALA J 178 4.07 39.95 -45.32
C ALA J 178 5.20 40.74 -45.97
N VAL J 179 4.83 41.71 -46.81
CA VAL J 179 5.79 42.58 -47.48
C VAL J 179 5.41 44.02 -47.21
N LEU J 180 6.41 44.89 -47.13
CA LEU J 180 6.15 46.31 -47.04
C LEU J 180 5.66 46.82 -48.38
N GLN J 181 4.46 47.39 -48.40
CA GLN J 181 4.11 48.33 -49.45
C GLN J 181 5.02 49.55 -49.34
N SER J 182 5.24 50.21 -50.49
CA SER J 182 5.96 51.48 -50.49
C SER J 182 5.33 52.53 -49.58
N SER J 183 4.06 52.39 -49.26
CA SER J 183 3.41 53.26 -48.28
C SER J 183 3.84 52.98 -46.87
N GLY J 184 4.79 52.08 -46.63
CA GLY J 184 5.18 51.79 -45.27
C GLY J 184 4.18 51.00 -44.46
N LEU J 185 3.29 50.25 -45.12
CA LEU J 185 2.27 49.46 -44.45
C LEU J 185 2.32 48.04 -45.00
N TYR J 186 1.91 47.08 -44.18
CA TYR J 186 2.08 45.67 -44.52
C TYR J 186 0.83 45.10 -45.16
N SER J 187 1.02 44.09 -46.01
CA SER J 187 -0.06 43.32 -46.60
C SER J 187 0.28 41.84 -46.63
N LEU J 188 -0.76 41.02 -46.62
CA LEU J 188 -0.62 39.58 -46.51
C LEU J 188 -1.73 38.90 -47.27
N SER J 189 -1.47 37.68 -47.74
CA SER J 189 -2.43 36.95 -48.54
C SER J 189 -2.51 35.50 -48.09
N SER J 190 -3.66 34.87 -48.35
CA SER J 190 -3.93 33.51 -47.95
C SER J 190 -4.68 32.80 -49.07
N VAL J 191 -4.35 31.54 -49.30
CA VAL J 191 -4.71 30.85 -50.54
C VAL J 191 -5.01 29.39 -50.19
N VAL J 192 -5.91 28.77 -50.96
CA VAL J 192 -6.08 27.32 -50.94
C VAL J 192 -6.41 26.84 -52.35
N THR J 193 -6.09 25.59 -52.63
CA THR J 193 -6.49 24.91 -53.86
C THR J 193 -7.54 23.87 -53.56
N VAL J 194 -8.59 23.82 -54.38
CA VAL J 194 -9.76 22.99 -54.11
C VAL J 194 -10.34 22.44 -55.41
N PRO J 195 -11.01 21.29 -55.38
CA PRO J 195 -11.68 20.80 -56.59
C PRO J 195 -12.90 21.66 -56.91
N SER J 196 -13.14 21.86 -58.21
CA SER J 196 -14.20 22.77 -58.63
C SER J 196 -15.56 22.41 -58.04
N SER J 197 -15.84 21.11 -57.87
CA SER J 197 -17.15 20.72 -57.31
C SER J 197 -17.30 21.16 -55.87
N SER J 198 -16.21 21.17 -55.09
CA SER J 198 -16.27 21.55 -53.69
C SER J 198 -16.77 22.97 -53.51
N LEU J 199 -16.81 23.75 -54.58
CA LEU J 199 -17.30 25.12 -54.54
C LEU J 199 -18.71 25.16 -54.01
N GLY J 200 -19.01 26.18 -53.18
CA GLY J 200 -20.34 26.24 -52.61
C GLY J 200 -20.61 25.17 -51.58
N THR J 201 -20.28 23.92 -51.94
CA THR J 201 -20.36 22.77 -51.06
C THR J 201 -19.81 23.16 -49.69
N GLN J 202 -18.71 23.90 -49.69
CA GLN J 202 -18.07 24.40 -48.48
C GLN J 202 -18.37 25.88 -48.29
N THR J 203 -18.26 26.31 -47.04
CA THR J 203 -18.57 27.69 -46.67
C THR J 203 -17.46 28.65 -47.08
N TYR J 204 -16.21 28.19 -47.09
CA TYR J 204 -15.05 28.98 -47.52
C TYR J 204 -15.11 30.40 -46.99
N ILE J 205 -15.09 30.51 -45.67
CA ILE J 205 -15.09 31.79 -44.97
C ILE J 205 -13.67 32.16 -44.60
N CYS J 206 -13.25 33.36 -45.01
CA CYS J 206 -11.98 33.92 -44.59
C CYS J 206 -12.21 34.69 -43.29
N ASN J 207 -11.56 34.26 -42.22
CA ASN J 207 -11.61 34.91 -40.93
C ASN J 207 -10.25 35.52 -40.61
N VAL J 208 -10.25 36.78 -40.16
CA VAL J 208 -9.03 37.53 -39.95
C VAL J 208 -9.17 38.27 -38.62
N ASN J 209 -8.06 38.41 -37.90
CA ASN J 209 -8.00 39.32 -36.77
C ASN J 209 -6.60 39.90 -36.69
N HIS J 210 -6.50 41.12 -36.15
CA HIS J 210 -5.26 41.86 -36.03
C HIS J 210 -5.16 42.45 -34.63
N LYS J 211 -4.54 41.70 -33.71
CA LYS J 211 -4.53 42.10 -32.31
C LYS J 211 -4.02 43.51 -32.01
N PRO J 212 -3.01 44.06 -32.71
CA PRO J 212 -2.59 45.43 -32.41
C PRO J 212 -3.61 46.51 -32.72
N SER J 213 -4.80 46.17 -33.21
CA SER J 213 -5.88 47.14 -33.33
C SER J 213 -7.19 46.57 -32.81
N ASN J 214 -7.11 45.53 -31.98
CA ASN J 214 -8.27 44.87 -31.39
C ASN J 214 -9.29 44.42 -32.44
N THR J 215 -8.88 44.33 -33.71
CA THR J 215 -9.82 44.14 -34.80
C THR J 215 -10.15 42.67 -35.01
N LYS J 216 -11.44 42.35 -35.19
CA LYS J 216 -11.88 41.06 -35.68
C LYS J 216 -12.91 41.26 -36.78
N VAL J 217 -12.75 40.50 -37.87
CA VAL J 217 -13.55 40.65 -39.08
C VAL J 217 -13.62 39.32 -39.79
N ASP J 218 -14.63 39.17 -40.65
CA ASP J 218 -14.93 37.91 -41.29
C ASP J 218 -15.42 38.25 -42.70
N LYS J 219 -15.24 37.32 -43.63
CA LYS J 219 -15.93 37.46 -44.90
C LYS J 219 -16.15 36.10 -45.54
N LYS J 220 -17.26 35.98 -46.28
CA LYS J 220 -17.50 34.86 -47.17
C LYS J 220 -16.79 35.06 -48.52
N VAL J 221 -16.40 33.96 -49.14
CA VAL J 221 -15.89 33.97 -50.51
C VAL J 221 -16.93 33.36 -51.45
N GLU J 222 -17.08 33.95 -52.64
CA GLU J 222 -17.88 33.39 -53.72
C GLU J 222 -17.35 33.94 -55.04
N PRO J 223 -17.70 33.33 -56.19
CA PRO J 223 -17.30 33.87 -57.50
C PRO J 223 -17.65 35.32 -57.73
N VAL K 2 1.26 -7.14 -28.42
CA VAL K 2 0.39 -8.28 -28.18
C VAL K 2 -0.25 -8.68 -29.49
N GLN K 3 0.11 -9.84 -30.03
CA GLN K 3 -0.30 -10.15 -31.39
C GLN K 3 -0.43 -11.65 -31.61
N LEU K 4 -1.22 -11.97 -32.63
CA LEU K 4 -1.41 -13.31 -33.14
C LEU K 4 -0.39 -13.55 -34.25
N VAL K 5 0.00 -14.82 -34.45
CA VAL K 5 0.71 -15.20 -35.68
C VAL K 5 0.12 -16.48 -36.24
N GLU K 6 -0.20 -16.48 -37.54
CA GLU K 6 -0.54 -17.73 -38.20
C GLU K 6 0.72 -18.51 -38.54
N SER K 7 0.52 -19.78 -38.89
CA SER K 7 1.55 -20.54 -39.55
C SER K 7 0.89 -21.60 -40.43
N GLY K 8 1.57 -21.97 -41.50
CA GLY K 8 1.02 -22.90 -42.45
C GLY K 8 2.01 -23.27 -43.53
N PRO K 9 1.63 -24.25 -44.36
CA PRO K 9 2.59 -24.81 -45.32
C PRO K 9 2.80 -23.97 -46.55
N GLY K 10 1.92 -23.02 -46.82
CA GLY K 10 2.00 -22.21 -48.03
C GLY K 10 1.60 -22.91 -49.30
N CYS K 11 2.12 -24.10 -49.55
CA CYS K 11 1.76 -24.85 -50.76
C CYS K 11 1.38 -26.26 -50.33
N VAL K 12 0.32 -26.78 -50.94
CA VAL K 12 -0.18 -28.13 -50.65
C VAL K 12 -0.70 -28.69 -51.96
N LYS K 13 -0.76 -30.01 -52.05
CA LYS K 13 -1.39 -30.64 -53.19
C LYS K 13 -2.81 -31.02 -52.87
N PRO K 14 -3.59 -31.42 -53.87
CA PRO K 14 -4.98 -31.83 -53.59
C PRO K 14 -5.04 -33.16 -52.85
N SER K 15 -6.04 -33.25 -51.96
CA SER K 15 -6.46 -34.37 -51.13
C SER K 15 -5.67 -34.50 -49.84
N GLU K 16 -4.56 -33.78 -49.68
CA GLU K 16 -4.02 -33.66 -48.33
C GLU K 16 -5.00 -32.95 -47.41
N THR K 17 -4.65 -32.91 -46.13
CA THR K 17 -5.32 -32.09 -45.15
C THR K 17 -4.47 -30.87 -44.82
N LEU K 18 -5.05 -29.68 -44.96
CA LEU K 18 -4.40 -28.46 -44.55
C LEU K 18 -4.45 -28.33 -43.03
N SER K 19 -3.31 -28.06 -42.41
CA SER K 19 -3.24 -27.68 -41.00
C SER K 19 -2.74 -26.26 -40.83
N LEU K 20 -3.41 -25.47 -39.99
CA LEU K 20 -2.93 -24.15 -39.63
C LEU K 20 -2.85 -24.01 -38.12
N THR K 21 -1.92 -23.19 -37.65
CA THR K 21 -1.85 -22.85 -36.24
C THR K 21 -1.81 -21.34 -36.06
N CYS K 22 -2.26 -20.90 -34.89
CA CYS K 22 -2.24 -19.49 -34.52
C CYS K 22 -1.75 -19.39 -33.09
N THR K 23 -0.81 -18.50 -32.85
CA THR K 23 -0.12 -18.42 -31.56
C THR K 23 -0.24 -17.00 -31.02
N VAL K 24 -0.40 -16.87 -29.72
CA VAL K 24 -0.56 -15.56 -29.08
C VAL K 24 0.77 -15.27 -28.38
N SER K 25 1.30 -14.07 -28.61
CA SER K 25 2.73 -13.82 -28.37
C SER K 25 3.05 -13.39 -26.95
N ARG K 26 2.10 -12.79 -26.24
CA ARG K 26 2.28 -12.58 -24.81
C ARG K 26 0.87 -12.61 -24.24
N PHE K 27 0.78 -12.75 -22.91
CA PHE K 27 -0.51 -12.89 -22.23
C PHE K 27 -1.09 -14.23 -22.65
N SER K 28 -1.90 -14.84 -21.81
CA SER K 28 -2.37 -16.16 -22.17
C SER K 28 -3.60 -16.02 -23.07
N LEU K 29 -4.24 -17.12 -23.36
CA LEU K 29 -5.41 -17.09 -24.21
C LEU K 29 -6.68 -17.21 -23.38
N ILE K 30 -6.52 -17.64 -22.13
CA ILE K 30 -7.58 -17.87 -21.16
C ILE K 30 -8.55 -16.71 -21.22
N GLY K 31 -9.79 -16.96 -21.61
CA GLY K 31 -10.80 -15.93 -21.59
C GLY K 31 -11.19 -15.47 -22.95
N TYR K 32 -10.50 -15.93 -23.98
CA TYR K 32 -10.68 -15.43 -25.31
C TYR K 32 -11.05 -16.49 -26.32
N ALA K 33 -11.83 -16.06 -27.29
CA ALA K 33 -12.24 -16.81 -28.45
C ALA K 33 -11.34 -16.51 -29.66
N ILE K 34 -11.27 -17.45 -30.59
CA ILE K 34 -10.57 -17.29 -31.87
C ILE K 34 -11.49 -17.73 -33.00
N THR K 35 -11.52 -16.96 -34.09
CA THR K 35 -12.25 -17.33 -35.29
C THR K 35 -11.31 -17.37 -36.49
N TRP K 36 -11.67 -18.19 -37.46
CA TRP K 36 -10.91 -18.34 -38.68
C TRP K 36 -11.68 -17.78 -39.86
N ILE K 37 -11.02 -16.91 -40.60
CA ILE K 37 -11.62 -16.18 -41.70
C ILE K 37 -10.82 -16.53 -42.95
N ARG K 38 -11.51 -16.59 -44.08
CA ARG K 38 -10.96 -17.00 -45.35
C ARG K 38 -11.22 -15.89 -46.38
N GLN K 39 -10.28 -15.66 -47.28
CA GLN K 39 -10.46 -14.67 -48.35
C GLN K 39 -9.97 -15.24 -49.67
N PRO K 40 -10.86 -15.79 -50.49
CA PRO K 40 -10.45 -16.24 -51.82
C PRO K 40 -10.02 -15.08 -52.69
N PRO K 41 -9.13 -15.33 -53.66
CA PRO K 41 -8.65 -14.26 -54.55
C PRO K 41 -9.81 -13.55 -55.22
N GLY K 42 -9.82 -12.23 -55.10
CA GLY K 42 -10.85 -11.40 -55.69
C GLY K 42 -12.16 -11.35 -54.93
N LYS K 43 -12.49 -12.38 -54.15
CA LYS K 43 -13.68 -12.36 -53.32
C LYS K 43 -13.47 -11.47 -52.10
N GLY K 44 -14.57 -11.17 -51.40
CA GLY K 44 -14.54 -10.73 -50.02
C GLY K 44 -14.19 -11.77 -48.97
N LEU K 45 -14.70 -11.57 -47.76
CA LEU K 45 -14.33 -12.36 -46.59
C LEU K 45 -15.42 -13.37 -46.32
N GLU K 46 -15.04 -14.61 -46.02
CA GLU K 46 -15.97 -15.61 -45.55
C GLU K 46 -15.50 -16.18 -44.22
N TRP K 47 -16.46 -16.58 -43.40
CA TRP K 47 -16.19 -17.05 -42.04
C TRP K 47 -16.18 -18.56 -42.02
N ILE K 48 -15.14 -19.14 -41.43
CA ILE K 48 -15.05 -20.59 -41.34
C ILE K 48 -15.71 -21.09 -40.07
N GLY K 49 -15.30 -20.55 -38.93
CA GLY K 49 -15.73 -21.05 -37.65
C GLY K 49 -14.91 -20.43 -36.56
N GLY K 50 -15.18 -20.87 -35.34
CA GLY K 50 -14.44 -20.35 -34.21
C GLY K 50 -14.67 -21.20 -32.98
N ILE K 51 -13.97 -20.85 -31.94
CA ILE K 51 -14.06 -21.51 -30.65
C ILE K 51 -14.17 -20.46 -29.55
N SER K 52 -15.13 -20.63 -28.67
CA SER K 52 -15.39 -19.67 -27.60
C SER K 52 -14.40 -19.83 -26.46
N SER K 53 -14.43 -18.85 -25.57
CA SER K 53 -13.69 -18.88 -24.31
C SER K 53 -14.06 -20.09 -23.44
N ALA K 54 -15.26 -20.63 -23.62
CA ALA K 54 -15.74 -21.80 -22.93
C ALA K 54 -15.33 -23.10 -23.60
N ALA K 55 -14.55 -23.02 -24.68
CA ALA K 55 -14.12 -24.10 -25.56
C ALA K 55 -15.21 -24.72 -26.43
N THR K 56 -16.37 -24.10 -26.55
CA THR K 56 -17.36 -24.52 -27.54
C THR K 56 -16.97 -24.12 -28.96
N THR K 57 -17.09 -25.04 -29.89
CA THR K 57 -16.77 -24.80 -31.29
C THR K 57 -18.01 -24.54 -32.12
N PHE K 58 -17.91 -23.57 -33.03
CA PHE K 58 -18.96 -23.23 -33.97
C PHE K 58 -18.42 -23.30 -35.39
N TYR K 59 -19.25 -23.76 -36.33
CA TYR K 59 -18.84 -23.90 -37.72
C TYR K 59 -19.88 -23.30 -38.64
N SER K 60 -19.42 -22.70 -39.73
CA SER K 60 -20.35 -22.23 -40.73
C SER K 60 -21.03 -23.43 -41.40
N SER K 61 -21.95 -23.13 -42.32
CA SER K 61 -22.80 -24.14 -42.93
C SER K 61 -21.96 -25.22 -43.61
N TRP K 62 -21.10 -24.82 -44.54
CA TRP K 62 -20.35 -25.80 -45.29
C TRP K 62 -19.21 -26.44 -44.51
N ALA K 63 -18.57 -25.70 -43.61
CA ALA K 63 -17.41 -26.20 -42.89
C ALA K 63 -17.72 -27.42 -42.01
N LYS K 64 -18.95 -27.56 -41.52
CA LYS K 64 -19.29 -28.65 -40.61
C LYS K 64 -18.92 -30.03 -41.14
N SER K 65 -18.90 -30.20 -42.46
CA SER K 65 -18.56 -31.49 -43.04
C SER K 65 -17.07 -31.84 -42.92
N ARG K 66 -16.19 -30.87 -42.75
CA ARG K 66 -14.78 -31.09 -43.05
C ARG K 66 -13.78 -30.45 -42.10
N VAL K 67 -14.20 -29.65 -41.14
CA VAL K 67 -13.30 -28.77 -40.41
C VAL K 67 -13.23 -29.22 -38.95
N THR K 68 -12.09 -29.01 -38.33
CA THR K 68 -11.96 -29.13 -36.89
C THR K 68 -11.12 -28.01 -36.35
N ILE K 69 -11.59 -27.38 -35.27
CA ILE K 69 -10.87 -26.32 -34.59
C ILE K 69 -10.56 -26.80 -33.18
N SER K 70 -9.40 -26.43 -32.67
CA SER K 70 -8.96 -26.99 -31.40
C SER K 70 -8.03 -26.01 -30.73
N VAL K 71 -7.81 -26.22 -29.44
CA VAL K 71 -6.93 -25.38 -28.65
C VAL K 71 -6.05 -26.31 -27.82
N ASP K 72 -4.80 -25.90 -27.63
CA ASP K 72 -3.82 -26.64 -26.83
C ASP K 72 -3.17 -25.59 -25.95
N THR K 73 -3.60 -25.53 -24.70
CA THR K 73 -3.03 -24.56 -23.77
C THR K 73 -1.57 -24.84 -23.46
N SER K 74 -1.14 -26.10 -23.57
CA SER K 74 0.25 -26.47 -23.35
C SER K 74 1.19 -25.89 -24.38
N LYS K 75 0.69 -25.38 -25.51
CA LYS K 75 1.51 -24.78 -26.56
C LYS K 75 1.12 -23.35 -26.86
N ASN K 76 0.13 -22.80 -26.16
CA ASN K 76 -0.41 -21.48 -26.44
C ASN K 76 -0.92 -21.34 -27.88
N GLN K 77 -1.54 -22.39 -28.39
CA GLN K 77 -1.85 -22.43 -29.81
C GLN K 77 -3.32 -22.76 -30.04
N PHE K 78 -3.83 -22.24 -31.14
CA PHE K 78 -5.10 -22.64 -31.73
C PHE K 78 -4.79 -23.28 -33.07
N SER K 79 -5.57 -24.28 -33.45
CA SER K 79 -5.32 -25.03 -34.66
C SER K 79 -6.57 -25.21 -35.49
N LEU K 80 -6.43 -25.05 -36.80
CA LEU K 80 -7.48 -25.33 -37.76
C LEU K 80 -7.02 -26.50 -38.63
N LYS K 81 -7.89 -27.48 -38.87
CA LYS K 81 -7.61 -28.55 -39.80
C LYS K 81 -8.75 -28.66 -40.81
N LEU K 82 -8.40 -28.69 -42.08
CA LEU K 82 -9.37 -28.85 -43.16
C LEU K 82 -9.05 -30.09 -43.99
N SER K 83 -9.99 -31.03 -44.06
CA SER K 83 -9.77 -32.26 -44.81
C SER K 83 -10.03 -32.07 -46.31
N SER K 84 -9.42 -32.98 -47.08
CA SER K 84 -9.73 -33.21 -48.50
C SER K 84 -9.72 -31.93 -49.31
N VAL K 85 -8.60 -31.21 -49.24
CA VAL K 85 -8.57 -29.89 -49.85
C VAL K 85 -8.64 -30.00 -51.36
N THR K 86 -9.18 -28.96 -51.97
CA THR K 86 -9.34 -28.84 -53.41
C THR K 86 -8.94 -27.43 -53.81
N ALA K 87 -8.77 -27.24 -55.12
CA ALA K 87 -8.32 -25.96 -55.65
C ALA K 87 -9.16 -24.77 -55.19
N ALA K 88 -10.47 -24.95 -55.03
CA ALA K 88 -11.32 -23.85 -54.58
C ALA K 88 -11.02 -23.39 -53.17
N ASP K 89 -10.25 -24.15 -52.41
CA ASP K 89 -9.79 -23.74 -51.09
C ASP K 89 -8.60 -22.78 -51.10
N THR K 90 -8.12 -22.37 -52.26
CA THR K 90 -7.01 -21.41 -52.32
C THR K 90 -7.45 -20.04 -51.82
N ALA K 91 -6.83 -19.55 -50.74
CA ALA K 91 -7.22 -18.29 -50.13
C ALA K 91 -6.14 -17.84 -49.15
N VAL K 92 -6.26 -16.60 -48.72
CA VAL K 92 -5.61 -16.14 -47.49
C VAL K 92 -6.45 -16.56 -46.31
N TYR K 93 -5.80 -17.06 -45.26
CA TYR K 93 -6.47 -17.45 -44.03
C TYR K 93 -5.99 -16.56 -42.89
N TYR K 94 -6.94 -16.08 -42.08
CA TYR K 94 -6.65 -15.28 -40.90
C TYR K 94 -7.21 -15.88 -39.63
N CYS K 95 -6.49 -15.67 -38.54
CA CYS K 95 -7.03 -15.85 -37.20
C CYS K 95 -7.28 -14.48 -36.56
N ALA K 96 -8.40 -14.36 -35.84
CA ALA K 96 -8.75 -13.11 -35.18
C ALA K 96 -9.42 -13.41 -33.85
N ARG K 97 -9.32 -12.44 -32.95
CA ARG K 97 -9.78 -12.54 -31.57
C ARG K 97 -11.08 -11.78 -31.36
N ASP K 98 -12.02 -12.39 -30.64
CA ASP K 98 -13.18 -11.69 -30.08
C ASP K 98 -12.92 -11.40 -28.61
N PRO K 99 -12.91 -10.14 -28.18
CA PRO K 99 -12.62 -9.83 -26.77
C PRO K 99 -13.72 -10.20 -25.78
N ARG K 100 -14.94 -10.43 -26.22
CA ARG K 100 -16.02 -10.91 -25.39
C ARG K 100 -15.99 -12.41 -25.18
N GLY K 101 -15.21 -13.15 -25.97
CA GLY K 101 -15.12 -14.57 -25.84
C GLY K 101 -16.23 -15.33 -26.50
N TYR K 102 -17.04 -14.67 -27.31
CA TYR K 102 -18.08 -15.35 -28.08
C TYR K 102 -17.49 -16.23 -29.17
N GLY K 103 -18.03 -17.43 -29.31
CA GLY K 103 -17.56 -18.33 -30.33
C GLY K 103 -18.08 -18.11 -31.72
N ALA K 104 -19.09 -17.28 -31.91
CA ALA K 104 -19.72 -17.17 -33.21
C ALA K 104 -20.23 -15.74 -33.39
N ALA K 105 -19.31 -14.79 -33.50
CA ALA K 105 -19.70 -13.42 -33.75
C ALA K 105 -18.63 -12.74 -34.59
N LEU K 106 -19.05 -11.80 -35.43
CA LEU K 106 -18.13 -11.19 -36.35
C LEU K 106 -18.09 -9.68 -36.24
N ASP K 107 -18.88 -9.09 -35.36
CA ASP K 107 -18.99 -7.64 -35.29
C ASP K 107 -17.90 -6.97 -34.49
N ARG K 108 -17.05 -7.71 -33.80
CA ARG K 108 -16.07 -7.09 -32.92
C ARG K 108 -14.74 -7.85 -32.92
N LEU K 109 -14.26 -8.21 -34.10
CA LEU K 109 -12.95 -8.85 -34.25
C LEU K 109 -11.85 -7.80 -34.11
N ASP K 110 -11.36 -7.60 -32.89
CA ASP K 110 -10.49 -6.46 -32.60
C ASP K 110 -9.04 -6.72 -33.00
N LEU K 111 -8.58 -7.96 -32.96
CA LEU K 111 -7.18 -8.25 -33.16
C LEU K 111 -7.03 -9.34 -34.20
N TRP K 112 -6.15 -9.12 -35.19
CA TRP K 112 -6.02 -10.00 -36.34
C TRP K 112 -4.58 -10.46 -36.50
N GLY K 113 -4.40 -11.68 -36.99
CA GLY K 113 -3.12 -12.06 -37.54
C GLY K 113 -2.83 -11.41 -38.88
N GLN K 114 -1.54 -11.40 -39.24
CA GLN K 114 -1.11 -10.85 -40.51
C GLN K 114 -1.55 -11.68 -41.71
N GLY K 115 -2.07 -12.87 -41.50
CA GLY K 115 -2.57 -13.74 -42.55
C GLY K 115 -1.52 -14.70 -43.09
N THR K 116 -2.00 -15.79 -43.66
CA THR K 116 -1.18 -16.79 -44.32
C THR K 116 -1.88 -17.18 -45.60
N CYS K 117 -1.13 -17.26 -46.68
CA CYS K 117 -1.68 -17.63 -47.97
C CYS K 117 -1.42 -19.09 -48.27
N VAL K 118 -2.44 -19.78 -48.78
CA VAL K 118 -2.40 -21.20 -49.08
C VAL K 118 -2.84 -21.44 -50.51
N THR K 119 -2.03 -22.18 -51.26
CA THR K 119 -2.25 -22.48 -52.66
C THR K 119 -2.47 -23.97 -52.84
N VAL K 120 -3.57 -24.35 -53.48
CA VAL K 120 -3.85 -25.75 -53.75
C VAL K 120 -3.62 -25.99 -55.23
N SER K 121 -2.63 -26.82 -55.55
CA SER K 121 -2.27 -27.01 -56.94
C SER K 121 -1.54 -28.33 -57.09
N SER K 122 -1.56 -28.85 -58.31
CA SER K 122 -0.84 -30.07 -58.63
C SER K 122 0.63 -29.83 -58.95
N PHE K 123 1.01 -28.58 -59.26
CA PHE K 123 2.33 -28.31 -59.79
C PHE K 123 3.40 -28.57 -58.75
N SER K 124 4.65 -28.48 -59.18
CA SER K 124 5.76 -28.37 -58.26
C SER K 124 6.03 -26.91 -57.90
N THR K 125 6.55 -26.71 -56.70
CA THR K 125 7.26 -25.49 -56.40
C THR K 125 8.48 -25.35 -57.30
N LYS K 126 8.88 -24.12 -57.55
CA LYS K 126 10.19 -23.87 -58.13
C LYS K 126 10.76 -22.58 -57.55
N GLY K 127 12.05 -22.59 -57.27
CA GLY K 127 12.76 -21.38 -56.89
C GLY K 127 12.88 -20.39 -58.03
N PRO K 128 13.01 -19.12 -57.70
CA PRO K 128 13.16 -18.09 -58.72
C PRO K 128 14.61 -17.92 -59.18
N SER K 129 14.74 -17.32 -60.34
CA SER K 129 15.91 -16.56 -60.73
C SER K 129 15.73 -15.10 -60.36
N VAL K 130 16.85 -14.41 -60.17
CA VAL K 130 16.86 -12.99 -59.84
C VAL K 130 17.90 -12.29 -60.68
N PHE K 131 17.52 -11.17 -61.28
CA PHE K 131 18.39 -10.43 -62.18
C PHE K 131 18.36 -9.00 -61.71
N PRO K 132 19.46 -8.28 -61.79
CA PRO K 132 19.42 -6.84 -61.57
C PRO K 132 18.79 -6.12 -62.75
N LEU K 133 18.40 -4.89 -62.51
CA LEU K 133 17.96 -4.03 -63.59
C LEU K 133 18.79 -2.75 -63.54
N ALA K 134 19.25 -2.34 -64.73
CA ALA K 134 20.26 -1.29 -64.82
C ALA K 134 19.72 0.05 -64.35
N PRO K 135 20.52 0.82 -63.59
CA PRO K 135 20.14 2.15 -63.12
C PRO K 135 20.04 3.14 -64.28
N ALA K 146 16.01 6.50 -61.73
CA ALA K 146 15.36 5.26 -61.34
C ALA K 146 16.31 4.08 -61.45
N LEU K 147 16.12 3.08 -60.59
CA LEU K 147 16.78 1.79 -60.73
C LEU K 147 15.87 0.75 -60.13
N GLY K 148 16.14 -0.52 -60.41
CA GLY K 148 15.29 -1.55 -59.88
C GLY K 148 15.90 -2.93 -59.89
N CYS K 149 15.07 -3.91 -59.55
CA CYS K 149 15.47 -5.30 -59.41
C CYS K 149 14.30 -6.16 -59.85
N LEU K 150 14.61 -7.33 -60.38
CA LEU K 150 13.56 -8.18 -60.91
C LEU K 150 13.78 -9.62 -60.48
N VAL K 151 12.68 -10.31 -60.20
CA VAL K 151 12.66 -11.72 -59.83
C VAL K 151 11.61 -12.37 -60.70
N LYS K 152 11.88 -13.57 -61.20
CA LYS K 152 11.11 -14.05 -62.33
C LYS K 152 10.86 -15.55 -62.26
N ASP K 153 9.83 -15.97 -63.00
CA ASP K 153 9.48 -17.36 -63.33
C ASP K 153 9.35 -18.29 -62.11
N TYR K 154 9.07 -17.79 -60.92
CA TYR K 154 8.89 -18.64 -59.75
C TYR K 154 7.44 -19.15 -59.66
N PHE K 155 7.21 -20.10 -58.75
CA PHE K 155 5.87 -20.61 -58.48
C PHE K 155 5.65 -20.79 -56.98
N CYS K 156 4.36 -20.86 -56.62
CA CYS K 156 3.84 -20.72 -55.27
C CYS K 156 4.25 -19.36 -54.72
N GLU K 157 3.48 -18.32 -55.07
CA GLU K 157 3.93 -16.93 -55.13
C GLU K 157 3.85 -16.19 -53.80
N CYS K 158 2.79 -16.42 -53.03
CA CYS K 158 2.45 -15.55 -51.90
C CYS K 158 3.61 -15.21 -50.96
N PRO K 159 4.41 -16.15 -50.49
CA PRO K 159 5.39 -15.80 -49.44
C PRO K 159 6.66 -15.14 -49.97
N VAL K 160 6.61 -14.62 -51.21
CA VAL K 160 7.73 -13.87 -51.73
C VAL K 160 7.89 -12.56 -50.97
N THR K 161 9.15 -12.19 -50.71
CA THR K 161 9.46 -10.92 -50.07
C THR K 161 10.68 -10.29 -50.71
N VAL K 162 10.63 -8.97 -50.89
CA VAL K 162 11.76 -8.21 -51.39
C VAL K 162 12.18 -7.22 -50.31
N SER K 163 13.49 -7.00 -50.19
CA SER K 163 14.06 -6.05 -49.25
C SER K 163 15.36 -5.50 -49.81
N TRP K 164 15.63 -4.22 -49.60
CA TRP K 164 16.79 -3.56 -50.20
C TRP K 164 17.77 -3.04 -49.16
N ASN K 165 19.04 -3.42 -49.30
CA ASN K 165 20.09 -3.11 -48.33
C ASN K 165 19.70 -3.53 -46.91
N SER K 166 19.29 -4.80 -46.78
CA SER K 166 18.73 -5.35 -45.56
C SER K 166 17.50 -4.59 -45.10
N GLY K 167 16.87 -3.84 -46.01
CA GLY K 167 15.71 -3.04 -45.69
C GLY K 167 16.01 -1.60 -45.34
N ALA K 168 17.30 -1.24 -45.23
CA ALA K 168 17.64 0.14 -44.86
C ALA K 168 17.17 1.16 -45.87
N LEU K 169 16.97 0.77 -47.13
CA LEU K 169 16.30 1.66 -48.09
C LEU K 169 14.79 1.55 -47.88
N THR K 170 14.36 2.10 -46.75
CA THR K 170 12.95 2.00 -46.37
C THR K 170 12.04 2.81 -47.29
N SER K 171 12.58 3.75 -48.06
CA SER K 171 11.80 4.86 -48.58
C SER K 171 11.91 4.89 -50.10
N GLY K 172 10.80 5.26 -50.75
CA GLY K 172 10.71 5.31 -52.19
C GLY K 172 10.55 3.96 -52.89
N VAL K 173 10.70 2.85 -52.16
CA VAL K 173 10.57 1.52 -52.74
C VAL K 173 9.12 1.26 -53.15
N HIS K 174 8.91 1.00 -54.42
CA HIS K 174 7.68 0.42 -54.94
C HIS K 174 7.87 -1.07 -55.18
N THR K 175 6.75 -1.79 -55.23
CA THR K 175 6.75 -3.19 -55.60
C THR K 175 5.43 -3.50 -56.29
N PHE K 176 5.47 -4.39 -57.26
CA PHE K 176 4.33 -4.54 -58.14
C PHE K 176 3.62 -5.87 -57.92
N PRO K 177 2.32 -5.90 -58.13
CA PRO K 177 1.59 -7.18 -58.16
C PRO K 177 2.21 -8.15 -59.15
N ALA K 178 2.43 -9.37 -58.71
CA ALA K 178 2.92 -10.43 -59.58
C ALA K 178 1.91 -10.73 -60.68
N VAL K 179 2.41 -11.13 -61.84
CA VAL K 179 1.57 -11.49 -62.98
C VAL K 179 1.97 -12.88 -63.45
N LEU K 180 0.99 -13.62 -63.96
CA LEU K 180 1.29 -14.89 -64.59
C LEU K 180 1.96 -14.65 -65.93
N GLN K 181 3.17 -15.16 -66.09
CA GLN K 181 3.67 -15.43 -67.42
C GLN K 181 2.81 -16.50 -68.08
N SER K 182 2.76 -16.46 -69.42
CA SER K 182 2.08 -17.52 -70.17
C SER K 182 2.62 -18.91 -69.87
N SER K 183 3.85 -19.00 -69.36
CA SER K 183 4.39 -20.28 -68.92
C SER K 183 3.80 -20.75 -67.62
N GLY K 184 2.79 -20.07 -67.07
CA GLY K 184 2.23 -20.52 -65.82
C GLY K 184 3.10 -20.30 -64.60
N LEU K 185 4.03 -19.35 -64.66
CA LEU K 185 4.93 -19.06 -63.56
C LEU K 185 4.91 -17.56 -63.29
N TYR K 186 5.17 -17.18 -62.04
CA TYR K 186 5.00 -15.80 -61.62
C TYR K 186 6.31 -15.02 -61.71
N SER K 187 6.18 -13.71 -61.93
CA SER K 187 7.30 -12.78 -61.90
C SER K 187 6.91 -11.49 -61.19
N LEU K 188 7.91 -10.83 -60.64
CA LEU K 188 7.71 -9.66 -59.81
C LEU K 188 8.88 -8.72 -59.97
N SER K 189 8.64 -7.43 -59.75
CA SER K 189 9.67 -6.42 -59.94
C SER K 189 9.64 -5.42 -58.78
N SER K 190 10.79 -4.79 -58.55
CA SER K 190 10.97 -3.84 -57.47
C SER K 190 11.82 -2.68 -57.96
N VAL K 191 11.48 -1.46 -57.54
CA VAL K 191 11.95 -0.25 -58.17
C VAL K 191 12.16 0.80 -57.09
N VAL K 192 13.13 1.70 -57.31
CA VAL K 192 13.26 2.93 -56.52
C VAL K 192 13.73 4.05 -57.45
N THR K 193 13.41 5.28 -57.07
CA THR K 193 13.92 6.47 -57.73
C THR K 193 14.90 7.18 -56.82
N VAL K 194 16.04 7.60 -57.38
CA VAL K 194 17.15 8.13 -56.57
C VAL K 194 17.83 9.24 -57.33
N PRO K 195 18.45 10.18 -56.59
CA PRO K 195 19.24 11.22 -57.26
C PRO K 195 20.52 10.63 -57.83
N SER K 196 20.94 11.14 -58.99
CA SER K 196 22.08 10.56 -59.68
C SER K 196 23.34 10.51 -58.81
N SER K 197 23.54 11.51 -57.94
CA SER K 197 24.73 11.51 -57.10
C SER K 197 24.73 10.37 -56.09
N SER K 198 23.55 9.99 -55.59
CA SER K 198 23.46 8.92 -54.60
C SER K 198 24.00 7.60 -55.13
N LEU K 199 24.20 7.51 -56.43
CA LEU K 199 24.73 6.30 -57.06
C LEU K 199 26.08 5.94 -56.44
N GLY K 200 26.31 4.64 -56.24
CA GLY K 200 27.56 4.25 -55.62
C GLY K 200 27.67 4.60 -54.16
N THR K 201 27.34 5.87 -53.85
CA THR K 201 27.26 6.39 -52.49
C THR K 201 26.56 5.36 -51.61
N GLN K 202 25.49 4.76 -52.13
CA GLN K 202 24.73 3.73 -51.45
C GLN K 202 25.06 2.36 -52.02
N THR K 203 24.82 1.34 -51.19
CA THR K 203 25.12 -0.04 -51.56
C THR K 203 24.10 -0.61 -52.55
N TYR K 204 22.85 -0.17 -52.47
CA TYR K 204 21.78 -0.58 -53.38
C TYR K 204 21.82 -2.07 -53.67
N ILE K 205 21.65 -2.84 -52.60
CA ILE K 205 21.61 -4.30 -52.69
C ILE K 205 20.16 -4.77 -52.74
N CYS K 206 19.84 -5.55 -53.76
CA CYS K 206 18.55 -6.22 -53.85
C CYS K 206 18.64 -7.55 -53.12
N ASN K 207 17.85 -7.71 -52.07
CA ASN K 207 17.76 -8.95 -51.31
C ASN K 207 16.40 -9.59 -51.53
N VAL K 208 16.39 -10.89 -51.80
CA VAL K 208 15.17 -11.60 -52.16
C VAL K 208 15.17 -12.93 -51.41
N ASN K 209 13.99 -13.38 -51.01
CA ASN K 209 13.83 -14.75 -50.53
C ASN K 209 12.45 -15.23 -50.95
N HIS K 210 12.32 -16.55 -51.13
CA HIS K 210 11.10 -17.21 -51.56
C HIS K 210 10.85 -18.44 -50.70
N LYS K 211 10.10 -18.25 -49.61
CA LYS K 211 9.93 -19.31 -48.63
C LYS K 211 9.43 -20.65 -49.17
N PRO K 212 8.54 -20.72 -50.17
CA PRO K 212 8.13 -22.04 -50.68
C PRO K 212 9.22 -22.84 -51.38
N SER K 213 10.45 -22.33 -51.47
CA SER K 213 11.57 -23.14 -51.95
C SER K 213 12.79 -22.97 -51.05
N ASN K 214 12.57 -22.51 -49.82
CA ASN K 214 13.62 -22.29 -48.84
C ASN K 214 14.74 -21.39 -49.37
N THR K 215 14.49 -20.64 -50.44
CA THR K 215 15.56 -19.95 -51.15
C THR K 215 15.85 -18.59 -50.53
N LYS K 216 17.14 -18.29 -50.36
CA LYS K 216 17.60 -16.93 -50.04
C LYS K 216 18.76 -16.57 -50.95
N VAL K 217 18.71 -15.35 -51.50
CA VAL K 217 19.65 -14.89 -52.51
C VAL K 217 19.77 -13.37 -52.41
N ASP K 218 20.87 -12.84 -52.93
CA ASP K 218 21.21 -11.43 -52.79
C ASP K 218 21.87 -11.01 -54.08
N LYS K 219 21.77 -9.73 -54.42
CA LYS K 219 22.62 -9.20 -55.47
C LYS K 219 22.87 -7.72 -55.28
N LYS K 220 24.06 -7.28 -55.70
CA LYS K 220 24.37 -5.86 -55.84
C LYS K 220 23.84 -5.32 -57.17
N VAL K 221 23.48 -4.03 -57.19
CA VAL K 221 23.15 -3.30 -58.41
C VAL K 221 24.28 -2.34 -58.75
N GLU K 222 24.59 -2.23 -60.04
CA GLU K 222 25.49 -1.21 -60.57
C GLU K 222 25.16 -0.99 -62.04
N PRO K 223 25.63 0.12 -62.65
CA PRO K 223 25.40 0.35 -64.09
C PRO K 223 25.84 -0.78 -64.99
N GLN L 3 -28.43 -12.99 -44.39
CA GLN L 3 -27.78 -12.47 -45.59
C GLN L 3 -28.01 -10.98 -45.79
N MET L 4 -27.02 -10.30 -46.34
CA MET L 4 -26.91 -8.86 -46.22
C MET L 4 -26.51 -8.32 -47.58
N THR L 5 -26.78 -7.04 -47.80
CA THR L 5 -26.26 -6.33 -48.94
C THR L 5 -25.61 -5.06 -48.46
N GLN L 6 -24.61 -4.62 -49.20
CA GLN L 6 -23.85 -3.43 -48.85
C GLN L 6 -23.81 -2.59 -50.10
N SER L 7 -23.93 -1.28 -49.93
CA SER L 7 -24.07 -0.40 -51.09
C SER L 7 -23.45 0.95 -50.81
N PRO L 8 -22.88 1.61 -51.82
CA PRO L 8 -22.64 1.14 -53.19
C PRO L 8 -21.46 0.18 -53.28
N SER L 9 -21.33 -0.56 -54.38
CA SER L 9 -20.19 -1.45 -54.54
C SER L 9 -18.90 -0.67 -54.75
N SER L 10 -18.98 0.55 -55.27
CA SER L 10 -17.81 1.41 -55.38
C SER L 10 -18.25 2.87 -55.37
N LEU L 11 -17.33 3.74 -54.97
CA LEU L 11 -17.56 5.18 -54.99
C LEU L 11 -16.24 5.91 -55.12
N SER L 12 -16.32 7.16 -55.59
CA SER L 12 -15.16 7.93 -56.01
C SER L 12 -15.38 9.38 -55.64
N ALA L 13 -14.59 9.89 -54.71
CA ALA L 13 -14.85 11.20 -54.11
C ALA L 13 -13.55 11.95 -53.90
N SER L 14 -13.69 13.27 -53.77
CA SER L 14 -12.55 14.17 -53.66
C SER L 14 -12.00 14.22 -52.24
N VAL L 15 -10.67 14.41 -52.15
CA VAL L 15 -10.05 14.71 -50.87
C VAL L 15 -10.79 15.84 -50.19
N GLY L 16 -10.94 15.73 -48.87
CA GLY L 16 -11.69 16.71 -48.13
C GLY L 16 -13.16 16.40 -47.96
N ASP L 17 -13.74 15.62 -48.87
CA ASP L 17 -15.19 15.42 -48.96
C ASP L 17 -15.71 14.33 -48.02
N ARG L 18 -17.02 14.13 -48.13
CA ARG L 18 -17.80 13.27 -47.27
C ARG L 18 -18.43 12.20 -48.15
N VAL L 19 -18.54 10.98 -47.60
CA VAL L 19 -19.10 9.85 -48.29
C VAL L 19 -19.88 9.03 -47.28
N THR L 20 -20.78 8.21 -47.77
CA THR L 20 -21.56 7.35 -46.91
C THR L 20 -21.71 5.99 -47.56
N ILE L 21 -21.82 4.96 -46.73
CA ILE L 21 -21.91 3.58 -47.17
C ILE L 21 -23.05 2.93 -46.40
N THR L 22 -23.85 2.14 -47.09
CA THR L 22 -25.05 1.57 -46.51
C THR L 22 -24.98 0.05 -46.55
N CYS L 23 -25.61 -0.55 -45.56
CA CYS L 23 -25.67 -1.99 -45.41
C CYS L 23 -27.06 -2.33 -44.91
N GLN L 24 -27.66 -3.36 -45.46
CA GLN L 24 -29.05 -3.71 -45.18
C GLN L 24 -29.14 -5.21 -45.08
N SER L 25 -30.25 -5.67 -44.51
CA SER L 25 -30.42 -7.08 -44.19
C SER L 25 -31.89 -7.45 -44.34
N ILE L 26 -32.11 -8.76 -44.52
CA ILE L 26 -33.47 -9.26 -44.46
C ILE L 26 -33.97 -9.45 -43.04
N LYS L 27 -33.08 -9.64 -42.07
CA LYS L 27 -33.46 -9.88 -40.68
C LYS L 27 -32.88 -8.72 -39.87
N SER L 28 -32.96 -8.81 -38.55
CA SER L 28 -32.46 -7.73 -37.73
C SER L 28 -31.34 -8.23 -36.82
N VAL L 29 -30.31 -7.40 -36.66
CA VAL L 29 -29.17 -7.83 -35.86
C VAL L 29 -29.65 -8.14 -34.46
N TYR L 30 -28.93 -9.05 -33.79
CA TYR L 30 -29.45 -9.66 -32.57
C TYR L 30 -29.61 -8.65 -31.45
N ASN L 31 -28.54 -7.97 -31.06
CA ASN L 31 -28.71 -6.90 -30.07
C ASN L 31 -27.59 -5.88 -30.24
N ASN L 32 -27.64 -5.16 -31.36
CA ASN L 32 -26.68 -4.15 -31.77
C ASN L 32 -25.41 -4.77 -32.32
N ARG L 33 -25.45 -6.03 -32.70
CA ARG L 33 -24.28 -6.76 -33.14
C ARG L 33 -24.03 -6.46 -34.62
N LEU L 34 -23.33 -5.36 -34.88
CA LEU L 34 -22.96 -4.96 -36.22
C LEU L 34 -21.65 -4.20 -36.15
N GLY L 35 -20.75 -4.44 -37.10
CA GLY L 35 -19.45 -3.80 -37.07
C GLY L 35 -18.96 -3.42 -38.46
N TRP L 36 -17.99 -2.51 -38.49
CA TRP L 36 -17.40 -2.02 -39.73
C TRP L 36 -15.89 -2.23 -39.71
N TYR L 37 -15.36 -2.77 -40.80
CA TYR L 37 -13.94 -3.08 -40.95
C TYR L 37 -13.34 -2.35 -42.14
N GLN L 38 -12.09 -1.93 -41.98
CA GLN L 38 -11.28 -1.33 -43.03
C GLN L 38 -10.17 -2.28 -43.44
N GLN L 39 -10.11 -2.64 -44.72
CA GLN L 39 -9.01 -3.44 -45.25
C GLN L 39 -8.29 -2.63 -46.32
N LYS L 40 -7.01 -2.39 -46.11
CA LYS L 40 -6.12 -1.79 -47.08
C LYS L 40 -5.48 -2.88 -47.94
N CYS L 41 -5.02 -2.51 -49.14
CA CYS L 41 -4.35 -3.48 -49.99
C CYS L 41 -3.17 -4.15 -49.26
N GLY L 42 -3.13 -5.47 -49.36
CA GLY L 42 -2.07 -6.27 -48.77
C GLY L 42 -2.07 -6.40 -47.25
N LYS L 43 -3.19 -6.12 -46.57
CA LYS L 43 -3.23 -6.20 -45.12
C LYS L 43 -4.52 -6.83 -44.65
N ALA L 44 -4.47 -7.34 -43.41
CA ALA L 44 -5.65 -7.83 -42.70
C ALA L 44 -6.65 -6.70 -42.44
N PRO L 45 -7.93 -7.03 -42.30
CA PRO L 45 -8.91 -6.01 -41.94
C PRO L 45 -8.64 -5.39 -40.58
N LYS L 46 -9.01 -4.12 -40.44
CA LYS L 46 -9.03 -3.40 -39.17
C LYS L 46 -10.45 -3.05 -38.75
N LEU L 47 -10.80 -3.33 -37.50
CA LEU L 47 -12.07 -2.86 -36.93
C LEU L 47 -12.08 -1.34 -36.76
N LEU L 48 -13.17 -0.72 -37.21
CA LEU L 48 -13.41 0.72 -37.04
C LEU L 48 -14.53 0.99 -36.05
N ILE L 49 -15.71 0.46 -36.31
CA ILE L 49 -16.90 0.69 -35.51
C ILE L 49 -17.42 -0.66 -35.07
N TYR L 50 -17.86 -0.76 -33.81
CA TYR L 50 -18.50 -1.96 -33.33
C TYR L 50 -19.73 -1.54 -32.54
N GLU L 51 -20.64 -2.49 -32.36
CA GLU L 51 -21.93 -2.26 -31.71
C GLU L 51 -22.62 -1.03 -32.28
N THR L 52 -22.75 -1.02 -33.62
CA THR L 52 -23.39 0.03 -34.39
C THR L 52 -22.65 1.37 -34.37
N SER L 53 -22.15 1.83 -33.23
CA SER L 53 -21.70 3.20 -33.18
C SER L 53 -20.48 3.48 -32.33
N ILE L 54 -19.91 2.52 -31.62
CA ILE L 54 -18.75 2.80 -30.78
C ILE L 54 -17.50 2.86 -31.65
N LEU L 55 -16.79 3.97 -31.57
CA LEU L 55 -15.53 4.16 -32.28
C LEU L 55 -14.39 3.43 -31.58
N THR L 56 -13.58 2.70 -32.34
CA THR L 56 -12.39 2.07 -31.79
C THR L 56 -11.34 3.11 -31.40
N SER L 57 -10.66 2.89 -30.29
CA SER L 57 -9.61 3.80 -29.87
C SER L 57 -8.55 3.98 -30.95
N GLY L 58 -7.96 5.18 -30.99
CA GLY L 58 -6.98 5.55 -31.98
C GLY L 58 -7.50 5.77 -33.38
N VAL L 59 -8.75 5.44 -33.66
CA VAL L 59 -9.36 5.81 -34.94
C VAL L 59 -9.72 7.29 -34.90
N PRO L 60 -9.38 8.07 -35.91
CA PRO L 60 -9.79 9.47 -35.93
C PRO L 60 -11.30 9.63 -36.07
N SER L 61 -11.84 10.63 -35.37
CA SER L 61 -13.27 10.86 -35.31
C SER L 61 -13.86 11.31 -36.64
N ARG L 62 -13.17 11.07 -37.75
CA ARG L 62 -13.77 11.28 -39.05
C ARG L 62 -14.87 10.28 -39.31
N PHE L 63 -14.73 9.08 -38.78
CA PHE L 63 -15.69 8.00 -39.01
C PHE L 63 -16.82 8.07 -38.00
N SER L 64 -18.01 7.71 -38.46
CA SER L 64 -19.20 7.65 -37.61
C SER L 64 -20.12 6.61 -38.22
N GLY L 65 -20.99 6.06 -37.39
CA GLY L 65 -21.89 5.02 -37.86
C GLY L 65 -23.16 4.98 -37.02
N SER L 66 -24.25 4.58 -37.66
CA SER L 66 -25.55 4.54 -37.01
C SER L 66 -26.41 3.57 -37.77
N GLY L 67 -27.52 3.17 -37.15
CA GLY L 67 -28.45 2.28 -37.83
C GLY L 67 -29.53 1.76 -36.90
N SER L 68 -30.41 0.95 -37.48
CA SER L 68 -31.72 0.70 -36.90
C SER L 68 -32.10 -0.78 -37.00
N GLY L 69 -31.24 -1.65 -36.53
CA GLY L 69 -31.60 -3.06 -36.55
C GLY L 69 -31.49 -3.72 -37.90
N THR L 70 -32.06 -3.10 -38.94
CA THR L 70 -32.06 -3.64 -40.28
C THR L 70 -31.24 -2.83 -41.28
N ASP L 71 -31.01 -1.55 -41.02
CA ASP L 71 -30.31 -0.69 -41.97
C ASP L 71 -29.30 0.15 -41.22
N PHE L 72 -28.11 0.30 -41.80
CA PHE L 72 -26.98 0.86 -41.07
C PHE L 72 -26.18 1.69 -42.06
N THR L 73 -25.48 2.69 -41.55
CA THR L 73 -24.67 3.53 -42.43
C THR L 73 -23.34 3.81 -41.77
N LEU L 74 -22.29 3.81 -42.58
CA LEU L 74 -20.97 4.28 -42.17
C LEU L 74 -20.68 5.58 -42.92
N THR L 75 -20.18 6.59 -42.20
CA THR L 75 -20.01 7.91 -42.80
C THR L 75 -18.68 8.54 -42.40
N ILE L 76 -17.99 9.13 -43.38
CA ILE L 76 -16.79 9.91 -43.12
C ILE L 76 -17.15 11.39 -42.97
N SER L 77 -16.38 12.10 -42.15
CA SER L 77 -16.45 13.56 -42.09
C SER L 77 -15.59 14.23 -43.15
N SER L 78 -14.45 13.63 -43.50
CA SER L 78 -13.52 14.25 -44.44
C SER L 78 -12.45 13.29 -44.92
N LEU L 79 -12.40 13.09 -46.24
CA LEU L 79 -11.46 12.16 -46.85
C LEU L 79 -10.03 12.63 -46.73
N GLN L 80 -9.18 11.79 -46.14
CA GLN L 80 -7.74 11.94 -46.24
C GLN L 80 -7.21 10.97 -47.29
N CYS L 81 -5.91 11.04 -47.54
CA CYS L 81 -5.32 10.19 -48.57
C CYS L 81 -5.34 8.73 -48.16
N GLU L 82 -4.96 8.43 -46.92
CA GLU L 82 -4.92 7.05 -46.45
C GLU L 82 -6.29 6.41 -46.26
N ASP L 83 -7.39 7.11 -46.51
CA ASP L 83 -8.68 6.43 -46.47
C ASP L 83 -8.90 5.52 -47.65
N PHE L 84 -8.00 5.46 -48.61
CA PHE L 84 -8.11 4.47 -49.68
C PHE L 84 -8.12 3.07 -49.06
N ALA L 85 -9.21 2.32 -49.28
CA ALA L 85 -9.38 0.96 -48.73
C ALA L 85 -10.67 0.35 -49.25
N THR L 86 -10.87 -0.94 -48.96
CA THR L 86 -12.17 -1.60 -48.97
C THR L 86 -12.83 -1.58 -47.58
N TYR L 87 -14.16 -1.51 -47.56
CA TYR L 87 -14.93 -1.50 -46.32
C TYR L 87 -15.97 -2.61 -46.32
N TYR L 88 -16.15 -3.26 -45.18
CA TYR L 88 -17.15 -4.31 -44.98
C TYR L 88 -17.99 -4.09 -43.74
N CYS L 89 -19.30 -4.32 -43.88
CA CYS L 89 -20.14 -4.56 -42.72
C CYS L 89 -20.10 -6.04 -42.28
N ALA L 90 -20.30 -6.25 -40.99
CA ALA L 90 -20.47 -7.60 -40.49
C ALA L 90 -21.45 -7.56 -39.35
N GLY L 91 -22.22 -8.63 -39.20
CA GLY L 91 -23.21 -8.65 -38.16
C GLY L 91 -23.64 -10.06 -37.84
N GLY L 92 -24.37 -10.18 -36.76
CA GLY L 92 -24.85 -11.47 -36.30
C GLY L 92 -26.33 -11.42 -36.00
N PHE L 93 -27.04 -12.45 -36.44
CA PHE L 93 -28.48 -12.40 -36.34
C PHE L 93 -29.01 -13.28 -35.23
N ASP L 94 -28.18 -14.11 -34.62
CA ASP L 94 -28.59 -14.80 -33.41
C ASP L 94 -27.33 -14.98 -32.59
N ARG L 95 -27.37 -15.93 -31.66
CA ARG L 95 -26.20 -16.51 -31.01
C ARG L 95 -26.06 -17.93 -31.51
N SER L 96 -24.82 -18.31 -31.83
CA SER L 96 -24.40 -19.63 -32.26
C SER L 96 -24.65 -19.90 -33.74
N GLY L 97 -25.34 -19.05 -34.46
CA GLY L 97 -25.70 -19.42 -35.81
C GLY L 97 -25.31 -18.48 -36.93
N ASP L 98 -26.34 -17.82 -37.45
CA ASP L 98 -26.30 -16.97 -38.64
C ASP L 98 -25.49 -15.72 -38.33
N THR L 99 -24.26 -15.67 -38.80
CA THR L 99 -23.47 -14.45 -38.82
C THR L 99 -22.70 -14.37 -40.13
N THR L 100 -22.55 -13.17 -40.69
CA THR L 100 -21.87 -13.03 -41.98
C THR L 100 -21.30 -11.64 -42.17
N PHE L 101 -20.35 -11.54 -43.10
CA PHE L 101 -19.87 -10.29 -43.69
C PHE L 101 -20.75 -9.82 -44.86
N GLY L 102 -20.62 -8.51 -45.18
CA GLY L 102 -21.06 -7.96 -46.46
C GLY L 102 -20.01 -8.06 -47.59
N GLN L 103 -20.45 -7.72 -48.82
CA GLN L 103 -19.61 -7.87 -50.01
C GLN L 103 -18.44 -6.90 -50.08
N GLY L 104 -18.49 -5.78 -49.38
CA GLY L 104 -17.40 -4.82 -49.41
C GLY L 104 -17.63 -3.68 -50.40
N THR L 105 -17.00 -2.54 -50.10
CA THR L 105 -17.05 -1.30 -50.87
C THR L 105 -15.66 -0.71 -51.05
N LYS L 106 -15.34 -0.26 -52.26
CA LYS L 106 -14.02 0.25 -52.61
C LYS L 106 -14.05 1.77 -52.76
N VAL L 107 -13.15 2.45 -52.04
CA VAL L 107 -13.15 3.91 -51.93
C VAL L 107 -11.91 4.42 -52.66
N GLU L 108 -12.12 5.31 -53.63
CA GLU L 108 -11.06 5.95 -54.41
C GLU L 108 -10.88 7.41 -54.03
N ILE L 109 -9.63 7.81 -53.79
CA ILE L 109 -9.28 9.22 -53.67
C ILE L 109 -9.10 9.84 -55.06
N LYS L 110 -9.71 11.00 -55.30
CA LYS L 110 -9.45 11.84 -56.46
C LYS L 110 -8.59 13.03 -56.09
N ARG L 111 -7.64 13.36 -56.96
CA ARG L 111 -6.65 14.37 -56.65
C ARG L 111 -6.17 15.01 -57.95
N THR L 112 -5.36 16.06 -57.81
CA THR L 112 -4.77 16.78 -58.94
C THR L 112 -4.15 15.81 -59.95
N VAL L 113 -4.54 15.95 -61.22
CA VAL L 113 -3.99 15.08 -62.26
C VAL L 113 -2.48 15.27 -62.36
N ALA L 114 -1.81 14.22 -62.83
CA ALA L 114 -0.37 14.22 -62.98
C ALA L 114 0.00 13.28 -64.12
N ALA L 115 0.78 13.80 -65.06
CA ALA L 115 1.36 12.97 -66.12
C ALA L 115 2.35 11.95 -65.57
N PRO L 116 2.42 10.77 -66.18
CA PRO L 116 3.38 9.76 -65.73
C PRO L 116 4.82 10.19 -65.97
N SER L 117 5.67 9.91 -65.00
CA SER L 117 7.12 9.91 -65.17
C SER L 117 7.58 8.61 -65.85
N VAL L 118 8.24 8.73 -67.01
CA VAL L 118 8.45 7.61 -67.93
C VAL L 118 9.93 7.24 -67.96
N PHE L 119 10.20 5.94 -67.94
CA PHE L 119 11.54 5.36 -68.04
C PHE L 119 11.50 4.11 -68.92
N ILE L 120 12.67 3.70 -69.42
CA ILE L 120 12.80 2.47 -70.20
C ILE L 120 14.17 1.85 -69.92
N PHE L 121 14.23 0.51 -69.95
CA PHE L 121 15.47 -0.23 -69.55
C PHE L 121 15.82 -1.39 -70.48
N PRO L 122 17.08 -1.53 -70.86
CA PRO L 122 17.53 -2.68 -71.64
C PRO L 122 17.56 -3.95 -70.82
N PRO L 123 17.48 -5.11 -71.48
CA PRO L 123 17.77 -6.39 -70.81
C PRO L 123 19.18 -6.44 -70.24
N SER L 124 19.30 -6.84 -68.98
CA SER L 124 20.59 -6.89 -68.33
C SER L 124 21.29 -8.21 -68.64
N ASP L 125 22.52 -8.33 -68.11
CA ASP L 125 23.45 -9.40 -68.47
C ASP L 125 22.85 -10.80 -68.35
N GLU L 126 22.38 -11.16 -67.15
CA GLU L 126 22.09 -12.57 -66.83
C GLU L 126 20.97 -13.13 -67.68
N GLN L 127 20.06 -12.27 -68.11
CA GLN L 127 19.01 -12.69 -69.04
C GLN L 127 19.62 -13.16 -70.35
N LEU L 128 20.51 -12.34 -70.90
CA LEU L 128 21.17 -12.67 -72.16
C LEU L 128 22.00 -13.95 -72.02
N LYS L 129 22.61 -14.15 -70.85
CA LYS L 129 23.32 -15.38 -70.56
C LYS L 129 22.40 -16.58 -70.43
N SER L 130 21.09 -16.36 -70.34
CA SER L 130 20.12 -17.46 -70.34
C SER L 130 19.30 -17.52 -71.62
N GLY L 131 19.66 -16.71 -72.62
CA GLY L 131 18.93 -16.69 -73.87
C GLY L 131 17.57 -16.06 -73.80
N THR L 132 17.21 -15.48 -72.66
CA THR L 132 15.96 -14.75 -72.48
C THR L 132 16.22 -13.25 -72.55
N ALA L 133 15.14 -12.49 -72.64
CA ALA L 133 15.22 -11.04 -72.55
C ALA L 133 13.92 -10.50 -71.97
N SER L 134 14.02 -9.31 -71.37
CA SER L 134 12.82 -8.58 -70.98
C SER L 134 13.15 -7.10 -70.87
N VAL L 135 12.32 -6.29 -71.51
CA VAL L 135 12.49 -4.84 -71.58
C VAL L 135 11.41 -4.19 -70.73
N VAL L 136 11.81 -3.31 -69.83
CA VAL L 136 10.91 -2.74 -68.83
C VAL L 136 10.66 -1.27 -69.18
N CYS L 137 9.41 -0.86 -69.15
CA CYS L 137 9.01 0.53 -69.34
C CYS L 137 8.12 0.85 -68.16
N LEU L 138 8.29 2.05 -67.59
CA LEU L 138 7.75 2.35 -66.27
C LEU L 138 7.05 3.70 -66.22
N LEU L 139 5.85 3.73 -65.65
CA LEU L 139 5.07 4.94 -65.45
C LEU L 139 4.85 5.15 -63.96
N ASN L 140 5.15 6.34 -63.44
CA ASN L 140 5.02 6.64 -62.03
C ASN L 140 4.09 7.79 -61.71
N ASN L 141 3.40 7.65 -60.58
CA ASN L 141 2.67 8.73 -59.91
C ASN L 141 1.69 9.45 -60.82
N PHE L 142 1.13 8.73 -61.78
CA PHE L 142 0.18 9.34 -62.69
C PHE L 142 -1.25 9.31 -62.15
N TYR L 143 -2.10 10.12 -62.78
CA TYR L 143 -3.51 10.15 -62.47
C TYR L 143 -4.25 10.77 -63.64
N PRO L 144 -5.37 10.19 -64.07
CA PRO L 144 -5.98 8.94 -63.59
C PRO L 144 -5.30 7.68 -64.12
N ARG L 145 -5.87 6.53 -63.77
CA ARG L 145 -5.35 5.24 -64.21
C ARG L 145 -5.40 5.06 -65.72
N GLU L 146 -6.16 5.87 -66.42
CA GLU L 146 -6.31 5.62 -67.86
C GLU L 146 -5.00 5.95 -68.56
N ALA L 147 -4.11 4.97 -68.63
CA ALA L 147 -2.89 5.05 -69.42
C ALA L 147 -2.83 3.87 -70.37
N LYS L 148 -2.29 4.09 -71.55
CA LYS L 148 -2.02 3.02 -72.51
C LYS L 148 -0.62 3.17 -73.08
N VAL L 149 0.12 2.07 -73.10
CA VAL L 149 1.49 2.08 -73.60
C VAL L 149 1.53 1.17 -74.82
N GLN L 150 1.98 1.72 -75.94
CA GLN L 150 2.37 0.95 -77.11
C GLN L 150 3.84 0.56 -77.01
N TRP L 151 4.17 -0.61 -77.54
CA TRP L 151 5.55 -1.01 -77.77
C TRP L 151 5.89 -0.94 -79.25
N LYS L 152 7.04 -0.35 -79.58
CA LYS L 152 7.50 -0.22 -80.95
C LYS L 152 8.97 -0.59 -81.00
N VAL L 153 9.35 -1.40 -81.99
CA VAL L 153 10.71 -1.89 -82.12
C VAL L 153 11.11 -1.75 -83.58
N ASP L 154 12.19 -1.01 -83.84
CA ASP L 154 12.55 -0.60 -85.20
C ASP L 154 11.31 -0.12 -85.94
N ASN L 155 10.53 0.70 -85.25
CA ASN L 155 9.28 1.27 -85.75
C ASN L 155 8.23 0.22 -86.09
N ALA L 156 8.47 -1.04 -85.76
CA ALA L 156 7.51 -2.13 -85.93
C ALA L 156 6.65 -2.21 -84.67
N LEU L 157 5.42 -1.70 -84.76
CA LEU L 157 4.47 -1.83 -83.66
C LEU L 157 4.39 -3.28 -83.20
N GLN L 158 4.55 -3.47 -81.89
CA GLN L 158 4.46 -4.78 -81.27
C GLN L 158 3.04 -5.06 -80.82
N SER L 159 2.69 -6.33 -80.72
CA SER L 159 1.40 -6.74 -80.19
C SER L 159 1.54 -8.05 -79.43
N GLY L 160 0.65 -8.23 -78.45
CA GLY L 160 0.78 -9.27 -77.45
C GLY L 160 2.11 -9.18 -76.71
N ASN L 161 2.56 -10.34 -76.24
CA ASN L 161 3.92 -10.52 -75.73
C ASN L 161 4.27 -9.54 -74.61
N SER L 162 3.28 -8.98 -73.93
CA SER L 162 3.56 -7.93 -72.95
C SER L 162 2.47 -7.91 -71.89
N GLN L 163 2.83 -7.44 -70.69
CA GLN L 163 1.96 -7.46 -69.53
C GLN L 163 2.24 -6.24 -68.67
N GLU L 164 1.22 -5.86 -67.90
CA GLU L 164 1.26 -4.66 -67.07
C GLU L 164 0.83 -4.98 -65.65
N SER L 165 1.40 -4.23 -64.70
CA SER L 165 1.03 -4.36 -63.31
C SER L 165 1.06 -2.99 -62.65
N VAL L 166 0.16 -2.77 -61.69
CA VAL L 166 -0.09 -1.44 -61.15
C VAL L 166 -0.14 -1.55 -59.64
N THR L 167 0.52 -0.60 -58.94
CA THR L 167 0.35 -0.54 -57.50
C THR L 167 -1.05 -0.10 -57.12
N CYS L 168 -1.49 -0.50 -55.92
CA CYS L 168 -2.59 0.21 -55.31
C CYS L 168 -2.21 1.65 -55.01
N GLN L 169 -3.24 2.49 -54.87
CA GLN L 169 -3.06 3.91 -54.64
C GLN L 169 -2.40 4.19 -53.29
N ASP L 170 -1.44 5.11 -53.27
CA ASP L 170 -0.57 5.27 -52.11
C ASP L 170 -1.29 5.78 -50.88
N SER L 171 -0.89 5.27 -49.71
CA SER L 171 -1.37 5.75 -48.42
C SER L 171 -1.17 7.24 -48.21
N LYS L 172 -0.26 7.86 -48.94
CA LYS L 172 0.28 9.16 -48.54
C LYS L 172 0.33 10.16 -49.68
N ASP L 173 0.78 9.76 -50.87
CA ASP L 173 0.71 10.57 -52.07
C ASP L 173 -0.58 10.36 -52.85
N CYS L 174 -1.22 9.21 -52.67
CA CYS L 174 -2.43 8.81 -53.39
C CYS L 174 -2.26 8.76 -54.90
N THR L 175 -1.05 8.62 -55.39
CA THR L 175 -0.83 8.25 -56.78
C THR L 175 -0.47 6.77 -56.88
N TYR L 176 -0.05 6.33 -58.07
CA TYR L 176 0.37 4.95 -58.24
C TYR L 176 1.36 4.83 -59.38
N SER L 177 2.03 3.70 -59.42
CA SER L 177 3.02 3.41 -60.44
C SER L 177 2.62 2.17 -61.23
N LEU L 178 3.05 2.12 -62.48
CA LEU L 178 2.74 0.98 -63.34
C LEU L 178 4.01 0.52 -64.03
N SER L 179 4.24 -0.78 -64.03
CA SER L 179 5.37 -1.40 -64.70
C SER L 179 4.87 -2.24 -65.87
N SER L 180 5.37 -1.95 -67.06
CA SER L 180 5.09 -2.70 -68.28
C SER L 180 6.37 -3.38 -68.76
N THR L 181 6.23 -4.60 -69.27
CA THR L 181 7.39 -5.35 -69.72
C THR L 181 7.06 -6.13 -70.98
N LEU L 182 7.99 -6.10 -71.94
CA LEU L 182 7.87 -6.86 -73.17
C LEU L 182 8.88 -8.00 -73.16
N THR L 183 8.37 -9.23 -73.24
CA THR L 183 9.21 -10.41 -73.24
C THR L 183 9.74 -10.68 -74.63
N LEU L 184 10.89 -11.33 -74.68
CA LEU L 184 11.52 -11.66 -75.95
C LEU L 184 12.49 -12.80 -75.73
N SER L 185 12.77 -13.51 -76.82
CA SER L 185 13.89 -14.43 -76.87
C SER L 185 15.17 -13.67 -77.22
N LYS L 186 16.31 -14.28 -76.86
CA LYS L 186 17.60 -13.73 -77.28
C LYS L 186 17.72 -13.68 -78.80
N ALA L 187 17.21 -14.71 -79.48
CA ALA L 187 17.28 -14.75 -80.94
C ALA L 187 16.48 -13.64 -81.62
N ASP L 188 15.47 -13.10 -80.96
CA ASP L 188 14.73 -11.96 -81.51
C ASP L 188 15.21 -10.63 -81.00
N TYR L 189 15.82 -10.60 -79.81
CA TYR L 189 16.42 -9.37 -79.34
C TYR L 189 17.55 -8.93 -80.27
N GLU L 190 18.36 -9.89 -80.73
CA GLU L 190 19.44 -9.58 -81.65
C GLU L 190 18.94 -9.17 -83.04
N LYS L 191 17.67 -9.41 -83.37
CA LYS L 191 17.17 -9.04 -84.68
C LYS L 191 16.98 -7.53 -84.81
N HIS L 192 16.71 -6.84 -83.72
CA HIS L 192 16.33 -5.44 -83.79
C HIS L 192 17.22 -4.66 -82.84
N LYS L 193 17.51 -3.42 -83.20
CA LYS L 193 18.49 -2.61 -82.47
C LYS L 193 17.84 -1.51 -81.65
N VAL L 194 16.89 -0.77 -82.21
CA VAL L 194 16.30 0.38 -81.55
C VAL L 194 14.95 -0.02 -80.98
N TYR L 195 14.73 0.29 -79.71
CA TYR L 195 13.53 -0.09 -78.97
C TYR L 195 12.87 1.12 -78.32
N ALA L 196 11.55 1.21 -78.43
CA ALA L 196 10.84 2.35 -77.88
C ALA L 196 9.51 1.90 -77.27
N CYS L 197 9.14 2.59 -76.20
CA CYS L 197 7.80 2.57 -75.61
C CYS L 197 7.26 3.99 -75.60
N GLU L 198 5.95 4.10 -75.72
CA GLU L 198 5.29 5.38 -75.98
C GLU L 198 3.99 5.44 -75.17
N VAL L 199 3.99 6.23 -74.11
CA VAL L 199 2.82 6.32 -73.24
C VAL L 199 1.82 7.29 -73.84
N THR L 200 0.55 6.88 -73.84
CA THR L 200 -0.58 7.77 -73.96
C THR L 200 -1.25 7.93 -72.61
N HIS L 201 -1.49 9.17 -72.20
CA HIS L 201 -2.09 9.42 -70.90
C HIS L 201 -2.96 10.65 -71.04
N GLN L 202 -4.06 10.67 -70.27
CA GLN L 202 -5.03 11.74 -70.38
C GLN L 202 -4.44 13.09 -70.00
N GLY L 203 -3.36 13.09 -69.23
CA GLY L 203 -2.63 14.29 -68.84
C GLY L 203 -1.55 14.74 -69.79
N LEU L 204 -1.54 14.22 -71.01
CA LEU L 204 -0.56 14.59 -72.02
C LEU L 204 -1.28 15.20 -73.22
N SER L 205 -0.63 16.18 -73.84
CA SER L 205 -1.17 16.77 -75.07
C SER L 205 -1.03 15.85 -76.27
N SER L 206 -0.24 14.79 -76.17
CA SER L 206 0.08 13.92 -77.29
C SER L 206 0.68 12.65 -76.72
N PRO L 207 0.82 11.59 -77.53
CA PRO L 207 1.81 10.55 -77.20
C PRO L 207 3.20 11.14 -77.05
N VAL L 208 3.97 10.54 -76.14
CA VAL L 208 5.37 10.91 -75.93
C VAL L 208 6.18 9.62 -75.83
N THR L 209 7.25 9.54 -76.61
CA THR L 209 8.03 8.31 -76.76
C THR L 209 9.30 8.43 -75.95
N LYS L 210 9.67 7.34 -75.28
CA LYS L 210 10.96 7.21 -74.64
C LYS L 210 11.58 5.88 -75.07
N SER L 211 12.88 5.91 -75.40
CA SER L 211 13.49 4.80 -76.11
C SER L 211 14.94 4.61 -75.69
N PHE L 212 15.52 3.51 -76.17
CA PHE L 212 16.97 3.30 -76.16
C PHE L 212 17.27 2.52 -77.42
N ASN L 213 18.55 2.21 -77.66
CA ASN L 213 18.89 1.32 -78.76
C ASN L 213 19.92 0.28 -78.33
N ARG L 214 19.78 -0.91 -78.91
CA ARG L 214 20.64 -2.04 -78.59
C ARG L 214 22.08 -1.76 -78.95
N GLY L 215 22.91 -1.47 -77.96
CA GLY L 215 24.30 -1.16 -78.23
C GLY L 215 24.51 0.20 -78.88
#